data_9LQ5
#
_entry.id   9LQ5
#
_cell.length_a   1.00
_cell.length_b   1.00
_cell.length_c   1.00
_cell.angle_alpha   90.00
_cell.angle_beta   90.00
_cell.angle_gamma   90.00
#
_symmetry.space_group_name_H-M   'P 1'
#
loop_
_entity.id
_entity.type
_entity.pdbx_description
1 polymer Cmr1
2 polymer 'Type III-B CRISPR-associated protein Cas10/Cmr2'
3 polymer 'CRISPR-associated protein Cmr3'
4 polymer 'Type III-B CRISPR module RAMP protein Cmr4'
5 polymer 'CRISPR type III-B/RAMP module-associated protein Cmr5'
6 polymer 'RAMP superfamily protein'
7 polymer crRNA
8 non-polymer 'MANGANESE (II) ION'
#
loop_
_entity_poly.entity_id
_entity_poly.type
_entity_poly.pdbx_seq_one_letter_code
_entity_poly.pdbx_strand_id
1 'polypeptide(L)'
;MNQLTAILKQHTPMIHFQHNESGATLRASEVKPLLDKFILTKLGNGDIREGRLYAKKNNWLIDNEKNYALNYKLSISLQK
KSRLEYLITSSTFPLPTERPSNFFTIQNSPYFAQEKCVGINTNSTIILKKSNSDPRKKEAEFKEKNWSQIDKKGLEWQDF
TIKIFSLKGDLINKIQTYLPAFFICHNFGTRNNKGFGSFTVEYINNQKNICNVEDTLKENFAFVYKKKIALSRQSTLDFI
YIYNQIFSTIKKDYQILKSGYNFRNEYIKSLLFCYFVSKYPNYRWEKRKMKQLIKARGYELKGDHSPISGIRENDNSWND
PNPNGYNYAYIRAILGLAEQYEFQLETPYQKAIVKIKSANNCISRYKSPLLFKIINNSIYLVGNEINTEILNKPFQYSYI
EQTKNKNMRTGKSEITERTMHINEIEMNYKNRINYHYTPTSFSLIDFMQYAMSYKKNGKNILNYIPLKQ
;
A
2 'polypeptide(L)'
;MKYIAITLGPITRTIEMAESTKELWAASYFFSYLAKKIVEPFVKKNRTFQLPLINEEMQKPHCGAGLFPDRYIFKSEPGD
LELLKQHSDQVLIEIAGHIASPSLPGTAKDVSQIYHYLKSYIKIYFIERTLESDDPHVVIPACEKYLNIIENQETFPEQE
ETMISHQKSDFLKFLITNVNGKIYRKDKNSIPRFTGSFLTRDAFGDMNGERLFESILEISASELNINIQQKALEVITANE
KNKGEKYSDQIWDAEEIILNDNKAQLRPYHKYIAIIKSDGDSMGETIKSMGAYNIPITQLSKALLSFNIESINEIVAYGG
KPIFIGGDDLLCFAPVCCNGNNVFNLVEKLSTCFDQCINQHLQQYINACSEAQRPLPSLSFGISITYHKYPMFEALHTTD
YLLEMVAKDNLFKYTLSNKNILNENMKRFILKNKLAFSLQKHSGQIYHTAMSKKGKSYVKFNMLLQKYILKNKDMSKTQE
SEKFLSSVIQMIRAHAEILQIILQNEDKRTEMLKNYFDNNFNESCHLGYTGLFEDIQTLLCLRYQENIQDYQNRNEIIQQ
NTILTSDEKEILIVSPAMDAIHTIFTALQFIHFINYNKDE
;
B
3 'polypeptide(L)'
;MSHHHHHHHHDGKPIPNPLLGLDSTGSDQTENSGENLYFQGANAMNRHYLITLTPMDWFFFGGERTLDDGKSADYISHSN
KFPQQSALLGMIRYQLLKQHNLLSQFPYTENKPTEKEIMKTLIGEQSFRMTERKAKSLGLGVIKQISPLMLIECKDDTSS
RSIYFPLPLDDGYKVSFNETSNEDKVFYNGIECPIPNVYPASEEQDSGNQKRKFFDHKTYNNYLFWCTQGNNQIKKLLSD
EIWISKMQIGITKHVEEGEDNDKSFYKQEFLQLKKSFIYAFYITLSGESELSSDIIQLGGQRSVFRMEVESIEENSDIQE
KYQTAAQFLTQSDRLLILSPTYVDNLKELSALCNFMWSDSIVFRNIQTTNASNFYGKPIKSSSKYHFLKPGSVLYFKQGK
RKEVEKLLMDYTYLRLSGYNIYI
;
C
4 'polypeptide(L)'
;MTTRMYVINTLSNMHVGSGEVNYGVIDNLIQRDSVTNLPNINSSGLKGAIREYFKENEDLVRELFGSAPRDEKTLPGKVR
FFEANLLSMPVRSDKVPFLMAISDEVLQELITKMKFFNCEEATQYISHLSTLLDNIKTQAQGTDFAYVFDPLLQGAIIEE
VSIRATCPSHIPLQPSLKKLLGDRLVILSHKYFSILSDDNHLPVLSRNNLENGQSANLWYEQVLPRYSRLYFMLMDGNAQ
SEYLKKFRDTLCTPSTIIQIGANASIGYGYCQISELSPF
;
D,E,F
5 'polypeptide(L)'
;MKISKKQIEYAIEALRANNIITNDNQYPKVFKGYISSFGAAVIQSGLIPAIIFFENEDNDANADRHKIIGVLKDIINAMR
QQYTVTDATILVSSQIPANYSMAQYIIEHGNTDQLLKEITEAAVAMKLALRMYKSE
;
G,H
6 'polypeptide(L)'
;MPKNYTLQNASNLGWLFYKDYYRQEPNVDFISTQGKESDTTADFFRKTNQRITAYQLNSESPLVAAFNNHFGTPLQLKTI
YPGLITGSGLPHQTGSKGEFKLGFQFDYTTGLPYIPGSSIKGTLRSMFPFSLKDKGSTKRILPEYRKERMEYIRDLIIEV
TNINEISDTEIQALEYAIFTNSTPSGKTIEFSLEEKDVFYDAFVADSKDGVMLSDDYITPHGENPLKDPKPILFLKIRPD
VTINFYFKLCTTHLYKEKVCSSKQIEEIKKQNDFSSSDYKMITAHQKRNLFEKILLCIGIGAKTNIGYGQLKKL
;
I
7 'polyribonucleotide' AUUAAGACAUUCGUGAGUGAUUUAUUUCCAUGAAGUGGCGUCCCUUGUG J
#
loop_
_chem_comp.id
_chem_comp.type
_chem_comp.name
_chem_comp.formula
A RNA linking ADENOSINE-5'-MONOPHOSPHATE 'C10 H14 N5 O7 P'
C RNA linking CYTIDINE-5'-MONOPHOSPHATE 'C9 H14 N3 O8 P'
G RNA linking GUANOSINE-5'-MONOPHOSPHATE 'C10 H14 N5 O8 P'
MN non-polymer 'MANGANESE (II) ION' 'Mn 2'
U RNA linking URIDINE-5'-MONOPHOSPHATE 'C9 H13 N2 O9 P'
#
# COMPACT_ATOMS: atom_id res chain seq x y z
N MET A 1 23.58 21.77 50.71
CA MET A 1 24.12 21.50 49.38
C MET A 1 23.65 20.15 48.87
N ASN A 2 24.48 19.50 48.06
CA ASN A 2 24.18 18.18 47.52
C ASN A 2 24.88 17.06 48.27
N GLN A 3 26.17 17.24 48.56
CA GLN A 3 26.98 16.20 49.18
C GLN A 3 27.29 16.55 50.62
N LEU A 4 27.23 15.56 51.50
CA LEU A 4 27.60 15.70 52.90
C LEU A 4 28.64 14.64 53.22
N THR A 5 29.88 15.06 53.46
CA THR A 5 30.97 14.16 53.76
C THR A 5 31.33 14.28 55.24
N ALA A 6 31.39 13.15 55.92
CA ALA A 6 31.71 13.11 57.34
C ALA A 6 32.79 12.07 57.60
N ILE A 7 33.64 12.36 58.58
CA ILE A 7 34.74 11.49 58.99
C ILE A 7 34.40 10.91 60.35
N LEU A 8 34.40 9.59 60.45
CA LEU A 8 33.97 8.89 61.65
C LEU A 8 35.17 8.32 62.40
N LYS A 9 35.07 8.32 63.73
CA LYS A 9 36.09 7.74 64.60
C LYS A 9 35.50 6.53 65.30
N GLN A 10 36.22 5.42 65.24
CA GLN A 10 35.77 4.16 65.83
C GLN A 10 36.24 4.05 67.27
N HIS A 11 35.28 3.84 68.18
CA HIS A 11 35.58 3.74 69.60
C HIS A 11 35.72 2.30 70.09
N THR A 12 34.91 1.39 69.57
CA THR A 12 35.02 -0.02 69.88
C THR A 12 34.99 -0.83 68.59
N PRO A 13 35.63 -2.00 68.58
CA PRO A 13 35.68 -2.78 67.33
C PRO A 13 34.30 -3.25 66.91
N MET A 14 34.16 -3.46 65.61
CA MET A 14 32.90 -3.91 65.02
C MET A 14 33.02 -5.37 64.61
N ILE A 15 31.99 -6.14 64.93
CA ILE A 15 31.94 -7.56 64.54
C ILE A 15 31.32 -7.62 63.15
N HIS A 16 32.13 -7.92 62.16
CA HIS A 16 31.72 -7.87 60.75
C HIS A 16 31.74 -9.26 60.16
N PHE A 17 30.62 -9.64 59.52
CA PHE A 17 30.51 -10.97 58.93
C PHE A 17 31.14 -11.06 57.54
N GLN A 18 31.54 -9.93 56.95
CA GLN A 18 32.21 -9.92 55.66
C GLN A 18 33.65 -9.44 55.79
N HIS A 19 34.32 -9.90 56.85
CA HIS A 19 35.70 -9.50 57.14
C HIS A 19 36.67 -9.95 56.05
N ASN A 20 36.29 -10.90 55.21
CA ASN A 20 37.23 -11.43 54.22
C ASN A 20 37.63 -10.37 53.20
N GLU A 21 36.73 -9.46 52.87
CA GLU A 21 37.08 -8.40 51.92
C GLU A 21 38.03 -7.40 52.56
N SER A 22 38.98 -6.92 51.76
CA SER A 22 39.95 -5.95 52.26
C SER A 22 39.27 -4.63 52.62
N GLY A 23 38.38 -4.16 51.75
CA GLY A 23 37.72 -2.89 51.97
C GLY A 23 36.49 -2.95 52.84
N ALA A 24 36.28 -4.07 53.54
CA ALA A 24 35.09 -4.23 54.37
C ALA A 24 35.01 -3.13 55.41
N THR A 25 33.83 -2.53 55.52
CA THR A 25 33.59 -1.45 56.46
C THR A 25 32.12 -1.45 56.84
N LEU A 26 31.71 -0.44 57.59
CA LEU A 26 30.32 -0.33 58.03
C LEU A 26 29.40 -0.25 56.82
N ARG A 27 28.46 -1.19 56.73
CA ARG A 27 27.58 -1.25 55.57
C ARG A 27 26.49 -0.20 55.67
N ALA A 28 26.26 0.52 54.58
CA ALA A 28 25.21 1.53 54.56
C ALA A 28 23.81 0.91 54.64
N SER A 29 23.69 -0.39 54.41
CA SER A 29 22.38 -1.03 54.42
C SER A 29 21.80 -1.14 55.82
N GLU A 30 22.62 -0.95 56.86
CA GLU A 30 22.09 -0.81 58.21
C GLU A 30 21.93 0.64 58.60
N VAL A 31 22.92 1.47 58.25
CA VAL A 31 22.91 2.87 58.67
C VAL A 31 21.75 3.61 58.06
N LYS A 32 21.53 3.45 56.76
CA LYS A 32 20.47 4.22 56.09
C LYS A 32 19.09 3.95 56.64
N PRO A 33 18.64 2.70 56.85
CA PRO A 33 17.34 2.52 57.51
C PRO A 33 17.27 3.08 58.92
N LEU A 34 18.32 2.85 59.71
CA LEU A 34 18.35 3.40 61.07
C LEU A 34 18.38 4.92 61.05
N LEU A 35 19.16 5.49 60.13
CA LEU A 35 19.21 6.94 59.99
C LEU A 35 17.84 7.49 59.60
N ASP A 36 17.15 6.80 58.68
CA ASP A 36 15.82 7.23 58.27
C ASP A 36 14.86 7.23 59.46
N LYS A 37 14.87 6.14 60.23
CA LYS A 37 13.97 6.07 61.38
C LYS A 37 14.30 7.13 62.41
N PHE A 38 15.59 7.35 62.67
CA PHE A 38 16.01 8.38 63.62
C PHE A 38 15.59 9.77 63.16
N ILE A 39 15.79 10.07 61.88
CA ILE A 39 15.46 11.40 61.36
C ILE A 39 13.96 11.62 61.36
N LEU A 40 13.18 10.60 61.02
CA LEU A 40 11.73 10.73 61.08
C LEU A 40 11.24 10.90 62.51
N THR A 41 11.82 10.15 63.45
CA THR A 41 11.41 10.28 64.85
C THR A 41 11.74 11.67 65.39
N LYS A 42 12.91 12.21 65.03
CA LYS A 42 13.26 13.54 65.50
C LYS A 42 12.48 14.63 64.77
N LEU A 43 12.03 14.36 63.54
CA LEU A 43 11.22 15.33 62.83
C LEU A 43 9.84 15.46 63.45
N GLY A 44 9.27 14.36 63.90
CA GLY A 44 7.97 14.35 64.55
C GLY A 44 8.00 14.54 66.04
N ASN A 45 9.17 14.79 66.63
CA ASN A 45 9.32 14.98 68.07
C ASN A 45 8.82 13.77 68.84
N GLY A 46 9.48 12.63 68.60
CA GLY A 46 9.15 11.40 69.28
C GLY A 46 8.04 10.58 68.66
N ASP A 47 7.38 11.11 67.62
CA ASP A 47 6.32 10.39 66.93
C ASP A 47 6.76 10.18 65.48
N ILE A 48 6.95 8.91 65.10
CA ILE A 48 7.44 8.62 63.76
C ILE A 48 6.37 8.93 62.71
N ARG A 49 5.09 8.84 63.07
CA ARG A 49 4.04 9.12 62.09
C ARG A 49 3.96 10.60 61.76
N GLU A 50 4.06 11.47 62.77
CA GLU A 50 4.09 12.90 62.50
C GLU A 50 5.31 13.28 61.67
N GLY A 51 6.46 12.66 61.96
CA GLY A 51 7.64 12.90 61.15
C GLY A 51 7.48 12.41 59.72
N ARG A 52 6.77 11.29 59.54
CA ARG A 52 6.52 10.79 58.20
C ARG A 52 5.59 11.71 57.43
N LEU A 53 4.60 12.31 58.12
CA LEU A 53 3.77 13.32 57.48
C LEU A 53 4.58 14.56 57.13
N TYR A 54 5.50 14.96 58.02
CA TYR A 54 6.37 16.10 57.75
C TYR A 54 7.27 15.84 56.55
N ALA A 55 7.74 14.61 56.40
CA ALA A 55 8.60 14.27 55.27
C ALA A 55 7.80 14.02 53.99
N LYS A 56 6.54 13.60 54.12
CA LYS A 56 5.64 13.58 52.97
C LYS A 56 5.42 14.99 52.45
N LYS A 57 5.21 15.93 53.35
CA LYS A 57 5.38 17.34 53.02
C LYS A 57 6.85 17.60 52.71
N ASN A 58 7.11 18.62 51.90
CA ASN A 58 8.43 18.97 51.38
C ASN A 58 8.97 17.91 50.41
N ASN A 59 8.26 16.82 50.18
CA ASN A 59 8.65 15.77 49.24
C ASN A 59 10.06 15.26 49.53
N TRP A 60 10.23 14.74 50.74
CA TRP A 60 11.50 14.15 51.19
C TRP A 60 11.46 12.63 51.15
N LEU A 61 10.43 12.05 50.55
CA LEU A 61 10.20 10.62 50.61
C LEU A 61 10.31 10.02 49.21
N ILE A 62 10.96 8.86 49.13
CA ILE A 62 10.98 8.10 47.88
C ILE A 62 9.58 7.57 47.56
N ASP A 63 8.85 7.23 48.61
CA ASP A 63 7.73 6.28 48.59
C ASP A 63 6.51 6.85 49.29
N ASN A 64 6.05 8.03 48.85
CA ASN A 64 5.11 8.87 49.59
C ASN A 64 4.03 8.09 50.34
N GLU A 65 3.56 6.99 49.76
CA GLU A 65 2.52 6.20 50.41
C GLU A 65 3.05 5.06 51.26
N LYS A 66 4.22 4.50 50.98
CA LYS A 66 4.50 3.16 51.50
C LYS A 66 5.50 3.05 52.65
N ASN A 67 6.75 3.46 52.46
CA ASN A 67 7.82 3.06 53.35
C ASN A 67 8.24 4.21 54.27
N TYR A 68 9.34 4.01 55.02
CA TYR A 68 9.97 5.06 55.82
C TYR A 68 11.17 5.69 55.13
N ALA A 69 11.41 5.36 53.87
CA ALA A 69 12.67 5.70 53.22
C ALA A 69 12.71 7.14 52.74
N LEU A 70 13.83 7.81 53.00
CA LEU A 70 14.07 9.17 52.54
C LEU A 70 14.99 9.17 51.32
N ASN A 71 14.87 10.21 50.51
CA ASN A 71 15.54 10.29 49.22
C ASN A 71 16.96 10.83 49.41
N TYR A 72 17.90 9.94 49.71
CA TYR A 72 19.31 10.28 49.71
C TYR A 72 20.11 9.00 49.52
N LYS A 73 21.39 9.17 49.24
CA LYS A 73 22.29 8.07 48.95
C LYS A 73 23.38 8.01 50.01
N LEU A 74 23.63 6.82 50.55
CA LEU A 74 24.60 6.61 51.61
C LEU A 74 25.77 5.78 51.08
N SER A 75 26.98 6.28 51.27
CA SER A 75 28.20 5.58 50.89
C SER A 75 29.19 5.65 52.03
N ILE A 76 29.71 4.51 52.44
CA ILE A 76 30.69 4.42 53.53
C ILE A 76 31.95 3.79 52.97
N SER A 77 33.04 4.56 52.96
CA SER A 77 34.28 4.18 52.31
C SER A 77 35.43 4.23 53.30
N LEU A 78 36.36 3.29 53.16
CA LEU A 78 37.60 3.28 53.94
C LEU A 78 38.65 4.09 53.20
N GLN A 79 39.22 5.09 53.87
CA GLN A 79 40.29 5.87 53.26
C GLN A 79 41.56 5.05 53.13
N LYS A 80 41.98 4.40 54.21
CA LYS A 80 43.15 3.54 54.20
C LYS A 80 42.84 2.24 54.93
N LYS A 81 43.33 1.13 54.35
CA LYS A 81 42.84 -0.20 54.67
C LYS A 81 43.72 -0.95 55.66
N SER A 82 44.39 -0.24 56.57
CA SER A 82 45.16 -0.91 57.61
C SER A 82 44.17 -1.45 58.64
N ARG A 83 43.80 -2.72 58.48
CA ARG A 83 42.79 -3.33 59.34
C ARG A 83 43.40 -3.79 60.65
N LEU A 84 42.67 -3.55 61.73
CA LEU A 84 43.07 -4.01 63.07
C LEU A 84 42.02 -5.03 63.51
N GLU A 85 42.38 -6.31 63.44
CA GLU A 85 41.44 -7.40 63.67
C GLU A 85 41.49 -7.85 65.12
N TYR A 86 40.35 -8.35 65.60
CA TYR A 86 40.19 -8.76 66.98
C TYR A 86 39.53 -10.13 67.03
N LEU A 87 39.86 -10.89 68.07
CA LEU A 87 39.19 -12.15 68.38
C LEU A 87 38.46 -11.99 69.70
N ILE A 88 37.17 -12.29 69.69
CA ILE A 88 36.28 -12.01 70.82
C ILE A 88 35.71 -13.32 71.32
N THR A 89 35.85 -13.56 72.63
CA THR A 89 35.34 -14.75 73.27
C THR A 89 34.82 -14.39 74.66
N SER A 90 33.85 -15.17 75.13
CA SER A 90 33.29 -14.96 76.46
C SER A 90 34.00 -15.77 77.54
N SER A 91 35.05 -16.51 77.18
CA SER A 91 35.81 -17.31 78.12
C SER A 91 37.25 -16.85 78.14
N THR A 92 37.89 -17.00 79.30
CA THR A 92 39.28 -16.63 79.47
C THR A 92 40.17 -17.76 78.98
N PHE A 93 40.95 -17.51 77.95
CA PHE A 93 41.82 -18.53 77.39
C PHE A 93 43.25 -18.03 77.33
N PRO A 94 44.23 -18.91 77.51
CA PRO A 94 45.64 -18.48 77.46
C PRO A 94 46.01 -17.92 76.09
N LEU A 95 46.75 -16.84 76.10
CA LEU A 95 47.11 -16.16 74.87
C LEU A 95 48.42 -16.71 74.32
N PRO A 96 48.46 -17.09 73.05
CA PRO A 96 49.71 -17.57 72.45
C PRO A 96 50.61 -16.40 72.11
N THR A 97 51.89 -16.71 71.85
CA THR A 97 52.78 -15.73 71.25
C THR A 97 53.24 -16.31 69.91
N GLU A 98 52.34 -16.26 68.93
CA GLU A 98 52.71 -16.33 67.52
C GLU A 98 51.50 -15.76 66.76
N ARG A 99 51.57 -14.48 66.40
CA ARG A 99 50.44 -13.80 65.83
C ARG A 99 50.91 -12.83 64.77
N PRO A 100 50.07 -12.53 63.78
CA PRO A 100 50.35 -11.40 62.90
C PRO A 100 50.24 -10.10 63.69
N SER A 101 50.75 -9.03 63.08
CA SER A 101 50.86 -7.75 63.78
C SER A 101 49.50 -7.17 64.14
N ASN A 102 48.42 -7.56 63.44
CA ASN A 102 47.11 -6.95 63.63
C ASN A 102 46.12 -7.89 64.29
N PHE A 103 46.59 -8.93 64.98
CA PHE A 103 45.73 -9.85 65.69
C PHE A 103 45.76 -9.51 67.18
N PHE A 104 44.58 -9.24 67.75
CA PHE A 104 44.46 -8.94 69.16
C PHE A 104 43.23 -9.65 69.70
N THR A 105 43.22 -9.89 71.00
CA THR A 105 42.20 -10.73 71.62
C THR A 105 41.45 -9.96 72.69
N ILE A 106 40.15 -10.19 72.75
CA ILE A 106 39.29 -9.70 73.83
C ILE A 106 38.66 -10.91 74.49
N GLN A 107 38.92 -11.09 75.78
CA GLN A 107 38.44 -12.24 76.53
C GLN A 107 37.43 -11.79 77.59
N ASN A 108 36.56 -12.71 77.97
CA ASN A 108 35.49 -12.44 78.92
C ASN A 108 34.62 -11.27 78.48
N SER A 109 34.33 -11.24 77.19
CA SER A 109 33.50 -10.26 76.49
C SER A 109 32.06 -10.74 76.40
N PRO A 110 31.10 -9.82 76.28
CA PRO A 110 29.70 -10.25 76.16
C PRO A 110 29.40 -11.06 74.91
N TYR A 111 30.18 -10.91 73.85
CA TYR A 111 29.98 -11.69 72.64
C TYR A 111 30.33 -13.14 72.92
N PHE A 112 29.31 -13.99 73.04
CA PHE A 112 29.52 -15.37 73.45
C PHE A 112 29.48 -16.35 72.29
N ALA A 113 28.89 -15.98 71.15
CA ALA A 113 28.94 -16.83 69.99
C ALA A 113 30.37 -16.93 69.49
N GLN A 114 30.60 -17.86 68.57
CA GLN A 114 31.94 -18.14 68.07
C GLN A 114 32.88 -18.52 69.21
N GLU A 115 32.33 -19.23 70.19
CA GLU A 115 33.15 -19.68 71.32
C GLU A 115 33.90 -20.96 71.00
N LYS A 116 33.59 -21.62 69.90
CA LYS A 116 34.30 -22.82 69.49
C LYS A 116 35.59 -22.51 68.75
N CYS A 117 35.89 -21.23 68.50
CA CYS A 117 37.16 -20.85 67.90
C CYS A 117 38.33 -21.10 68.84
N VAL A 118 38.07 -21.35 70.12
CA VAL A 118 39.10 -21.77 71.07
C VAL A 118 38.66 -23.08 71.70
N GLY A 119 39.63 -23.82 72.21
CA GLY A 119 39.36 -25.14 72.75
C GLY A 119 40.28 -26.18 72.15
N ILE A 120 39.77 -27.39 71.93
CA ILE A 120 40.55 -28.47 71.34
C ILE A 120 39.72 -29.04 70.20
N ASN A 121 39.98 -28.58 68.97
CA ASN A 121 39.42 -29.15 67.77
C ASN A 121 40.23 -28.66 66.58
N THR A 122 40.13 -29.39 65.47
CA THR A 122 40.94 -29.08 64.31
C THR A 122 40.56 -27.77 63.66
N ASN A 123 39.39 -27.22 63.98
CA ASN A 123 38.91 -25.99 63.35
C ASN A 123 39.17 -24.75 64.19
N SER A 124 39.44 -24.90 65.49
CA SER A 124 39.63 -23.74 66.35
C SER A 124 40.84 -22.93 65.90
N THR A 125 40.66 -21.61 65.82
CA THR A 125 41.78 -20.74 65.46
C THR A 125 42.89 -20.81 66.50
N ILE A 126 42.53 -20.77 67.77
CA ILE A 126 43.47 -20.92 68.86
C ILE A 126 43.32 -22.36 69.37
N ILE A 127 44.31 -23.20 69.06
CA ILE A 127 44.27 -24.61 69.44
C ILE A 127 44.98 -24.75 70.78
N LEU A 128 44.22 -25.01 71.82
CA LEU A 128 44.79 -25.26 73.14
C LEU A 128 45.37 -26.66 73.19
N LYS A 129 46.64 -26.77 73.57
CA LYS A 129 47.36 -28.04 73.53
C LYS A 129 48.06 -28.27 74.86
N LYS A 130 48.25 -29.55 75.19
CA LYS A 130 48.94 -29.90 76.41
C LYS A 130 50.37 -29.40 76.39
N SER A 131 50.85 -28.93 77.53
CA SER A 131 52.18 -28.36 77.66
C SER A 131 53.03 -29.22 78.58
N ASN A 132 54.33 -29.28 78.28
CA ASN A 132 55.27 -29.99 79.13
C ASN A 132 55.43 -29.34 80.49
N SER A 133 54.94 -28.12 80.66
CA SER A 133 54.96 -27.44 81.95
C SER A 133 53.83 -27.98 82.82
N ASP A 134 53.53 -27.27 83.91
CA ASP A 134 52.50 -27.72 84.84
C ASP A 134 51.16 -27.86 84.11
N PRO A 135 50.44 -28.97 84.30
CA PRO A 135 49.17 -29.15 83.57
C PRO A 135 48.12 -28.12 83.92
N ARG A 136 48.22 -27.45 85.06
CA ARG A 136 47.25 -26.41 85.41
C ARG A 136 47.27 -25.25 84.43
N LYS A 137 48.37 -25.07 83.70
CA LYS A 137 48.50 -24.03 82.68
C LYS A 137 48.57 -24.69 81.32
N LYS A 138 47.87 -24.11 80.35
CA LYS A 138 47.81 -24.63 78.99
C LYS A 138 48.34 -23.58 78.02
N GLU A 139 49.03 -24.04 76.98
CA GLU A 139 49.57 -23.14 75.97
C GLU A 139 48.54 -22.99 74.85
N ALA A 140 48.95 -22.35 73.74
CA ALA A 140 48.02 -22.08 72.66
C ALA A 140 48.79 -22.04 71.34
N GLU A 141 48.08 -22.36 70.26
CA GLU A 141 48.63 -22.35 68.92
C GLU A 141 47.67 -21.62 67.98
N PHE A 142 48.22 -20.80 67.09
CA PHE A 142 47.43 -19.98 66.18
C PHE A 142 47.56 -20.53 64.78
N LYS A 143 46.42 -20.82 64.14
CA LYS A 143 46.38 -21.38 62.80
C LYS A 143 45.79 -20.37 61.83
N GLU A 144 46.53 -20.09 60.76
CA GLU A 144 46.11 -19.03 59.85
C GLU A 144 44.95 -19.49 58.95
N LYS A 145 44.92 -20.77 58.60
CA LYS A 145 43.83 -21.27 57.75
C LYS A 145 42.48 -21.19 58.47
N ASN A 146 42.45 -21.56 59.75
CA ASN A 146 41.22 -21.45 60.52
C ASN A 146 40.81 -19.99 60.72
N TRP A 147 41.78 -19.12 60.99
CA TRP A 147 41.50 -17.70 61.16
C TRP A 147 41.00 -17.07 59.86
N SER A 148 41.38 -17.62 58.71
CA SER A 148 40.95 -17.08 57.44
C SER A 148 39.49 -17.43 57.13
N GLN A 149 38.93 -18.45 57.78
CA GLN A 149 37.58 -18.92 57.48
C GLN A 149 36.62 -18.75 58.66
N ILE A 150 36.96 -17.89 59.61
CA ILE A 150 36.07 -17.68 60.76
C ILE A 150 34.82 -16.94 60.29
N ASP A 151 33.72 -17.14 61.02
CA ASP A 151 32.44 -16.59 60.59
C ASP A 151 32.43 -15.07 60.72
N LYS A 152 32.87 -14.55 61.86
CA LYS A 152 32.91 -13.11 62.10
C LYS A 152 34.22 -12.73 62.76
N LYS A 153 34.63 -11.48 62.55
CA LYS A 153 35.83 -10.92 63.14
C LYS A 153 35.52 -9.58 63.77
N GLY A 154 36.17 -9.28 64.89
CA GLY A 154 36.13 -7.94 65.42
C GLY A 154 37.14 -7.07 64.69
N LEU A 155 36.66 -6.00 64.07
CA LEU A 155 37.52 -5.13 63.26
C LEU A 155 37.49 -3.71 63.79
N GLU A 156 38.65 -3.07 63.79
CA GLU A 156 38.77 -1.65 64.09
C GLU A 156 39.49 -0.96 62.95
N TRP A 157 38.90 0.09 62.42
CA TRP A 157 39.46 0.83 61.31
C TRP A 157 39.93 2.20 61.78
N GLN A 158 40.65 2.87 60.90
CA GLN A 158 41.05 4.25 61.14
C GLN A 158 39.91 5.17 60.68
N ASP A 159 40.17 6.46 60.64
CA ASP A 159 39.12 7.40 60.24
C ASP A 159 38.70 7.13 58.80
N PHE A 160 37.40 6.90 58.60
CA PHE A 160 36.88 6.60 57.28
C PHE A 160 35.73 7.55 56.96
N THR A 161 35.22 7.44 55.74
CA THR A 161 34.35 8.44 55.14
C THR A 161 32.94 7.90 55.00
N ILE A 162 31.96 8.71 55.38
CA ILE A 162 30.56 8.46 55.06
C ILE A 162 30.09 9.62 54.18
N LYS A 163 29.60 9.29 53.00
CA LYS A 163 29.14 10.27 52.03
C LYS A 163 27.63 10.18 51.90
N ILE A 164 26.96 11.31 51.99
CA ILE A 164 25.51 11.40 51.82
C ILE A 164 25.24 12.34 50.66
N PHE A 165 24.56 11.84 49.64
CA PHE A 165 24.24 12.61 48.45
C PHE A 165 22.72 12.75 48.37
N SER A 166 22.27 13.96 48.07
CA SER A 166 20.85 14.22 47.89
C SER A 166 20.68 15.46 47.03
N LEU A 167 19.70 15.43 46.13
CA LEU A 167 19.36 16.60 45.36
C LEU A 167 18.44 17.54 46.13
N LYS A 168 18.03 17.17 47.33
CA LYS A 168 17.24 18.01 48.21
C LYS A 168 18.18 18.65 49.23
N GLY A 169 18.38 19.96 49.09
CA GLY A 169 19.30 20.65 49.99
C GLY A 169 18.79 20.73 51.42
N ASP A 170 17.50 20.97 51.58
CA ASP A 170 16.93 21.08 52.93
C ASP A 170 17.06 19.77 53.70
N LEU A 171 16.85 18.65 53.01
CA LEU A 171 17.07 17.34 53.63
C LEU A 171 18.53 17.17 54.04
N ILE A 172 19.45 17.67 53.21
CA ILE A 172 20.87 17.57 53.54
C ILE A 172 21.18 18.39 54.79
N ASN A 173 20.60 19.59 54.90
CA ASN A 173 20.81 20.39 56.09
C ASN A 173 20.26 19.71 57.34
N LYS A 174 19.06 19.12 57.23
CA LYS A 174 18.48 18.40 58.36
C LYS A 174 19.35 17.21 58.75
N ILE A 175 19.87 16.49 57.76
CA ILE A 175 20.72 15.34 58.03
C ILE A 175 22.01 15.77 58.71
N GLN A 176 22.57 16.90 58.28
CA GLN A 176 23.75 17.44 58.94
C GLN A 176 23.44 17.78 60.39
N THR A 177 22.25 18.33 60.65
CA THR A 177 21.86 18.64 62.01
C THR A 177 21.78 17.37 62.86
N TYR A 178 21.24 16.28 62.31
CA TYR A 178 20.89 15.12 63.11
C TYR A 178 21.93 13.99 63.11
N LEU A 179 22.93 14.03 62.22
CA LEU A 179 23.85 12.90 62.09
C LEU A 179 24.69 12.64 63.34
N PRO A 180 25.31 13.64 63.98
CA PRO A 180 26.08 13.33 65.20
C PRO A 180 25.25 12.66 66.28
N ALA A 181 24.02 13.12 66.47
CA ALA A 181 23.14 12.48 67.44
C ALA A 181 22.85 11.04 67.06
N PHE A 182 22.63 10.78 65.77
CA PHE A 182 22.37 9.41 65.32
C PHE A 182 23.54 8.50 65.63
N PHE A 183 24.76 8.94 65.30
CA PHE A 183 25.91 8.08 65.58
C PHE A 183 26.21 7.99 67.07
N ILE A 184 25.75 8.96 67.88
CA ILE A 184 25.89 8.84 69.32
C ILE A 184 24.83 7.93 69.92
N CYS A 185 23.72 7.69 69.21
CA CYS A 185 22.62 6.93 69.79
C CYS A 185 22.62 5.44 69.44
N HIS A 186 23.14 5.05 68.27
CA HIS A 186 23.03 3.69 67.80
C HIS A 186 24.39 3.04 67.63
N ASN A 187 24.49 1.77 68.03
CA ASN A 187 25.66 0.93 67.80
C ASN A 187 25.39 -0.01 66.64
N PHE A 188 26.45 -0.36 65.92
CA PHE A 188 26.34 -1.19 64.73
C PHE A 188 27.18 -2.44 64.88
N GLY A 189 26.89 -3.42 64.02
CA GLY A 189 27.56 -4.71 64.07
C GLY A 189 26.77 -5.74 64.88
N THR A 190 27.40 -6.89 65.06
CA THR A 190 26.79 -7.97 65.84
C THR A 190 27.01 -7.71 67.32
N ARG A 191 25.98 -8.00 68.12
CA ARG A 191 25.97 -7.68 69.54
C ARG A 191 26.24 -6.20 69.77
N ASN A 192 25.43 -5.35 69.15
CA ASN A 192 25.56 -3.91 69.31
C ASN A 192 24.93 -3.42 70.60
N ASN A 193 24.15 -4.25 71.30
CA ASN A 193 23.67 -3.87 72.62
C ASN A 193 24.79 -3.78 73.62
N LYS A 194 25.87 -4.55 73.42
CA LYS A 194 26.92 -4.72 74.40
C LYS A 194 28.13 -3.83 74.14
N GLY A 195 28.04 -2.90 73.21
CA GLY A 195 29.06 -1.88 73.04
C GLY A 195 29.94 -2.01 71.81
N PHE A 196 29.71 -3.00 70.97
CA PHE A 196 30.52 -3.13 69.76
C PHE A 196 30.01 -2.20 68.67
N GLY A 197 30.93 -1.78 67.80
CA GLY A 197 30.58 -0.88 66.71
C GLY A 197 30.17 0.50 67.14
N SER A 198 30.90 1.10 68.07
CA SER A 198 30.62 2.46 68.53
C SER A 198 31.40 3.45 67.66
N PHE A 199 30.68 4.37 67.04
CA PHE A 199 31.27 5.38 66.17
C PHE A 199 30.79 6.75 66.58
N THR A 200 31.63 7.76 66.34
CA THR A 200 31.27 9.15 66.55
C THR A 200 31.73 9.97 65.36
N VAL A 201 31.09 11.11 65.18
CA VAL A 201 31.38 11.99 64.04
C VAL A 201 32.44 13.00 64.45
N GLU A 202 33.52 13.07 63.70
CA GLU A 202 34.60 14.02 63.95
C GLU A 202 34.47 15.26 63.08
N TYR A 203 34.45 15.09 61.77
CA TYR A 203 34.33 16.18 60.82
C TYR A 203 33.03 16.04 60.04
N ILE A 204 32.40 17.18 59.75
CA ILE A 204 31.27 17.24 58.84
C ILE A 204 31.55 18.38 57.87
N ASN A 205 31.79 18.04 56.60
CA ASN A 205 32.15 19.02 55.57
C ASN A 205 33.39 19.82 55.97
N ASN A 206 34.41 19.10 56.45
CA ASN A 206 35.66 19.70 56.90
C ASN A 206 35.44 20.72 58.01
N GLN A 207 34.50 20.41 58.91
CA GLN A 207 34.24 21.22 60.10
C GLN A 207 34.11 20.28 61.28
N LYS A 208 34.86 20.56 62.35
CA LYS A 208 34.80 19.72 63.54
C LYS A 208 33.43 19.84 64.19
N ASN A 209 32.96 18.74 64.78
CA ASN A 209 31.67 18.68 65.44
C ASN A 209 31.88 18.66 66.94
N ILE A 210 31.20 19.56 67.64
CA ILE A 210 31.28 19.69 69.09
C ILE A 210 29.91 19.34 69.64
N CYS A 211 29.74 18.10 70.09
CA CYS A 211 28.47 17.63 70.61
C CYS A 211 28.70 17.05 71.99
N ASN A 212 27.96 17.56 72.99
CA ASN A 212 28.01 17.01 74.33
C ASN A 212 27.33 15.65 74.32
N VAL A 213 28.12 14.59 74.47
CA VAL A 213 27.59 13.24 74.32
C VAL A 213 26.54 12.96 75.39
N GLU A 214 26.78 13.43 76.61
CA GLU A 214 25.83 13.20 77.69
C GLU A 214 24.50 13.91 77.41
N ASP A 215 24.56 15.12 76.87
CA ASP A 215 23.33 15.84 76.55
C ASP A 215 22.52 15.12 75.48
N THR A 216 23.19 14.63 74.43
CA THR A 216 22.49 13.89 73.38
C THR A 216 21.89 12.60 73.93
N LEU A 217 22.65 11.88 74.76
CA LEU A 217 22.14 10.64 75.34
C LEU A 217 20.93 10.91 76.22
N LYS A 218 21.00 11.97 77.04
CA LYS A 218 19.85 12.34 77.87
C LYS A 218 18.65 12.69 77.00
N GLU A 219 18.88 13.44 75.92
CA GLU A 219 17.78 13.88 75.07
C GLU A 219 17.08 12.69 74.41
N ASN A 220 17.85 11.71 73.94
CA ASN A 220 17.27 10.64 73.13
C ASN A 220 17.05 9.34 73.90
N PHE A 221 17.22 9.33 75.22
CA PHE A 221 17.04 8.11 75.98
C PHE A 221 16.30 8.42 77.28
N ALA A 222 15.67 7.39 77.84
CA ALA A 222 14.85 7.56 79.05
C ALA A 222 15.72 7.59 80.30
N PHE A 223 16.51 6.55 80.52
CA PHE A 223 17.45 6.51 81.63
C PHE A 223 18.87 6.43 81.09
N VAL A 224 19.77 7.18 81.69
CA VAL A 224 21.18 7.19 81.31
C VAL A 224 22.01 6.99 82.56
N TYR A 225 23.00 6.10 82.49
CA TYR A 225 23.91 5.86 83.59
C TYR A 225 25.34 5.78 83.07
N LYS A 226 26.28 6.32 83.84
CA LYS A 226 27.68 6.41 83.44
C LYS A 226 28.53 5.72 84.50
N LYS A 227 29.46 4.89 84.06
CA LYS A 227 30.28 4.08 84.95
C LYS A 227 31.60 4.77 85.27
N LYS A 228 31.99 4.74 86.55
CA LYS A 228 33.25 5.33 86.98
C LYS A 228 34.39 4.43 86.56
N ILE A 229 34.83 4.60 85.32
CA ILE A 229 35.99 3.87 84.83
C ILE A 229 37.26 4.64 85.17
N ALA A 230 38.39 3.93 85.20
CA ALA A 230 39.65 4.51 85.59
C ALA A 230 40.77 3.97 84.72
N LEU A 231 41.83 4.77 84.60
CA LEU A 231 43.04 4.39 83.87
C LEU A 231 44.24 4.66 84.76
N SER A 232 45.11 3.67 84.93
CA SER A 232 46.22 3.80 85.87
C SER A 232 47.46 4.40 85.22
N ARG A 233 47.27 5.52 84.50
CA ARG A 233 48.35 6.37 84.02
C ARG A 233 49.32 5.64 83.08
N GLN A 234 49.06 4.39 82.78
CA GLN A 234 49.98 3.60 81.97
C GLN A 234 49.33 2.98 80.75
N SER A 235 48.10 2.50 80.87
CA SER A 235 47.39 1.88 79.76
C SER A 235 46.89 2.89 78.74
N THR A 236 47.25 4.17 78.87
CA THR A 236 46.83 5.18 77.91
C THR A 236 47.37 4.88 76.51
N LEU A 237 48.55 4.29 76.42
CA LEU A 237 49.17 3.97 75.15
C LEU A 237 48.93 2.53 74.70
N ASP A 238 48.17 1.75 75.46
CA ASP A 238 47.87 0.36 75.13
C ASP A 238 46.36 0.20 75.07
N PHE A 239 45.83 0.08 73.86
CA PHE A 239 44.38 0.00 73.70
C PHE A 239 43.81 -1.37 74.07
N ILE A 240 44.63 -2.42 74.04
CA ILE A 240 44.11 -3.76 74.28
C ILE A 240 43.66 -3.92 75.73
N TYR A 241 44.47 -3.44 76.68
CA TYR A 241 44.08 -3.53 78.09
C TYR A 241 42.83 -2.72 78.35
N ILE A 242 42.73 -1.54 77.75
CA ILE A 242 41.54 -0.70 77.92
C ILE A 242 40.30 -1.42 77.41
N TYR A 243 40.40 -1.99 76.21
CA TYR A 243 39.28 -2.72 75.62
C TYR A 243 38.87 -3.88 76.50
N ASN A 244 39.86 -4.66 76.95
CA ASN A 244 39.58 -5.83 77.78
C ASN A 244 38.88 -5.43 79.07
N GLN A 245 39.40 -4.41 79.75
CA GLN A 245 38.79 -3.99 81.00
C GLN A 245 37.37 -3.50 80.78
N ILE A 246 37.15 -2.71 79.74
CA ILE A 246 35.83 -2.16 79.47
C ILE A 246 34.82 -3.27 79.21
N PHE A 247 35.21 -4.24 78.37
CA PHE A 247 34.25 -5.29 78.01
C PHE A 247 34.04 -6.28 79.15
N SER A 248 35.09 -6.56 79.92
CA SER A 248 34.92 -7.39 81.11
C SER A 248 33.99 -6.74 82.11
N THR A 249 34.12 -5.42 82.30
CA THR A 249 33.23 -4.71 83.20
C THR A 249 31.80 -4.74 82.69
N ILE A 250 31.62 -4.57 81.38
CA ILE A 250 30.28 -4.64 80.80
C ILE A 250 29.65 -6.00 81.07
N LYS A 251 30.41 -7.07 80.84
CA LYS A 251 29.89 -8.41 81.07
C LYS A 251 29.56 -8.62 82.55
N LYS A 252 30.43 -8.16 83.44
CA LYS A 252 30.18 -8.34 84.87
C LYS A 252 28.92 -7.60 85.30
N ASP A 253 28.75 -6.36 84.85
CA ASP A 253 27.57 -5.59 85.23
C ASP A 253 26.30 -6.21 84.68
N TYR A 254 26.32 -6.65 83.42
CA TYR A 254 25.12 -7.26 82.85
C TYR A 254 24.80 -8.58 83.53
N GLN A 255 25.83 -9.36 83.87
CA GLN A 255 25.61 -10.61 84.59
C GLN A 255 25.00 -10.34 85.96
N ILE A 256 25.48 -9.31 86.66
CA ILE A 256 24.90 -8.95 87.94
C ILE A 256 23.44 -8.57 87.78
N LEU A 257 23.13 -7.80 86.74
CA LEU A 257 21.75 -7.38 86.51
C LEU A 257 20.84 -8.57 86.24
N LYS A 258 21.26 -9.48 85.36
CA LYS A 258 20.35 -10.49 84.84
C LYS A 258 20.39 -11.79 85.63
N SER A 259 21.58 -12.41 85.73
CA SER A 259 21.67 -13.77 86.26
C SER A 259 22.63 -13.90 87.43
N GLY A 260 23.12 -12.81 87.99
CA GLY A 260 24.02 -12.88 89.11
C GLY A 260 25.44 -13.21 88.68
N TYR A 261 26.33 -13.21 89.67
CA TYR A 261 27.75 -13.42 89.43
C TYR A 261 28.26 -14.48 90.40
N ASN A 262 28.56 -15.67 89.87
CA ASN A 262 29.18 -16.74 90.66
C ASN A 262 30.29 -17.36 89.80
N PHE A 263 31.48 -16.78 89.89
CA PHE A 263 32.67 -17.32 89.22
C PHE A 263 33.88 -16.70 89.90
N ARG A 264 34.72 -17.55 90.50
CA ARG A 264 35.61 -17.19 91.60
C ARG A 264 34.77 -16.89 92.83
N ASN A 265 35.35 -16.99 94.02
CA ASN A 265 34.56 -17.05 95.25
C ASN A 265 33.94 -15.68 95.51
N GLU A 266 32.84 -15.42 94.81
CA GLU A 266 32.04 -14.22 95.01
C GLU A 266 30.63 -14.52 94.52
N TYR A 267 29.63 -14.08 95.27
CA TYR A 267 28.24 -14.30 94.90
C TYR A 267 27.46 -13.00 95.08
N ILE A 268 27.00 -12.44 93.97
CA ILE A 268 26.11 -11.28 93.97
C ILE A 268 24.78 -11.73 93.40
N LYS A 269 23.73 -11.64 94.20
CA LYS A 269 22.41 -12.06 93.76
C LYS A 269 21.98 -11.25 92.55
N SER A 270 21.34 -11.91 91.60
CA SER A 270 20.84 -11.22 90.41
C SER A 270 19.83 -10.15 90.84
N LEU A 271 20.04 -8.93 90.34
CA LEU A 271 19.21 -7.81 90.78
C LEU A 271 17.79 -7.90 90.23
N LEU A 272 17.61 -8.56 89.09
CA LEU A 272 16.26 -8.79 88.57
C LEU A 272 15.45 -9.64 89.54
N PHE A 273 16.06 -10.69 90.09
CA PHE A 273 15.38 -11.53 91.06
C PHE A 273 15.00 -10.74 92.30
N CYS A 274 15.92 -9.94 92.82
CA CYS A 274 15.63 -9.14 94.01
C CYS A 274 14.52 -8.13 93.75
N TYR A 275 14.56 -7.46 92.59
CA TYR A 275 13.53 -6.49 92.26
C TYR A 275 12.16 -7.16 92.18
N PHE A 276 12.09 -8.31 91.52
CA PHE A 276 10.80 -8.99 91.42
C PHE A 276 10.35 -9.56 92.76
N VAL A 277 11.30 -9.89 93.65
CA VAL A 277 10.95 -10.36 94.97
C VAL A 277 10.33 -9.23 95.79
N SER A 278 10.94 -8.05 95.76
CA SER A 278 10.54 -6.97 96.65
C SER A 278 9.28 -6.25 96.19
N LYS A 279 8.91 -6.35 94.92
CA LYS A 279 7.78 -5.58 94.37
C LYS A 279 6.44 -6.23 94.67
N TYR A 280 5.41 -5.76 93.95
CA TYR A 280 4.02 -6.22 93.98
C TYR A 280 4.00 -7.74 93.87
N PRO A 281 2.87 -8.43 94.24
CA PRO A 281 2.93 -9.84 94.64
C PRO A 281 3.98 -10.67 93.90
N ASN A 282 4.81 -11.33 94.71
CA ASN A 282 6.17 -11.64 94.29
C ASN A 282 6.22 -12.66 93.17
N TYR A 283 7.07 -12.38 92.19
CA TYR A 283 7.42 -13.33 91.13
C TYR A 283 8.84 -13.83 91.41
N ARG A 284 9.03 -15.13 91.34
CA ARG A 284 10.34 -15.70 91.60
C ARG A 284 10.88 -16.39 90.35
N TRP A 285 12.13 -16.82 90.44
CA TRP A 285 12.87 -17.32 89.28
C TRP A 285 12.15 -18.49 88.63
N GLU A 286 12.10 -18.48 87.30
CA GLU A 286 11.74 -19.69 86.59
C GLU A 286 12.83 -20.74 86.73
N LYS A 287 14.09 -20.30 86.84
CA LYS A 287 15.20 -21.22 87.00
C LYS A 287 15.06 -22.05 88.28
N ARG A 288 14.52 -21.44 89.34
CA ARG A 288 14.26 -22.21 90.55
C ARG A 288 13.24 -23.30 90.30
N LYS A 289 12.21 -23.01 89.51
CA LYS A 289 11.21 -24.03 89.18
C LYS A 289 11.83 -25.17 88.37
N MET A 290 12.65 -24.84 87.38
CA MET A 290 13.27 -25.92 86.59
C MET A 290 14.26 -26.73 87.45
N LYS A 291 14.97 -26.07 88.35
CA LYS A 291 15.87 -26.79 89.24
C LYS A 291 15.10 -27.72 90.16
N GLN A 292 13.96 -27.26 90.69
CA GLN A 292 13.13 -28.13 91.51
C GLN A 292 12.60 -29.31 90.71
N LEU A 293 12.17 -29.06 89.47
CA LEU A 293 11.65 -30.13 88.63
C LEU A 293 12.72 -31.17 88.34
N ILE A 294 13.93 -30.73 87.99
CA ILE A 294 15.01 -31.67 87.70
C ILE A 294 15.52 -32.35 88.97
N LYS A 295 15.36 -31.70 90.13
CA LYS A 295 15.64 -32.34 91.41
C LYS A 295 14.66 -33.48 91.67
N ALA A 296 13.37 -33.24 91.42
CA ALA A 296 12.33 -34.19 91.80
C ALA A 296 12.38 -35.48 90.99
N ARG A 297 13.16 -35.53 89.91
CA ARG A 297 13.25 -36.73 89.10
C ARG A 297 14.51 -37.54 89.37
N GLY A 298 15.62 -36.91 89.70
CA GLY A 298 16.87 -37.65 89.74
C GLY A 298 18.12 -36.82 89.91
N TYR A 299 19.06 -37.01 88.99
CA TYR A 299 20.44 -36.54 89.06
C TYR A 299 20.55 -35.16 89.71
N GLU A 300 21.45 -35.07 90.69
CA GLU A 300 21.60 -33.87 91.49
C GLU A 300 22.43 -32.83 90.77
N LEU A 301 22.02 -31.58 90.85
CA LEU A 301 22.76 -30.50 90.21
C LEU A 301 24.03 -30.21 90.98
N LYS A 302 25.10 -29.89 90.24
CA LYS A 302 26.35 -29.51 90.89
C LYS A 302 26.17 -28.21 91.66
N GLY A 303 26.89 -28.10 92.77
CA GLY A 303 26.78 -26.93 93.62
C GLY A 303 26.27 -27.27 95.00
N ASP A 304 27.16 -27.20 96.00
CA ASP A 304 26.84 -27.63 97.35
C ASP A 304 26.03 -26.53 98.08
N HIS A 305 24.93 -26.14 97.47
CA HIS A 305 24.05 -25.12 98.02
C HIS A 305 22.62 -25.43 97.57
N SER A 306 21.74 -24.46 97.71
CA SER A 306 20.33 -24.60 97.39
C SER A 306 19.87 -23.40 96.58
N PRO A 307 18.73 -23.51 95.89
CA PRO A 307 18.17 -22.33 95.23
C PRO A 307 17.85 -21.22 96.22
N ILE A 308 17.98 -19.99 95.75
CA ILE A 308 17.66 -18.83 96.58
C ILE A 308 16.15 -18.64 96.59
N SER A 309 15.58 -18.63 97.79
CA SER A 309 14.14 -18.50 97.96
C SER A 309 13.70 -17.07 98.23
N GLY A 310 14.61 -16.11 98.15
CA GLY A 310 14.26 -14.73 98.41
C GLY A 310 15.49 -13.94 98.79
N ILE A 311 15.27 -12.70 99.20
CA ILE A 311 16.34 -11.81 99.65
C ILE A 311 16.42 -11.87 101.17
N ARG A 312 17.59 -12.26 101.66
CA ARG A 312 17.94 -12.33 103.08
C ARG A 312 19.35 -12.88 103.16
N GLU A 313 19.95 -12.80 104.35
CA GLU A 313 21.21 -13.47 104.56
C GLU A 313 21.04 -14.98 104.41
N ASN A 314 21.89 -15.57 103.56
CA ASN A 314 21.94 -17.02 103.29
C ASN A 314 20.55 -17.67 103.31
N ASP A 315 19.61 -17.02 102.64
CA ASP A 315 18.23 -17.53 102.53
C ASP A 315 18.24 -18.71 101.57
N ASN A 316 18.75 -19.83 102.05
CA ASN A 316 18.96 -21.03 101.25
C ASN A 316 17.90 -22.06 101.59
N SER A 317 17.20 -22.56 100.57
CA SER A 317 16.18 -23.57 100.79
C SER A 317 15.95 -24.35 99.51
N TRP A 318 15.33 -25.52 99.66
CA TRP A 318 14.97 -26.37 98.53
C TRP A 318 13.47 -26.55 98.35
N ASN A 319 12.66 -26.08 99.29
CA ASN A 319 11.23 -26.35 99.28
C ASN A 319 10.45 -25.04 99.43
N ASP A 320 9.12 -25.17 99.50
CA ASP A 320 8.18 -24.08 99.59
C ASP A 320 7.44 -24.16 100.93
N PRO A 321 6.85 -23.05 101.38
CA PRO A 321 6.10 -23.08 102.64
C PRO A 321 4.84 -23.92 102.52
N ASN A 322 4.22 -24.17 103.66
CA ASN A 322 3.00 -24.98 103.68
C ASN A 322 1.87 -24.42 102.81
N PRO A 323 1.64 -23.08 102.70
CA PRO A 323 0.58 -22.63 101.78
C PRO A 323 0.94 -22.85 100.32
N ASN A 324 0.09 -22.36 99.42
CA ASN A 324 0.31 -22.54 97.98
C ASN A 324 1.71 -22.09 97.59
N GLY A 325 2.23 -22.72 96.54
CA GLY A 325 3.57 -22.44 96.09
C GLY A 325 3.73 -21.04 95.54
N TYR A 326 4.99 -20.65 95.34
CA TYR A 326 5.29 -19.30 94.90
C TYR A 326 4.73 -19.04 93.51
N ASN A 327 4.60 -17.75 93.18
CA ASN A 327 4.10 -17.34 91.87
C ASN A 327 5.29 -17.22 90.93
N TYR A 328 5.63 -18.34 90.30
CA TYR A 328 6.77 -18.38 89.40
C TYR A 328 6.42 -17.68 88.08
N ALA A 329 7.47 -17.24 87.39
CA ALA A 329 7.31 -16.58 86.10
C ALA A 329 8.66 -16.56 85.40
N TYR A 330 8.62 -16.35 84.07
CA TYR A 330 9.83 -16.21 83.28
C TYR A 330 10.38 -14.81 83.52
N ILE A 331 11.13 -14.68 84.62
CA ILE A 331 11.66 -13.39 85.03
C ILE A 331 12.68 -12.87 84.03
N ARG A 332 13.56 -13.75 83.56
CA ARG A 332 14.71 -13.33 82.77
C ARG A 332 14.40 -13.20 81.28
N ALA A 333 13.15 -13.38 80.87
CA ALA A 333 12.80 -13.22 79.47
C ALA A 333 12.73 -11.76 79.05
N ILE A 334 12.46 -10.85 80.00
CA ILE A 334 12.30 -9.44 79.64
C ILE A 334 13.63 -8.85 79.16
N LEU A 335 14.75 -9.35 79.67
CA LEU A 335 16.05 -8.87 79.23
C LEU A 335 16.61 -9.64 78.04
N GLY A 336 15.86 -10.60 77.51
CA GLY A 336 16.28 -11.31 76.32
C GLY A 336 15.96 -12.79 76.35
N LEU A 337 15.39 -13.30 75.26
CA LEU A 337 15.10 -14.72 75.16
C LEU A 337 16.37 -15.52 74.96
N ALA A 338 16.50 -16.62 75.70
CA ALA A 338 17.75 -17.36 75.76
C ALA A 338 17.74 -18.69 75.01
N GLU A 339 16.56 -19.28 74.79
CA GLU A 339 16.32 -20.44 73.93
C GLU A 339 17.01 -21.71 74.42
N GLN A 340 17.82 -21.62 75.47
CA GLN A 340 18.50 -22.78 76.02
C GLN A 340 19.13 -22.48 77.36
N TYR A 341 18.84 -23.31 78.37
CA TYR A 341 19.45 -23.19 79.69
C TYR A 341 20.26 -24.44 79.96
N GLU A 342 21.51 -24.25 80.38
CA GLU A 342 22.45 -25.35 80.59
C GLU A 342 22.59 -25.59 82.09
N PHE A 343 22.45 -26.84 82.50
CA PHE A 343 22.60 -27.21 83.90
C PHE A 343 23.61 -28.34 84.03
N GLN A 344 24.62 -28.13 84.85
CA GLN A 344 25.63 -29.14 85.14
C GLN A 344 25.24 -29.88 86.42
N LEU A 345 24.98 -31.17 86.29
CA LEU A 345 24.56 -31.98 87.43
C LEU A 345 25.79 -32.52 88.14
N GLU A 346 25.59 -33.40 89.13
CA GLU A 346 26.68 -33.75 90.04
C GLU A 346 27.79 -34.52 89.31
N THR A 347 27.43 -35.40 88.39
CA THR A 347 28.62 -36.04 87.84
C THR A 347 29.05 -35.31 86.58
N PRO A 348 30.36 -35.25 86.31
CA PRO A 348 30.83 -34.61 85.08
C PRO A 348 30.36 -35.38 83.85
N TYR A 349 30.54 -34.74 82.70
CA TYR A 349 30.33 -35.30 81.36
C TYR A 349 28.87 -35.51 81.00
N GLN A 350 27.93 -35.15 81.87
CA GLN A 350 26.51 -35.11 81.51
C GLN A 350 25.92 -33.79 81.97
N LYS A 351 25.00 -33.26 81.16
CA LYS A 351 24.46 -31.93 81.39
C LYS A 351 23.00 -31.90 80.97
N ALA A 352 22.20 -31.16 81.72
CA ALA A 352 20.79 -31.01 81.43
C ALA A 352 20.60 -29.79 80.54
N ILE A 353 19.87 -29.97 79.44
CA ILE A 353 19.61 -28.90 78.48
C ILE A 353 18.11 -28.63 78.51
N VAL A 354 17.75 -27.38 78.75
CA VAL A 354 16.36 -26.95 78.77
C VAL A 354 16.13 -26.10 77.53
N LYS A 355 15.31 -26.59 76.61
CA LYS A 355 15.01 -25.87 75.39
C LYS A 355 13.78 -25.02 75.61
N ILE A 356 13.90 -23.72 75.35
CA ILE A 356 12.83 -22.75 75.58
C ILE A 356 12.25 -22.36 74.23
N LYS A 357 10.92 -22.40 74.13
CA LYS A 357 10.22 -22.09 72.89
C LYS A 357 8.87 -21.49 73.23
N SER A 358 8.41 -20.57 72.38
CA SER A 358 7.10 -19.97 72.57
C SER A 358 6.01 -21.03 72.38
N ALA A 359 4.97 -20.95 73.20
CA ALA A 359 3.91 -21.96 73.16
C ALA A 359 3.28 -22.02 71.77
N ASN A 360 2.94 -20.86 71.21
CA ASN A 360 2.58 -20.75 69.81
C ASN A 360 3.68 -19.97 69.10
N ASN A 361 3.83 -20.21 67.81
CA ASN A 361 4.93 -19.60 67.08
C ASN A 361 4.68 -18.11 66.89
N CYS A 362 4.77 -17.35 67.98
CA CYS A 362 4.58 -15.91 67.96
C CYS A 362 5.78 -15.13 68.44
N ILE A 363 6.55 -15.67 69.38
CA ILE A 363 7.74 -15.01 69.91
C ILE A 363 8.94 -15.89 69.58
N SER A 364 9.93 -15.32 68.92
CA SER A 364 11.14 -16.05 68.58
C SER A 364 12.40 -15.46 69.17
N ARG A 365 12.46 -14.15 69.38
CA ARG A 365 13.68 -13.50 69.86
C ARG A 365 13.30 -12.21 70.57
N TYR A 366 14.25 -11.70 71.36
CA TYR A 366 14.08 -10.40 72.00
C TYR A 366 15.44 -9.80 72.27
N LYS A 367 15.69 -8.64 71.66
CA LYS A 367 16.91 -7.90 71.94
C LYS A 367 16.92 -7.43 73.39
N SER A 368 18.09 -7.41 73.98
CA SER A 368 18.22 -6.88 75.34
C SER A 368 17.78 -5.43 75.33
N PRO A 369 16.81 -5.04 76.17
CA PRO A 369 16.37 -3.64 76.16
C PRO A 369 17.47 -2.67 76.50
N LEU A 370 18.46 -3.09 77.28
CA LEU A 370 19.56 -2.22 77.67
C LEU A 370 20.54 -2.06 76.53
N LEU A 371 21.11 -0.87 76.42
CA LEU A 371 22.13 -0.55 75.42
C LEU A 371 23.36 -0.01 76.12
N PHE A 372 24.52 -0.53 75.75
CA PHE A 372 25.79 -0.10 76.31
C PHE A 372 26.53 0.72 75.26
N LYS A 373 26.84 1.96 75.58
CA LYS A 373 27.49 2.89 74.66
C LYS A 373 28.86 3.26 75.21
N ILE A 374 29.90 2.92 74.46
CA ILE A 374 31.28 3.16 74.87
C ILE A 374 31.81 4.30 74.01
N ILE A 375 32.00 5.46 74.63
CA ILE A 375 32.48 6.65 73.94
C ILE A 375 33.66 7.20 74.71
N ASN A 376 34.81 7.33 74.04
CA ASN A 376 36.01 7.92 74.63
C ASN A 376 36.38 7.22 75.95
N ASN A 377 36.35 5.89 75.92
CA ASN A 377 36.71 5.06 77.07
C ASN A 377 35.82 5.33 78.27
N SER A 378 34.56 5.65 78.02
CA SER A 378 33.56 5.81 79.07
C SER A 378 32.36 4.94 78.75
N ILE A 379 31.79 4.31 79.78
CA ILE A 379 30.68 3.38 79.60
C ILE A 379 29.38 4.09 79.93
N TYR A 380 28.44 4.07 79.00
CA TYR A 380 27.13 4.66 79.18
C TYR A 380 26.07 3.57 79.03
N LEU A 381 25.19 3.46 80.02
CA LEU A 381 24.09 2.52 80.00
C LEU A 381 22.80 3.30 79.75
N VAL A 382 22.16 3.02 78.61
CA VAL A 382 20.98 3.78 78.19
C VAL A 382 19.88 2.79 77.85
N GLY A 383 18.66 3.29 77.83
CA GLY A 383 17.54 2.46 77.45
C GLY A 383 16.19 3.16 77.47
N ASN A 384 15.35 2.81 76.51
CA ASN A 384 13.96 3.22 76.50
C ASN A 384 13.12 2.16 77.21
N GLU A 385 11.81 2.24 77.09
CA GLU A 385 10.95 1.25 77.70
C GLU A 385 10.96 -0.05 76.90
N ILE A 386 10.66 -1.15 77.58
CA ILE A 386 10.71 -2.46 76.94
C ILE A 386 9.51 -2.62 76.01
N ASN A 387 9.60 -3.61 75.13
CA ASN A 387 8.49 -3.97 74.26
C ASN A 387 7.45 -4.72 75.08
N THR A 388 6.28 -4.11 75.25
CA THR A 388 5.23 -4.69 76.09
C THR A 388 4.67 -5.98 75.52
N GLU A 389 4.98 -6.31 74.27
CA GLU A 389 4.41 -7.50 73.65
C GLU A 389 4.87 -8.78 74.34
N ILE A 390 6.05 -8.75 74.98
CA ILE A 390 6.55 -9.95 75.63
C ILE A 390 5.84 -10.25 76.95
N LEU A 391 5.21 -9.25 77.56
CA LEU A 391 4.54 -9.45 78.84
C LEU A 391 3.31 -10.33 78.69
N ASN A 392 3.11 -11.22 79.67
CA ASN A 392 2.00 -12.17 79.68
C ASN A 392 1.98 -13.01 78.40
N LYS A 393 3.10 -13.64 78.11
CA LYS A 393 3.20 -14.53 76.96
C LYS A 393 3.54 -15.95 77.43
N PRO A 394 2.99 -16.98 76.78
CA PRO A 394 3.24 -18.35 77.21
C PRO A 394 4.54 -18.89 76.64
N PHE A 395 5.24 -19.68 77.47
CA PHE A 395 6.51 -20.30 77.06
C PHE A 395 6.51 -21.77 77.43
N GLN A 396 7.18 -22.55 76.60
CA GLN A 396 7.18 -24.01 76.70
C GLN A 396 8.60 -24.51 76.89
N TYR A 397 8.78 -25.45 77.82
CA TYR A 397 10.10 -25.93 78.21
C TYR A 397 10.21 -27.42 77.87
N SER A 398 11.30 -27.78 77.20
CA SER A 398 11.54 -29.17 76.78
C SER A 398 12.88 -29.60 77.35
N TYR A 399 12.84 -30.49 78.34
CA TYR A 399 14.04 -30.93 79.02
C TYR A 399 14.71 -32.06 78.22
N ILE A 400 16.02 -31.97 78.08
CA ILE A 400 16.79 -32.94 77.31
C ILE A 400 18.09 -33.24 78.05
N GLU A 401 18.45 -34.51 78.11
CA GLU A 401 19.68 -34.95 78.77
C GLU A 401 20.74 -35.23 77.72
N GLN A 402 21.94 -34.69 77.95
CA GLN A 402 23.07 -34.87 77.04
C GLN A 402 24.26 -35.36 77.85
N THR A 403 24.60 -36.63 77.69
CA THR A 403 25.66 -37.26 78.48
C THR A 403 26.88 -37.46 77.59
N LYS A 404 27.71 -36.42 77.49
CA LYS A 404 28.99 -36.53 76.80
C LYS A 404 29.79 -37.71 77.33
N ASN A 405 29.97 -38.72 76.49
CA ASN A 405 30.62 -39.95 76.88
C ASN A 405 32.10 -39.90 76.52
N LYS A 406 32.81 -40.98 76.81
CA LYS A 406 34.18 -41.11 76.36
C LYS A 406 34.23 -41.18 74.83
N ASN A 407 35.33 -40.69 74.28
CA ASN A 407 35.51 -40.74 72.84
C ASN A 407 35.55 -42.18 72.35
N MET A 408 34.96 -42.43 71.19
CA MET A 408 34.89 -43.78 70.64
C MET A 408 36.19 -44.21 69.98
N ARG A 409 37.28 -43.47 70.17
CA ARG A 409 38.60 -43.75 69.63
C ARG A 409 38.62 -43.74 68.10
N THR A 410 37.54 -43.31 67.46
CA THR A 410 37.47 -43.22 66.02
C THR A 410 37.06 -41.84 65.53
N GLY A 411 36.13 -41.19 66.22
CA GLY A 411 35.68 -39.87 65.82
C GLY A 411 35.89 -38.82 66.89
N LYS A 412 35.98 -39.25 68.15
CA LYS A 412 36.18 -38.35 69.30
C LYS A 412 35.12 -37.27 69.35
N SER A 413 33.91 -37.59 68.88
CA SER A 413 32.86 -36.60 68.65
C SER A 413 31.69 -36.84 69.60
N GLU A 414 30.62 -36.09 69.37
CA GLU A 414 29.41 -36.14 70.20
C GLU A 414 28.27 -36.72 69.39
N ILE A 415 27.65 -37.77 69.92
CA ILE A 415 26.40 -38.29 69.42
C ILE A 415 25.47 -38.48 70.61
N THR A 416 25.86 -37.90 71.74
CA THR A 416 25.17 -38.09 73.02
C THR A 416 23.94 -37.19 73.04
N GLU A 417 22.92 -37.62 72.30
CA GLU A 417 21.72 -36.81 72.15
C GLU A 417 20.47 -37.58 72.55
N ARG A 418 20.45 -38.88 72.28
CA ARG A 418 19.23 -39.68 72.37
C ARG A 418 18.86 -39.97 73.84
N THR A 419 18.63 -38.89 74.58
CA THR A 419 18.12 -39.00 75.94
C THR A 419 17.21 -37.81 76.20
N MET A 420 16.09 -38.07 76.88
CA MET A 420 15.14 -37.02 77.23
C MET A 420 14.28 -37.53 78.38
N HIS A 421 14.28 -36.80 79.49
CA HIS A 421 13.53 -37.20 80.68
C HIS A 421 12.21 -36.45 80.73
N ILE A 422 11.16 -37.15 81.13
CA ILE A 422 9.81 -36.62 81.15
C ILE A 422 9.51 -36.15 82.58
N ASN A 423 9.63 -34.85 82.81
CA ASN A 423 9.31 -34.26 84.10
C ASN A 423 7.85 -33.81 84.13
N GLU A 424 7.46 -33.19 85.23
CA GLU A 424 6.08 -32.75 85.38
C GLU A 424 5.87 -31.38 84.74
N ILE A 425 4.68 -31.17 84.20
CA ILE A 425 4.34 -29.95 83.48
C ILE A 425 3.16 -29.29 84.20
N GLU A 426 3.20 -27.97 84.29
CA GLU A 426 2.24 -27.20 85.07
C GLU A 426 1.60 -26.11 84.22
N MET A 427 1.09 -26.49 83.04
CA MET A 427 0.44 -25.53 82.18
C MET A 427 -0.87 -25.06 82.80
N ASN A 428 -1.12 -23.76 82.68
CA ASN A 428 -2.29 -23.08 83.25
C ASN A 428 -2.37 -23.20 84.78
N TYR A 429 -1.31 -23.67 85.42
CA TYR A 429 -1.30 -23.84 86.86
C TYR A 429 -1.42 -22.49 87.56
N LYS A 430 -2.24 -22.45 88.61
CA LYS A 430 -2.49 -21.24 89.38
C LYS A 430 -3.02 -20.14 88.45
N ASN A 431 -4.02 -20.52 87.65
CA ASN A 431 -4.71 -19.61 86.73
C ASN A 431 -3.70 -18.80 85.89
N ARG A 432 -3.00 -19.57 85.06
CA ARG A 432 -1.96 -19.07 84.14
C ARG A 432 -1.02 -18.07 84.82
N ILE A 433 -0.55 -18.44 86.01
CA ILE A 433 0.53 -17.75 86.70
C ILE A 433 1.49 -18.84 87.15
N ASN A 434 2.53 -19.10 86.36
CA ASN A 434 3.48 -20.16 86.64
C ASN A 434 4.75 -19.85 85.87
N TYR A 435 5.67 -20.81 85.84
CA TYR A 435 6.94 -20.62 85.14
C TYR A 435 6.81 -20.71 83.63
N HIS A 436 5.59 -20.71 83.10
CA HIS A 436 5.33 -20.67 81.67
C HIS A 436 4.95 -19.28 81.18
N TYR A 437 4.90 -18.28 82.06
CA TYR A 437 4.37 -16.97 81.71
C TYR A 437 5.28 -15.87 82.23
N THR A 438 5.20 -14.72 81.58
CA THR A 438 5.99 -13.53 81.89
C THR A 438 5.25 -12.65 82.90
N PRO A 439 5.98 -11.80 83.64
CA PRO A 439 5.37 -11.15 84.82
C PRO A 439 4.27 -10.14 84.52
N THR A 440 3.98 -9.85 83.26
CA THR A 440 2.87 -9.00 82.78
C THR A 440 2.85 -7.60 83.40
N SER A 441 3.90 -7.21 84.14
CA SER A 441 3.97 -5.86 84.69
C SER A 441 5.42 -5.55 85.00
N PHE A 442 6.02 -4.63 84.26
CA PHE A 442 7.43 -4.31 84.45
C PHE A 442 7.73 -2.97 83.78
N SER A 443 8.45 -2.11 84.49
CA SER A 443 8.95 -0.85 83.93
C SER A 443 10.47 -0.87 84.01
N LEU A 444 11.12 -0.66 82.86
CA LEU A 444 12.58 -0.69 82.83
C LEU A 444 13.18 0.43 83.65
N ILE A 445 12.53 1.60 83.70
CA ILE A 445 13.05 2.71 84.48
C ILE A 445 13.05 2.37 85.96
N ASP A 446 11.96 1.77 86.45
CA ASP A 446 11.86 1.44 87.86
C ASP A 446 12.91 0.40 88.26
N PHE A 447 13.06 -0.65 87.47
CA PHE A 447 14.05 -1.67 87.79
C PHE A 447 15.47 -1.12 87.67
N MET A 448 15.71 -0.24 86.69
CA MET A 448 17.05 0.34 86.55
C MET A 448 17.37 1.25 87.72
N GLN A 449 16.38 1.97 88.24
CA GLN A 449 16.60 2.78 89.44
C GLN A 449 16.80 1.91 90.67
N TYR A 450 16.06 0.79 90.75
CA TYR A 450 16.26 -0.15 91.85
C TYR A 450 17.67 -0.70 91.84
N ALA A 451 18.15 -1.09 90.67
CA ALA A 451 19.55 -1.46 90.51
C ALA A 451 20.42 -0.21 90.60
N MET A 452 21.69 -0.42 90.96
CA MET A 452 22.63 0.68 91.22
C MET A 452 22.14 1.59 92.34
N SER A 453 21.12 1.13 93.07
CA SER A 453 20.81 1.60 94.41
C SER A 453 20.85 0.48 95.43
N TYR A 454 20.79 -0.78 95.01
CA TYR A 454 21.06 -1.89 95.90
C TYR A 454 22.52 -1.88 96.30
N LYS A 455 22.79 -2.09 97.59
CA LYS A 455 24.14 -1.91 98.07
C LYS A 455 24.34 -2.68 99.37
N LYS A 456 25.61 -2.93 99.67
CA LYS A 456 26.05 -3.38 100.98
C LYS A 456 27.39 -2.69 101.21
N ASN A 457 27.42 -1.76 102.16
CA ASN A 457 28.62 -0.97 102.47
C ASN A 457 29.25 -0.40 101.20
N GLY A 458 28.40 0.01 100.26
CA GLY A 458 28.84 0.45 98.96
C GLY A 458 27.96 -0.12 97.86
N LYS A 459 27.67 0.70 96.85
CA LYS A 459 26.70 0.32 95.83
C LYS A 459 27.38 -0.49 94.73
N ASN A 460 26.74 -1.60 94.35
CA ASN A 460 27.37 -2.66 93.56
C ASN A 460 27.85 -2.18 92.19
N ILE A 461 26.93 -1.81 91.32
CA ILE A 461 27.26 -1.42 89.95
C ILE A 461 27.64 0.05 89.99
N LEU A 462 28.94 0.34 90.00
CA LEU A 462 29.44 1.67 90.31
C LEU A 462 29.16 2.65 89.18
N ASN A 463 27.88 2.95 88.94
CA ASN A 463 27.46 3.92 87.93
C ASN A 463 26.68 5.02 88.62
N TYR A 464 27.04 6.28 88.35
CA TYR A 464 26.20 7.36 88.84
C TYR A 464 25.06 7.62 87.85
N ILE A 465 24.19 8.55 88.19
CA ILE A 465 22.85 8.60 87.60
C ILE A 465 22.61 9.95 86.92
N PRO A 466 22.95 10.07 85.63
CA PRO A 466 22.57 11.28 84.88
C PRO A 466 21.25 11.16 84.14
N LEU A 467 20.39 10.21 84.51
CA LEU A 467 19.21 9.88 83.71
C LEU A 467 18.39 11.12 83.40
N LYS A 468 17.72 11.09 82.24
CA LYS A 468 16.89 12.20 81.80
C LYS A 468 15.74 12.44 82.77
N MET B 1 -46.40 49.91 -47.92
CA MET B 1 -46.38 49.96 -49.38
C MET B 1 -45.79 48.68 -49.97
N LYS B 2 -45.00 48.83 -51.03
CA LYS B 2 -44.39 47.70 -51.70
C LYS B 2 -43.04 47.38 -51.08
N TYR B 3 -42.83 46.12 -50.73
CA TYR B 3 -41.56 45.66 -50.19
C TYR B 3 -41.08 44.45 -50.98
N ILE B 4 -39.79 44.42 -51.30
CA ILE B 4 -39.19 43.33 -52.05
C ILE B 4 -38.15 42.66 -51.17
N ALA B 5 -38.28 41.34 -51.00
CA ALA B 5 -37.36 40.55 -50.20
C ALA B 5 -36.70 39.50 -51.10
N ILE B 6 -35.37 39.47 -51.09
CA ILE B 6 -34.60 38.62 -51.99
C ILE B 6 -33.81 37.61 -51.17
N THR B 7 -33.76 36.37 -51.64
CA THR B 7 -32.89 35.35 -51.08
C THR B 7 -32.08 34.73 -52.20
N LEU B 8 -30.85 34.34 -51.88
CA LEU B 8 -29.88 33.95 -52.90
C LEU B 8 -29.28 32.59 -52.59
N GLY B 9 -29.48 31.63 -53.50
CA GLY B 9 -28.61 30.49 -53.68
C GLY B 9 -28.60 29.46 -52.57
N PRO B 10 -28.28 28.22 -52.94
CA PRO B 10 -27.95 27.20 -51.94
C PRO B 10 -26.51 27.34 -51.50
N ILE B 11 -26.31 27.81 -50.28
CA ILE B 11 -24.96 28.12 -49.80
C ILE B 11 -24.28 26.90 -49.19
N THR B 12 -25.00 26.12 -48.39
CA THR B 12 -24.41 24.93 -47.79
C THR B 12 -24.00 23.92 -48.86
N ARG B 13 -24.82 23.77 -49.90
CA ARG B 13 -24.51 22.83 -50.97
C ARG B 13 -23.21 23.22 -51.69
N THR B 14 -23.04 24.51 -51.97
CA THR B 14 -21.80 24.95 -52.61
C THR B 14 -20.62 24.83 -51.66
N ILE B 15 -20.83 25.12 -50.38
CA ILE B 15 -19.76 25.03 -49.39
C ILE B 15 -19.26 23.59 -49.26
N GLU B 16 -20.17 22.62 -49.25
CA GLU B 16 -19.79 21.23 -49.09
C GLU B 16 -19.22 20.63 -50.37
N MET B 17 -19.26 21.35 -51.49
CA MET B 17 -18.55 20.93 -52.69
C MET B 17 -17.08 21.31 -52.65
N ALA B 18 -16.65 22.06 -51.63
CA ALA B 18 -15.28 22.52 -51.53
C ALA B 18 -14.42 21.54 -50.76
N GLU B 19 -13.22 21.27 -51.27
CA GLU B 19 -12.31 20.32 -50.66
C GLU B 19 -11.10 20.96 -49.99
N SER B 20 -10.72 22.17 -50.39
CA SER B 20 -9.59 22.87 -49.81
C SER B 20 -10.05 24.21 -49.26
N THR B 21 -9.10 24.95 -48.68
CA THR B 21 -9.43 26.24 -48.08
C THR B 21 -9.71 27.30 -49.13
N LYS B 22 -8.90 27.35 -50.19
CA LYS B 22 -9.16 28.29 -51.27
C LYS B 22 -10.48 27.98 -51.95
N GLU B 23 -10.84 26.70 -52.05
CA GLU B 23 -12.14 26.33 -52.61
C GLU B 23 -13.28 26.83 -51.72
N LEU B 24 -13.12 26.72 -50.40
CA LEU B 24 -14.16 27.21 -49.50
C LEU B 24 -14.30 28.73 -49.61
N TRP B 25 -13.16 29.44 -49.67
CA TRP B 25 -13.23 30.87 -49.85
C TRP B 25 -13.91 31.23 -51.17
N ALA B 26 -13.61 30.50 -52.23
CA ALA B 26 -14.27 30.74 -53.51
C ALA B 26 -15.77 30.51 -53.40
N ALA B 27 -16.17 29.44 -52.70
CA ALA B 27 -17.59 29.12 -52.57
C ALA B 27 -18.34 30.22 -51.83
N SER B 28 -17.76 30.75 -50.75
CA SER B 28 -18.46 31.80 -50.01
C SER B 28 -18.42 33.14 -50.74
N TYR B 29 -17.28 33.49 -51.30
CA TYR B 29 -17.19 34.76 -52.00
C TYR B 29 -17.97 34.76 -53.30
N PHE B 30 -18.27 33.59 -53.88
CA PHE B 30 -19.14 33.58 -55.03
C PHE B 30 -20.51 34.14 -54.69
N PHE B 31 -21.07 33.72 -53.57
CA PHE B 31 -22.40 34.22 -53.19
C PHE B 31 -22.32 35.64 -52.67
N SER B 32 -21.25 36.02 -51.98
CA SER B 32 -21.09 37.42 -51.61
C SER B 32 -21.01 38.32 -52.85
N TYR B 33 -20.23 37.90 -53.84
CA TYR B 33 -20.09 38.64 -55.09
C TYR B 33 -21.40 38.71 -55.84
N LEU B 34 -22.13 37.60 -55.90
CA LEU B 34 -23.41 37.58 -56.60
C LEU B 34 -24.42 38.51 -55.93
N ALA B 35 -24.48 38.48 -54.59
CA ALA B 35 -25.40 39.37 -53.89
C ALA B 35 -25.03 40.83 -54.12
N LYS B 36 -23.74 41.14 -54.07
CA LYS B 36 -23.28 42.50 -54.32
C LYS B 36 -23.68 42.96 -55.72
N LYS B 37 -23.45 42.11 -56.73
CA LYS B 37 -23.79 42.46 -58.09
C LYS B 37 -25.29 42.64 -58.26
N ILE B 38 -26.09 41.78 -57.64
CA ILE B 38 -27.54 41.87 -57.77
C ILE B 38 -28.06 43.16 -57.14
N VAL B 39 -27.58 43.51 -55.93
CA VAL B 39 -28.10 44.68 -55.24
C VAL B 39 -27.40 45.98 -55.65
N GLU B 40 -26.39 45.91 -56.52
CA GLU B 40 -25.72 47.13 -56.95
C GLU B 40 -26.64 48.17 -57.58
N PRO B 41 -27.52 47.84 -58.54
CA PRO B 41 -28.35 48.90 -59.15
C PRO B 41 -29.25 49.62 -58.15
N PHE B 42 -29.78 48.89 -57.18
CA PHE B 42 -30.71 49.52 -56.24
C PHE B 42 -29.98 50.25 -55.13
N VAL B 43 -28.75 49.83 -54.81
CA VAL B 43 -27.93 50.61 -53.90
C VAL B 43 -27.47 51.91 -54.56
N LYS B 44 -27.18 51.85 -55.86
CA LYS B 44 -26.79 53.06 -56.58
C LYS B 44 -27.92 54.09 -56.58
N LYS B 45 -29.15 53.63 -56.78
CA LYS B 45 -30.30 54.47 -56.49
C LYS B 45 -30.48 54.58 -54.98
N ASN B 46 -31.13 55.66 -54.56
CA ASN B 46 -31.35 55.87 -53.13
C ASN B 46 -32.51 54.98 -52.69
N ARG B 47 -32.19 53.73 -52.38
CA ARG B 47 -33.17 52.75 -51.97
C ARG B 47 -32.99 52.44 -50.49
N THR B 48 -34.07 52.57 -49.72
CA THR B 48 -34.03 52.32 -48.29
C THR B 48 -34.03 50.81 -48.04
N PHE B 49 -32.93 50.31 -47.52
CA PHE B 49 -32.78 48.88 -47.22
C PHE B 49 -33.08 48.67 -45.75
N GLN B 50 -33.99 47.73 -45.46
CA GLN B 50 -34.39 47.49 -44.08
C GLN B 50 -33.52 46.44 -43.40
N LEU B 51 -33.33 45.28 -44.04
CA LEU B 51 -32.62 44.20 -43.39
C LEU B 51 -31.09 44.37 -43.41
N PRO B 52 -30.45 44.54 -44.59
CA PRO B 52 -28.98 44.46 -44.61
C PRO B 52 -28.25 45.70 -44.15
N LEU B 53 -28.83 46.89 -44.37
CA LEU B 53 -28.17 48.17 -44.12
C LEU B 53 -26.86 48.26 -44.93
N ILE B 54 -27.05 48.36 -46.24
CA ILE B 54 -25.92 48.51 -47.15
C ILE B 54 -25.26 49.87 -46.91
N ASN B 55 -23.95 49.87 -46.76
CA ASN B 55 -23.19 51.08 -46.47
C ASN B 55 -22.02 51.18 -47.44
N GLU B 56 -21.45 52.38 -47.53
CA GLU B 56 -20.35 52.61 -48.47
C GLU B 56 -19.10 51.83 -48.10
N GLU B 57 -18.87 51.61 -46.81
CA GLU B 57 -17.71 50.83 -46.40
C GLU B 57 -17.85 49.36 -46.77
N MET B 58 -19.08 48.86 -46.92
CA MET B 58 -19.27 47.48 -47.34
C MET B 58 -18.74 47.25 -48.75
N GLN B 59 -18.96 48.20 -49.66
CA GLN B 59 -18.56 48.02 -51.04
C GLN B 59 -17.05 48.06 -51.21
N LYS B 60 -16.35 48.80 -50.35
CA LYS B 60 -14.91 48.89 -50.48
C LYS B 60 -14.28 47.51 -50.27
N PRO B 61 -13.28 47.15 -51.07
CA PRO B 61 -12.69 45.81 -50.92
C PRO B 61 -11.88 45.68 -49.63
N HIS B 62 -12.43 44.93 -48.69
CA HIS B 62 -11.70 44.51 -47.50
C HIS B 62 -10.82 43.35 -47.90
N CYS B 63 -10.33 42.57 -46.93
CA CYS B 63 -9.67 41.33 -47.28
C CYS B 63 -10.69 40.41 -47.95
N GLY B 64 -10.26 39.24 -48.39
CA GLY B 64 -11.11 38.43 -49.26
C GLY B 64 -12.42 37.98 -48.66
N ALA B 65 -12.74 38.47 -47.46
CA ALA B 65 -14.01 38.15 -46.82
C ALA B 65 -15.18 38.77 -47.58
N GLY B 66 -16.32 38.10 -47.51
CA GLY B 66 -17.56 38.60 -48.09
C GLY B 66 -18.46 39.14 -46.99
N LEU B 67 -18.93 40.38 -47.20
CA LEU B 67 -19.76 41.05 -46.22
C LEU B 67 -21.22 41.13 -46.62
N PHE B 68 -21.57 40.64 -47.80
CA PHE B 68 -22.93 40.76 -48.30
C PHE B 68 -23.71 39.48 -48.02
N PRO B 69 -24.75 39.53 -47.18
CA PRO B 69 -25.50 38.31 -46.86
C PRO B 69 -26.43 37.87 -47.97
N ASP B 70 -27.26 36.86 -47.71
CA ASP B 70 -28.11 36.28 -48.72
C ASP B 70 -29.53 36.85 -48.75
N ARG B 71 -29.94 37.60 -47.74
CA ARG B 71 -31.30 38.11 -47.65
C ARG B 71 -31.31 39.63 -47.63
N TYR B 72 -32.15 40.23 -48.47
CA TYR B 72 -32.24 41.68 -48.60
C TYR B 72 -33.70 42.09 -48.65
N ILE B 73 -34.04 43.14 -47.90
CA ILE B 73 -35.38 43.71 -47.87
C ILE B 73 -35.26 45.21 -48.10
N PHE B 74 -35.85 45.71 -49.18
CA PHE B 74 -35.78 47.13 -49.50
C PHE B 74 -37.13 47.63 -49.99
N LYS B 75 -37.40 48.89 -49.70
CA LYS B 75 -38.67 49.50 -50.12
C LYS B 75 -38.69 49.62 -51.64
N SER B 76 -39.82 49.25 -52.23
CA SER B 76 -39.92 49.13 -53.68
C SER B 76 -40.64 50.31 -54.27
N GLU B 77 -40.15 50.76 -55.43
CA GLU B 77 -40.78 51.76 -56.27
C GLU B 77 -41.29 51.08 -57.54
N PRO B 78 -42.24 51.70 -58.24
CA PRO B 78 -42.80 51.05 -59.45
C PRO B 78 -41.71 50.76 -60.48
N GLY B 79 -41.89 49.65 -61.18
CA GLY B 79 -40.91 49.20 -62.15
C GLY B 79 -39.71 48.49 -61.56
N ASP B 80 -39.76 48.15 -60.27
CA ASP B 80 -38.59 47.56 -59.62
C ASP B 80 -38.46 46.08 -59.95
N LEU B 81 -39.57 45.37 -60.06
CA LEU B 81 -39.52 43.92 -60.26
C LEU B 81 -38.95 43.56 -61.63
N GLU B 82 -39.37 44.28 -62.67
CA GLU B 82 -38.86 43.99 -64.01
C GLU B 82 -37.35 44.26 -64.09
N LEU B 83 -36.92 45.36 -63.48
CA LEU B 83 -35.49 45.68 -63.45
C LEU B 83 -34.72 44.62 -62.67
N LEU B 84 -35.30 44.12 -61.57
CA LEU B 84 -34.64 43.07 -60.81
C LEU B 84 -34.51 41.79 -61.62
N LYS B 85 -35.57 41.40 -62.34
CA LYS B 85 -35.51 40.21 -63.18
C LYS B 85 -34.43 40.35 -64.25
N GLN B 86 -34.44 41.48 -64.97
CA GLN B 86 -33.48 41.69 -66.04
C GLN B 86 -32.05 41.74 -65.51
N HIS B 87 -31.86 42.38 -64.35
CA HIS B 87 -30.52 42.46 -63.79
C HIS B 87 -30.04 41.12 -63.27
N SER B 88 -30.93 40.29 -62.72
CA SER B 88 -30.52 38.95 -62.32
C SER B 88 -30.06 38.15 -63.53
N ASP B 89 -30.82 38.22 -64.62
CA ASP B 89 -30.41 37.53 -65.84
C ASP B 89 -29.07 38.05 -66.34
N GLN B 90 -28.88 39.38 -66.34
CA GLN B 90 -27.65 39.95 -66.86
C GLN B 90 -26.45 39.63 -65.98
N VAL B 91 -26.65 39.60 -64.66
CA VAL B 91 -25.57 39.22 -63.75
C VAL B 91 -25.16 37.78 -63.98
N LEU B 92 -26.14 36.88 -64.16
CA LEU B 92 -25.79 35.50 -64.46
C LEU B 92 -25.07 35.39 -65.80
N ILE B 93 -25.48 36.19 -66.78
CA ILE B 93 -24.80 36.17 -68.08
C ILE B 93 -23.35 36.63 -67.94
N GLU B 94 -23.12 37.69 -67.17
CA GLU B 94 -21.76 38.18 -66.97
C GLU B 94 -20.91 37.15 -66.23
N ILE B 95 -21.47 36.51 -65.20
CA ILE B 95 -20.71 35.51 -64.47
C ILE B 95 -20.36 34.33 -65.37
N ALA B 96 -21.32 33.88 -66.19
CA ALA B 96 -21.05 32.79 -67.11
C ALA B 96 -19.97 33.17 -68.12
N GLY B 97 -20.01 34.41 -68.63
CA GLY B 97 -18.96 34.86 -69.51
C GLY B 97 -17.61 34.93 -68.84
N HIS B 98 -17.58 35.27 -67.55
CA HIS B 98 -16.32 35.27 -66.81
C HIS B 98 -15.78 33.86 -66.62
N ILE B 99 -16.67 32.88 -66.43
CA ILE B 99 -16.21 31.51 -66.21
C ILE B 99 -15.53 30.96 -67.46
N ALA B 100 -16.08 31.25 -68.64
CA ALA B 100 -15.58 30.70 -69.89
C ALA B 100 -14.36 31.45 -70.42
N SER B 101 -13.87 32.46 -69.71
CA SER B 101 -12.73 33.22 -70.21
C SER B 101 -11.50 32.32 -70.30
N PRO B 102 -10.67 32.48 -71.33
CA PRO B 102 -9.49 31.62 -71.49
C PRO B 102 -8.45 31.79 -70.39
N SER B 103 -8.55 32.84 -69.56
CA SER B 103 -7.61 32.99 -68.46
C SER B 103 -7.72 31.84 -67.47
N LEU B 104 -8.87 31.20 -67.38
CA LEU B 104 -9.01 30.03 -66.54
C LEU B 104 -8.51 28.78 -67.25
N PRO B 105 -8.04 27.78 -66.50
CA PRO B 105 -7.52 26.57 -67.14
C PRO B 105 -8.60 25.75 -67.84
N GLY B 106 -8.19 24.67 -68.50
CA GLY B 106 -9.14 23.78 -69.13
C GLY B 106 -9.53 24.21 -70.53
N THR B 107 -10.34 23.35 -71.16
CA THR B 107 -10.80 23.61 -72.52
C THR B 107 -11.76 24.79 -72.54
N ALA B 108 -12.06 25.25 -73.75
CA ALA B 108 -12.97 26.37 -73.94
C ALA B 108 -14.40 25.88 -73.84
N LYS B 109 -15.12 26.35 -72.84
CA LYS B 109 -16.50 25.95 -72.60
C LYS B 109 -17.44 27.01 -73.16
N ASP B 110 -18.60 26.55 -73.64
CA ASP B 110 -19.57 27.45 -74.24
C ASP B 110 -20.33 28.20 -73.15
N VAL B 111 -20.57 29.49 -73.41
CA VAL B 111 -21.19 30.34 -72.40
C VAL B 111 -22.64 29.94 -72.14
N SER B 112 -23.35 29.46 -73.16
CA SER B 112 -24.77 29.15 -73.00
C SER B 112 -24.98 28.01 -72.01
N GLN B 113 -24.15 26.97 -72.08
CA GLN B 113 -24.29 25.86 -71.14
C GLN B 113 -24.02 26.31 -69.71
N ILE B 114 -23.00 27.15 -69.52
CA ILE B 114 -22.69 27.64 -68.18
C ILE B 114 -23.84 28.52 -67.66
N TYR B 115 -24.43 29.33 -68.55
CA TYR B 115 -25.56 30.16 -68.14
C TYR B 115 -26.75 29.30 -67.73
N HIS B 116 -27.04 28.24 -68.49
CA HIS B 116 -28.15 27.36 -68.12
C HIS B 116 -27.86 26.63 -66.82
N TYR B 117 -26.61 26.21 -66.60
CA TYR B 117 -26.23 25.57 -65.35
C TYR B 117 -26.40 26.51 -64.18
N LEU B 118 -25.97 27.77 -64.32
CA LEU B 118 -26.12 28.74 -63.25
C LEU B 118 -27.58 29.04 -62.98
N LYS B 119 -28.39 29.13 -64.04
CA LYS B 119 -29.81 29.36 -63.86
C LYS B 119 -30.49 28.21 -63.13
N SER B 120 -30.12 26.97 -63.46
CA SER B 120 -30.71 25.82 -62.80
C SER B 120 -30.15 25.56 -61.41
N TYR B 121 -28.97 26.10 -61.09
CA TYR B 121 -28.34 25.87 -59.79
C TYR B 121 -28.55 27.03 -58.83
N ILE B 122 -28.24 28.25 -59.25
CA ILE B 122 -28.29 29.39 -58.34
C ILE B 122 -29.74 29.75 -58.08
N LYS B 123 -30.08 29.89 -56.80
CA LYS B 123 -31.42 30.31 -56.39
C LYS B 123 -31.46 31.82 -56.30
N ILE B 124 -32.32 32.44 -57.10
CA ILE B 124 -32.60 33.88 -57.00
C ILE B 124 -34.11 33.98 -56.83
N TYR B 125 -34.56 34.01 -55.59
CA TYR B 125 -35.98 34.09 -55.26
C TYR B 125 -36.27 35.43 -54.62
N PHE B 126 -37.24 36.15 -55.15
CA PHE B 126 -37.66 37.40 -54.55
C PHE B 126 -39.19 37.47 -54.52
N ILE B 127 -39.69 38.26 -53.58
CA ILE B 127 -41.12 38.32 -53.28
C ILE B 127 -41.53 39.78 -53.14
N GLU B 128 -42.69 40.11 -53.70
CA GLU B 128 -43.27 41.45 -53.58
C GLU B 128 -44.48 41.37 -52.66
N ARG B 129 -44.42 42.10 -51.55
CA ARG B 129 -45.48 42.07 -50.55
C ARG B 129 -45.97 43.47 -50.26
N THR B 130 -47.29 43.62 -50.19
CA THR B 130 -47.93 44.88 -49.86
C THR B 130 -48.16 44.91 -48.36
N LEU B 131 -47.31 45.64 -47.65
CA LEU B 131 -47.44 45.82 -46.21
C LEU B 131 -47.91 47.25 -45.93
N GLU B 132 -49.00 47.37 -45.19
CA GLU B 132 -49.51 48.68 -44.79
C GLU B 132 -48.84 49.16 -43.51
N SER B 133 -47.51 49.15 -43.51
CA SER B 133 -46.76 49.55 -42.32
C SER B 133 -45.33 49.90 -42.73
N ASP B 134 -44.88 51.08 -42.32
CA ASP B 134 -43.51 51.49 -42.58
C ASP B 134 -42.54 50.81 -41.61
N ASP B 135 -42.99 50.53 -40.39
CA ASP B 135 -42.13 50.13 -39.30
C ASP B 135 -41.27 48.92 -39.66
N PRO B 136 -39.94 48.99 -39.54
CA PRO B 136 -39.10 47.83 -39.84
C PRO B 136 -39.40 46.62 -38.96
N HIS B 137 -39.82 46.83 -37.71
CA HIS B 137 -40.00 45.71 -36.79
C HIS B 137 -41.12 44.77 -37.22
N VAL B 138 -42.08 45.25 -38.01
CA VAL B 138 -43.14 44.39 -38.50
C VAL B 138 -42.84 43.99 -39.94
N VAL B 139 -42.12 44.85 -40.66
CA VAL B 139 -41.81 44.60 -42.06
C VAL B 139 -40.83 43.44 -42.19
N ILE B 140 -39.76 43.45 -41.40
CA ILE B 140 -38.70 42.45 -41.56
C ILE B 140 -39.21 41.04 -41.26
N PRO B 141 -39.86 40.76 -40.13
CA PRO B 141 -40.39 39.40 -39.92
C PRO B 141 -41.41 38.98 -40.96
N ALA B 142 -42.24 39.91 -41.42
CA ALA B 142 -43.27 39.57 -42.40
C ALA B 142 -42.68 39.05 -43.70
N CYS B 143 -41.60 39.70 -44.17
CA CYS B 143 -40.95 39.22 -45.38
C CYS B 143 -40.08 38.00 -45.12
N GLU B 144 -39.45 37.92 -43.94
CA GLU B 144 -38.56 36.80 -43.65
C GLU B 144 -39.34 35.50 -43.52
N LYS B 145 -40.53 35.54 -42.93
CA LYS B 145 -41.31 34.31 -42.79
C LYS B 145 -41.68 33.74 -44.15
N TYR B 146 -42.01 34.61 -45.10
CA TYR B 146 -42.32 34.14 -46.44
C TYR B 146 -41.07 33.65 -47.16
N LEU B 147 -39.93 34.33 -46.95
CA LEU B 147 -38.67 33.86 -47.54
C LEU B 147 -38.33 32.46 -47.05
N ASN B 148 -38.61 32.17 -45.78
CA ASN B 148 -38.26 30.88 -45.21
C ASN B 148 -38.97 29.74 -45.94
N ILE B 149 -40.27 29.91 -46.24
CA ILE B 149 -40.99 28.90 -46.98
C ILE B 149 -40.70 28.96 -48.47
N ILE B 150 -40.26 30.12 -48.97
CA ILE B 150 -39.83 30.24 -50.35
C ILE B 150 -38.62 29.35 -50.61
N GLU B 151 -37.68 29.32 -49.66
CA GLU B 151 -36.43 28.61 -49.86
C GLU B 151 -36.61 27.10 -50.03
N ASN B 152 -37.77 26.56 -49.67
CA ASN B 152 -37.99 25.12 -49.77
C ASN B 152 -38.23 24.65 -51.19
N GLN B 153 -38.30 25.55 -52.17
CA GLN B 153 -38.43 25.14 -53.56
C GLN B 153 -37.06 24.81 -54.13
N GLU B 154 -36.93 23.59 -54.65
CA GLU B 154 -35.64 23.05 -55.04
C GLU B 154 -35.41 23.19 -56.54
N THR B 155 -34.26 23.75 -56.90
CA THR B 155 -33.80 23.80 -58.29
C THR B 155 -32.41 23.21 -58.37
N PHE B 156 -32.18 22.37 -59.36
CA PHE B 156 -30.88 21.72 -59.51
C PHE B 156 -30.59 21.56 -61.00
N PRO B 157 -29.33 21.44 -61.38
CA PRO B 157 -29.00 20.99 -62.73
C PRO B 157 -29.30 19.50 -62.86
N GLU B 158 -30.16 19.16 -63.82
CA GLU B 158 -30.66 17.79 -63.91
C GLU B 158 -29.53 16.81 -64.25
N GLN B 159 -28.68 17.15 -65.21
CA GLN B 159 -27.61 16.26 -65.64
C GLN B 159 -26.27 16.92 -65.39
N GLU B 160 -25.31 16.13 -64.92
CA GLU B 160 -24.01 16.64 -64.48
C GLU B 160 -22.93 15.66 -64.92
N GLU B 161 -22.24 15.98 -66.01
CA GLU B 161 -21.10 15.18 -66.45
C GLU B 161 -19.86 15.62 -65.71
N THR B 162 -19.16 14.67 -65.10
CA THR B 162 -18.02 14.98 -64.25
C THR B 162 -16.77 14.16 -64.56
N MET B 163 -16.82 13.23 -65.50
CA MET B 163 -15.67 12.38 -65.80
C MET B 163 -14.90 12.83 -67.03
N ILE B 164 -15.59 13.11 -68.13
CA ILE B 164 -14.91 13.49 -69.37
C ILE B 164 -14.22 14.84 -69.19
N SER B 165 -12.97 14.92 -69.61
CA SER B 165 -12.18 16.12 -69.38
C SER B 165 -12.56 17.26 -70.32
N HIS B 166 -13.32 16.99 -71.38
CA HIS B 166 -13.74 18.03 -72.31
C HIS B 166 -15.26 18.12 -72.43
N GLN B 167 -16.00 17.43 -71.56
CA GLN B 167 -17.44 17.59 -71.45
C GLN B 167 -17.84 17.84 -69.99
N LYS B 168 -16.99 18.55 -69.26
CA LYS B 168 -17.20 18.77 -67.82
C LYS B 168 -18.41 19.67 -67.63
N SER B 169 -19.55 19.07 -67.28
CA SER B 169 -20.76 19.84 -66.99
C SER B 169 -20.87 20.14 -65.50
N ASP B 170 -19.79 20.67 -64.92
CA ASP B 170 -19.74 21.02 -63.50
C ASP B 170 -18.92 22.31 -63.41
N PHE B 171 -19.61 23.45 -63.45
CA PHE B 171 -18.94 24.72 -63.66
C PHE B 171 -18.69 25.50 -62.38
N LEU B 172 -19.49 25.31 -61.33
CA LEU B 172 -19.17 25.95 -60.06
C LEU B 172 -18.01 25.25 -59.38
N LYS B 173 -17.96 23.92 -59.46
CA LYS B 173 -16.78 23.20 -58.98
C LYS B 173 -15.55 23.59 -59.78
N PHE B 174 -15.70 23.75 -61.09
CA PHE B 174 -14.58 24.21 -61.91
C PHE B 174 -14.13 25.59 -61.48
N LEU B 175 -15.09 26.50 -61.22
CA LEU B 175 -14.74 27.86 -60.83
C LEU B 175 -14.02 27.89 -59.49
N ILE B 176 -14.51 27.14 -58.50
CA ILE B 176 -13.88 27.16 -57.18
C ILE B 176 -12.51 26.48 -57.23
N THR B 177 -12.39 25.39 -57.99
CA THR B 177 -11.12 24.68 -58.07
C THR B 177 -10.06 25.51 -58.78
N ASN B 178 -10.46 26.30 -59.77
CA ASN B 178 -9.55 27.10 -60.58
C ASN B 178 -9.78 28.59 -60.38
N VAL B 179 -9.97 29.00 -59.12
CA VAL B 179 -10.19 30.40 -58.83
C VAL B 179 -8.92 31.22 -58.90
N ASN B 180 -7.75 30.59 -58.85
CA ASN B 180 -6.48 31.29 -58.94
C ASN B 180 -5.91 31.35 -60.34
N GLY B 181 -6.60 30.78 -61.33
CA GLY B 181 -6.16 30.91 -62.70
C GLY B 181 -4.96 30.01 -62.99
N LYS B 182 -4.06 30.52 -63.83
CA LYS B 182 -2.89 29.78 -64.29
C LYS B 182 -1.61 30.48 -63.81
N ILE B 183 -0.49 29.99 -64.31
CA ILE B 183 0.83 30.56 -64.01
C ILE B 183 1.50 30.92 -65.33
N TYR B 184 2.01 32.14 -65.42
CA TYR B 184 2.67 32.61 -66.63
C TYR B 184 4.11 32.98 -66.32
N ARG B 185 4.99 32.76 -67.31
CA ARG B 185 6.42 32.79 -67.09
C ARG B 185 7.10 33.57 -68.22
N LYS B 186 8.17 34.28 -67.86
CA LYS B 186 9.06 34.92 -68.83
C LYS B 186 10.17 33.94 -69.18
N ASP B 187 11.25 34.42 -69.78
CA ASP B 187 12.37 33.55 -70.11
C ASP B 187 13.19 33.22 -68.86
N LYS B 188 12.52 32.69 -67.83
CA LYS B 188 13.12 32.25 -66.58
C LYS B 188 13.64 33.42 -65.75
N ASN B 189 13.63 34.63 -66.31
CA ASN B 189 14.06 35.82 -65.58
C ASN B 189 12.85 36.57 -65.04
N SER B 190 12.06 35.88 -64.23
CA SER B 190 10.83 36.46 -63.69
C SER B 190 10.41 35.65 -62.47
N ILE B 191 9.30 36.05 -61.87
CA ILE B 191 8.77 35.38 -60.69
C ILE B 191 7.45 34.71 -61.03
N PRO B 192 7.08 33.64 -60.33
CA PRO B 192 5.77 33.01 -60.57
C PRO B 192 4.65 33.93 -60.14
N ARG B 193 3.54 33.89 -60.89
CA ARG B 193 2.33 34.59 -60.50
C ARG B 193 1.11 33.77 -60.88
N PHE B 194 0.03 33.98 -60.13
CA PHE B 194 -1.27 33.42 -60.45
C PHE B 194 -2.06 34.46 -61.23
N THR B 195 -2.63 34.06 -62.37
CA THR B 195 -3.45 34.99 -63.14
C THR B 195 -4.67 35.43 -62.35
N GLY B 196 -5.30 34.51 -61.64
CA GLY B 196 -6.46 34.85 -60.84
C GLY B 196 -7.71 35.03 -61.67
N SER B 197 -8.86 34.68 -61.11
CA SER B 197 -10.13 34.80 -61.81
C SER B 197 -10.78 36.12 -61.43
N PHE B 198 -12.03 36.31 -61.85
CA PHE B 198 -12.75 37.54 -61.53
C PHE B 198 -12.99 37.67 -60.04
N LEU B 199 -13.16 36.55 -59.33
CA LEU B 199 -13.36 36.62 -57.88
C LEU B 199 -12.13 37.16 -57.18
N THR B 200 -10.94 36.69 -57.57
CA THR B 200 -9.72 37.17 -56.94
C THR B 200 -9.47 38.65 -57.26
N ARG B 201 -9.77 39.06 -58.49
CA ARG B 201 -9.62 40.45 -58.86
C ARG B 201 -10.58 41.34 -58.08
N ASP B 202 -11.82 40.88 -57.90
CA ASP B 202 -12.80 41.71 -57.20
C ASP B 202 -12.58 41.74 -55.69
N ALA B 203 -12.14 40.64 -55.10
CA ALA B 203 -12.00 40.57 -53.64
C ALA B 203 -10.72 41.26 -53.19
N PHE B 204 -9.59 40.91 -53.79
CA PHE B 204 -8.30 41.44 -53.38
C PHE B 204 -7.91 42.70 -54.13
N GLY B 205 -8.78 43.21 -54.99
CA GLY B 205 -8.44 44.38 -55.78
C GLY B 205 -7.69 44.01 -57.04
N ASP B 206 -8.05 44.61 -58.16
CA ASP B 206 -7.39 44.29 -59.43
C ASP B 206 -5.91 44.62 -59.38
N MET B 207 -5.56 45.76 -58.77
CA MET B 207 -4.18 46.19 -58.65
C MET B 207 -3.72 46.00 -57.21
N ASN B 208 -2.39 45.97 -57.03
CA ASN B 208 -1.77 45.85 -55.72
C ASN B 208 -2.11 44.54 -55.02
N GLY B 209 -2.36 43.49 -55.80
CA GLY B 209 -2.57 42.18 -55.21
C GLY B 209 -1.25 41.56 -54.82
N GLU B 210 -0.95 41.54 -53.51
CA GLU B 210 0.36 41.09 -53.07
C GLU B 210 0.55 39.60 -53.33
N ARG B 211 -0.41 38.78 -52.91
CA ARG B 211 -0.27 37.33 -53.07
C ARG B 211 -1.61 36.64 -52.85
N LEU B 212 -1.99 35.76 -53.77
CA LEU B 212 -3.22 35.00 -53.65
C LEU B 212 -3.00 33.81 -52.72
N PHE B 213 -4.11 33.19 -52.32
CA PHE B 213 -4.08 32.08 -51.38
C PHE B 213 -4.30 30.77 -52.11
N GLU B 214 -3.42 29.80 -51.87
CA GLU B 214 -3.51 28.52 -52.57
C GLU B 214 -3.64 27.33 -51.65
N SER B 215 -2.81 27.20 -50.62
CA SER B 215 -2.80 26.00 -49.79
C SER B 215 -2.85 26.37 -48.31
N ILE B 216 -3.25 25.39 -47.50
CA ILE B 216 -3.52 25.62 -46.08
C ILE B 216 -2.24 26.01 -45.34
N LEU B 217 -1.10 25.42 -45.74
CA LEU B 217 0.13 25.63 -44.99
C LEU B 217 0.57 27.08 -44.95
N GLU B 218 0.20 27.88 -45.96
CA GLU B 218 0.53 29.30 -45.93
C GLU B 218 -0.11 29.97 -44.73
N ILE B 219 -1.38 29.69 -44.47
CA ILE B 219 -2.06 30.24 -43.30
C ILE B 219 -1.51 29.60 -42.03
N SER B 220 -1.40 28.28 -42.02
CA SER B 220 -1.02 27.58 -40.79
C SER B 220 0.43 27.87 -40.40
N ALA B 221 1.33 27.87 -41.38
CA ALA B 221 2.75 28.10 -41.13
C ALA B 221 3.17 29.54 -41.41
N SER B 222 2.27 30.49 -41.16
CA SER B 222 2.61 31.90 -41.34
C SER B 222 3.37 32.42 -40.13
N GLU B 223 4.40 31.68 -39.70
CA GLU B 223 5.17 32.07 -38.54
C GLU B 223 6.67 32.04 -38.82
N LEU B 224 7.09 31.15 -39.71
CA LEU B 224 8.50 30.97 -39.97
C LEU B 224 9.05 31.95 -41.00
N ASN B 225 8.17 32.71 -41.66
CA ASN B 225 8.56 33.71 -42.65
C ASN B 225 9.47 33.10 -43.72
N ILE B 226 9.08 31.91 -44.19
CA ILE B 226 9.85 31.20 -45.21
C ILE B 226 9.38 31.56 -46.61
N ASN B 227 8.26 32.26 -46.74
CA ASN B 227 7.63 32.53 -48.03
C ASN B 227 7.40 31.20 -48.76
N ILE B 228 6.52 30.40 -48.15
CA ILE B 228 6.26 29.04 -48.62
C ILE B 228 5.82 29.05 -50.07
N GLN B 229 4.90 29.95 -50.42
CA GLN B 229 4.23 29.89 -51.71
C GLN B 229 5.19 30.14 -52.86
N GLN B 230 6.08 31.14 -52.73
CA GLN B 230 6.97 31.44 -53.84
C GLN B 230 7.98 30.31 -54.09
N LYS B 231 8.52 29.74 -53.01
CA LYS B 231 9.45 28.62 -53.17
C LYS B 231 8.77 27.43 -53.80
N ALA B 232 7.60 27.05 -53.28
CA ALA B 232 6.87 25.92 -53.83
C ALA B 232 6.47 26.17 -55.28
N LEU B 233 6.12 27.42 -55.60
CA LEU B 233 5.69 27.73 -56.95
C LEU B 233 6.84 27.64 -57.94
N GLU B 234 8.03 28.11 -57.55
CA GLU B 234 9.16 27.95 -58.44
C GLU B 234 9.61 26.50 -58.54
N VAL B 235 9.38 25.69 -57.50
CA VAL B 235 9.62 24.25 -57.59
C VAL B 235 8.65 23.61 -58.60
N ILE B 236 7.36 23.91 -58.49
CA ILE B 236 6.37 23.27 -59.34
C ILE B 236 6.48 23.75 -60.78
N THR B 237 6.93 24.99 -61.00
CA THR B 237 7.13 25.45 -62.37
C THR B 237 8.40 24.87 -62.97
N ALA B 238 9.46 24.74 -62.16
CA ALA B 238 10.66 24.09 -62.65
C ALA B 238 10.49 22.59 -62.84
N ASN B 239 9.41 22.01 -62.31
CA ASN B 239 9.12 20.60 -62.55
C ASN B 239 9.06 20.33 -64.05
N GLU B 240 8.13 20.98 -64.75
CA GLU B 240 8.00 20.81 -66.19
C GLU B 240 7.73 22.14 -66.88
N LYS B 246 -5.16 20.92 -60.70
CA LYS B 246 -3.90 20.54 -61.32
C LYS B 246 -2.72 20.99 -60.47
N TYR B 247 -2.56 22.30 -60.32
CA TYR B 247 -1.46 22.84 -59.53
C TYR B 247 -1.74 22.84 -58.04
N SER B 248 -3.00 22.63 -57.62
CA SER B 248 -3.33 22.68 -56.21
C SER B 248 -2.63 21.58 -55.43
N ASP B 249 -2.77 20.33 -55.87
CA ASP B 249 -2.16 19.23 -55.14
C ASP B 249 -0.64 19.25 -55.23
N GLN B 250 -0.11 19.59 -56.41
CA GLN B 250 1.34 19.65 -56.56
C GLN B 250 1.93 20.74 -55.68
N ILE B 251 1.29 21.91 -55.64
CA ILE B 251 1.80 22.97 -54.78
C ILE B 251 1.64 22.61 -53.30
N TRP B 252 0.57 21.89 -52.96
CA TRP B 252 0.40 21.43 -51.58
C TRP B 252 1.54 20.50 -51.17
N ASP B 253 1.85 19.53 -52.03
CA ASP B 253 2.93 18.60 -51.74
C ASP B 253 4.28 19.30 -51.70
N ALA B 254 4.50 20.27 -52.60
CA ALA B 254 5.76 21.01 -52.59
C ALA B 254 5.90 21.83 -51.32
N GLU B 255 4.81 22.46 -50.87
CA GLU B 255 4.84 23.21 -49.62
C GLU B 255 5.13 22.29 -48.45
N GLU B 256 4.53 21.10 -48.45
CA GLU B 256 4.85 20.11 -47.41
C GLU B 256 6.33 19.74 -47.43
N ILE B 257 6.89 19.52 -48.62
CA ILE B 257 8.29 19.10 -48.72
C ILE B 257 9.21 20.20 -48.21
N ILE B 258 8.95 21.45 -48.61
CA ILE B 258 9.82 22.53 -48.17
C ILE B 258 9.59 22.88 -46.72
N LEU B 259 8.42 22.56 -46.17
CA LEU B 259 8.20 22.73 -44.74
C LEU B 259 8.98 21.68 -43.95
N ASN B 260 9.00 20.44 -44.44
CA ASN B 260 9.81 19.40 -43.80
C ASN B 260 11.29 19.68 -43.94
N ASP B 261 11.70 20.36 -45.01
CA ASP B 261 13.13 20.57 -45.26
C ASP B 261 13.77 21.37 -44.13
N ASN B 262 13.09 22.42 -43.67
CA ASN B 262 13.60 23.24 -42.57
C ASN B 262 12.81 22.89 -41.32
N LYS B 263 13.27 21.82 -40.65
CA LYS B 263 12.62 21.35 -39.44
C LYS B 263 13.14 22.03 -38.18
N ALA B 264 14.12 22.92 -38.31
CA ALA B 264 14.70 23.57 -37.14
C ALA B 264 13.72 24.50 -36.45
N GLN B 265 12.68 24.96 -37.13
CA GLN B 265 11.69 25.85 -36.54
C GLN B 265 10.26 25.34 -36.74
N LEU B 266 10.08 24.11 -37.20
CA LEU B 266 8.75 23.58 -37.50
C LEU B 266 8.18 22.94 -36.24
N ARG B 267 7.18 23.57 -35.67
CA ARG B 267 6.40 23.04 -34.57
C ARG B 267 5.24 22.21 -35.11
N PRO B 268 4.77 21.20 -34.36
CA PRO B 268 3.76 20.29 -34.92
C PRO B 268 2.45 20.97 -35.30
N TYR B 269 2.12 22.10 -34.67
CA TYR B 269 0.86 22.76 -34.97
C TYR B 269 0.91 23.60 -36.24
N HIS B 270 2.07 23.73 -36.87
CA HIS B 270 2.16 24.42 -38.14
C HIS B 270 1.50 23.64 -39.27
N LYS B 271 1.15 22.37 -39.06
CA LYS B 271 0.40 21.59 -40.02
C LYS B 271 -1.07 21.42 -39.62
N TYR B 272 -1.51 22.12 -38.59
CA TYR B 272 -2.89 22.07 -38.13
C TYR B 272 -3.56 23.41 -38.38
N ILE B 273 -4.84 23.37 -38.73
CA ILE B 273 -5.59 24.57 -39.05
C ILE B 273 -6.79 24.67 -38.12
N ALA B 274 -7.25 25.90 -37.89
CA ALA B 274 -8.37 26.17 -37.00
C ALA B 274 -9.52 26.72 -37.81
N ILE B 275 -10.71 26.18 -37.58
CA ILE B 275 -11.95 26.65 -38.19
C ILE B 275 -12.78 27.31 -37.10
N ILE B 276 -13.09 28.58 -37.29
CA ILE B 276 -13.83 29.37 -36.32
C ILE B 276 -15.19 29.69 -36.93
N LYS B 277 -16.25 29.35 -36.21
CA LYS B 277 -17.61 29.65 -36.64
C LYS B 277 -18.37 30.26 -35.47
N SER B 278 -19.13 31.31 -35.76
CA SER B 278 -19.84 32.03 -34.72
C SER B 278 -21.26 32.33 -35.17
N ASP B 279 -22.13 32.51 -34.18
CA ASP B 279 -23.52 32.87 -34.43
C ASP B 279 -24.01 33.71 -33.27
N GLY B 280 -24.84 34.70 -33.56
CA GLY B 280 -25.33 35.60 -32.53
C GLY B 280 -26.40 34.92 -31.70
N ASP B 281 -26.26 34.99 -30.38
CA ASP B 281 -27.19 34.37 -29.46
C ASP B 281 -28.11 35.42 -28.87
N SER B 282 -29.41 35.09 -28.83
CA SER B 282 -30.45 35.97 -28.28
C SER B 282 -30.55 37.27 -29.06
N MET B 283 -30.26 37.23 -30.35
CA MET B 283 -30.46 38.41 -31.20
C MET B 283 -31.93 38.62 -31.53
N GLY B 284 -32.70 37.54 -31.69
CA GLY B 284 -34.13 37.69 -31.89
C GLY B 284 -34.84 38.25 -30.67
N GLU B 285 -34.45 37.80 -29.48
CA GLU B 285 -35.00 38.37 -28.26
C GLU B 285 -34.62 39.83 -28.12
N THR B 286 -33.39 40.17 -28.52
CA THR B 286 -32.98 41.57 -28.52
C THR B 286 -33.81 42.40 -29.50
N ILE B 287 -34.15 41.82 -30.65
CA ILE B 287 -34.99 42.54 -31.60
C ILE B 287 -36.40 42.74 -31.03
N LYS B 288 -36.91 41.73 -30.33
CA LYS B 288 -38.22 41.88 -29.69
C LYS B 288 -38.18 42.94 -28.59
N SER B 289 -37.11 42.98 -27.81
CA SER B 289 -36.98 43.99 -26.77
C SER B 289 -36.81 45.39 -27.35
N MET B 290 -36.17 45.49 -28.51
CA MET B 290 -36.12 46.75 -29.24
C MET B 290 -37.50 47.13 -29.74
N GLY B 291 -38.28 46.15 -30.18
CA GLY B 291 -39.64 46.44 -30.59
C GLY B 291 -40.49 46.96 -29.44
N ALA B 292 -40.34 46.38 -28.26
CA ALA B 292 -41.10 46.86 -27.11
C ALA B 292 -40.60 48.23 -26.66
N TYR B 293 -39.33 48.31 -26.26
CA TYR B 293 -38.71 49.58 -25.88
C TYR B 293 -38.23 50.24 -27.16
N ASN B 294 -38.99 51.23 -27.64
CA ASN B 294 -38.83 51.75 -29.00
C ASN B 294 -37.40 52.22 -29.29
N ILE B 295 -36.73 51.53 -30.22
CA ILE B 295 -35.40 51.89 -30.70
C ILE B 295 -35.25 51.16 -32.03
N PRO B 296 -34.95 51.85 -33.14
CA PRO B 296 -34.96 51.17 -34.44
C PRO B 296 -33.86 50.13 -34.59
N ILE B 297 -34.10 49.19 -35.50
CA ILE B 297 -33.18 48.10 -35.77
C ILE B 297 -31.92 48.55 -36.50
N THR B 298 -31.93 49.78 -37.03
CA THR B 298 -30.75 50.28 -37.73
C THR B 298 -29.55 50.40 -36.80
N GLN B 299 -29.78 50.62 -35.50
CA GLN B 299 -28.67 50.66 -34.56
C GLN B 299 -28.04 49.29 -34.38
N LEU B 300 -28.85 48.23 -34.30
CA LEU B 300 -28.29 46.89 -34.23
C LEU B 300 -27.55 46.54 -35.51
N SER B 301 -28.11 46.92 -36.67
CA SER B 301 -27.42 46.67 -37.92
C SER B 301 -26.08 47.42 -37.98
N LYS B 302 -26.06 48.65 -37.49
CA LYS B 302 -24.83 49.44 -37.48
C LYS B 302 -23.78 48.82 -36.57
N ALA B 303 -24.20 48.36 -35.40
CA ALA B 303 -23.28 47.67 -34.49
C ALA B 303 -22.73 46.41 -35.15
N LEU B 304 -23.59 45.65 -35.84
CA LEU B 304 -23.13 44.45 -36.52
C LEU B 304 -22.13 44.78 -37.61
N LEU B 305 -22.38 45.85 -38.38
CA LEU B 305 -21.46 46.23 -39.44
C LEU B 305 -20.10 46.66 -38.89
N SER B 306 -20.10 47.48 -37.83
CA SER B 306 -18.85 47.88 -37.22
C SER B 306 -18.10 46.68 -36.67
N PHE B 307 -18.82 45.75 -36.04
CA PHE B 307 -18.20 44.52 -35.58
C PHE B 307 -17.61 43.73 -36.73
N ASN B 308 -18.31 43.67 -37.86
CA ASN B 308 -17.81 42.93 -39.01
C ASN B 308 -16.48 43.51 -39.49
N ILE B 309 -16.43 44.85 -39.62
CA ILE B 309 -15.22 45.48 -40.13
C ILE B 309 -14.05 45.28 -39.16
N GLU B 310 -14.29 45.56 -37.86
CA GLU B 310 -13.21 45.42 -36.90
C GLU B 310 -12.81 43.97 -36.69
N SER B 311 -13.74 43.03 -36.87
CA SER B 311 -13.40 41.62 -36.77
C SER B 311 -12.57 41.18 -37.96
N ILE B 312 -12.87 41.71 -39.14
CA ILE B 312 -12.01 41.44 -40.30
C ILE B 312 -10.60 41.94 -40.02
N ASN B 313 -10.48 43.14 -39.47
CA ASN B 313 -9.16 43.67 -39.15
C ASN B 313 -8.44 42.82 -38.10
N GLU B 314 -9.18 42.35 -37.08
CA GLU B 314 -8.58 41.51 -36.05
C GLU B 314 -8.12 40.18 -36.63
N ILE B 315 -8.92 39.56 -37.49
CA ILE B 315 -8.58 38.27 -38.07
C ILE B 315 -7.39 38.41 -39.01
N VAL B 316 -7.30 39.52 -39.73
CA VAL B 316 -6.18 39.73 -40.64
C VAL B 316 -4.90 40.02 -39.86
N ALA B 317 -5.00 40.83 -38.79
CA ALA B 317 -3.81 41.17 -38.00
C ALA B 317 -3.20 39.93 -37.36
N TYR B 318 -4.04 39.13 -36.69
CA TYR B 318 -3.65 37.78 -36.35
C TYR B 318 -3.44 36.98 -37.63
N GLY B 319 -2.56 36.00 -37.58
CA GLY B 319 -2.40 35.15 -38.74
C GLY B 319 -3.71 34.47 -39.05
N GLY B 320 -4.30 34.72 -40.21
CA GLY B 320 -5.57 34.10 -40.52
C GLY B 320 -6.22 34.72 -41.72
N LYS B 321 -7.31 34.09 -42.14
CA LYS B 321 -8.06 34.50 -43.32
C LYS B 321 -9.56 34.49 -43.04
N PRO B 322 -10.24 35.61 -43.21
CA PRO B 322 -11.70 35.60 -43.10
C PRO B 322 -12.35 35.10 -44.39
N ILE B 323 -13.45 34.39 -44.23
CA ILE B 323 -14.22 33.87 -45.36
C ILE B 323 -15.57 34.55 -45.47
N PHE B 324 -16.41 34.45 -44.45
CA PHE B 324 -17.69 35.14 -44.42
C PHE B 324 -17.81 35.90 -43.11
N ILE B 325 -17.99 37.22 -43.20
CA ILE B 325 -18.24 38.07 -42.05
C ILE B 325 -19.48 38.89 -42.38
N GLY B 326 -20.65 38.35 -42.06
CA GLY B 326 -21.89 39.08 -42.28
C GLY B 326 -22.82 38.99 -41.09
N GLY B 327 -23.16 40.13 -40.51
CA GLY B 327 -24.00 40.12 -39.33
C GLY B 327 -23.34 39.35 -38.21
N ASP B 328 -24.06 38.36 -37.68
CA ASP B 328 -23.56 37.54 -36.60
C ASP B 328 -22.73 36.37 -37.07
N ASP B 329 -22.88 35.95 -38.33
CA ASP B 329 -22.19 34.78 -38.84
C ASP B 329 -20.72 35.09 -39.11
N LEU B 330 -19.84 34.23 -38.64
CA LEU B 330 -18.40 34.37 -38.85
C LEU B 330 -17.83 33.03 -39.27
N LEU B 331 -16.92 33.07 -40.24
CA LEU B 331 -16.20 31.87 -40.66
C LEU B 331 -14.79 32.29 -41.07
N CYS B 332 -13.80 31.88 -40.29
CA CYS B 332 -12.42 32.26 -40.56
C CYS B 332 -11.51 31.06 -40.33
N PHE B 333 -10.42 31.03 -41.09
CA PHE B 333 -9.36 30.05 -40.92
C PHE B 333 -8.13 30.74 -40.37
N ALA B 334 -7.63 30.24 -39.25
CA ALA B 334 -6.43 30.77 -38.64
C ALA B 334 -5.53 29.61 -38.25
N PRO B 335 -4.23 29.86 -38.19
CA PRO B 335 -3.33 28.90 -37.54
C PRO B 335 -3.57 28.89 -36.05
N VAL B 336 -3.11 27.81 -35.41
CA VAL B 336 -3.31 27.69 -33.98
C VAL B 336 -2.56 28.80 -33.24
N CYS B 337 -1.37 29.16 -33.70
CA CYS B 337 -0.60 30.22 -33.07
C CYS B 337 0.12 31.07 -34.11
N CYS B 338 0.33 32.34 -33.77
CA CYS B 338 1.14 33.26 -34.55
C CYS B 338 1.71 34.35 -33.64
N ASN B 339 3.03 34.49 -33.63
CA ASN B 339 3.72 35.50 -32.83
C ASN B 339 3.36 35.38 -31.36
N GLY B 340 3.23 34.15 -30.89
CA GLY B 340 2.91 33.89 -29.50
C GLY B 340 1.44 34.07 -29.15
N ASN B 341 0.60 34.43 -30.11
CA ASN B 341 -0.84 34.55 -29.89
C ASN B 341 -1.51 33.27 -30.35
N ASN B 342 -2.34 32.70 -29.48
CA ASN B 342 -3.10 31.52 -29.85
C ASN B 342 -4.48 31.91 -30.38
N VAL B 343 -5.16 30.94 -30.99
CA VAL B 343 -6.46 31.19 -31.58
C VAL B 343 -7.49 31.56 -30.52
N PHE B 344 -7.28 31.13 -29.28
CA PHE B 344 -8.18 31.49 -28.19
C PHE B 344 -8.09 32.96 -27.83
N ASN B 345 -6.90 33.56 -27.97
CA ASN B 345 -6.79 35.01 -27.85
C ASN B 345 -7.58 35.71 -28.95
N LEU B 346 -7.60 35.13 -30.15
CA LEU B 346 -8.42 35.69 -31.23
C LEU B 346 -9.90 35.59 -30.91
N VAL B 347 -10.32 34.46 -30.33
CA VAL B 347 -11.72 34.31 -29.93
C VAL B 347 -12.09 35.32 -28.86
N GLU B 348 -11.19 35.52 -27.89
CA GLU B 348 -11.42 36.55 -26.86
C GLU B 348 -11.49 37.93 -27.48
N LYS B 349 -10.60 38.23 -28.43
CA LYS B 349 -10.60 39.54 -29.07
C LYS B 349 -11.86 39.78 -29.87
N LEU B 350 -12.39 38.77 -30.54
CA LEU B 350 -13.63 38.90 -31.28
C LEU B 350 -14.85 39.00 -30.38
N SER B 351 -14.87 38.27 -29.27
CA SER B 351 -15.93 38.45 -28.29
C SER B 351 -15.91 39.87 -27.73
N THR B 352 -14.72 40.37 -27.42
CA THR B 352 -14.59 41.74 -26.92
C THR B 352 -15.01 42.75 -27.96
N CYS B 353 -14.66 42.53 -29.24
CA CYS B 353 -15.09 43.45 -30.29
C CYS B 353 -16.60 43.48 -30.42
N PHE B 354 -17.24 42.30 -30.40
CA PHE B 354 -18.70 42.26 -30.50
C PHE B 354 -19.36 42.95 -29.32
N ASP B 355 -18.88 42.67 -28.11
CA ASP B 355 -19.48 43.26 -26.92
C ASP B 355 -19.24 44.77 -26.87
N GLN B 356 -18.05 45.21 -27.26
CA GLN B 356 -17.74 46.64 -27.29
C GLN B 356 -18.55 47.37 -28.35
N CYS B 357 -18.77 46.75 -29.52
CA CYS B 357 -19.59 47.39 -30.52
C CYS B 357 -21.04 47.48 -30.10
N ILE B 358 -21.56 46.42 -29.47
CA ILE B 358 -22.90 46.47 -28.91
C ILE B 358 -23.03 47.58 -27.88
N ASN B 359 -22.04 47.67 -26.97
CA ASN B 359 -22.05 48.73 -25.97
C ASN B 359 -21.98 50.10 -26.61
N GLN B 360 -21.17 50.25 -27.65
CA GLN B 360 -20.97 51.54 -28.28
C GLN B 360 -22.24 52.03 -28.98
N HIS B 361 -22.86 51.19 -29.80
CA HIS B 361 -23.98 51.63 -30.61
C HIS B 361 -25.35 51.36 -30.00
N LEU B 362 -25.44 50.49 -29.00
CA LEU B 362 -26.71 50.20 -28.33
C LEU B 362 -26.79 50.85 -26.95
N GLN B 363 -26.23 52.04 -26.79
CA GLN B 363 -26.32 52.74 -25.51
C GLN B 363 -27.75 53.09 -25.17
N GLN B 364 -28.54 53.49 -26.17
CA GLN B 364 -29.91 53.93 -25.90
C GLN B 364 -30.75 52.78 -25.34
N TYR B 365 -30.66 51.60 -25.95
CA TYR B 365 -31.42 50.46 -25.45
C TYR B 365 -30.87 49.98 -24.11
N ILE B 366 -29.55 50.02 -23.94
CA ILE B 366 -28.94 49.55 -22.70
C ILE B 366 -29.39 50.41 -21.52
N ASN B 367 -29.33 51.74 -21.69
CA ASN B 367 -29.70 52.61 -20.58
C ASN B 367 -31.21 52.74 -20.42
N ALA B 368 -31.97 52.57 -21.50
CA ALA B 368 -33.43 52.60 -21.36
C ALA B 368 -33.94 51.37 -20.61
N CYS B 369 -33.48 50.19 -21.00
CA CYS B 369 -33.96 48.96 -20.40
C CYS B 369 -33.40 48.76 -18.99
N SER B 370 -34.21 48.13 -18.14
CA SER B 370 -33.75 47.77 -16.81
C SER B 370 -32.78 46.61 -16.89
N GLU B 371 -31.97 46.47 -15.84
CA GLU B 371 -30.98 45.40 -15.79
C GLU B 371 -31.61 44.04 -15.53
N ALA B 372 -32.90 43.99 -15.18
CA ALA B 372 -33.52 42.72 -14.84
C ALA B 372 -33.59 41.79 -16.04
N GLN B 373 -34.11 42.29 -17.16
CA GLN B 373 -34.28 41.44 -18.35
C GLN B 373 -33.07 41.55 -19.28
N ARG B 374 -32.89 42.73 -19.88
CA ARG B 374 -31.72 43.16 -20.67
C ARG B 374 -31.05 41.97 -21.35
N PRO B 375 -31.71 41.32 -22.32
CA PRO B 375 -31.11 40.12 -22.93
C PRO B 375 -29.73 40.36 -23.53
N LEU B 376 -29.64 41.28 -24.48
CA LEU B 376 -28.42 41.66 -25.20
C LEU B 376 -27.91 40.51 -26.06
N PRO B 377 -27.33 40.79 -27.21
CA PRO B 377 -26.73 39.73 -28.01
C PRO B 377 -25.38 39.30 -27.46
N SER B 378 -25.00 38.07 -27.82
CA SER B 378 -23.72 37.51 -27.42
C SER B 378 -23.26 36.53 -28.49
N LEU B 379 -21.95 36.38 -28.61
CA LEU B 379 -21.35 35.58 -29.67
C LEU B 379 -20.99 34.20 -29.13
N SER B 380 -21.54 33.17 -29.76
CA SER B 380 -21.19 31.78 -29.45
C SER B 380 -20.24 31.27 -30.52
N PHE B 381 -19.17 30.61 -30.10
CA PHE B 381 -18.08 30.21 -30.98
C PHE B 381 -17.91 28.70 -31.01
N GLY B 382 -17.55 28.19 -32.19
CA GLY B 382 -17.18 26.80 -32.35
C GLY B 382 -15.86 26.66 -33.07
N ILE B 383 -14.85 26.10 -32.40
CA ILE B 383 -13.49 26.03 -32.90
C ILE B 383 -13.16 24.58 -33.21
N SER B 384 -12.68 24.32 -34.43
CA SER B 384 -12.24 22.99 -34.82
C SER B 384 -10.79 23.07 -35.29
N ILE B 385 -9.93 22.29 -34.65
CA ILE B 385 -8.52 22.19 -35.03
C ILE B 385 -8.31 20.81 -35.62
N THR B 386 -7.85 20.76 -36.87
CA THR B 386 -7.69 19.50 -37.58
C THR B 386 -6.42 19.55 -38.40
N TYR B 387 -5.95 18.37 -38.79
CA TYR B 387 -4.81 18.26 -39.67
C TYR B 387 -5.13 18.89 -41.02
N HIS B 388 -4.11 19.49 -41.64
CA HIS B 388 -4.34 20.17 -42.91
C HIS B 388 -4.78 19.20 -44.01
N LYS B 389 -4.39 17.93 -43.90
CA LYS B 389 -4.83 16.91 -44.84
C LYS B 389 -6.17 16.30 -44.46
N TYR B 390 -6.71 16.62 -43.29
CA TYR B 390 -8.04 16.15 -42.94
C TYR B 390 -9.06 16.71 -43.93
N PRO B 391 -10.01 15.89 -44.39
CA PRO B 391 -10.97 16.37 -45.39
C PRO B 391 -11.71 17.60 -44.89
N MET B 392 -11.87 18.57 -45.78
CA MET B 392 -12.50 19.83 -45.40
C MET B 392 -13.97 19.65 -45.10
N PHE B 393 -14.64 18.75 -45.82
CA PHE B 393 -16.06 18.49 -45.56
C PHE B 393 -16.27 18.02 -44.13
N GLU B 394 -15.43 17.09 -43.66
CA GLU B 394 -15.60 16.55 -42.31
C GLU B 394 -15.28 17.60 -41.25
N ALA B 395 -14.22 18.38 -41.47
CA ALA B 395 -13.88 19.44 -40.51
C ALA B 395 -14.97 20.50 -40.45
N LEU B 396 -15.56 20.84 -41.58
CA LEU B 396 -16.66 21.80 -41.60
C LEU B 396 -17.88 21.23 -40.86
N HIS B 397 -18.19 19.95 -41.07
CA HIS B 397 -19.28 19.35 -40.33
C HIS B 397 -19.00 19.33 -38.83
N THR B 398 -17.74 19.09 -38.46
CA THR B 398 -17.37 19.13 -37.04
C THR B 398 -17.58 20.52 -36.46
N THR B 399 -17.17 21.56 -37.20
CA THR B 399 -17.37 22.92 -36.72
C THR B 399 -18.85 23.26 -36.59
N ASP B 400 -19.66 22.85 -37.57
CA ASP B 400 -21.10 23.07 -37.50
C ASP B 400 -21.70 22.36 -36.31
N TYR B 401 -21.31 21.11 -36.07
CA TYR B 401 -21.81 20.38 -34.91
C TYR B 401 -21.44 21.09 -33.62
N LEU B 402 -20.17 21.48 -33.49
CA LEU B 402 -19.74 22.22 -32.31
C LEU B 402 -20.65 23.41 -32.07
N LEU B 403 -20.67 24.34 -33.03
CA LEU B 403 -21.45 25.57 -32.87
C LEU B 403 -22.91 25.24 -32.53
N GLU B 404 -23.62 24.62 -33.48
CA GLU B 404 -25.04 24.39 -33.31
C GLU B 404 -25.33 23.56 -32.06
N MET B 405 -24.87 22.32 -32.04
CA MET B 405 -25.33 21.38 -31.01
C MET B 405 -24.78 21.75 -29.63
N VAL B 406 -23.50 22.07 -29.53
CA VAL B 406 -22.88 22.27 -28.23
C VAL B 406 -22.86 23.73 -27.82
N ALA B 407 -22.44 24.62 -28.72
CA ALA B 407 -22.29 26.02 -28.34
C ALA B 407 -23.66 26.69 -28.17
N LYS B 408 -24.60 26.38 -29.04
CA LYS B 408 -25.96 26.90 -28.95
C LYS B 408 -26.89 25.98 -28.18
N ASP B 409 -26.36 24.87 -27.67
CA ASP B 409 -27.15 23.87 -26.93
C ASP B 409 -28.34 23.37 -27.74
N ASN B 410 -28.15 23.27 -29.06
CA ASN B 410 -29.24 22.82 -29.91
C ASN B 410 -29.50 21.33 -29.80
N LEU B 411 -28.55 20.55 -29.29
CA LEU B 411 -28.80 19.13 -29.09
C LEU B 411 -29.97 18.92 -28.14
N PHE B 412 -29.98 19.66 -27.03
CA PHE B 412 -31.08 19.61 -26.08
C PHE B 412 -32.39 20.00 -26.77
N LYS B 413 -32.38 21.12 -27.50
CA LYS B 413 -33.61 21.62 -28.10
C LYS B 413 -34.15 20.66 -29.15
N TYR B 414 -33.28 20.12 -30.00
CA TYR B 414 -33.76 19.19 -31.02
C TYR B 414 -34.22 17.87 -30.42
N THR B 415 -33.50 17.35 -29.44
CA THR B 415 -33.96 16.11 -28.82
C THR B 415 -35.32 16.28 -28.18
N LEU B 416 -35.53 17.40 -27.48
CA LEU B 416 -36.83 17.64 -26.86
C LEU B 416 -37.92 17.87 -27.90
N SER B 417 -37.61 18.65 -28.95
CA SER B 417 -38.63 19.08 -29.90
C SER B 417 -39.05 17.95 -30.83
N ASN B 418 -38.09 17.10 -31.25
CA ASN B 418 -38.43 15.99 -32.11
C ASN B 418 -39.30 14.95 -31.40
N LYS B 419 -39.32 14.97 -30.08
CA LYS B 419 -40.23 14.15 -29.30
C LYS B 419 -41.38 14.95 -28.71
N ASN B 420 -41.56 16.21 -29.16
CA ASN B 420 -42.67 17.07 -28.78
C ASN B 420 -42.70 17.30 -27.27
N ILE B 421 -41.54 17.63 -26.71
CA ILE B 421 -41.42 17.98 -25.30
C ILE B 421 -40.94 19.43 -25.20
N LEU B 422 -41.41 20.27 -26.12
CA LEU B 422 -41.02 21.68 -26.13
C LEU B 422 -41.11 22.28 -24.73
N ASN B 423 -42.31 22.32 -24.15
CA ASN B 423 -42.48 22.38 -22.70
C ASN B 423 -41.74 23.58 -22.09
N GLU B 424 -42.31 24.76 -22.31
CA GLU B 424 -41.69 26.05 -21.95
C GLU B 424 -40.93 26.00 -20.63
N ASN B 425 -41.39 25.17 -19.70
CA ASN B 425 -40.58 24.84 -18.52
C ASN B 425 -39.18 24.40 -18.94
N MET B 426 -39.09 23.51 -19.93
CA MET B 426 -37.79 23.09 -20.43
C MET B 426 -37.12 24.14 -21.32
N LYS B 427 -37.92 24.98 -21.98
CA LYS B 427 -37.35 26.09 -22.73
C LYS B 427 -36.64 27.07 -21.81
N ARG B 428 -37.01 27.11 -20.52
CA ARG B 428 -36.32 27.93 -19.55
C ARG B 428 -34.88 27.48 -19.32
N PHE B 429 -34.51 26.28 -19.75
CA PHE B 429 -33.22 25.69 -19.44
C PHE B 429 -32.21 25.79 -20.58
N ILE B 430 -32.49 26.57 -21.62
CA ILE B 430 -31.63 26.63 -22.78
C ILE B 430 -30.40 27.48 -22.46
N LEU B 431 -29.22 26.93 -22.72
CA LEU B 431 -27.97 27.60 -22.39
C LEU B 431 -27.49 28.47 -23.54
N LYS B 432 -26.87 29.59 -23.19
CA LYS B 432 -26.44 30.58 -24.17
C LYS B 432 -25.02 31.03 -23.86
N ASN B 433 -24.40 31.67 -24.86
CA ASN B 433 -23.08 32.29 -24.71
C ASN B 433 -22.03 31.26 -24.30
N LYS B 434 -21.78 30.33 -25.22
CA LYS B 434 -20.90 29.21 -24.96
C LYS B 434 -19.79 29.14 -26.01
N LEU B 435 -18.71 28.47 -25.63
CA LEU B 435 -17.57 28.23 -26.51
C LEU B 435 -17.39 26.73 -26.67
N ALA B 436 -17.35 26.26 -27.91
CA ALA B 436 -17.23 24.85 -28.22
C ALA B 436 -15.91 24.61 -28.94
N PHE B 437 -15.13 23.67 -28.42
CA PHE B 437 -13.77 23.43 -28.87
C PHE B 437 -13.61 21.96 -29.24
N SER B 438 -12.78 21.70 -30.25
CA SER B 438 -12.49 20.33 -30.65
C SER B 438 -11.11 20.27 -31.28
N LEU B 439 -10.32 19.28 -30.89
CA LEU B 439 -8.99 19.08 -31.43
C LEU B 439 -8.86 17.64 -31.90
N GLN B 440 -8.49 17.46 -33.17
CA GLN B 440 -8.22 16.14 -33.73
C GLN B 440 -6.78 16.10 -34.21
N LYS B 441 -5.97 15.26 -33.57
CA LYS B 441 -4.58 15.11 -33.96
C LYS B 441 -4.48 14.21 -35.19
N HIS B 442 -3.27 14.08 -35.73
CA HIS B 442 -3.06 13.16 -36.83
C HIS B 442 -2.84 11.75 -36.29
N SER B 443 -3.71 11.35 -35.36
CA SER B 443 -3.71 9.99 -34.84
C SER B 443 -5.10 9.41 -34.67
N GLY B 444 -6.15 10.23 -34.75
CA GLY B 444 -7.49 9.79 -34.42
C GLY B 444 -7.93 10.17 -33.02
N GLN B 445 -7.08 10.86 -32.26
CA GLN B 445 -7.44 11.31 -30.91
C GLN B 445 -8.24 12.59 -31.02
N ILE B 446 -9.43 12.60 -30.40
CA ILE B 446 -10.32 13.75 -30.43
C ILE B 446 -10.47 14.26 -29.01
N TYR B 447 -10.20 15.54 -28.81
CA TYR B 447 -10.40 16.21 -27.54
C TYR B 447 -11.33 17.40 -27.75
N HIS B 448 -12.40 17.46 -26.97
CA HIS B 448 -13.37 18.54 -27.11
C HIS B 448 -13.79 19.04 -25.74
N THR B 449 -14.24 20.29 -25.70
CA THR B 449 -14.72 20.88 -24.46
C THR B 449 -15.74 21.97 -24.78
N ALA B 450 -16.56 22.29 -23.78
CA ALA B 450 -17.54 23.37 -23.87
C ALA B 450 -17.41 24.24 -22.64
N MET B 451 -17.49 25.56 -22.83
CA MET B 451 -17.26 26.51 -21.76
C MET B 451 -18.18 27.70 -21.92
N SER B 452 -18.65 28.23 -20.80
CA SER B 452 -19.53 29.40 -20.81
C SER B 452 -18.68 30.66 -20.72
N LYS B 453 -18.92 31.59 -21.64
CA LYS B 453 -18.14 32.81 -21.73
C LYS B 453 -18.68 33.94 -20.87
N LYS B 454 -19.79 33.72 -20.17
CA LYS B 454 -20.40 34.74 -19.34
C LYS B 454 -19.93 34.68 -17.89
N GLY B 455 -18.74 34.12 -17.65
CA GLY B 455 -18.27 33.94 -16.30
C GLY B 455 -16.76 34.08 -16.22
N LYS B 456 -16.23 33.86 -15.03
CA LYS B 456 -14.80 33.95 -14.79
C LYS B 456 -14.03 32.74 -15.30
N SER B 457 -14.72 31.63 -15.60
CA SER B 457 -14.03 30.44 -16.07
C SER B 457 -13.38 30.68 -17.44
N TYR B 458 -14.07 31.40 -18.32
CA TYR B 458 -13.49 31.72 -19.62
C TYR B 458 -12.26 32.60 -19.48
N VAL B 459 -12.30 33.58 -18.58
CA VAL B 459 -11.15 34.44 -18.36
C VAL B 459 -9.98 33.64 -17.81
N LYS B 460 -10.24 32.77 -16.84
CA LYS B 460 -9.18 31.93 -16.28
C LYS B 460 -8.60 31.00 -17.35
N PHE B 461 -9.46 30.47 -18.23
CA PHE B 461 -9.00 29.62 -19.31
C PHE B 461 -8.06 30.38 -20.24
N ASN B 462 -8.44 31.60 -20.61
CA ASN B 462 -7.59 32.40 -21.49
C ASN B 462 -6.25 32.73 -20.84
N MET B 463 -6.25 33.14 -19.57
CA MET B 463 -4.98 33.46 -18.92
C MET B 463 -4.13 32.21 -18.69
N LEU B 464 -4.76 31.07 -18.38
CA LEU B 464 -4.00 29.84 -18.23
C LEU B 464 -3.32 29.46 -19.54
N LEU B 465 -4.03 29.58 -20.66
CA LEU B 465 -3.41 29.31 -21.95
C LEU B 465 -2.28 30.28 -22.22
N GLN B 466 -2.51 31.57 -22.01
CA GLN B 466 -1.50 32.57 -22.31
C GLN B 466 -0.25 32.40 -21.45
N LYS B 467 -0.42 31.87 -20.23
CA LYS B 467 0.72 31.75 -19.32
C LYS B 467 1.69 30.67 -19.76
N TYR B 468 1.18 29.51 -20.20
CA TYR B 468 2.01 28.33 -20.39
C TYR B 468 2.13 27.94 -21.86
N ILE B 469 1.89 28.86 -22.78
CA ILE B 469 2.11 28.62 -24.20
C ILE B 469 3.46 29.22 -24.56
N LEU B 470 4.34 28.39 -25.11
CA LEU B 470 5.69 28.84 -25.44
C LEU B 470 5.67 29.71 -26.69
N LYS B 471 6.06 30.96 -26.55
CA LYS B 471 6.07 31.87 -27.69
C LYS B 471 7.23 31.57 -28.65
N ASN B 472 8.32 31.01 -28.12
CA ASN B 472 9.45 30.60 -28.93
C ASN B 472 9.66 29.11 -28.80
N LYS B 473 9.93 28.45 -29.93
CA LYS B 473 10.16 27.02 -29.92
C LYS B 473 11.39 26.68 -29.08
N ASP B 474 11.24 25.69 -28.21
CA ASP B 474 12.33 25.27 -27.34
C ASP B 474 13.22 24.28 -28.08
N MET B 475 14.50 24.60 -28.20
CA MET B 475 15.45 23.77 -28.93
C MET B 475 16.19 22.83 -27.98
N SER B 476 15.41 21.98 -27.29
CA SER B 476 15.97 21.01 -26.36
C SER B 476 15.50 19.62 -26.78
N LYS B 477 16.44 18.70 -26.91
CA LYS B 477 16.11 17.37 -27.41
C LYS B 477 15.38 16.51 -26.39
N THR B 478 15.31 16.95 -25.13
CA THR B 478 14.71 16.14 -24.07
C THR B 478 13.29 16.56 -23.73
N GLN B 479 13.07 17.86 -23.48
CA GLN B 479 11.75 18.39 -23.11
C GLN B 479 11.23 17.73 -21.83
N GLU B 480 11.96 17.98 -20.74
CA GLU B 480 11.56 17.46 -19.44
C GLU B 480 10.20 18.02 -19.02
N SER B 481 9.95 19.29 -19.29
CA SER B 481 8.69 19.91 -18.92
C SER B 481 7.52 19.25 -19.62
N GLU B 482 7.72 18.77 -20.85
CA GLU B 482 6.63 18.10 -21.55
C GLU B 482 6.32 16.74 -20.95
N LYS B 483 7.33 16.02 -20.45
CA LYS B 483 7.03 14.79 -19.74
C LYS B 483 6.35 15.06 -18.40
N PHE B 484 6.71 16.16 -17.73
CA PHE B 484 5.96 16.56 -16.55
C PHE B 484 4.50 16.84 -16.89
N LEU B 485 4.26 17.53 -18.01
CA LEU B 485 2.90 17.81 -18.44
C LEU B 485 2.14 16.54 -18.76
N SER B 486 2.81 15.58 -19.40
CA SER B 486 2.16 14.30 -19.70
C SER B 486 1.81 13.55 -18.43
N SER B 487 2.69 13.58 -17.43
CA SER B 487 2.38 12.96 -16.16
C SER B 487 1.18 13.63 -15.48
N VAL B 488 1.11 14.96 -15.55
CA VAL B 488 -0.02 15.68 -14.97
C VAL B 488 -1.31 15.29 -15.69
N ILE B 489 -1.25 15.19 -17.02
CA ILE B 489 -2.42 14.81 -17.80
C ILE B 489 -2.88 13.40 -17.41
N GLN B 490 -1.94 12.47 -17.32
CA GLN B 490 -2.28 11.09 -16.99
C GLN B 490 -2.88 10.99 -15.60
N MET B 491 -2.31 11.71 -14.62
CA MET B 491 -2.83 11.64 -13.27
C MET B 491 -4.13 12.39 -13.09
N ILE B 492 -4.43 13.37 -13.95
CA ILE B 492 -5.75 13.96 -13.94
C ILE B 492 -6.78 12.98 -14.49
N ARG B 493 -6.47 12.32 -15.60
CA ARG B 493 -7.45 11.41 -16.18
C ARG B 493 -7.61 10.12 -15.37
N ALA B 494 -6.60 9.75 -14.57
CA ALA B 494 -6.71 8.52 -13.79
C ALA B 494 -7.46 8.76 -12.49
N HIS B 495 -7.24 9.90 -11.84
CA HIS B 495 -7.85 10.20 -10.55
C HIS B 495 -9.12 11.03 -10.70
N ALA B 496 -9.86 10.84 -11.80
CA ALA B 496 -11.03 11.65 -12.07
C ALA B 496 -12.13 11.41 -11.05
N GLU B 497 -12.29 10.17 -10.57
CA GLU B 497 -13.36 9.89 -9.61
C GLU B 497 -13.05 10.51 -8.25
N ILE B 498 -11.80 10.44 -7.81
CA ILE B 498 -11.43 11.07 -6.55
C ILE B 498 -11.56 12.59 -6.66
N LEU B 499 -11.25 13.14 -7.83
CA LEU B 499 -11.47 14.56 -8.07
C LEU B 499 -12.96 14.89 -8.01
N GLN B 500 -13.82 14.02 -8.54
CA GLN B 500 -15.25 14.24 -8.45
C GLN B 500 -15.71 14.23 -6.99
N ILE B 501 -15.17 13.32 -6.19
CA ILE B 501 -15.50 13.29 -4.77
C ILE B 501 -15.06 14.58 -4.08
N ILE B 502 -13.87 15.05 -4.42
CA ILE B 502 -13.37 16.31 -3.85
C ILE B 502 -14.28 17.47 -4.25
N LEU B 503 -14.73 17.49 -5.51
CA LEU B 503 -15.54 18.59 -6.00
C LEU B 503 -16.92 18.61 -5.38
N GLN B 504 -17.54 17.43 -5.23
CA GLN B 504 -18.90 17.36 -4.71
C GLN B 504 -19.00 17.84 -3.27
N ASN B 505 -17.86 17.91 -2.56
CA ASN B 505 -17.86 18.53 -1.25
C ASN B 505 -17.94 20.04 -1.39
N GLU B 506 -18.69 20.68 -0.50
CA GLU B 506 -19.03 22.09 -0.69
C GLU B 506 -18.03 23.03 -0.02
N ASP B 507 -17.89 22.92 1.30
CA ASP B 507 -17.20 23.98 2.05
C ASP B 507 -15.70 23.93 1.85
N LYS B 508 -15.11 22.72 1.87
CA LYS B 508 -13.67 22.58 2.02
C LYS B 508 -13.05 21.94 0.79
N ARG B 509 -13.68 22.12 -0.37
CA ARG B 509 -13.19 21.49 -1.60
C ARG B 509 -11.91 22.14 -2.10
N THR B 510 -11.73 23.44 -1.88
CA THR B 510 -10.54 24.13 -2.40
C THR B 510 -9.28 23.61 -1.73
N GLU B 511 -9.27 23.55 -0.39
CA GLU B 511 -8.12 23.06 0.34
C GLU B 511 -7.90 21.58 0.09
N MET B 512 -8.98 20.81 -0.06
CA MET B 512 -8.84 19.40 -0.39
C MET B 512 -8.21 19.22 -1.77
N LEU B 513 -8.59 20.04 -2.74
CA LEU B 513 -7.99 19.99 -4.06
C LEU B 513 -6.50 20.31 -3.99
N LYS B 514 -6.15 21.39 -3.29
CA LYS B 514 -4.76 21.77 -3.17
C LYS B 514 -3.95 20.66 -2.50
N ASN B 515 -4.47 20.10 -1.41
CA ASN B 515 -3.77 19.06 -0.69
C ASN B 515 -3.63 17.79 -1.52
N TYR B 516 -4.67 17.44 -2.28
CA TYR B 516 -4.61 16.24 -3.12
C TYR B 516 -3.54 16.39 -4.19
N PHE B 517 -3.50 17.55 -4.85
CA PHE B 517 -2.47 17.78 -5.86
C PHE B 517 -1.08 17.81 -5.22
N ASP B 518 -0.98 18.37 -4.01
CA ASP B 518 0.30 18.38 -3.31
C ASP B 518 0.78 16.96 -3.02
N ASN B 519 -0.12 16.09 -2.55
CA ASN B 519 0.26 14.75 -2.17
C ASN B 519 0.53 13.85 -3.37
N ASN B 520 -0.21 14.04 -4.47
CA ASN B 520 -0.02 13.18 -5.62
C ASN B 520 1.24 13.53 -6.43
N PHE B 521 1.55 14.81 -6.53
CA PHE B 521 2.69 15.28 -7.31
C PHE B 521 3.82 15.71 -6.38
N ASN B 522 5.00 15.16 -6.59
CA ASN B 522 6.18 15.49 -5.81
C ASN B 522 7.14 16.30 -6.67
N GLU B 523 7.57 17.44 -6.14
CA GLU B 523 8.42 18.39 -6.87
C GLU B 523 7.80 18.73 -8.21
N SER B 524 6.56 19.22 -8.15
CA SER B 524 5.80 19.48 -9.36
C SER B 524 6.16 20.83 -9.96
N CYS B 525 7.46 21.08 -10.13
CA CYS B 525 7.93 22.27 -10.83
C CYS B 525 9.37 21.98 -11.25
N HIS B 526 9.58 21.75 -12.55
CA HIS B 526 10.93 21.56 -13.08
C HIS B 526 11.40 22.78 -13.87
N LEU B 527 10.66 23.16 -14.89
CA LEU B 527 11.00 24.30 -15.73
C LEU B 527 9.78 24.66 -16.55
N GLY B 528 9.55 25.95 -16.73
CA GLY B 528 8.38 26.35 -17.48
C GLY B 528 7.16 26.46 -16.58
N TYR B 529 6.39 25.37 -16.51
CA TYR B 529 5.13 25.37 -15.79
C TYR B 529 5.37 25.61 -14.31
N THR B 530 5.04 26.81 -13.84
CA THR B 530 5.22 27.20 -12.45
C THR B 530 3.88 27.72 -11.94
N GLY B 531 3.42 27.16 -10.83
CA GLY B 531 2.10 27.51 -10.35
C GLY B 531 0.97 27.05 -11.24
N LEU B 532 1.23 26.07 -12.10
CA LEU B 532 0.19 25.54 -12.97
C LEU B 532 -0.93 24.90 -12.16
N PHE B 533 -0.58 24.25 -11.05
CA PHE B 533 -1.59 23.56 -10.26
C PHE B 533 -2.59 24.53 -9.64
N GLU B 534 -2.12 25.67 -9.15
CA GLU B 534 -3.04 26.65 -8.58
C GLU B 534 -4.04 27.13 -9.63
N ASP B 535 -3.55 27.47 -10.81
CA ASP B 535 -4.43 27.92 -11.88
C ASP B 535 -5.41 26.83 -12.29
N ILE B 536 -4.92 25.58 -12.37
CA ILE B 536 -5.77 24.47 -12.75
C ILE B 536 -6.88 24.26 -11.72
N GLN B 537 -6.53 24.32 -10.43
CA GLN B 537 -7.54 24.13 -9.39
C GLN B 537 -8.56 25.26 -9.38
N THR B 538 -8.11 26.51 -9.56
CA THR B 538 -9.04 27.63 -9.62
C THR B 538 -9.99 27.49 -10.81
N LEU B 539 -9.45 27.15 -11.98
CA LEU B 539 -10.28 26.98 -13.17
C LEU B 539 -11.26 25.83 -12.97
N LEU B 540 -10.82 24.75 -12.34
CA LEU B 540 -11.70 23.60 -12.11
C LEU B 540 -12.84 23.96 -11.18
N CYS B 541 -12.55 24.70 -10.11
CA CYS B 541 -13.61 25.12 -9.20
C CYS B 541 -14.59 26.06 -9.88
N LEU B 542 -14.09 27.00 -10.68
CA LEU B 542 -14.99 27.90 -11.40
C LEU B 542 -15.87 27.14 -12.38
N ARG B 543 -15.28 26.19 -13.10
CA ARG B 543 -16.05 25.38 -14.04
C ARG B 543 -17.12 24.56 -13.32
N TYR B 544 -16.76 24.00 -12.15
CA TYR B 544 -17.75 23.22 -11.41
C TYR B 544 -18.90 24.08 -10.93
N GLN B 545 -18.61 25.29 -10.45
CA GLN B 545 -19.69 26.18 -10.01
C GLN B 545 -20.59 26.57 -11.18
N GLU B 546 -19.99 26.89 -12.33
CA GLU B 546 -20.80 27.22 -13.50
C GLU B 546 -21.63 26.03 -13.95
N ASN B 547 -21.06 24.83 -13.91
CA ASN B 547 -21.77 23.62 -14.31
C ASN B 547 -22.92 23.33 -13.36
N ILE B 548 -22.73 23.56 -12.06
CA ILE B 548 -23.81 23.40 -11.11
C ILE B 548 -24.92 24.38 -11.39
N GLN B 549 -24.56 25.62 -11.73
CA GLN B 549 -25.58 26.61 -12.09
C GLN B 549 -26.36 26.19 -13.33
N ASP B 550 -25.68 25.64 -14.33
CA ASP B 550 -26.30 25.38 -15.62
C ASP B 550 -27.05 24.04 -15.68
N TYR B 551 -26.39 22.95 -15.30
CA TYR B 551 -26.81 21.62 -15.70
C TYR B 551 -27.57 20.83 -14.65
N GLN B 552 -27.52 21.20 -13.37
CA GLN B 552 -28.01 20.31 -12.32
C GLN B 552 -29.52 20.14 -12.38
N ASN B 553 -30.26 21.25 -12.32
CA ASN B 553 -31.71 21.17 -12.41
C ASN B 553 -32.15 20.59 -13.74
N ARG B 554 -31.41 20.90 -14.80
CA ARG B 554 -31.71 20.36 -16.11
C ARG B 554 -31.61 18.83 -16.12
N ASN B 555 -30.55 18.30 -15.52
CA ASN B 555 -30.39 16.85 -15.44
C ASN B 555 -31.49 16.22 -14.60
N GLU B 556 -31.84 16.85 -13.48
CA GLU B 556 -32.90 16.30 -12.64
C GLU B 556 -34.22 16.25 -13.39
N ILE B 557 -34.56 17.32 -14.11
CA ILE B 557 -35.80 17.33 -14.88
C ILE B 557 -35.73 16.33 -16.03
N ILE B 558 -34.56 16.17 -16.64
CA ILE B 558 -34.42 15.23 -17.76
C ILE B 558 -34.66 13.80 -17.29
N GLN B 559 -34.12 13.43 -16.14
CA GLN B 559 -34.30 12.07 -15.66
C GLN B 559 -35.76 11.77 -15.31
N GLN B 560 -36.51 12.78 -14.90
CA GLN B 560 -37.91 12.59 -14.49
C GLN B 560 -38.87 12.53 -15.67
N ASN B 561 -38.40 12.77 -16.90
CA ASN B 561 -39.27 12.77 -18.06
C ASN B 561 -39.40 11.34 -18.60
N THR B 562 -40.60 10.79 -18.54
CA THR B 562 -40.85 9.42 -18.96
C THR B 562 -40.86 9.23 -20.47
N ILE B 563 -41.09 10.29 -21.23
CA ILE B 563 -41.17 10.15 -22.68
C ILE B 563 -39.79 9.83 -23.26
N LEU B 564 -38.74 10.43 -22.72
CA LEU B 564 -37.41 10.22 -23.25
C LEU B 564 -36.90 8.83 -22.92
N THR B 565 -36.27 8.18 -23.90
CA THR B 565 -35.68 6.87 -23.68
C THR B 565 -34.35 7.01 -22.93
N SER B 566 -33.81 5.87 -22.52
CA SER B 566 -32.58 5.87 -21.74
C SER B 566 -31.41 6.41 -22.54
N ASP B 567 -31.34 6.09 -23.83
CA ASP B 567 -30.22 6.55 -24.64
C ASP B 567 -30.24 8.06 -24.82
N GLU B 568 -31.42 8.62 -25.13
CA GLU B 568 -31.52 10.07 -25.28
C GLU B 568 -31.27 10.79 -23.96
N LYS B 569 -31.77 10.23 -22.86
CA LYS B 569 -31.52 10.83 -21.55
C LYS B 569 -30.04 10.82 -21.22
N GLU B 570 -29.35 9.72 -21.51
CA GLU B 570 -27.91 9.64 -21.27
C GLU B 570 -27.16 10.64 -22.14
N ILE B 571 -27.60 10.81 -23.40
CA ILE B 571 -26.97 11.79 -24.27
C ILE B 571 -27.15 13.20 -23.73
N LEU B 572 -28.35 13.51 -23.23
CA LEU B 572 -28.65 14.86 -22.78
C LEU B 572 -28.02 15.18 -21.42
N ILE B 573 -27.84 14.17 -20.57
CA ILE B 573 -27.36 14.43 -19.21
C ILE B 573 -25.87 14.76 -19.26
N VAL B 574 -25.48 15.83 -18.58
CA VAL B 574 -24.09 16.26 -18.48
C VAL B 574 -23.71 16.32 -17.01
N SER B 575 -22.69 15.56 -16.63
CA SER B 575 -22.23 15.55 -15.25
C SER B 575 -21.38 16.79 -14.98
N PRO B 576 -21.69 17.59 -13.96
CA PRO B 576 -20.91 18.81 -13.72
C PRO B 576 -19.44 18.56 -13.44
N ALA B 577 -19.14 17.71 -12.46
CA ALA B 577 -17.75 17.47 -12.08
C ALA B 577 -16.97 16.83 -13.22
N MET B 578 -17.58 15.85 -13.89
CA MET B 578 -16.89 15.19 -15.00
C MET B 578 -16.64 16.17 -16.15
N ASP B 579 -17.59 17.07 -16.42
CA ASP B 579 -17.37 18.06 -17.45
C ASP B 579 -16.25 19.03 -17.08
N ALA B 580 -16.18 19.45 -15.81
CA ALA B 580 -15.09 20.31 -15.39
C ALA B 580 -13.74 19.63 -15.52
N ILE B 581 -13.65 18.37 -15.08
CA ILE B 581 -12.41 17.62 -15.20
C ILE B 581 -12.04 17.44 -16.67
N HIS B 582 -13.04 17.17 -17.52
CA HIS B 582 -12.80 17.02 -18.95
C HIS B 582 -12.31 18.32 -19.58
N THR B 583 -12.85 19.46 -19.13
CA THR B 583 -12.39 20.75 -19.64
C THR B 583 -10.92 20.98 -19.26
N ILE B 584 -10.56 20.66 -18.02
CA ILE B 584 -9.17 20.78 -17.61
C ILE B 584 -8.28 19.86 -18.45
N PHE B 585 -8.75 18.64 -18.68
CA PHE B 585 -8.01 17.66 -19.47
C PHE B 585 -7.80 18.17 -20.91
N THR B 586 -8.84 18.74 -21.51
CA THR B 586 -8.73 19.26 -22.87
C THR B 586 -7.78 20.46 -22.94
N ALA B 587 -7.85 21.35 -21.94
CA ALA B 587 -6.94 22.49 -21.91
C ALA B 587 -5.50 22.03 -21.80
N LEU B 588 -5.24 21.05 -20.92
CA LEU B 588 -3.89 20.54 -20.77
C LEU B 588 -3.41 19.85 -22.05
N GLN B 589 -4.31 19.13 -22.73
CA GLN B 589 -3.91 18.49 -23.98
C GLN B 589 -3.60 19.53 -25.05
N PHE B 590 -4.35 20.64 -25.07
CA PHE B 590 -4.02 21.72 -26.00
C PHE B 590 -2.65 22.32 -25.70
N ILE B 591 -2.35 22.54 -24.41
CA ILE B 591 -1.05 23.07 -24.04
C ILE B 591 0.07 22.10 -24.45
N HIS B 592 -0.15 20.80 -24.20
CA HIS B 592 0.84 19.79 -24.57
C HIS B 592 1.03 19.76 -26.09
N PHE B 593 -0.05 19.87 -26.84
CA PHE B 593 0.03 19.84 -28.29
C PHE B 593 0.82 21.03 -28.82
N ILE B 594 0.59 22.22 -28.27
CA ILE B 594 1.33 23.39 -28.74
C ILE B 594 2.80 23.30 -28.32
N ASN B 595 3.06 22.79 -27.12
CA ASN B 595 4.41 22.87 -26.57
C ASN B 595 5.31 21.75 -27.09
N TYR B 596 4.82 20.50 -27.10
CA TYR B 596 5.64 19.37 -27.49
C TYR B 596 6.09 19.49 -28.94
N ASN B 597 7.39 19.27 -29.17
CA ASN B 597 7.92 19.35 -30.54
C ASN B 597 7.56 18.11 -31.36
N LYS B 598 7.57 16.93 -30.73
CA LYS B 598 7.29 15.70 -31.45
C LYS B 598 5.81 15.62 -31.80
N ASP B 599 5.53 15.24 -33.04
CA ASP B 599 4.15 15.17 -33.52
C ASP B 599 3.58 13.77 -33.23
N GLU B 600 2.30 13.61 -33.57
CA GLU B 600 1.58 12.35 -33.42
C GLU B 600 1.41 11.93 -31.97
N MET C 45 -47.31 -16.17 -69.56
CA MET C 45 -47.63 -15.68 -68.23
C MET C 45 -46.36 -15.26 -67.47
N ASN C 46 -46.53 -14.34 -66.53
CA ASN C 46 -45.39 -13.74 -65.84
C ASN C 46 -45.55 -13.95 -64.34
N ARG C 47 -44.49 -14.44 -63.70
CA ARG C 47 -44.54 -14.72 -62.27
C ARG C 47 -44.34 -13.43 -61.48
N HIS C 48 -45.10 -13.30 -60.40
CA HIS C 48 -45.02 -12.13 -59.52
C HIS C 48 -44.48 -12.55 -58.17
N TYR C 49 -43.41 -11.89 -57.73
CA TYR C 49 -42.71 -12.28 -56.51
C TYR C 49 -42.57 -11.08 -55.58
N LEU C 50 -42.65 -11.36 -54.28
CA LEU C 50 -42.32 -10.39 -53.25
C LEU C 50 -40.97 -10.78 -52.66
N ILE C 51 -40.01 -9.86 -52.76
CA ILE C 51 -38.62 -10.12 -52.40
C ILE C 51 -38.31 -9.39 -51.11
N THR C 52 -38.20 -10.14 -50.02
CA THR C 52 -37.86 -9.56 -48.71
C THR C 52 -36.37 -9.71 -48.47
N LEU C 53 -35.76 -8.65 -47.95
CA LEU C 53 -34.32 -8.63 -47.69
C LEU C 53 -34.09 -8.35 -46.21
N THR C 54 -33.43 -9.28 -45.54
CA THR C 54 -33.09 -9.14 -44.12
C THR C 54 -31.58 -8.97 -44.00
N PRO C 55 -31.11 -7.90 -43.35
CA PRO C 55 -29.66 -7.73 -43.18
C PRO C 55 -29.11 -8.73 -42.17
N MET C 56 -28.13 -9.52 -42.59
CA MET C 56 -27.50 -10.48 -41.69
C MET C 56 -26.32 -9.88 -40.94
N ASP C 57 -25.93 -8.66 -41.26
CA ASP C 57 -24.86 -7.95 -40.56
C ASP C 57 -25.04 -6.46 -40.84
N TRP C 58 -24.06 -5.67 -40.43
CA TRP C 58 -24.09 -4.25 -40.74
C TRP C 58 -23.82 -4.05 -42.22
N PHE C 59 -24.57 -3.15 -42.85
CA PHE C 59 -24.48 -2.96 -44.28
C PHE C 59 -24.03 -1.54 -44.63
N PHE C 60 -23.56 -1.40 -45.86
CA PHE C 60 -23.06 -0.15 -46.39
C PHE C 60 -23.66 0.06 -47.77
N PHE C 61 -23.84 1.31 -48.16
CA PHE C 61 -24.34 1.64 -49.48
C PHE C 61 -23.56 2.84 -50.00
N GLY C 62 -23.03 2.71 -51.21
CA GLY C 62 -22.08 3.69 -51.70
C GLY C 62 -22.72 5.03 -51.97
N GLY C 63 -21.93 6.09 -51.77
CA GLY C 63 -22.32 7.42 -52.16
C GLY C 63 -21.37 7.94 -53.22
N GLU C 64 -21.13 9.24 -53.26
CA GLU C 64 -20.17 9.76 -54.21
C GLU C 64 -18.76 9.89 -53.63
N ARG C 65 -18.63 10.21 -52.36
CA ARG C 65 -17.32 10.22 -51.70
C ARG C 65 -17.10 8.84 -51.09
N THR C 66 -16.68 7.92 -51.94
CA THR C 66 -16.47 6.53 -51.59
C THR C 66 -15.01 6.38 -51.14
N LEU C 67 -14.62 5.16 -50.74
CA LEU C 67 -13.36 4.99 -50.01
C LEU C 67 -12.15 5.41 -50.82
N ASP C 68 -12.11 5.09 -52.11
CA ASP C 68 -10.97 5.54 -52.92
C ASP C 68 -11.44 5.92 -54.32
N ASP C 69 -11.84 7.17 -54.48
CA ASP C 69 -12.12 7.72 -55.80
C ASP C 69 -11.47 9.09 -56.01
N GLY C 70 -11.41 9.92 -54.97
CA GLY C 70 -11.05 11.32 -55.14
C GLY C 70 -9.69 11.73 -54.62
N LYS C 71 -9.65 12.86 -53.90
CA LYS C 71 -8.40 13.47 -53.48
C LYS C 71 -8.48 13.79 -51.99
N SER C 72 -7.78 13.00 -51.17
CA SER C 72 -7.58 13.26 -49.75
C SER C 72 -8.90 13.34 -48.98
N ALA C 73 -10.01 13.05 -49.65
CA ALA C 73 -11.31 12.85 -49.00
C ALA C 73 -11.69 11.38 -49.05
N ASP C 74 -10.69 10.52 -49.24
CA ASP C 74 -10.88 9.11 -49.55
C ASP C 74 -10.36 8.24 -48.41
N TYR C 75 -10.65 8.64 -47.18
CA TYR C 75 -10.55 7.72 -46.06
C TYR C 75 -11.66 7.90 -45.04
N ILE C 76 -12.63 8.78 -45.28
CA ILE C 76 -13.90 8.84 -44.55
C ILE C 76 -15.00 8.53 -45.54
N SER C 77 -15.88 7.58 -45.18
CA SER C 77 -16.94 7.16 -46.07
C SER C 77 -18.25 7.10 -45.32
N HIS C 78 -19.31 7.64 -45.92
CA HIS C 78 -20.64 7.62 -45.35
C HIS C 78 -21.56 6.78 -46.22
N SER C 79 -22.67 6.34 -45.64
CA SER C 79 -23.54 5.36 -46.27
C SER C 79 -24.93 5.94 -46.48
N ASN C 80 -25.55 5.54 -47.60
CA ASN C 80 -26.93 5.89 -47.89
C ASN C 80 -27.84 4.80 -47.31
N LYS C 81 -29.01 5.24 -46.84
CA LYS C 81 -29.93 4.29 -46.21
C LYS C 81 -30.45 3.26 -47.22
N PHE C 82 -30.78 3.70 -48.42
CA PHE C 82 -31.34 2.80 -49.41
C PHE C 82 -30.36 2.58 -50.56
N PRO C 83 -30.31 1.37 -51.11
CA PRO C 83 -29.56 1.17 -52.35
C PRO C 83 -30.31 1.77 -53.54
N GLN C 84 -29.56 2.08 -54.58
CA GLN C 84 -30.19 2.46 -55.83
C GLN C 84 -30.92 1.27 -56.43
N GLN C 85 -31.95 1.57 -57.23
CA GLN C 85 -32.69 0.48 -57.87
C GLN C 85 -31.81 -0.29 -58.85
N SER C 86 -30.72 0.32 -59.31
CA SER C 86 -29.76 -0.43 -60.12
C SER C 86 -29.07 -1.51 -59.30
N ALA C 87 -28.88 -1.27 -58.00
CA ALA C 87 -28.34 -2.32 -57.15
C ALA C 87 -29.29 -3.51 -57.08
N LEU C 88 -30.60 -3.24 -56.97
CA LEU C 88 -31.58 -4.32 -56.96
C LEU C 88 -31.59 -5.05 -58.29
N LEU C 89 -31.52 -4.30 -59.40
CA LEU C 89 -31.49 -4.93 -60.71
C LEU C 89 -30.27 -5.82 -60.88
N GLY C 90 -29.09 -5.32 -60.49
CA GLY C 90 -27.88 -6.12 -60.59
C GLY C 90 -27.90 -7.33 -59.67
N MET C 91 -28.50 -7.18 -58.49
CA MET C 91 -28.69 -8.31 -57.59
C MET C 91 -29.51 -9.40 -58.27
N ILE C 92 -30.63 -9.01 -58.90
CA ILE C 92 -31.49 -9.99 -59.56
C ILE C 92 -30.73 -10.66 -60.70
N ARG C 93 -29.99 -9.87 -61.48
CA ARG C 93 -29.23 -10.45 -62.59
C ARG C 93 -28.16 -11.42 -62.10
N TYR C 94 -27.45 -11.05 -61.02
CA TYR C 94 -26.42 -11.93 -60.46
C TYR C 94 -27.04 -13.23 -59.95
N GLN C 95 -28.16 -13.13 -59.24
CA GLN C 95 -28.81 -14.33 -58.73
C GLN C 95 -29.30 -15.22 -59.85
N LEU C 96 -29.85 -14.60 -60.91
CA LEU C 96 -30.32 -15.39 -62.05
C LEU C 96 -29.15 -16.11 -62.73
N LEU C 97 -28.02 -15.43 -62.90
CA LEU C 97 -26.87 -16.09 -63.50
C LEU C 97 -26.36 -17.22 -62.62
N LYS C 98 -26.31 -17.00 -61.30
CA LYS C 98 -25.78 -18.03 -60.41
C LYS C 98 -26.71 -19.24 -60.35
N GLN C 99 -28.01 -19.01 -60.40
CA GLN C 99 -28.97 -20.11 -60.39
C GLN C 99 -28.75 -21.04 -61.57
N HIS C 100 -28.34 -20.51 -62.71
CA HIS C 100 -28.10 -21.30 -63.91
C HIS C 100 -26.62 -21.57 -64.14
N ASN C 101 -25.80 -21.40 -63.11
CA ASN C 101 -24.36 -21.69 -63.14
C ASN C 101 -23.64 -20.94 -64.25
N LEU C 102 -24.22 -19.85 -64.73
CA LEU C 102 -23.64 -19.07 -65.80
C LEU C 102 -22.72 -17.97 -65.30
N LEU C 103 -22.42 -17.95 -64.00
CA LEU C 103 -21.49 -16.97 -63.47
C LEU C 103 -20.16 -17.06 -64.19
N SER C 104 -19.61 -15.92 -64.57
CA SER C 104 -18.45 -15.87 -65.44
C SER C 104 -17.53 -14.77 -64.94
N GLN C 105 -16.57 -14.39 -65.79
CA GLN C 105 -15.61 -13.34 -65.49
C GLN C 105 -14.85 -13.64 -64.19
N PHE C 106 -14.35 -14.87 -64.10
CA PHE C 106 -13.49 -15.33 -63.02
C PHE C 106 -12.18 -14.54 -63.09
N PRO C 107 -11.23 -14.70 -62.13
CA PRO C 107 -10.01 -13.88 -62.21
C PRO C 107 -9.13 -14.23 -63.39
N TYR C 108 -9.74 -14.25 -64.58
CA TYR C 108 -9.09 -14.44 -65.87
C TYR C 108 -10.13 -14.13 -66.93
N THR C 109 -9.67 -13.79 -68.13
CA THR C 109 -10.54 -13.43 -69.23
C THR C 109 -10.78 -14.66 -70.12
N GLU C 110 -12.05 -14.92 -70.43
CA GLU C 110 -12.41 -16.02 -71.33
C GLU C 110 -13.45 -15.52 -72.31
N ASN C 111 -13.77 -16.37 -73.28
CA ASN C 111 -14.81 -16.10 -74.26
C ASN C 111 -15.96 -17.07 -74.07
N LYS C 112 -17.16 -16.61 -74.41
CA LYS C 112 -18.40 -17.34 -74.14
C LYS C 112 -19.24 -17.40 -75.41
N PRO C 113 -18.83 -18.22 -76.37
CA PRO C 113 -19.51 -18.20 -77.69
C PRO C 113 -20.97 -18.63 -77.64
N THR C 114 -21.23 -19.82 -77.11
CA THR C 114 -22.57 -20.39 -77.15
C THR C 114 -23.40 -20.08 -75.91
N GLU C 115 -22.88 -19.29 -74.97
CA GLU C 115 -23.66 -18.86 -73.82
C GLU C 115 -23.83 -17.36 -73.76
N LYS C 116 -23.40 -16.63 -74.81
CA LYS C 116 -23.76 -15.22 -74.91
C LYS C 116 -25.26 -15.03 -75.03
N GLU C 117 -25.92 -15.83 -75.88
CA GLU C 117 -27.34 -15.65 -76.10
C GLU C 117 -28.20 -16.15 -74.94
N ILE C 118 -27.77 -17.21 -74.25
CA ILE C 118 -28.45 -17.62 -73.04
C ILE C 118 -28.35 -16.51 -71.99
N MET C 119 -27.17 -15.91 -71.87
CA MET C 119 -27.00 -14.77 -70.97
C MET C 119 -27.91 -13.61 -71.37
N LYS C 120 -27.99 -13.34 -72.68
CA LYS C 120 -28.80 -12.22 -73.15
C LYS C 120 -30.28 -12.44 -72.85
N THR C 121 -30.78 -13.65 -73.12
CA THR C 121 -32.18 -13.93 -72.84
C THR C 121 -32.46 -14.12 -71.35
N LEU C 122 -31.43 -14.29 -70.53
CA LEU C 122 -31.64 -14.45 -69.10
C LEU C 122 -31.59 -13.12 -68.35
N ILE C 123 -30.55 -12.32 -68.60
CA ILE C 123 -30.36 -11.08 -67.84
C ILE C 123 -30.46 -9.83 -68.70
N GLY C 124 -30.24 -9.91 -69.99
CA GLY C 124 -30.16 -8.73 -70.83
C GLY C 124 -28.73 -8.43 -71.26
N GLU C 125 -28.62 -7.61 -72.30
CA GLU C 125 -27.31 -7.36 -72.90
C GLU C 125 -26.45 -6.44 -72.06
N GLN C 126 -27.04 -5.60 -71.21
CA GLN C 126 -26.28 -4.59 -70.50
C GLN C 126 -26.99 -4.23 -69.21
N SER C 127 -26.26 -3.56 -68.32
CA SER C 127 -26.77 -3.18 -67.02
C SER C 127 -27.75 -2.01 -67.15
N PHE C 128 -28.36 -1.64 -66.03
CA PHE C 128 -29.28 -0.51 -66.01
C PHE C 128 -28.55 0.77 -66.37
N ARG C 129 -28.99 1.42 -67.44
CA ARG C 129 -28.34 2.61 -67.95
C ARG C 129 -29.36 3.72 -68.07
N MET C 130 -29.01 4.91 -67.57
CA MET C 130 -29.93 6.04 -67.63
C MET C 130 -29.95 6.69 -69.00
N THR C 131 -29.06 6.28 -69.91
CA THR C 131 -29.15 6.78 -71.29
C THR C 131 -30.44 6.33 -71.95
N GLU C 132 -30.88 5.10 -71.65
CA GLU C 132 -32.13 4.57 -72.20
C GLU C 132 -33.30 4.84 -71.25
N ARG C 133 -33.47 6.09 -70.83
CA ARG C 133 -34.51 6.40 -69.85
C ARG C 133 -35.90 6.51 -70.46
N LYS C 134 -36.01 6.59 -71.78
CA LYS C 134 -37.29 6.78 -72.45
C LYS C 134 -37.81 5.51 -73.09
N ALA C 135 -37.02 4.44 -73.11
CA ALA C 135 -37.42 3.21 -73.79
C ALA C 135 -38.64 2.59 -73.14
N LYS C 136 -39.39 1.83 -73.93
CA LYS C 136 -40.64 1.25 -73.49
C LYS C 136 -40.47 -0.06 -72.73
N SER C 137 -39.24 -0.56 -72.60
CA SER C 137 -39.01 -1.81 -71.89
C SER C 137 -37.66 -1.74 -71.19
N LEU C 138 -37.51 -2.60 -70.17
CA LEU C 138 -36.29 -2.59 -69.37
C LEU C 138 -35.06 -3.01 -70.17
N GLY C 139 -35.25 -3.61 -71.34
CA GLY C 139 -34.10 -4.09 -72.10
C GLY C 139 -33.33 -5.16 -71.38
N LEU C 140 -33.97 -5.90 -70.48
CA LEU C 140 -33.33 -6.95 -69.71
C LEU C 140 -33.99 -8.28 -70.03
N GLY C 141 -33.63 -9.30 -69.25
CA GLY C 141 -34.12 -10.64 -69.50
C GLY C 141 -35.51 -10.86 -68.94
N VAL C 142 -35.68 -11.95 -68.18
CA VAL C 142 -36.97 -12.29 -67.62
C VAL C 142 -37.54 -11.21 -66.71
N ILE C 143 -36.71 -10.28 -66.26
CA ILE C 143 -37.16 -9.21 -65.38
C ILE C 143 -38.05 -8.26 -66.17
N LYS C 144 -39.30 -8.11 -65.74
CA LYS C 144 -40.22 -7.16 -66.35
C LYS C 144 -40.34 -5.86 -65.58
N GLN C 145 -40.49 -5.92 -64.26
CA GLN C 145 -40.86 -4.74 -63.50
C GLN C 145 -40.43 -4.91 -62.05
N ILE C 146 -39.83 -3.86 -61.50
CA ILE C 146 -39.42 -3.83 -60.10
C ILE C 146 -40.07 -2.64 -59.42
N SER C 147 -40.80 -2.91 -58.34
CA SER C 147 -41.38 -1.86 -57.54
C SER C 147 -40.29 -1.19 -56.71
N PRO C 148 -40.49 0.07 -56.32
CA PRO C 148 -39.48 0.76 -55.52
C PRO C 148 -39.26 0.04 -54.19
N LEU C 149 -38.04 0.14 -53.68
CA LEU C 149 -37.71 -0.51 -52.43
C LEU C 149 -38.56 0.06 -51.30
N MET C 150 -39.15 -0.84 -50.50
CA MET C 150 -40.03 -0.46 -49.42
C MET C 150 -39.44 -0.91 -48.10
N LEU C 151 -39.76 -0.15 -47.04
CA LEU C 151 -39.41 -0.52 -45.69
C LEU C 151 -40.61 -1.21 -45.05
N ILE C 152 -40.43 -2.45 -44.63
CA ILE C 152 -41.51 -3.27 -44.10
C ILE C 152 -41.17 -3.64 -42.67
N GLU C 153 -42.13 -3.44 -41.77
CA GLU C 153 -42.02 -3.91 -40.40
C GLU C 153 -42.79 -5.23 -40.28
N CYS C 154 -42.11 -6.26 -39.79
CA CYS C 154 -42.72 -7.57 -39.57
C CYS C 154 -42.90 -7.75 -38.08
N LYS C 155 -44.14 -7.62 -37.62
CA LYS C 155 -44.44 -7.87 -36.22
C LYS C 155 -44.15 -9.32 -35.88
N ASP C 156 -43.65 -9.56 -34.67
CA ASP C 156 -43.29 -10.92 -34.29
C ASP C 156 -44.53 -11.71 -33.89
N ASP C 157 -45.54 -11.65 -34.75
CA ASP C 157 -46.74 -12.46 -34.59
C ASP C 157 -47.25 -12.96 -35.94
N THR C 158 -46.44 -12.83 -37.00
CA THR C 158 -46.80 -13.07 -38.40
C THR C 158 -48.21 -12.58 -38.69
N SER C 159 -48.56 -11.43 -38.12
CA SER C 159 -49.91 -10.89 -38.24
C SER C 159 -50.07 -10.11 -39.54
N SER C 160 -49.25 -9.09 -39.75
CA SER C 160 -49.30 -8.28 -40.95
C SER C 160 -47.97 -7.57 -41.11
N ARG C 161 -47.76 -7.04 -42.31
CA ARG C 161 -46.57 -6.25 -42.63
C ARG C 161 -46.99 -4.80 -42.80
N SER C 162 -46.40 -3.92 -41.99
CA SER C 162 -46.65 -2.49 -42.07
C SER C 162 -45.54 -1.86 -42.90
N ILE C 163 -45.94 -1.11 -43.93
CA ILE C 163 -45.00 -0.51 -44.87
C ILE C 163 -44.78 0.94 -44.47
N TYR C 164 -43.52 1.30 -44.23
CA TYR C 164 -43.16 2.65 -43.79
C TYR C 164 -42.72 3.46 -45.00
N PHE C 165 -43.27 4.65 -45.14
CA PHE C 165 -42.98 5.57 -46.22
C PHE C 165 -42.37 6.85 -45.67
N PRO C 166 -41.61 7.59 -46.49
CA PRO C 166 -41.12 8.89 -46.03
C PRO C 166 -42.28 9.84 -45.77
N LEU C 167 -42.13 10.64 -44.73
CA LEU C 167 -43.18 11.59 -44.38
C LEU C 167 -43.26 12.68 -45.43
N PRO C 168 -44.43 12.92 -46.00
CA PRO C 168 -44.56 14.02 -46.98
C PRO C 168 -44.17 15.34 -46.33
N LEU C 169 -43.45 16.16 -47.09
CA LEU C 169 -42.92 17.39 -46.53
C LEU C 169 -44.01 18.38 -46.14
N ASP C 170 -45.24 18.16 -46.59
CA ASP C 170 -46.37 19.03 -46.28
C ASP C 170 -47.23 18.50 -45.14
N ASP C 171 -46.82 17.40 -44.51
CA ASP C 171 -47.65 16.77 -43.49
C ASP C 171 -47.84 17.70 -42.30
N GLY C 172 -49.10 17.83 -41.88
CA GLY C 172 -49.43 18.69 -40.75
C GLY C 172 -49.47 20.17 -41.07
N TYR C 173 -49.31 20.54 -42.34
CA TYR C 173 -49.31 21.93 -42.74
C TYR C 173 -50.36 22.14 -43.82
N LYS C 174 -51.04 23.28 -43.78
CA LYS C 174 -52.01 23.64 -44.80
C LYS C 174 -51.37 24.65 -45.75
N VAL C 175 -51.27 24.27 -47.02
CA VAL C 175 -50.65 25.11 -48.05
C VAL C 175 -51.76 25.63 -48.95
N SER C 176 -51.92 26.95 -48.99
CA SER C 176 -52.96 27.58 -49.77
C SER C 176 -52.36 28.73 -50.58
N PHE C 177 -52.96 28.99 -51.73
CA PHE C 177 -52.54 30.08 -52.59
C PHE C 177 -53.74 30.98 -52.88
N ASN C 178 -53.45 32.15 -53.45
CA ASN C 178 -54.48 33.05 -53.97
C ASN C 178 -54.36 33.03 -55.49
N GLU C 179 -55.23 32.28 -56.14
CA GLU C 179 -55.18 32.11 -57.58
C GLU C 179 -55.49 33.39 -58.34
N THR C 180 -56.00 34.42 -57.67
CA THR C 180 -56.29 35.69 -58.31
C THR C 180 -55.01 36.35 -58.80
N SER C 181 -55.19 37.38 -59.63
CA SER C 181 -54.09 38.16 -60.18
C SER C 181 -53.66 39.28 -59.24
N ASN C 182 -53.91 39.13 -57.95
CA ASN C 182 -53.65 40.19 -56.98
C ASN C 182 -52.15 40.22 -56.66
N GLU C 183 -51.80 40.95 -55.60
CA GLU C 183 -50.42 41.13 -55.20
C GLU C 183 -49.93 39.87 -54.48
N ASP C 184 -48.79 39.98 -53.79
CA ASP C 184 -48.15 38.86 -53.11
C ASP C 184 -47.82 37.74 -54.11
N LYS C 185 -46.91 38.08 -55.02
CA LYS C 185 -46.41 37.14 -56.01
C LYS C 185 -44.98 36.74 -55.69
N VAL C 186 -44.60 35.55 -56.14
CA VAL C 186 -43.27 35.01 -55.96
C VAL C 186 -42.61 34.85 -57.32
N PHE C 187 -41.29 34.92 -57.33
CA PHE C 187 -40.50 34.75 -58.55
C PHE C 187 -39.42 33.70 -58.28
N TYR C 188 -39.59 32.52 -58.86
CA TYR C 188 -38.62 31.43 -58.72
C TYR C 188 -37.72 31.47 -59.95
N ASN C 189 -36.60 32.19 -59.82
CA ASN C 189 -35.63 32.35 -60.91
C ASN C 189 -36.27 32.95 -62.15
N GLY C 190 -37.19 33.90 -61.96
CA GLY C 190 -37.83 34.62 -63.04
C GLY C 190 -39.23 34.15 -63.38
N ILE C 191 -39.64 32.98 -62.91
CA ILE C 191 -40.98 32.48 -63.14
C ILE C 191 -41.90 33.01 -62.05
N GLU C 192 -43.03 33.60 -62.45
CA GLU C 192 -43.97 34.17 -61.51
C GLU C 192 -44.99 33.13 -61.07
N CYS C 193 -45.10 32.93 -59.77
CA CYS C 193 -46.04 32.00 -59.17
C CYS C 193 -46.74 32.65 -58.00
N PRO C 194 -47.94 32.19 -57.65
CA PRO C 194 -48.62 32.71 -56.46
C PRO C 194 -47.86 32.38 -55.19
N ILE C 195 -47.98 33.26 -54.22
CA ILE C 195 -47.24 33.08 -52.95
C ILE C 195 -47.88 31.93 -52.17
N PRO C 196 -47.09 31.07 -51.55
CA PRO C 196 -47.67 30.01 -50.71
C PRO C 196 -47.93 30.51 -49.31
N ASN C 197 -49.02 30.03 -48.72
CA ASN C 197 -49.39 30.33 -47.34
C ASN C 197 -49.39 29.02 -46.57
N VAL C 198 -48.40 28.85 -45.70
CA VAL C 198 -48.23 27.62 -44.94
C VAL C 198 -48.60 27.87 -43.49
N TYR C 199 -49.65 27.22 -43.03
CA TYR C 199 -50.07 27.26 -41.63
C TYR C 199 -50.14 25.84 -41.09
N PRO C 200 -49.76 25.62 -39.84
CA PRO C 200 -50.04 24.31 -39.22
C PRO C 200 -51.53 24.06 -39.17
N ALA C 201 -51.92 22.80 -39.39
CA ALA C 201 -53.31 22.41 -39.38
C ALA C 201 -53.80 22.04 -37.99
N SER C 202 -53.12 22.49 -36.94
CA SER C 202 -53.51 22.20 -35.58
C SER C 202 -54.74 23.02 -35.17
N ARG C 212 -53.63 30.87 -36.60
CA ARG C 212 -53.17 31.54 -37.82
C ARG C 212 -51.67 31.81 -37.73
N LYS C 213 -50.96 30.94 -37.02
CA LYS C 213 -49.51 31.05 -36.94
C LYS C 213 -48.89 30.64 -38.26
N PHE C 214 -47.88 31.39 -38.70
CA PHE C 214 -47.24 31.08 -39.96
C PHE C 214 -46.24 29.95 -39.80
N PHE C 215 -45.73 29.48 -40.94
CA PHE C 215 -44.72 28.44 -40.95
C PHE C 215 -43.48 28.90 -40.19
N ASP C 216 -42.99 28.03 -39.30
CA ASP C 216 -41.75 28.26 -38.58
C ASP C 216 -40.70 27.31 -39.13
N HIS C 217 -39.61 27.86 -39.66
CA HIS C 217 -38.53 27.02 -40.14
C HIS C 217 -37.79 26.33 -39.00
N LYS C 218 -37.93 26.83 -37.78
CA LYS C 218 -37.26 26.22 -36.64
C LYS C 218 -38.05 25.07 -36.03
N THR C 219 -39.34 24.95 -36.37
CA THR C 219 -40.16 23.85 -35.90
C THR C 219 -40.37 22.80 -36.99
N TYR C 220 -39.59 22.85 -38.05
CA TYR C 220 -39.73 21.92 -39.17
C TYR C 220 -38.83 20.71 -38.95
N ASN C 221 -39.44 19.52 -38.86
CA ASN C 221 -38.66 18.30 -38.75
C ASN C 221 -39.25 17.16 -39.58
N ASN C 222 -40.08 17.48 -40.59
CA ASN C 222 -40.75 16.44 -41.37
C ASN C 222 -39.77 15.58 -42.15
N TYR C 223 -38.59 16.10 -42.48
CA TYR C 223 -37.62 15.32 -43.23
C TYR C 223 -36.97 14.21 -42.40
N LEU C 224 -37.22 14.18 -41.09
CA LEU C 224 -36.61 13.19 -40.20
C LEU C 224 -37.54 12.05 -39.85
N PHE C 225 -38.73 11.99 -40.45
CA PHE C 225 -39.75 11.05 -40.01
C PHE C 225 -40.16 10.12 -41.14
N TRP C 226 -40.51 8.89 -40.75
CA TRP C 226 -41.06 7.88 -41.64
C TRP C 226 -42.43 7.47 -41.12
N CYS C 227 -43.39 7.33 -42.02
CA CYS C 227 -44.79 7.21 -41.63
C CYS C 227 -45.37 5.86 -42.04
N THR C 228 -46.35 5.41 -41.27
CA THR C 228 -47.13 4.21 -41.60
C THR C 228 -48.57 4.43 -41.17
N GLN C 229 -49.47 3.65 -41.76
CA GLN C 229 -50.88 3.77 -41.46
C GLN C 229 -51.18 3.22 -40.07
N GLY C 230 -51.94 3.98 -39.28
CA GLY C 230 -52.36 3.51 -37.98
C GLY C 230 -53.79 3.02 -37.99
N ASN C 231 -54.64 3.62 -37.17
CA ASN C 231 -56.07 3.35 -37.19
C ASN C 231 -56.86 4.50 -37.81
N ASN C 232 -56.61 5.72 -37.38
CA ASN C 232 -57.13 6.91 -38.05
C ASN C 232 -56.08 7.97 -38.33
N GLN C 233 -54.98 7.97 -37.59
CA GLN C 233 -53.87 8.89 -37.80
C GLN C 233 -52.66 8.12 -38.34
N ILE C 234 -51.64 8.86 -38.74
CA ILE C 234 -50.46 8.31 -39.37
C ILE C 234 -49.36 8.19 -38.32
N LYS C 235 -48.92 6.96 -38.07
CA LYS C 235 -47.86 6.73 -37.10
C LYS C 235 -46.54 7.23 -37.64
N LYS C 236 -45.86 8.08 -36.86
CA LYS C 236 -44.63 8.71 -37.27
C LYS C 236 -43.47 8.12 -36.50
N LEU C 237 -42.51 7.56 -37.23
CA LEU C 237 -41.31 6.99 -36.64
C LEU C 237 -40.10 7.84 -37.02
N LEU C 238 -39.32 8.21 -36.02
CA LEU C 238 -38.10 8.96 -36.27
C LEU C 238 -37.10 8.11 -37.04
N SER C 239 -36.42 8.73 -38.01
CA SER C 239 -35.50 8.00 -38.87
C SER C 239 -34.32 7.43 -38.11
N ASP C 240 -34.00 7.97 -36.94
CA ASP C 240 -32.90 7.43 -36.14
C ASP C 240 -33.30 6.16 -35.40
N GLU C 241 -34.59 5.91 -35.23
CA GLU C 241 -35.01 4.65 -34.64
C GLU C 241 -34.91 3.50 -35.64
N ILE C 242 -35.21 3.77 -36.91
CA ILE C 242 -35.16 2.71 -37.92
C ILE C 242 -33.72 2.31 -38.21
N TRP C 243 -32.81 3.28 -38.30
CA TRP C 243 -31.43 3.03 -38.66
C TRP C 243 -30.50 3.40 -37.52
N ILE C 244 -29.50 2.56 -37.28
CA ILE C 244 -28.43 2.86 -36.34
C ILE C 244 -27.12 2.90 -37.13
N SER C 245 -26.21 3.76 -36.67
CA SER C 245 -24.97 4.04 -37.40
C SER C 245 -23.77 3.58 -36.59
N LYS C 246 -22.79 3.02 -37.29
CA LYS C 246 -21.54 2.57 -36.69
C LYS C 246 -20.37 3.07 -37.53
N MET C 247 -19.40 3.66 -36.87
CA MET C 247 -18.19 4.16 -37.53
C MET C 247 -17.06 3.19 -37.20
N GLN C 248 -16.63 2.41 -38.19
CA GLN C 248 -15.58 1.42 -38.00
C GLN C 248 -14.26 1.99 -38.47
N ILE C 249 -13.24 1.91 -37.62
CA ILE C 249 -11.91 2.39 -37.93
C ILE C 249 -11.02 1.17 -38.17
N GLY C 250 -10.47 1.07 -39.37
CA GLY C 250 -9.61 -0.04 -39.71
C GLY C 250 -8.29 0.47 -40.26
N ILE C 251 -7.28 -0.39 -40.16
CA ILE C 251 -5.93 -0.06 -40.61
C ILE C 251 -5.41 -1.20 -41.47
N THR C 252 -4.23 -0.98 -42.04
CA THR C 252 -3.43 -2.01 -42.66
C THR C 252 -2.22 -2.26 -41.78
N LYS C 253 -2.06 -3.49 -41.29
CA LYS C 253 -1.01 -3.77 -40.32
C LYS C 253 0.36 -3.64 -40.95
N HIS C 254 0.57 -4.27 -42.10
CA HIS C 254 1.88 -4.22 -42.75
C HIS C 254 2.14 -2.82 -43.30
N VAL C 255 3.37 -2.35 -43.14
CA VAL C 255 3.79 -1.04 -43.63
C VAL C 255 4.74 -1.26 -44.80
N GLU C 256 4.34 -0.80 -45.99
CA GLU C 256 5.10 -1.06 -47.21
C GLU C 256 6.05 0.07 -47.51
N GLU C 257 7.12 -0.25 -48.23
CA GLU C 257 8.02 0.67 -48.92
C GLU C 257 8.80 1.58 -47.97
N GLY C 258 8.55 1.50 -46.66
CA GLY C 258 9.33 2.27 -45.71
C GLY C 258 9.07 3.76 -45.69
N GLU C 259 8.07 4.25 -46.42
CA GLU C 259 7.77 5.67 -46.38
C GLU C 259 6.90 5.97 -45.15
N ASP C 260 6.48 7.22 -45.02
CA ASP C 260 5.61 7.60 -43.92
C ASP C 260 4.34 6.76 -43.94
N ASN C 261 4.00 6.19 -42.80
CA ASN C 261 2.90 5.24 -42.70
C ASN C 261 2.28 5.36 -41.32
N ASP C 262 1.50 4.36 -40.93
CA ASP C 262 0.70 4.28 -39.71
C ASP C 262 -0.48 5.25 -39.74
N LYS C 263 -0.60 6.08 -40.77
CA LYS C 263 -1.79 6.89 -41.01
C LYS C 263 -2.78 6.18 -41.92
N SER C 264 -2.48 4.96 -42.34
CA SER C 264 -3.36 4.22 -43.25
C SER C 264 -4.55 3.66 -42.49
N PHE C 265 -5.31 4.58 -41.90
CA PHE C 265 -6.54 4.25 -41.21
C PHE C 265 -7.72 4.87 -41.96
N TYR C 266 -8.80 4.12 -42.04
CA TYR C 266 -10.00 4.54 -42.76
C TYR C 266 -11.20 4.41 -41.85
N LYS C 267 -12.25 5.16 -42.19
CA LYS C 267 -13.49 5.14 -41.43
C LYS C 267 -14.65 4.85 -42.36
N GLN C 268 -15.50 3.91 -41.97
CA GLN C 268 -16.69 3.55 -42.74
C GLN C 268 -17.90 3.65 -41.84
N GLU C 269 -18.98 4.22 -42.38
CA GLU C 269 -20.25 4.26 -41.67
C GLU C 269 -21.06 3.04 -42.08
N PHE C 270 -21.32 2.15 -41.13
CA PHE C 270 -22.09 0.95 -41.35
C PHE C 270 -23.47 1.13 -40.74
N LEU C 271 -24.51 0.81 -41.50
CA LEU C 271 -25.88 0.97 -41.06
C LEU C 271 -26.49 -0.38 -40.70
N GLN C 272 -27.38 -0.36 -39.72
CA GLN C 272 -28.13 -1.54 -39.31
C GLN C 272 -29.59 -1.19 -39.17
N LEU C 273 -30.45 -2.11 -39.56
CA LEU C 273 -31.89 -1.91 -39.43
C LEU C 273 -32.37 -2.32 -38.04
N LYS C 274 -33.36 -1.59 -37.55
CA LYS C 274 -33.95 -1.93 -36.26
C LYS C 274 -34.60 -3.32 -36.35
N LYS C 275 -34.72 -3.96 -35.20
CA LYS C 275 -35.26 -5.31 -35.15
C LYS C 275 -36.68 -5.32 -35.70
N SER C 276 -36.99 -6.36 -36.48
CA SER C 276 -38.29 -6.54 -37.14
C SER C 276 -38.50 -5.55 -38.27
N PHE C 277 -37.43 -5.02 -38.85
CA PHE C 277 -37.49 -4.16 -40.02
C PHE C 277 -36.71 -4.82 -41.15
N ILE C 278 -37.32 -4.86 -42.34
CA ILE C 278 -36.71 -5.45 -43.52
C ILE C 278 -36.96 -4.57 -44.73
N TYR C 279 -36.17 -4.80 -45.78
CA TYR C 279 -36.39 -4.21 -47.08
C TYR C 279 -37.15 -5.17 -47.97
N ALA C 280 -37.96 -4.62 -48.88
CA ALA C 280 -38.75 -5.45 -49.76
C ALA C 280 -39.00 -4.72 -51.07
N PHE C 281 -39.26 -5.50 -52.12
CA PHE C 281 -39.71 -4.95 -53.39
C PHE C 281 -40.42 -6.05 -54.17
N TYR C 282 -41.24 -5.63 -55.12
CA TYR C 282 -42.00 -6.55 -55.96
C TYR C 282 -41.31 -6.67 -57.32
N ILE C 283 -41.27 -7.89 -57.85
CA ILE C 283 -40.62 -8.16 -59.13
C ILE C 283 -41.52 -9.07 -59.95
N THR C 284 -41.57 -8.80 -61.26
CA THR C 284 -42.33 -9.60 -62.21
C THR C 284 -41.33 -10.29 -63.14
N LEU C 285 -41.40 -11.61 -63.20
CA LEU C 285 -40.45 -12.40 -63.97
C LEU C 285 -41.14 -13.06 -65.15
N SER C 286 -40.49 -12.98 -66.32
CA SER C 286 -41.10 -13.46 -67.55
C SER C 286 -41.06 -14.98 -67.62
N GLY C 287 -42.15 -15.56 -68.13
CA GLY C 287 -42.22 -16.99 -68.30
C GLY C 287 -42.06 -17.73 -67.00
N GLU C 288 -41.27 -18.80 -67.03
CA GLU C 288 -40.98 -19.62 -65.86
C GLU C 288 -39.48 -19.53 -65.59
N SER C 289 -39.06 -18.50 -64.86
CA SER C 289 -37.69 -18.36 -64.38
C SER C 289 -37.79 -18.10 -62.89
N GLU C 290 -37.89 -19.18 -62.11
CA GLU C 290 -38.09 -19.05 -60.67
C GLU C 290 -36.86 -18.46 -60.00
N LEU C 291 -37.10 -17.72 -58.93
CA LEU C 291 -36.04 -17.17 -58.09
C LEU C 291 -35.99 -17.98 -56.80
N SER C 292 -34.80 -18.48 -56.48
CA SER C 292 -34.62 -19.28 -55.28
C SER C 292 -34.22 -18.38 -54.12
N SER C 293 -34.72 -18.71 -52.93
CA SER C 293 -34.28 -18.01 -51.74
C SER C 293 -32.80 -18.28 -51.50
N ASP C 294 -32.07 -17.23 -51.14
CA ASP C 294 -30.62 -17.35 -51.04
C ASP C 294 -30.07 -16.24 -50.17
N ILE C 295 -28.78 -16.33 -49.89
CA ILE C 295 -28.02 -15.28 -49.21
C ILE C 295 -27.32 -14.46 -50.28
N ILE C 296 -27.58 -13.16 -50.30
CA ILE C 296 -27.17 -12.31 -51.41
C ILE C 296 -26.35 -11.14 -50.90
N GLN C 297 -25.76 -10.42 -51.85
CA GLN C 297 -25.03 -9.20 -51.59
C GLN C 297 -25.76 -8.03 -52.21
N LEU C 298 -25.84 -6.92 -51.48
CA LEU C 298 -26.47 -5.69 -51.96
C LEU C 298 -25.51 -4.53 -51.66
N GLY C 299 -24.60 -4.27 -52.59
CA GLY C 299 -23.69 -3.16 -52.49
C GLY C 299 -22.86 -3.14 -51.21
N GLY C 300 -22.16 -2.03 -51.04
CA GLY C 300 -21.40 -1.81 -49.84
C GLY C 300 -20.24 -2.78 -49.68
N GLN C 301 -19.53 -2.62 -48.56
CA GLN C 301 -18.35 -3.42 -48.27
C GLN C 301 -18.82 -4.81 -47.82
N ARG C 302 -19.17 -5.63 -48.81
CA ARG C 302 -19.55 -7.02 -48.62
C ARG C 302 -20.74 -7.15 -47.67
N SER C 303 -21.84 -6.51 -48.05
CA SER C 303 -23.06 -6.53 -47.25
C SER C 303 -23.88 -7.77 -47.62
N VAL C 304 -24.35 -8.49 -46.61
CA VAL C 304 -25.00 -9.77 -46.80
C VAL C 304 -26.47 -9.65 -46.41
N PHE C 305 -27.36 -10.03 -47.32
CA PHE C 305 -28.78 -10.03 -47.08
C PHE C 305 -29.35 -11.41 -47.37
N ARG C 306 -30.48 -11.72 -46.76
CA ARG C 306 -31.15 -13.00 -46.93
C ARG C 306 -32.39 -12.79 -47.79
N MET C 307 -32.40 -13.39 -48.97
CA MET C 307 -33.51 -13.23 -49.90
C MET C 307 -34.57 -14.29 -49.60
N GLU C 308 -35.79 -13.84 -49.32
CA GLU C 308 -36.95 -14.72 -49.24
C GLU C 308 -37.85 -14.37 -50.41
N VAL C 309 -38.15 -15.37 -51.24
CA VAL C 309 -39.01 -15.19 -52.40
C VAL C 309 -40.39 -15.73 -52.05
N GLU C 310 -41.37 -14.83 -52.02
CA GLU C 310 -42.76 -15.19 -51.75
C GLU C 310 -43.58 -14.87 -52.98
N SER C 311 -44.43 -15.80 -53.39
CA SER C 311 -45.23 -15.64 -54.58
C SER C 311 -46.56 -15.00 -54.27
N ILE C 312 -46.95 -14.04 -55.11
CA ILE C 312 -48.27 -13.42 -55.03
C ILE C 312 -49.10 -13.90 -56.21
N GLU C 313 -50.38 -13.55 -56.18
CA GLU C 313 -51.32 -14.08 -57.16
C GLU C 313 -50.98 -13.62 -58.58
N GLU C 314 -51.39 -14.44 -59.55
CA GLU C 314 -51.08 -14.17 -60.95
C GLU C 314 -51.71 -12.84 -61.38
N ASN C 315 -53.04 -12.77 -61.34
CA ASN C 315 -53.77 -11.59 -61.81
C ASN C 315 -53.56 -10.46 -60.80
N SER C 316 -52.37 -9.87 -60.85
CA SER C 316 -52.02 -8.77 -59.96
C SER C 316 -51.04 -7.85 -60.67
N ASP C 317 -51.09 -6.58 -60.33
CA ASP C 317 -50.15 -5.57 -60.82
C ASP C 317 -49.34 -5.06 -59.65
N ILE C 318 -48.01 -5.15 -59.75
CA ILE C 318 -47.16 -4.73 -58.64
C ILE C 318 -47.18 -3.23 -58.47
N GLN C 319 -47.30 -2.48 -59.57
CA GLN C 319 -47.53 -1.04 -59.46
C GLN C 319 -48.80 -0.75 -58.67
N GLU C 320 -49.87 -1.48 -58.98
CA GLU C 320 -51.13 -1.31 -58.25
C GLU C 320 -50.96 -1.65 -56.78
N LYS C 321 -50.19 -2.69 -56.46
CA LYS C 321 -50.00 -3.06 -55.07
C LYS C 321 -49.23 -1.98 -54.31
N TYR C 322 -48.17 -1.44 -54.92
CA TYR C 322 -47.43 -0.35 -54.28
C TYR C 322 -48.31 0.87 -54.07
N GLN C 323 -49.10 1.23 -55.09
CA GLN C 323 -49.99 2.38 -54.94
C GLN C 323 -51.06 2.12 -53.88
N THR C 324 -51.57 0.89 -53.80
CA THR C 324 -52.52 0.55 -52.75
C THR C 324 -51.91 0.71 -51.38
N ALA C 325 -50.64 0.29 -51.23
CA ALA C 325 -49.95 0.49 -49.96
C ALA C 325 -49.81 1.96 -49.63
N ALA C 326 -49.52 2.79 -50.62
CA ALA C 326 -49.29 4.21 -50.41
C ALA C 326 -50.58 5.04 -50.41
N GLN C 327 -51.74 4.42 -50.64
CA GLN C 327 -52.99 5.16 -50.77
C GLN C 327 -53.34 6.00 -49.54
N PHE C 328 -52.81 5.70 -48.37
CA PHE C 328 -53.21 6.43 -47.17
C PHE C 328 -52.59 7.82 -47.06
N LEU C 329 -51.83 8.26 -48.07
CA LEU C 329 -51.15 9.55 -48.01
C LEU C 329 -51.60 10.50 -49.12
N THR C 330 -52.75 10.26 -49.71
CA THR C 330 -53.18 11.00 -50.90
C THR C 330 -54.03 12.19 -50.50
N GLN C 331 -53.53 13.39 -50.79
CA GLN C 331 -54.29 14.62 -50.66
C GLN C 331 -54.47 15.24 -52.05
N SER C 332 -55.72 15.54 -52.41
CA SER C 332 -56.00 15.97 -53.76
C SER C 332 -55.73 17.45 -53.97
N ASP C 333 -54.54 17.89 -53.60
CA ASP C 333 -54.03 19.18 -54.02
C ASP C 333 -52.54 19.14 -54.29
N ARG C 334 -51.90 17.98 -54.20
CA ARG C 334 -50.46 17.85 -54.35
C ARG C 334 -50.16 16.48 -54.95
N LEU C 335 -48.95 16.33 -55.45
CA LEU C 335 -48.45 15.05 -55.95
C LEU C 335 -47.31 14.60 -55.04
N LEU C 336 -47.52 13.49 -54.35
CA LEU C 336 -46.50 12.97 -53.43
C LEU C 336 -45.52 12.11 -54.21
N ILE C 337 -44.24 12.46 -54.15
CA ILE C 337 -43.19 11.74 -54.85
C ILE C 337 -42.72 10.63 -53.92
N LEU C 338 -43.14 9.40 -54.22
CA LEU C 338 -42.84 8.26 -53.36
C LEU C 338 -41.46 7.67 -53.66
N SER C 339 -41.16 7.48 -54.93
CA SER C 339 -39.87 7.00 -55.39
C SER C 339 -39.11 8.12 -56.08
N PRO C 340 -37.78 8.06 -56.13
CA PRO C 340 -37.01 9.13 -56.76
C PRO C 340 -37.48 9.38 -58.19
N THR C 341 -37.58 10.66 -58.55
CA THR C 341 -38.16 11.09 -59.81
C THR C 341 -37.14 11.89 -60.60
N TYR C 342 -37.02 11.59 -61.89
CA TYR C 342 -36.13 12.29 -62.79
C TYR C 342 -36.95 12.98 -63.87
N VAL C 343 -36.65 14.24 -64.11
CA VAL C 343 -37.22 15.01 -65.22
C VAL C 343 -36.08 15.69 -65.96
N ASP C 344 -36.10 15.60 -67.29
CA ASP C 344 -35.05 16.22 -68.09
C ASP C 344 -35.04 17.74 -67.90
N ASN C 345 -36.21 18.36 -67.84
CA ASN C 345 -36.34 19.79 -67.61
C ASN C 345 -37.10 19.99 -66.31
N LEU C 346 -36.40 20.48 -65.28
CA LEU C 346 -37.08 20.86 -64.05
C LEU C 346 -37.83 22.17 -64.20
N LYS C 347 -37.42 23.03 -65.14
CA LYS C 347 -38.09 24.30 -65.33
C LYS C 347 -39.52 24.13 -65.82
N GLU C 348 -39.73 23.19 -66.74
CA GLU C 348 -41.09 22.95 -67.23
C GLU C 348 -41.97 22.40 -66.12
N LEU C 349 -41.42 21.51 -65.29
CA LEU C 349 -42.17 21.00 -64.14
C LEU C 349 -42.51 22.12 -63.17
N SER C 350 -41.57 23.06 -62.97
CA SER C 350 -41.86 24.24 -62.15
C SER C 350 -42.99 25.05 -62.76
N ALA C 351 -42.97 25.22 -64.08
CA ALA C 351 -44.03 25.97 -64.74
C ALA C 351 -45.38 25.28 -64.62
N LEU C 352 -45.39 23.96 -64.44
CA LEU C 352 -46.62 23.22 -64.28
C LEU C 352 -47.07 23.09 -62.84
N CYS C 353 -46.48 23.85 -61.91
CA CYS C 353 -46.85 23.75 -60.51
C CYS C 353 -46.70 25.10 -59.84
N ASN C 354 -47.31 25.23 -58.66
CA ASN C 354 -47.27 26.46 -57.88
C ASN C 354 -46.20 26.46 -56.79
N PHE C 355 -45.81 25.28 -56.30
CA PHE C 355 -44.84 25.19 -55.22
C PHE C 355 -44.35 23.76 -55.13
N MET C 356 -43.03 23.57 -55.10
CA MET C 356 -42.43 22.27 -54.83
C MET C 356 -41.77 22.31 -53.46
N TRP C 357 -42.22 21.42 -52.58
CA TRP C 357 -41.58 21.22 -51.28
C TRP C 357 -40.69 19.99 -51.44
N SER C 358 -39.54 20.20 -52.06
CA SER C 358 -38.76 19.10 -52.63
C SER C 358 -37.31 19.16 -52.19
N ASP C 359 -36.63 18.04 -52.38
CA ASP C 359 -35.19 17.90 -52.14
C ASP C 359 -34.57 17.17 -53.32
N SER C 360 -33.27 16.92 -53.23
CA SER C 360 -32.52 16.30 -54.32
C SER C 360 -31.68 15.13 -53.79
N ILE C 361 -31.52 14.12 -54.63
CA ILE C 361 -30.54 13.07 -54.41
C ILE C 361 -29.71 12.93 -55.68
N VAL C 362 -28.49 12.44 -55.54
CA VAL C 362 -27.58 12.29 -56.65
C VAL C 362 -27.51 10.82 -57.05
N PHE C 363 -27.53 10.56 -58.35
CA PHE C 363 -27.57 9.22 -58.89
C PHE C 363 -26.34 8.97 -59.75
N ARG C 364 -25.71 7.82 -59.55
CA ARG C 364 -24.63 7.37 -60.42
C ARG C 364 -24.65 5.85 -60.45
N ASN C 365 -24.42 5.30 -61.63
CA ASN C 365 -24.57 3.88 -61.87
C ASN C 365 -23.20 3.22 -62.02
N ILE C 366 -23.20 1.89 -62.00
CA ILE C 366 -22.06 1.11 -62.47
C ILE C 366 -22.46 0.48 -63.80
N GLN C 367 -21.73 0.82 -64.85
CA GLN C 367 -22.08 0.44 -66.20
C GLN C 367 -21.18 -0.72 -66.64
N THR C 368 -21.75 -1.92 -66.70
CA THR C 368 -21.03 -3.11 -67.11
C THR C 368 -21.85 -3.85 -68.16
N THR C 369 -21.16 -4.34 -69.18
CA THR C 369 -21.78 -5.18 -70.20
C THR C 369 -21.60 -6.64 -69.82
N ASN C 370 -22.17 -7.52 -70.65
CA ASN C 370 -22.01 -8.95 -70.39
C ASN C 370 -20.57 -9.39 -70.55
N ALA C 371 -19.80 -8.71 -71.40
CA ALA C 371 -18.41 -9.05 -71.66
C ALA C 371 -17.42 -8.21 -70.88
N SER C 372 -17.90 -7.36 -69.98
CA SER C 372 -17.01 -6.43 -69.29
C SER C 372 -16.12 -7.17 -68.29
N ASN C 373 -14.99 -6.54 -67.98
CA ASN C 373 -14.09 -7.09 -66.97
C ASN C 373 -14.69 -6.88 -65.59
N PHE C 374 -15.41 -7.88 -65.09
CA PHE C 374 -16.12 -7.74 -63.82
C PHE C 374 -15.19 -7.63 -62.63
N TYR C 375 -13.91 -7.95 -62.78
CA TYR C 375 -12.95 -7.93 -61.69
C TYR C 375 -11.94 -6.83 -61.97
N GLY C 376 -12.12 -5.68 -61.34
CA GLY C 376 -11.23 -4.56 -61.55
C GLY C 376 -11.94 -3.26 -61.22
N LYS C 377 -11.37 -2.17 -61.72
CA LYS C 377 -11.98 -0.86 -61.53
C LYS C 377 -13.31 -0.80 -62.26
N PRO C 378 -14.42 -0.59 -61.58
CA PRO C 378 -15.71 -0.54 -62.28
C PRO C 378 -15.89 0.78 -63.01
N ILE C 379 -16.53 0.70 -64.17
CA ILE C 379 -16.82 1.89 -64.97
C ILE C 379 -18.17 2.42 -64.49
N LYS C 380 -18.16 3.63 -63.93
CA LYS C 380 -19.37 4.27 -63.47
C LYS C 380 -19.85 5.30 -64.49
N SER C 381 -21.13 5.65 -64.39
CA SER C 381 -21.71 6.59 -65.33
C SER C 381 -20.95 7.89 -65.31
N SER C 382 -20.55 8.37 -66.49
CA SER C 382 -19.76 9.58 -66.58
C SER C 382 -20.55 10.81 -66.13
N SER C 383 -21.87 10.71 -66.04
CA SER C 383 -22.71 11.81 -65.61
C SER C 383 -23.49 11.39 -64.37
N LYS C 384 -23.62 12.32 -63.43
CA LYS C 384 -24.45 12.12 -62.26
C LYS C 384 -25.75 12.89 -62.43
N TYR C 385 -26.85 12.29 -61.99
CA TYR C 385 -28.18 12.82 -62.23
C TYR C 385 -28.84 13.14 -60.90
N HIS C 386 -29.64 14.20 -60.90
CA HIS C 386 -30.30 14.67 -59.69
C HIS C 386 -31.77 14.27 -59.72
N PHE C 387 -32.18 13.50 -58.72
CA PHE C 387 -33.54 12.98 -58.61
C PHE C 387 -34.27 13.68 -57.48
N LEU C 388 -35.58 13.85 -57.64
CA LEU C 388 -36.40 14.40 -56.58
C LEU C 388 -36.54 13.40 -55.44
N LYS C 389 -36.30 13.87 -54.22
CA LYS C 389 -36.27 12.98 -53.08
C LYS C 389 -37.67 12.43 -52.79
N PRO C 390 -37.76 11.20 -52.27
CA PRO C 390 -39.04 10.72 -51.76
C PRO C 390 -39.57 11.63 -50.65
N GLY C 391 -40.89 11.82 -50.65
CA GLY C 391 -41.52 12.74 -49.73
C GLY C 391 -41.73 14.13 -50.28
N SER C 392 -41.19 14.45 -51.44
CA SER C 392 -41.43 15.74 -52.07
C SER C 392 -42.87 15.82 -52.58
N VAL C 393 -43.46 17.00 -52.45
CA VAL C 393 -44.83 17.23 -52.88
C VAL C 393 -44.83 18.27 -53.99
N LEU C 394 -45.59 17.99 -55.04
CA LEU C 394 -45.75 18.88 -56.18
C LEU C 394 -47.15 19.48 -56.13
N TYR C 395 -47.23 20.77 -55.85
CA TYR C 395 -48.52 21.44 -55.75
C TYR C 395 -48.89 21.96 -57.13
N PHE C 396 -49.73 21.21 -57.83
CA PHE C 396 -50.06 21.52 -59.21
C PHE C 396 -51.03 22.69 -59.27
N LYS C 397 -51.16 23.26 -60.47
CA LYS C 397 -52.09 24.35 -60.70
C LYS C 397 -53.52 23.84 -60.56
N GLN C 398 -54.48 24.76 -60.74
CA GLN C 398 -55.88 24.42 -60.47
C GLN C 398 -56.39 23.31 -61.38
N GLY C 399 -55.82 23.17 -62.58
CA GLY C 399 -56.33 22.18 -63.52
C GLY C 399 -55.31 21.43 -64.36
N LYS C 400 -54.10 21.23 -63.83
CA LYS C 400 -53.03 20.66 -64.63
C LYS C 400 -52.36 19.48 -63.93
N ARG C 401 -53.14 18.65 -63.26
CA ARG C 401 -52.59 17.43 -62.67
C ARG C 401 -52.22 16.41 -63.73
N LYS C 402 -53.04 16.30 -64.77
CA LYS C 402 -52.75 15.36 -65.86
C LYS C 402 -51.46 15.73 -66.57
N GLU C 403 -51.20 17.03 -66.72
CA GLU C 403 -49.99 17.47 -67.41
C GLU C 403 -48.73 17.02 -66.69
N VAL C 404 -48.67 17.28 -65.38
CA VAL C 404 -47.49 16.89 -64.61
C VAL C 404 -47.39 15.37 -64.53
N GLU C 405 -48.53 14.69 -64.44
CA GLU C 405 -48.50 13.22 -64.43
C GLU C 405 -47.90 12.68 -65.72
N LYS C 406 -48.32 13.23 -66.87
CA LYS C 406 -47.76 12.78 -68.14
C LYS C 406 -46.29 13.10 -68.25
N LEU C 407 -45.88 14.27 -67.76
CA LEU C 407 -44.46 14.61 -67.76
C LEU C 407 -43.65 13.60 -66.96
N LEU C 408 -44.18 13.18 -65.81
CA LEU C 408 -43.46 12.21 -64.98
C LEU C 408 -43.47 10.82 -65.59
N MET C 409 -44.57 10.42 -66.22
CA MET C 409 -44.66 9.10 -66.84
C MET C 409 -44.03 9.02 -68.21
N ASP C 410 -43.51 10.13 -68.74
CA ASP C 410 -42.82 10.09 -70.03
C ASP C 410 -41.63 9.13 -70.03
N TYR C 411 -41.07 8.83 -68.86
CA TYR C 411 -39.93 7.92 -68.74
C TYR C 411 -40.44 6.56 -68.25
N THR C 412 -40.83 5.70 -69.19
CA THR C 412 -41.37 4.40 -68.81
C THR C 412 -40.28 3.42 -68.40
N TYR C 413 -39.06 3.59 -68.89
CA TYR C 413 -37.94 2.78 -68.43
C TYR C 413 -37.67 3.01 -66.96
N LEU C 414 -37.56 4.28 -66.55
CA LEU C 414 -37.42 4.61 -65.15
C LEU C 414 -38.63 4.16 -64.34
N ARG C 415 -39.81 4.19 -64.97
CA ARG C 415 -41.01 3.70 -64.29
C ARG C 415 -40.91 2.21 -63.99
N LEU C 416 -40.44 1.43 -64.96
CA LEU C 416 -40.30 0.00 -64.77
C LEU C 416 -39.17 -0.32 -63.81
N SER C 417 -38.17 0.56 -63.71
CA SER C 417 -37.08 0.34 -62.77
C SER C 417 -37.49 0.57 -61.33
N GLY C 418 -38.51 1.39 -61.10
CA GLY C 418 -38.94 1.71 -59.75
C GLY C 418 -38.79 3.17 -59.42
N TYR C 419 -38.69 4.00 -60.45
CA TYR C 419 -38.53 5.43 -60.30
C TYR C 419 -39.74 6.15 -60.87
N ASN C 420 -39.89 7.41 -60.45
CA ASN C 420 -41.01 8.26 -60.87
C ASN C 420 -42.35 7.65 -60.46
N ILE C 421 -42.42 7.14 -59.23
CA ILE C 421 -43.65 6.60 -58.68
C ILE C 421 -44.24 7.64 -57.74
N TYR C 422 -45.49 8.03 -57.99
CA TYR C 422 -46.16 9.05 -57.20
C TYR C 422 -47.52 8.53 -56.77
N ILE C 423 -48.22 9.34 -55.98
CA ILE C 423 -49.57 9.00 -55.55
C ILE C 423 -50.41 10.27 -55.48
N MET D 1 -22.92 -22.19 -50.75
CA MET D 1 -22.82 -21.44 -49.51
C MET D 1 -23.23 -22.29 -48.31
N THR D 2 -22.26 -22.58 -47.44
CA THR D 2 -22.50 -23.35 -46.22
C THR D 2 -22.03 -22.53 -45.04
N THR D 3 -22.97 -22.03 -44.24
CA THR D 3 -22.61 -21.22 -43.09
C THR D 3 -22.11 -22.13 -41.97
N ARG D 4 -20.98 -21.76 -41.37
CA ARG D 4 -20.33 -22.58 -40.36
C ARG D 4 -20.03 -21.74 -39.14
N MET D 5 -20.19 -22.33 -37.97
CA MET D 5 -19.89 -21.68 -36.71
C MET D 5 -18.54 -22.15 -36.19
N TYR D 6 -17.67 -21.21 -35.89
CA TYR D 6 -16.34 -21.49 -35.36
C TYR D 6 -16.20 -20.88 -33.97
N VAL D 7 -15.66 -21.66 -33.04
CA VAL D 7 -15.38 -21.19 -31.69
C VAL D 7 -13.89 -20.89 -31.59
N ILE D 8 -13.54 -19.95 -30.72
CA ILE D 8 -12.18 -19.40 -30.71
C ILE D 8 -11.34 -20.02 -29.59
N ASN D 9 -11.76 -19.89 -28.34
CA ASN D 9 -11.01 -20.44 -27.20
C ASN D 9 -9.60 -19.85 -27.14
N THR D 10 -9.55 -18.57 -26.80
CA THR D 10 -8.28 -17.87 -26.67
C THR D 10 -7.36 -18.54 -25.66
N LEU D 11 -6.11 -18.75 -26.04
CA LEU D 11 -5.13 -19.38 -25.16
C LEU D 11 -4.36 -18.37 -24.31
N SER D 12 -4.50 -17.08 -24.56
CA SER D 12 -3.81 -16.06 -23.79
C SER D 12 -4.75 -14.85 -23.66
N ASN D 13 -4.24 -13.77 -23.09
CA ASN D 13 -5.02 -12.54 -22.95
C ASN D 13 -5.21 -11.90 -24.31
N MET D 14 -6.43 -11.46 -24.61
CA MET D 14 -6.76 -10.89 -25.89
C MET D 14 -7.00 -9.38 -25.76
N HIS D 15 -6.27 -8.61 -26.55
CA HIS D 15 -6.45 -7.17 -26.63
C HIS D 15 -6.72 -6.80 -28.09
N VAL D 16 -7.96 -6.42 -28.38
CA VAL D 16 -8.33 -5.90 -29.69
C VAL D 16 -8.71 -4.44 -29.48
N GLY D 17 -7.93 -3.54 -30.05
CA GLY D 17 -8.11 -2.11 -29.81
C GLY D 17 -9.40 -1.54 -30.36
N SER D 18 -10.15 -0.83 -29.50
CA SER D 18 -11.41 -0.24 -29.94
C SER D 18 -11.17 0.95 -30.85
N GLY D 19 -10.30 1.87 -30.46
CA GLY D 19 -9.99 3.04 -31.24
C GLY D 19 -10.99 4.18 -31.11
N GLU D 20 -12.06 3.99 -30.35
CA GLU D 20 -13.07 5.02 -30.18
C GLU D 20 -12.74 5.92 -29.00
N VAL D 21 -13.44 7.05 -28.91
CA VAL D 21 -13.05 8.14 -28.03
C VAL D 21 -13.04 7.66 -26.58
N ASN D 22 -11.84 7.59 -26.00
CA ASN D 22 -11.63 7.01 -24.67
C ASN D 22 -11.26 8.16 -23.73
N TYR D 23 -11.95 8.23 -22.59
CA TYR D 23 -11.74 9.32 -21.65
C TYR D 23 -11.57 8.85 -20.21
N GLY D 24 -11.64 7.54 -19.96
CA GLY D 24 -11.64 7.01 -18.62
C GLY D 24 -10.26 6.71 -18.07
N VAL D 25 -10.23 5.84 -17.05
CA VAL D 25 -8.99 5.50 -16.38
C VAL D 25 -8.09 4.67 -17.29
N ILE D 26 -8.66 3.68 -17.96
CA ILE D 26 -7.87 2.78 -18.79
C ILE D 26 -7.57 3.45 -20.12
N ASP D 27 -6.29 3.50 -20.49
CA ASP D 27 -5.89 4.16 -21.73
C ASP D 27 -6.21 3.32 -22.96
N ASN D 28 -6.03 2.01 -22.86
CA ASN D 28 -6.30 1.11 -23.98
C ASN D 28 -7.48 0.22 -23.61
N LEU D 29 -8.58 0.39 -24.33
CA LEU D 29 -9.79 -0.40 -24.13
C LEU D 29 -9.94 -1.41 -25.26
N ILE D 30 -10.80 -2.40 -25.02
CA ILE D 30 -11.03 -3.47 -25.99
C ILE D 30 -12.34 -3.21 -26.71
N GLN D 31 -12.51 -3.86 -27.85
CA GLN D 31 -13.70 -3.67 -28.66
C GLN D 31 -14.92 -4.28 -27.98
N ARG D 32 -16.00 -3.51 -27.92
CA ARG D 32 -17.25 -3.96 -27.33
C ARG D 32 -18.37 -3.77 -28.33
N ASP D 33 -19.39 -4.62 -28.24
CA ASP D 33 -20.52 -4.54 -29.13
C ASP D 33 -21.30 -3.25 -28.89
N SER D 34 -21.81 -2.66 -29.97
CA SER D 34 -22.62 -1.45 -29.83
C SER D 34 -23.94 -1.75 -29.13
N VAL D 35 -24.57 -2.87 -29.47
CA VAL D 35 -25.93 -3.13 -29.00
C VAL D 35 -25.93 -3.72 -27.60
N THR D 36 -25.09 -4.74 -27.36
CA THR D 36 -25.09 -5.44 -26.09
C THR D 36 -23.99 -4.97 -25.13
N ASN D 37 -22.99 -4.26 -25.65
CA ASN D 37 -21.83 -3.82 -24.86
C ASN D 37 -21.12 -5.01 -24.21
N LEU D 38 -21.05 -6.09 -24.92
CA LEU D 38 -20.24 -7.23 -24.55
C LEU D 38 -18.98 -7.26 -25.42
N PRO D 39 -17.89 -7.85 -24.94
CA PRO D 39 -16.67 -7.91 -25.76
C PRO D 39 -16.91 -8.66 -27.05
N ASN D 40 -16.29 -8.18 -28.12
CA ASN D 40 -16.45 -8.77 -29.44
C ASN D 40 -15.21 -8.48 -30.27
N ILE D 41 -15.09 -9.19 -31.39
CA ILE D 41 -14.02 -8.97 -32.35
C ILE D 41 -14.65 -8.62 -33.69
N ASN D 42 -14.18 -7.53 -34.29
CA ASN D 42 -14.66 -7.15 -35.61
C ASN D 42 -14.24 -8.18 -36.65
N SER D 43 -15.10 -8.39 -37.65
CA SER D 43 -14.77 -9.30 -38.73
C SER D 43 -13.53 -8.86 -39.49
N SER D 44 -13.20 -7.57 -39.45
CA SER D 44 -11.95 -7.10 -40.03
C SER D 44 -10.75 -7.71 -39.31
N GLY D 45 -10.80 -7.76 -37.98
CA GLY D 45 -9.72 -8.38 -37.23
C GLY D 45 -9.61 -9.86 -37.50
N LEU D 46 -10.75 -10.55 -37.58
CA LEU D 46 -10.74 -11.97 -37.88
C LEU D 46 -10.12 -12.23 -39.26
N LYS D 47 -10.58 -11.49 -40.27
CA LYS D 47 -10.04 -11.67 -41.61
C LYS D 47 -8.55 -11.37 -41.64
N GLY D 48 -8.11 -10.30 -40.97
CA GLY D 48 -6.70 -9.98 -40.94
C GLY D 48 -5.86 -11.04 -40.28
N ALA D 49 -6.31 -11.57 -39.14
CA ALA D 49 -5.56 -12.61 -38.46
C ALA D 49 -5.46 -13.87 -39.31
N ILE D 50 -6.58 -14.30 -39.89
CA ILE D 50 -6.56 -15.53 -40.68
C ILE D 50 -5.74 -15.35 -41.95
N ARG D 51 -5.80 -14.16 -42.56
CA ARG D 51 -5.01 -13.91 -43.76
C ARG D 51 -3.52 -13.83 -43.44
N GLU D 52 -3.18 -13.29 -42.27
CA GLU D 52 -1.77 -13.27 -41.88
C GLU D 52 -1.25 -14.67 -41.61
N TYR D 53 -2.06 -15.53 -40.99
CA TYR D 53 -1.62 -16.90 -40.75
C TYR D 53 -1.39 -17.63 -42.07
N PHE D 54 -2.31 -17.46 -43.03
CA PHE D 54 -2.26 -18.19 -44.29
C PHE D 54 -1.48 -17.45 -45.38
N LYS D 55 -0.81 -16.35 -45.05
CA LYS D 55 -0.17 -15.53 -46.08
C LYS D 55 0.94 -16.26 -46.81
N GLU D 56 1.51 -17.32 -46.22
CA GLU D 56 2.58 -18.03 -46.89
C GLU D 56 2.08 -18.87 -48.05
N ASN D 57 0.80 -19.20 -48.09
CA ASN D 57 0.19 -19.87 -49.24
C ASN D 57 -0.56 -18.80 -50.03
N GLU D 58 0.11 -18.24 -51.04
CA GLU D 58 -0.43 -17.08 -51.75
C GLU D 58 -1.73 -17.43 -52.47
N ASP D 59 -1.78 -18.60 -53.10
CA ASP D 59 -2.95 -18.95 -53.89
C ASP D 59 -4.20 -19.09 -53.02
N LEU D 60 -4.06 -19.69 -51.85
CA LEU D 60 -5.20 -19.82 -50.93
C LEU D 60 -5.68 -18.44 -50.49
N VAL D 61 -4.77 -17.53 -50.19
CA VAL D 61 -5.14 -16.18 -49.78
C VAL D 61 -5.87 -15.46 -50.92
N ARG D 62 -5.33 -15.56 -52.12
CA ARG D 62 -5.95 -14.91 -53.27
C ARG D 62 -7.34 -15.47 -53.54
N GLU D 63 -7.51 -16.79 -53.40
CA GLU D 63 -8.81 -17.41 -53.66
C GLU D 63 -9.83 -17.03 -52.61
N LEU D 64 -9.47 -17.13 -51.33
CA LEU D 64 -10.47 -16.99 -50.28
C LEU D 64 -10.62 -15.55 -49.80
N PHE D 65 -9.51 -14.89 -49.45
CA PHE D 65 -9.56 -13.58 -48.84
C PHE D 65 -9.48 -12.44 -49.85
N GLY D 66 -8.91 -12.69 -51.02
CA GLY D 66 -8.91 -11.67 -52.06
C GLY D 66 -7.54 -11.17 -52.43
N SER D 67 -7.48 -9.93 -52.92
CA SER D 67 -6.24 -9.32 -53.36
C SER D 67 -5.72 -8.38 -52.29
N ALA D 68 -4.40 -8.36 -52.12
CA ALA D 68 -3.79 -7.47 -51.16
C ALA D 68 -4.02 -6.03 -51.57
N PRO D 69 -4.02 -5.09 -50.61
CA PRO D 69 -4.18 -3.69 -50.97
C PRO D 69 -3.00 -3.20 -51.79
N ARG D 70 -3.23 -2.11 -52.52
CA ARG D 70 -2.23 -1.54 -53.43
C ARG D 70 -1.78 -2.55 -54.47
N ASP D 71 -2.71 -3.40 -54.90
CA ASP D 71 -2.50 -4.31 -56.02
C ASP D 71 -3.23 -3.76 -57.23
N GLU D 72 -2.61 -3.91 -58.40
CA GLU D 72 -3.19 -3.36 -59.62
C GLU D 72 -4.55 -3.96 -59.92
N LYS D 73 -4.67 -5.28 -59.78
CA LYS D 73 -5.93 -5.98 -60.03
C LYS D 73 -6.58 -6.33 -58.70
N THR D 74 -7.88 -6.09 -58.60
CA THR D 74 -8.63 -6.29 -57.37
C THR D 74 -9.56 -7.48 -57.54
N LEU D 75 -9.39 -8.48 -56.69
CA LEU D 75 -10.21 -9.68 -56.73
C LEU D 75 -11.06 -9.76 -55.47
N PRO D 76 -12.35 -10.06 -55.60
CA PRO D 76 -13.20 -10.13 -54.41
C PRO D 76 -12.87 -11.34 -53.54
N GLY D 77 -13.16 -11.21 -52.26
CA GLY D 77 -13.05 -12.35 -51.37
C GLY D 77 -14.20 -13.32 -51.55
N LYS D 78 -13.96 -14.58 -51.20
CA LYS D 78 -14.96 -15.61 -51.34
C LYS D 78 -15.52 -16.10 -50.01
N VAL D 79 -14.84 -15.83 -48.91
CA VAL D 79 -15.34 -16.15 -47.57
C VAL D 79 -15.76 -14.85 -46.90
N ARG D 80 -16.96 -14.85 -46.33
CA ARG D 80 -17.47 -13.70 -45.58
C ARG D 80 -17.34 -14.00 -44.10
N PHE D 81 -16.59 -13.18 -43.39
CA PHE D 81 -16.42 -13.32 -41.95
C PHE D 81 -17.45 -12.47 -41.21
N PHE D 82 -18.00 -13.03 -40.15
CA PHE D 82 -18.92 -12.32 -39.28
C PHE D 82 -18.27 -12.09 -37.92
N GLU D 83 -18.76 -11.07 -37.22
CA GLU D 83 -18.12 -10.64 -35.99
C GLU D 83 -18.18 -11.74 -34.94
N ALA D 84 -17.13 -11.82 -34.13
CA ALA D 84 -17.04 -12.82 -33.07
C ALA D 84 -17.69 -12.28 -31.80
N ASN D 85 -18.62 -13.04 -31.25
CA ASN D 85 -19.34 -12.65 -30.05
C ASN D 85 -18.90 -13.52 -28.87
N LEU D 86 -18.73 -12.88 -27.72
CA LEU D 86 -18.28 -13.60 -26.53
C LEU D 86 -19.31 -14.64 -26.12
N LEU D 87 -18.87 -15.89 -26.02
CA LEU D 87 -19.75 -16.98 -25.61
C LEU D 87 -19.63 -17.23 -24.11
N SER D 88 -18.44 -17.55 -23.64
CA SER D 88 -18.21 -17.80 -22.23
C SER D 88 -16.91 -17.15 -21.81
N MET D 89 -16.80 -16.83 -20.53
CA MET D 89 -15.65 -16.16 -19.97
C MET D 89 -15.29 -16.81 -18.64
N PRO D 90 -14.00 -16.84 -18.29
CA PRO D 90 -13.60 -17.37 -16.99
C PRO D 90 -13.85 -16.36 -15.87
N VAL D 91 -14.58 -16.80 -14.85
CA VAL D 91 -14.80 -15.99 -13.66
C VAL D 91 -14.18 -16.72 -12.48
N ARG D 92 -13.72 -15.95 -11.50
CA ARG D 92 -12.91 -16.49 -10.43
C ARG D 92 -13.77 -17.07 -9.32
N SER D 93 -13.37 -18.24 -8.83
CA SER D 93 -14.11 -18.95 -7.80
C SER D 93 -13.21 -19.30 -6.62
N ASP D 94 -13.75 -20.05 -5.66
CA ASP D 94 -12.99 -20.46 -4.48
C ASP D 94 -12.78 -21.96 -4.38
N LYS D 95 -13.75 -22.77 -4.79
CA LYS D 95 -13.55 -24.21 -4.82
C LYS D 95 -12.69 -24.64 -5.99
N VAL D 96 -12.74 -23.89 -7.09
CA VAL D 96 -11.97 -24.21 -8.29
C VAL D 96 -11.26 -22.94 -8.73
N PRO D 97 -10.16 -23.07 -9.48
CA PRO D 97 -9.42 -21.87 -9.89
C PRO D 97 -10.26 -20.86 -10.66
N PHE D 98 -11.13 -21.34 -11.55
CA PHE D 98 -12.02 -20.45 -12.27
C PHE D 98 -13.23 -21.25 -12.75
N LEU D 99 -14.27 -20.53 -13.13
CA LEU D 99 -15.47 -21.10 -13.71
C LEU D 99 -15.77 -20.43 -15.03
N MET D 100 -16.35 -21.18 -15.95
CA MET D 100 -16.74 -20.65 -17.26
C MET D 100 -18.15 -20.08 -17.14
N ALA D 101 -18.28 -18.78 -17.37
CA ALA D 101 -19.53 -18.07 -17.12
C ALA D 101 -20.22 -17.75 -18.43
N ILE D 102 -21.49 -18.11 -18.52
CA ILE D 102 -22.34 -17.76 -19.65
C ILE D 102 -23.67 -17.26 -19.12
N SER D 103 -24.22 -16.23 -19.75
CA SER D 103 -25.50 -15.69 -19.33
C SER D 103 -26.63 -16.30 -20.15
N ASP D 104 -27.84 -16.27 -19.57
CA ASP D 104 -28.99 -16.79 -20.29
C ASP D 104 -29.29 -15.97 -21.53
N GLU D 105 -28.98 -14.66 -21.50
CA GLU D 105 -29.20 -13.84 -22.68
C GLU D 105 -28.18 -14.15 -23.77
N VAL D 106 -26.93 -14.44 -23.39
CA VAL D 106 -25.95 -14.90 -24.37
C VAL D 106 -26.40 -16.20 -25.01
N LEU D 107 -26.94 -17.12 -24.20
CA LEU D 107 -27.44 -18.38 -24.73
C LEU D 107 -28.61 -18.14 -25.69
N GLN D 108 -29.54 -17.27 -25.31
CA GLN D 108 -30.69 -17.01 -26.19
C GLN D 108 -30.26 -16.35 -27.48
N GLU D 109 -29.30 -15.42 -27.40
CA GLU D 109 -28.80 -14.78 -28.61
C GLU D 109 -28.09 -15.79 -29.50
N LEU D 110 -27.35 -16.73 -28.90
CA LEU D 110 -26.72 -17.79 -29.67
C LEU D 110 -27.77 -18.65 -30.38
N ILE D 111 -28.85 -18.99 -29.67
CA ILE D 111 -29.92 -19.77 -30.28
C ILE D 111 -30.53 -19.02 -31.45
N THR D 112 -30.80 -17.73 -31.25
CA THR D 112 -31.39 -16.90 -32.30
C THR D 112 -30.46 -16.80 -33.50
N LYS D 113 -29.16 -16.63 -33.25
CA LYS D 113 -28.20 -16.51 -34.35
C LYS D 113 -28.05 -17.81 -35.12
N MET D 114 -28.07 -18.95 -34.42
CA MET D 114 -28.01 -20.23 -35.13
C MET D 114 -29.28 -20.47 -35.93
N LYS D 115 -30.43 -20.06 -35.40
CA LYS D 115 -31.68 -20.19 -36.15
C LYS D 115 -31.68 -19.28 -37.37
N PHE D 116 -31.08 -18.09 -37.24
CA PHE D 116 -31.08 -17.11 -38.32
C PHE D 116 -30.11 -17.51 -39.42
N PHE D 117 -28.90 -17.94 -39.05
CA PHE D 117 -27.86 -18.22 -40.03
C PHE D 117 -28.00 -19.60 -40.66
N ASN D 118 -28.69 -20.53 -40.01
CA ASN D 118 -28.78 -21.92 -40.46
C ASN D 118 -27.39 -22.55 -40.55
N CYS D 119 -26.77 -22.70 -39.38
CA CYS D 119 -25.50 -23.40 -39.28
C CYS D 119 -25.67 -24.86 -39.68
N GLU D 120 -24.55 -25.50 -40.04
CA GLU D 120 -24.61 -26.86 -40.53
C GLU D 120 -25.12 -27.82 -39.46
N GLU D 121 -24.65 -27.67 -38.22
CA GLU D 121 -25.08 -28.53 -37.12
C GLU D 121 -26.12 -27.84 -36.23
N ALA D 122 -26.98 -27.01 -36.82
CA ALA D 122 -27.85 -26.15 -36.03
C ALA D 122 -29.02 -26.88 -35.39
N THR D 123 -29.51 -27.95 -36.02
CA THR D 123 -30.77 -28.56 -35.57
C THR D 123 -30.66 -29.10 -34.15
N GLN D 124 -29.76 -30.07 -33.93
CA GLN D 124 -29.65 -30.70 -32.62
C GLN D 124 -29.19 -29.71 -31.57
N TYR D 125 -28.24 -28.83 -31.93
CA TYR D 125 -27.75 -27.84 -30.98
C TYR D 125 -28.87 -26.91 -30.55
N ILE D 126 -29.69 -26.44 -31.50
CA ILE D 126 -30.80 -25.55 -31.16
C ILE D 126 -31.79 -26.27 -30.27
N SER D 127 -32.13 -27.52 -30.61
CA SER D 127 -33.07 -28.27 -29.78
C SER D 127 -32.56 -28.42 -28.35
N HIS D 128 -31.32 -28.87 -28.18
CA HIS D 128 -30.80 -29.13 -26.84
C HIS D 128 -30.60 -27.83 -26.06
N LEU D 129 -30.14 -26.76 -26.73
CA LEU D 129 -29.98 -25.49 -26.04
C LEU D 129 -31.31 -24.91 -25.63
N SER D 130 -32.34 -25.06 -26.47
CA SER D 130 -33.67 -24.59 -26.10
C SER D 130 -34.21 -25.35 -24.90
N THR D 131 -34.03 -26.68 -24.88
CA THR D 131 -34.46 -27.45 -23.73
C THR D 131 -33.71 -27.01 -22.47
N LEU D 132 -32.41 -26.78 -22.58
CA LEU D 132 -31.62 -26.32 -21.44
C LEU D 132 -32.12 -24.98 -20.92
N LEU D 133 -32.38 -24.04 -21.84
CA LEU D 133 -32.85 -22.71 -21.45
C LEU D 133 -34.23 -22.79 -20.80
N ASP D 134 -35.13 -23.60 -21.35
CA ASP D 134 -36.46 -23.74 -20.75
C ASP D 134 -36.37 -24.34 -19.35
N ASN D 135 -35.54 -25.36 -19.18
CA ASN D 135 -35.35 -25.95 -17.85
C ASN D 135 -34.78 -24.92 -16.88
N ILE D 136 -33.81 -24.12 -17.33
CA ILE D 136 -33.19 -23.11 -16.49
C ILE D 136 -34.22 -22.08 -16.05
N LYS D 137 -35.04 -21.61 -17.00
CA LYS D 137 -36.06 -20.61 -16.68
C LYS D 137 -37.10 -21.19 -15.74
N THR D 138 -37.47 -22.46 -15.92
CA THR D 138 -38.39 -23.09 -14.98
C THR D 138 -37.81 -23.17 -13.58
N GLN D 139 -36.52 -23.50 -13.48
CA GLN D 139 -35.88 -23.60 -12.17
C GLN D 139 -35.75 -22.25 -11.50
N ALA D 140 -35.37 -21.22 -12.25
CA ALA D 140 -35.15 -19.90 -11.67
C ALA D 140 -36.46 -19.22 -11.28
N GLN D 141 -37.46 -19.27 -12.17
CA GLN D 141 -38.77 -18.65 -11.96
C GLN D 141 -38.64 -17.15 -11.72
N GLY D 142 -37.89 -16.48 -12.60
CA GLY D 142 -37.79 -15.03 -12.59
C GLY D 142 -36.85 -14.45 -11.56
N THR D 143 -36.08 -15.28 -10.86
CA THR D 143 -35.13 -14.81 -9.86
C THR D 143 -33.71 -14.87 -10.42
N ASP D 144 -32.80 -14.18 -9.74
CA ASP D 144 -31.39 -14.29 -10.08
C ASP D 144 -30.89 -15.71 -9.80
N PHE D 145 -30.09 -16.24 -10.71
CA PHE D 145 -29.66 -17.62 -10.59
C PHE D 145 -28.18 -17.75 -10.96
N ALA D 146 -27.53 -18.72 -10.35
CA ALA D 146 -26.15 -19.11 -10.67
C ALA D 146 -26.10 -20.63 -10.59
N TYR D 147 -26.22 -21.29 -11.74
CA TYR D 147 -26.41 -22.73 -11.79
C TYR D 147 -25.15 -23.42 -12.29
N VAL D 148 -24.60 -24.30 -11.48
CA VAL D 148 -23.56 -25.22 -11.91
C VAL D 148 -24.20 -26.60 -12.03
N PHE D 149 -23.56 -27.47 -12.82
CA PHE D 149 -24.14 -28.76 -13.12
C PHE D 149 -23.36 -29.93 -12.55
N ASP D 150 -22.07 -29.78 -12.30
CA ASP D 150 -21.34 -30.80 -11.58
C ASP D 150 -21.70 -30.72 -10.10
N PRO D 151 -22.10 -31.83 -9.49
CA PRO D 151 -22.43 -31.79 -8.05
C PRO D 151 -21.26 -31.35 -7.18
N LEU D 152 -20.03 -31.60 -7.63
CA LEU D 152 -18.87 -31.18 -6.86
C LEU D 152 -18.77 -29.66 -6.76
N LEU D 153 -19.05 -28.96 -7.86
CA LEU D 153 -18.93 -27.50 -7.90
C LEU D 153 -20.03 -26.79 -7.13
N GLN D 154 -20.97 -27.53 -6.54
CA GLN D 154 -22.00 -26.93 -5.73
C GLN D 154 -21.39 -26.10 -4.60
N GLY D 155 -21.92 -24.90 -4.40
CA GLY D 155 -21.40 -24.02 -3.37
C GLY D 155 -20.22 -23.17 -3.79
N ALA D 156 -19.88 -23.15 -5.07
CA ALA D 156 -18.80 -22.28 -5.55
C ALA D 156 -19.23 -20.83 -5.46
N ILE D 157 -18.30 -19.97 -5.05
CA ILE D 157 -18.55 -18.55 -4.88
C ILE D 157 -17.87 -17.81 -6.03
N ILE D 158 -18.66 -17.14 -6.86
CA ILE D 158 -18.11 -16.22 -7.84
C ILE D 158 -17.59 -15.00 -7.10
N GLU D 159 -16.36 -14.61 -7.41
CA GLU D 159 -15.66 -13.65 -6.54
C GLU D 159 -16.24 -12.25 -6.67
N GLU D 160 -16.19 -11.68 -7.87
CA GLU D 160 -16.51 -10.25 -8.02
C GLU D 160 -17.94 -9.94 -7.61
N VAL D 161 -18.89 -10.77 -8.05
CA VAL D 161 -20.26 -10.71 -7.55
C VAL D 161 -20.43 -11.84 -6.55
N SER D 162 -20.63 -11.48 -5.28
CA SER D 162 -20.62 -12.48 -4.23
C SER D 162 -21.86 -13.35 -4.32
N ILE D 163 -21.94 -14.16 -5.37
CA ILE D 163 -23.06 -15.06 -5.63
C ILE D 163 -22.57 -16.48 -5.40
N ARG D 164 -23.35 -17.26 -4.66
CA ARG D 164 -23.03 -18.64 -4.40
C ARG D 164 -23.79 -19.51 -5.41
N ALA D 165 -23.07 -20.41 -6.06
CA ALA D 165 -23.65 -21.22 -7.11
C ALA D 165 -24.46 -22.36 -6.53
N THR D 166 -25.57 -22.68 -7.18
CA THR D 166 -26.44 -23.77 -6.78
C THR D 166 -26.47 -24.82 -7.88
N CYS D 167 -26.75 -26.06 -7.49
CA CYS D 167 -26.76 -27.19 -8.43
C CYS D 167 -28.15 -27.80 -8.50
N PRO D 168 -28.98 -27.44 -9.47
CA PRO D 168 -30.26 -28.13 -9.67
C PRO D 168 -30.04 -29.47 -10.37
N SER D 169 -30.43 -30.56 -9.71
CA SER D 169 -30.22 -31.88 -10.26
C SER D 169 -31.11 -32.17 -11.45
N HIS D 170 -32.19 -31.42 -11.63
CA HIS D 170 -33.13 -31.67 -12.72
C HIS D 170 -32.58 -31.31 -14.09
N ILE D 171 -31.51 -30.51 -14.16
CA ILE D 171 -31.03 -29.96 -15.41
C ILE D 171 -29.88 -30.83 -15.92
N PRO D 172 -30.05 -31.54 -17.03
CA PRO D 172 -28.93 -32.29 -17.61
C PRO D 172 -28.16 -31.47 -18.63
N LEU D 173 -26.83 -31.55 -18.55
CA LEU D 173 -25.95 -30.90 -19.51
C LEU D 173 -25.35 -31.97 -20.42
N GLN D 174 -25.67 -31.89 -21.70
CA GLN D 174 -25.18 -32.88 -22.65
C GLN D 174 -23.69 -32.71 -22.87
N PRO D 175 -22.99 -33.80 -23.22
CA PRO D 175 -21.53 -33.69 -23.42
C PRO D 175 -21.13 -32.70 -24.50
N SER D 176 -21.92 -32.61 -25.58
CA SER D 176 -21.54 -31.69 -26.66
C SER D 176 -21.82 -30.24 -26.28
N LEU D 177 -22.87 -29.98 -25.49
CA LEU D 177 -23.07 -28.65 -24.95
C LEU D 177 -21.92 -28.28 -24.02
N LYS D 178 -21.44 -29.24 -23.22
CA LYS D 178 -20.27 -28.99 -22.38
C LYS D 178 -19.04 -28.68 -23.23
N LYS D 179 -18.88 -29.39 -24.33
CA LYS D 179 -17.76 -29.10 -25.23
C LYS D 179 -17.86 -27.69 -25.81
N LEU D 180 -19.07 -27.29 -26.22
CA LEU D 180 -19.25 -25.98 -26.83
C LEU D 180 -19.05 -24.85 -25.83
N LEU D 181 -19.66 -24.97 -24.66
CA LEU D 181 -19.65 -23.88 -23.68
C LEU D 181 -18.46 -23.94 -22.73
N GLY D 182 -17.76 -25.06 -22.65
CA GLY D 182 -16.57 -25.18 -21.82
C GLY D 182 -16.80 -26.07 -20.62
N ASP D 183 -15.72 -26.26 -19.87
CA ASP D 183 -15.75 -27.06 -18.65
C ASP D 183 -15.85 -26.16 -17.43
N ARG D 184 -16.38 -26.72 -16.35
CA ARG D 184 -16.64 -25.98 -15.12
C ARG D 184 -17.52 -24.76 -15.42
N LEU D 185 -18.71 -25.06 -15.93
CA LEU D 185 -19.60 -24.04 -16.46
C LEU D 185 -20.59 -23.57 -15.41
N VAL D 186 -20.82 -22.26 -15.39
CA VAL D 186 -21.86 -21.65 -14.55
C VAL D 186 -22.73 -20.80 -15.46
N ILE D 187 -24.05 -20.93 -15.30
CA ILE D 187 -25.00 -20.15 -16.08
C ILE D 187 -25.65 -19.13 -15.15
N LEU D 188 -25.44 -17.87 -15.45
CA LEU D 188 -25.83 -16.76 -14.59
C LEU D 188 -26.96 -15.97 -15.23
N SER D 189 -27.52 -15.05 -14.46
CA SER D 189 -28.35 -14.01 -15.03
C SER D 189 -27.47 -13.06 -15.82
N HIS D 190 -28.08 -12.37 -16.79
CA HIS D 190 -27.29 -11.45 -17.60
C HIS D 190 -26.80 -10.24 -16.82
N LYS D 191 -27.47 -9.90 -15.72
CA LYS D 191 -26.96 -8.81 -14.88
C LYS D 191 -25.60 -9.17 -14.30
N TYR D 192 -25.46 -10.40 -13.78
CA TYR D 192 -24.17 -10.82 -13.24
C TYR D 192 -23.10 -10.85 -14.32
N PHE D 193 -23.44 -11.37 -15.50
CA PHE D 193 -22.46 -11.46 -16.58
C PHE D 193 -22.05 -10.07 -17.07
N SER D 194 -22.99 -9.14 -17.15
CA SER D 194 -22.67 -7.77 -17.52
C SER D 194 -21.77 -7.12 -16.49
N ILE D 195 -22.02 -7.40 -15.21
CA ILE D 195 -21.13 -6.89 -14.15
C ILE D 195 -19.74 -7.47 -14.31
N LEU D 196 -19.65 -8.78 -14.61
CA LEU D 196 -18.36 -9.45 -14.67
C LEU D 196 -17.56 -9.09 -15.92
N SER D 197 -18.22 -8.64 -16.99
CA SER D 197 -17.55 -8.32 -18.23
C SER D 197 -17.41 -6.82 -18.47
N ASP D 198 -17.78 -5.99 -17.50
CA ASP D 198 -17.70 -4.55 -17.67
C ASP D 198 -16.27 -4.06 -17.46
N ASP D 199 -16.07 -2.75 -17.63
CA ASP D 199 -14.73 -2.19 -17.56
C ASP D 199 -14.14 -2.30 -16.16
N ASN D 200 -14.98 -2.41 -15.13
CA ASN D 200 -14.49 -2.42 -13.76
C ASN D 200 -13.99 -3.80 -13.33
N HIS D 201 -14.46 -4.87 -13.97
CA HIS D 201 -14.08 -6.22 -13.56
C HIS D 201 -13.25 -6.96 -14.61
N LEU D 202 -13.02 -6.37 -15.77
CA LEU D 202 -12.11 -6.99 -16.71
C LEU D 202 -10.67 -6.68 -16.32
N PRO D 203 -9.74 -7.59 -16.62
CA PRO D 203 -8.35 -7.42 -16.15
C PRO D 203 -7.69 -6.20 -16.78
N VAL D 204 -7.11 -5.36 -15.92
CA VAL D 204 -6.40 -4.17 -16.35
C VAL D 204 -4.94 -4.32 -15.96
N LEU D 205 -4.05 -4.19 -16.93
CA LEU D 205 -2.62 -4.41 -16.74
C LEU D 205 -1.87 -3.08 -16.86
N SER D 206 -0.94 -2.86 -15.94
CA SER D 206 -0.12 -1.66 -15.96
C SER D 206 1.12 -1.89 -16.82
N ARG D 207 1.45 -0.89 -17.64
CA ARG D 207 2.62 -0.93 -18.49
C ARG D 207 3.40 0.38 -18.35
N ASN D 208 4.72 0.29 -18.46
CA ASN D 208 5.54 1.49 -18.46
C ASN D 208 6.76 1.27 -19.36
N ASN D 209 7.32 2.38 -19.84
CA ASN D 209 8.50 2.38 -20.69
C ASN D 209 9.67 2.94 -19.90
N LEU D 210 10.75 2.16 -19.79
CA LEU D 210 11.90 2.54 -18.99
C LEU D 210 12.99 3.09 -19.90
N GLU D 211 13.40 4.32 -19.63
CA GLU D 211 14.50 4.96 -20.34
C GLU D 211 15.60 5.27 -19.33
N ASN D 212 16.72 4.57 -19.45
CA ASN D 212 17.88 4.75 -18.56
C ASN D 212 17.49 4.55 -17.10
N GLY D 213 16.66 3.55 -16.84
CA GLY D 213 16.31 3.17 -15.49
C GLY D 213 15.14 3.91 -14.88
N GLN D 214 14.53 4.85 -15.60
CA GLN D 214 13.38 5.58 -15.09
C GLN D 214 12.24 5.51 -16.10
N SER D 215 11.01 5.48 -15.58
CA SER D 215 9.86 5.32 -16.44
C SER D 215 9.61 6.58 -17.25
N ALA D 216 9.53 6.43 -18.57
CA ALA D 216 9.19 7.54 -19.45
C ALA D 216 7.68 7.70 -19.60
N ASN D 217 6.98 6.61 -19.89
CA ASN D 217 5.53 6.63 -20.05
C ASN D 217 4.90 5.61 -19.11
N LEU D 218 3.60 5.77 -18.91
CA LEU D 218 2.80 4.82 -18.15
C LEU D 218 1.40 4.80 -18.72
N TRP D 219 0.83 3.60 -18.85
CA TRP D 219 -0.54 3.46 -19.33
C TRP D 219 -1.09 2.13 -18.85
N TYR D 220 -2.41 2.01 -18.89
CA TYR D 220 -3.12 0.85 -18.38
C TYR D 220 -3.86 0.17 -19.53
N GLU D 221 -3.79 -1.16 -19.56
CA GLU D 221 -4.28 -1.95 -20.67
C GLU D 221 -5.40 -2.88 -20.23
N GLN D 222 -6.46 -2.93 -21.02
CA GLN D 222 -7.57 -3.84 -20.81
C GLN D 222 -7.38 -5.06 -21.70
N VAL D 223 -7.53 -6.25 -21.13
CA VAL D 223 -7.34 -7.50 -21.85
C VAL D 223 -8.51 -8.41 -21.58
N LEU D 224 -8.93 -9.15 -22.60
CA LEU D 224 -9.91 -10.21 -22.41
C LEU D 224 -9.24 -11.37 -21.70
N PRO D 225 -9.87 -11.94 -20.67
CA PRO D 225 -9.19 -12.96 -19.86
C PRO D 225 -8.83 -14.20 -20.68
N ARG D 226 -7.76 -14.85 -20.25
CA ARG D 226 -7.33 -16.10 -20.87
C ARG D 226 -8.41 -17.16 -20.74
N TYR D 227 -8.52 -18.00 -21.77
CA TYR D 227 -9.45 -19.13 -21.90
C TYR D 227 -10.86 -18.69 -22.24
N SER D 228 -11.08 -17.45 -22.63
CA SER D 228 -12.40 -17.02 -23.07
C SER D 228 -12.77 -17.70 -24.38
N ARG D 229 -14.07 -17.78 -24.63
CA ARG D 229 -14.60 -18.42 -25.83
C ARG D 229 -15.45 -17.43 -26.61
N LEU D 230 -15.23 -17.37 -27.92
CA LEU D 230 -16.00 -16.52 -28.82
C LEU D 230 -16.39 -17.34 -30.04
N TYR D 231 -17.59 -17.07 -30.56
CA TYR D 231 -18.09 -17.75 -31.74
C TYR D 231 -18.32 -16.74 -32.86
N PHE D 232 -18.02 -17.16 -34.08
CA PHE D 232 -18.29 -16.35 -35.27
C PHE D 232 -18.80 -17.25 -36.37
N MET D 233 -19.25 -16.62 -37.45
CA MET D 233 -19.86 -17.32 -38.58
C MET D 233 -19.05 -17.08 -39.83
N LEU D 234 -18.84 -18.14 -40.60
CA LEU D 234 -18.09 -18.08 -41.84
C LEU D 234 -18.96 -18.56 -42.97
N MET D 235 -18.99 -17.81 -44.07
CA MET D 235 -19.81 -18.11 -45.23
C MET D 235 -18.90 -18.21 -46.44
N ASP D 236 -18.90 -19.37 -47.10
CA ASP D 236 -18.06 -19.60 -48.27
C ASP D 236 -18.90 -19.35 -49.52
N GLY D 237 -18.46 -18.41 -50.35
CA GLY D 237 -19.18 -18.10 -51.56
C GLY D 237 -18.95 -19.14 -52.66
N ASN D 238 -19.15 -20.40 -52.32
CA ASN D 238 -18.89 -21.52 -53.22
C ASN D 238 -17.48 -21.44 -53.79
N ALA D 239 -16.53 -21.15 -52.91
CA ALA D 239 -15.13 -21.09 -53.32
C ALA D 239 -14.67 -22.47 -53.80
N GLN D 240 -13.46 -22.51 -54.36
CA GLN D 240 -12.91 -23.77 -54.83
C GLN D 240 -12.85 -24.77 -53.68
N SER D 241 -13.27 -25.99 -53.97
CA SER D 241 -13.44 -26.99 -52.92
C SER D 241 -12.11 -27.36 -52.27
N GLU D 242 -11.05 -27.47 -53.06
CA GLU D 242 -9.76 -27.90 -52.50
C GLU D 242 -9.15 -26.83 -51.60
N TYR D 243 -9.20 -25.56 -52.02
CA TYR D 243 -8.71 -24.49 -51.18
C TYR D 243 -9.54 -24.38 -49.90
N LEU D 244 -10.86 -24.52 -50.03
CA LEU D 244 -11.74 -24.47 -48.87
C LEU D 244 -11.43 -25.59 -47.89
N LYS D 245 -11.23 -26.82 -48.39
CA LYS D 245 -10.95 -27.94 -47.51
C LYS D 245 -9.57 -27.80 -46.86
N LYS D 246 -8.59 -27.29 -47.60
CA LYS D 246 -7.27 -27.05 -47.01
C LYS D 246 -7.36 -26.00 -45.91
N PHE D 247 -8.08 -24.92 -46.17
CA PHE D 247 -8.24 -23.86 -45.18
C PHE D 247 -8.95 -24.37 -43.94
N ARG D 248 -10.02 -25.14 -44.11
CA ARG D 248 -10.75 -25.66 -42.95
C ARG D 248 -9.91 -26.67 -42.17
N ASP D 249 -9.17 -27.53 -42.86
CA ASP D 249 -8.32 -28.50 -42.19
C ASP D 249 -7.20 -27.82 -41.40
N THR D 250 -6.59 -26.79 -41.99
CA THR D 250 -5.56 -26.05 -41.27
C THR D 250 -6.14 -25.29 -40.10
N LEU D 251 -7.36 -24.76 -40.25
CA LEU D 251 -7.99 -24.03 -39.17
C LEU D 251 -8.35 -24.94 -38.01
N CYS D 252 -8.77 -26.17 -38.29
CA CYS D 252 -9.19 -27.09 -37.24
C CYS D 252 -8.09 -28.00 -36.72
N THR D 253 -6.88 -27.93 -37.27
CA THR D 253 -5.87 -28.82 -36.74
C THR D 253 -5.34 -28.31 -35.40
N PRO D 254 -5.04 -29.19 -34.46
CA PRO D 254 -4.64 -28.74 -33.12
C PRO D 254 -3.35 -27.95 -33.08
N SER D 255 -2.48 -28.08 -34.08
CA SER D 255 -1.19 -27.41 -34.06
C SER D 255 -1.28 -25.96 -34.52
N THR D 256 -2.44 -25.49 -34.94
CA THR D 256 -2.57 -24.17 -35.52
C THR D 256 -3.07 -23.18 -34.47
N ILE D 257 -2.30 -22.13 -34.24
CA ILE D 257 -2.64 -21.10 -33.27
C ILE D 257 -2.65 -19.75 -33.99
N ILE D 258 -3.74 -19.00 -33.81
CA ILE D 258 -3.97 -17.74 -34.50
C ILE D 258 -3.76 -16.59 -33.52
N GLN D 259 -3.08 -15.54 -33.97
CA GLN D 259 -2.90 -14.33 -33.19
C GLN D 259 -3.88 -13.27 -33.68
N ILE D 260 -4.76 -12.82 -32.79
CA ILE D 260 -5.71 -11.75 -33.07
C ILE D 260 -5.47 -10.64 -32.06
N GLY D 261 -5.34 -9.42 -32.55
CA GLY D 261 -5.21 -8.26 -31.70
C GLY D 261 -3.79 -7.71 -31.66
N ALA D 262 -3.53 -6.95 -30.61
CA ALA D 262 -2.26 -6.26 -30.44
C ALA D 262 -1.35 -7.06 -29.51
N ASN D 263 -0.14 -6.54 -29.30
CA ASN D 263 0.84 -7.13 -28.40
C ASN D 263 1.14 -8.58 -28.79
N ALA D 264 1.46 -8.77 -30.08
CA ALA D 264 1.78 -10.11 -30.58
C ALA D 264 3.12 -10.58 -30.04
N SER D 265 4.08 -9.67 -29.89
CA SER D 265 5.41 -10.06 -29.44
C SER D 265 5.47 -10.40 -27.97
N ILE D 266 4.45 -10.03 -27.20
CA ILE D 266 4.35 -10.44 -25.80
C ILE D 266 3.20 -11.42 -25.60
N GLY D 267 2.77 -12.08 -26.67
CA GLY D 267 1.83 -13.18 -26.56
C GLY D 267 0.41 -12.83 -26.15
N TYR D 268 -0.17 -11.82 -26.78
CA TYR D 268 -1.57 -11.48 -26.57
C TYR D 268 -2.41 -11.97 -27.73
N GLY D 269 -3.58 -12.53 -27.40
CA GLY D 269 -4.54 -12.90 -28.42
C GLY D 269 -4.25 -14.19 -29.16
N TYR D 270 -3.46 -15.09 -28.58
CA TYR D 270 -3.19 -16.36 -29.22
C TYR D 270 -4.33 -17.33 -28.96
N CYS D 271 -4.93 -17.84 -30.03
CA CYS D 271 -6.14 -18.63 -29.91
C CYS D 271 -6.12 -19.78 -30.90
N GLN D 272 -6.89 -20.81 -30.58
CA GLN D 272 -7.18 -21.90 -31.50
C GLN D 272 -8.47 -21.56 -32.25
N ILE D 273 -8.90 -22.47 -33.13
CA ILE D 273 -10.18 -22.33 -33.81
C ILE D 273 -10.83 -23.70 -33.88
N SER D 274 -12.09 -23.78 -33.44
CA SER D 274 -12.82 -25.03 -33.40
C SER D 274 -14.11 -24.91 -34.20
N GLU D 275 -14.33 -25.84 -35.11
CA GLU D 275 -15.59 -25.89 -35.84
C GLU D 275 -16.67 -26.53 -34.98
N LEU D 276 -17.92 -26.32 -35.37
CA LEU D 276 -19.04 -26.92 -34.65
C LEU D 276 -19.03 -28.43 -34.87
N SER D 277 -18.69 -29.17 -33.83
CA SER D 277 -18.71 -30.63 -33.93
C SER D 277 -20.14 -31.12 -34.03
N PRO D 278 -20.40 -32.16 -34.82
CA PRO D 278 -21.76 -32.73 -34.88
C PRO D 278 -22.21 -33.19 -33.50
N PHE D 279 -23.45 -32.88 -33.18
CA PHE D 279 -23.99 -33.24 -31.87
C PHE D 279 -24.26 -34.75 -31.81
N MET E 1 8.47 -20.59 -34.77
CA MET E 1 8.22 -21.86 -35.45
C MET E 1 8.31 -23.03 -34.49
N THR E 2 9.10 -22.86 -33.43
CA THR E 2 9.24 -23.86 -32.39
C THR E 2 8.93 -23.22 -31.05
N THR E 3 8.08 -23.87 -30.26
CA THR E 3 7.72 -23.37 -28.94
C THR E 3 8.53 -24.13 -27.90
N ARG E 4 9.26 -23.39 -27.07
CA ARG E 4 10.06 -23.97 -26.00
C ARG E 4 9.60 -23.41 -24.67
N MET E 5 9.52 -24.28 -23.67
CA MET E 5 9.15 -23.88 -22.32
C MET E 5 10.41 -23.62 -21.51
N TYR E 6 10.43 -22.50 -20.80
CA TYR E 6 11.55 -22.14 -19.95
C TYR E 6 11.07 -21.99 -18.51
N VAL E 7 11.96 -22.31 -17.58
CA VAL E 7 11.65 -22.29 -16.15
C VAL E 7 12.45 -21.19 -15.50
N ILE E 8 11.79 -20.38 -14.66
CA ILE E 8 12.41 -19.26 -13.99
C ILE E 8 12.71 -19.67 -12.57
N ASN E 9 13.98 -19.87 -12.26
CA ASN E 9 14.42 -20.13 -10.88
C ASN E 9 14.80 -18.79 -10.26
N THR E 10 14.12 -18.42 -9.18
CA THR E 10 14.26 -17.10 -8.60
C THR E 10 15.29 -17.16 -7.48
N LEU E 11 16.40 -16.45 -7.64
CA LEU E 11 17.50 -16.50 -6.70
C LEU E 11 17.32 -15.58 -5.50
N SER E 12 16.32 -14.71 -5.52
CA SER E 12 16.08 -13.72 -4.48
C SER E 12 14.58 -13.52 -4.38
N ASN E 13 14.16 -12.42 -3.77
CA ASN E 13 12.74 -12.12 -3.70
C ASN E 13 12.28 -11.39 -4.96
N MET E 14 11.03 -11.63 -5.34
CA MET E 14 10.44 -11.04 -6.53
C MET E 14 9.36 -10.04 -6.16
N HIS E 15 9.43 -8.84 -6.74
CA HIS E 15 8.33 -7.89 -6.67
C HIS E 15 8.12 -7.31 -8.06
N VAL E 16 7.11 -7.80 -8.75
CA VAL E 16 6.63 -7.21 -10.00
C VAL E 16 5.32 -6.51 -9.66
N GLY E 17 5.29 -5.19 -9.80
CA GLY E 17 4.21 -4.41 -9.25
C GLY E 17 2.95 -4.45 -10.11
N SER E 18 1.80 -4.58 -9.44
CA SER E 18 0.53 -4.49 -10.13
C SER E 18 0.22 -3.04 -10.51
N GLY E 19 0.51 -2.10 -9.61
CA GLY E 19 0.47 -0.70 -9.95
C GLY E 19 -0.84 0.02 -9.72
N GLU E 20 -1.39 -0.08 -8.51
CA GLU E 20 -2.55 0.66 -8.03
C GLU E 20 -3.85 0.26 -8.74
N VAL E 21 -3.78 -0.61 -9.75
CA VAL E 21 -5.01 -1.17 -10.30
C VAL E 21 -5.65 -2.11 -9.29
N ASN E 22 -4.84 -2.76 -8.46
CA ASN E 22 -5.32 -3.64 -7.41
C ASN E 22 -4.97 -2.97 -6.08
N TYR E 23 -5.98 -2.43 -5.42
CA TYR E 23 -5.80 -1.86 -4.10
C TYR E 23 -5.83 -2.95 -3.04
N GLY E 24 -5.17 -2.68 -1.92
CA GLY E 24 -5.14 -3.64 -0.84
C GLY E 24 -4.61 -3.00 0.43
N VAL E 25 -4.58 -3.81 1.49
CA VAL E 25 -4.01 -3.35 2.75
C VAL E 25 -2.54 -3.03 2.57
N ILE E 26 -1.80 -3.88 1.85
CA ILE E 26 -0.41 -3.60 1.52
C ILE E 26 -0.36 -2.55 0.43
N ASP E 27 0.55 -1.58 0.59
CA ASP E 27 0.65 -0.48 -0.37
C ASP E 27 1.11 -0.98 -1.74
N ASN E 28 2.10 -1.87 -1.77
CA ASN E 28 2.65 -2.39 -3.02
C ASN E 28 2.39 -3.89 -3.09
N LEU E 29 1.57 -4.29 -4.05
CA LEU E 29 1.20 -5.69 -4.26
C LEU E 29 1.85 -6.22 -5.53
N ILE E 30 2.09 -7.53 -5.56
CA ILE E 30 2.73 -8.17 -6.69
C ILE E 30 1.70 -8.52 -7.76
N GLN E 31 2.17 -8.82 -8.96
CA GLN E 31 1.30 -9.16 -10.07
C GLN E 31 0.75 -10.56 -9.90
N ARG E 32 -0.57 -10.70 -10.07
CA ARG E 32 -1.23 -11.99 -9.99
C ARG E 32 -1.99 -12.25 -11.28
N ASP E 33 -2.06 -13.52 -11.66
CA ASP E 33 -2.67 -13.91 -12.92
C ASP E 33 -4.16 -13.58 -12.92
N SER E 34 -4.66 -13.20 -14.10
CA SER E 34 -6.02 -12.67 -14.19
C SER E 34 -7.05 -13.74 -13.86
N VAL E 35 -6.82 -14.97 -14.29
CA VAL E 35 -7.83 -16.03 -14.12
C VAL E 35 -7.61 -16.82 -12.84
N THR E 36 -6.40 -17.30 -12.60
CA THR E 36 -6.12 -18.17 -11.48
C THR E 36 -5.79 -17.41 -10.19
N ASN E 37 -5.50 -16.13 -10.28
CA ASN E 37 -5.10 -15.27 -9.15
C ASN E 37 -3.77 -15.68 -8.54
N LEU E 38 -3.06 -16.63 -9.14
CA LEU E 38 -1.74 -16.97 -8.66
C LEU E 38 -0.72 -15.93 -9.09
N PRO E 39 0.37 -15.78 -8.35
CA PRO E 39 1.41 -14.82 -8.76
C PRO E 39 1.96 -15.18 -10.14
N ASN E 40 2.22 -14.16 -10.94
CA ASN E 40 2.71 -14.35 -12.29
C ASN E 40 3.59 -13.17 -12.67
N ILE E 41 4.16 -13.26 -13.87
CA ILE E 41 4.94 -12.19 -14.47
C ILE E 41 4.32 -11.88 -15.83
N ASN E 42 4.02 -10.61 -16.07
CA ASN E 42 3.51 -10.22 -17.37
C ASN E 42 4.60 -10.37 -18.42
N SER E 43 4.19 -10.76 -19.64
CA SER E 43 5.15 -10.99 -20.70
C SER E 43 5.90 -9.72 -21.07
N SER E 44 5.28 -8.56 -20.87
CA SER E 44 5.97 -7.30 -21.09
C SER E 44 7.16 -7.17 -20.16
N GLY E 45 7.00 -7.57 -18.89
CA GLY E 45 8.12 -7.54 -17.96
C GLY E 45 9.24 -8.48 -18.34
N LEU E 46 8.89 -9.70 -18.77
CA LEU E 46 9.90 -10.65 -19.21
C LEU E 46 10.67 -10.11 -20.40
N LYS E 47 9.94 -9.61 -21.40
CA LYS E 47 10.60 -9.06 -22.58
C LYS E 47 11.49 -7.88 -22.22
N GLY E 48 11.01 -6.99 -21.34
CA GLY E 48 11.82 -5.86 -20.95
C GLY E 48 13.08 -6.27 -20.23
N ALA E 49 12.98 -7.23 -19.31
CA ALA E 49 14.15 -7.69 -18.57
C ALA E 49 15.17 -8.34 -19.48
N ILE E 50 14.72 -9.22 -20.39
CA ILE E 50 15.65 -9.91 -21.26
C ILE E 50 16.27 -8.96 -22.27
N ARG E 51 15.47 -8.01 -22.78
CA ARG E 51 16.02 -6.98 -23.66
C ARG E 51 17.03 -6.12 -22.93
N GLU E 52 16.77 -5.80 -21.67
CA GLU E 52 17.73 -5.05 -20.88
C GLU E 52 19.03 -5.82 -20.72
N TYR E 53 18.94 -7.13 -20.49
CA TYR E 53 20.16 -7.93 -20.39
C TYR E 53 20.93 -7.93 -21.70
N PHE E 54 20.24 -8.08 -22.82
CA PHE E 54 20.89 -8.21 -24.12
C PHE E 54 21.14 -6.86 -24.81
N LYS E 55 20.84 -5.75 -24.13
CA LYS E 55 21.03 -4.42 -24.69
C LYS E 55 22.40 -4.23 -25.33
N GLU E 56 23.43 -4.95 -24.85
CA GLU E 56 24.76 -4.79 -25.43
C GLU E 56 24.80 -5.24 -26.88
N ASN E 57 24.11 -6.32 -27.22
CA ASN E 57 24.13 -6.87 -28.58
C ASN E 57 22.99 -6.24 -29.36
N GLU E 58 23.30 -5.18 -30.11
CA GLU E 58 22.26 -4.44 -30.82
C GLU E 58 21.62 -5.28 -31.93
N ASP E 59 22.43 -6.04 -32.66
CA ASP E 59 21.89 -6.83 -33.77
C ASP E 59 20.91 -7.88 -33.26
N LEU E 60 21.27 -8.59 -32.19
CA LEU E 60 20.39 -9.60 -31.63
C LEU E 60 19.09 -8.98 -31.13
N VAL E 61 19.19 -7.85 -30.43
CA VAL E 61 18.00 -7.19 -29.89
C VAL E 61 17.11 -6.73 -31.03
N ARG E 62 17.69 -6.13 -32.07
CA ARG E 62 16.90 -5.65 -33.20
C ARG E 62 16.22 -6.80 -33.92
N GLU E 63 16.91 -7.91 -34.11
CA GLU E 63 16.33 -9.01 -34.88
C GLU E 63 15.28 -9.77 -34.08
N LEU E 64 15.49 -9.94 -32.77
CA LEU E 64 14.62 -10.79 -31.98
C LEU E 64 13.52 -10.02 -31.23
N PHE E 65 13.88 -8.94 -30.55
CA PHE E 65 12.93 -8.21 -29.71
C PHE E 65 12.19 -7.13 -30.49
N GLY E 66 12.88 -6.44 -31.39
CA GLY E 66 12.29 -5.37 -32.17
C GLY E 66 13.17 -4.14 -32.11
N SER E 67 12.56 -3.00 -32.43
CA SER E 67 13.27 -1.73 -32.45
C SER E 67 13.04 -0.96 -31.16
N ALA E 68 13.99 -0.09 -30.84
CA ALA E 68 13.84 0.80 -29.69
C ALA E 68 12.68 1.76 -29.95
N PRO E 69 12.00 2.21 -28.89
CA PRO E 69 10.83 3.09 -29.10
C PRO E 69 11.16 4.37 -29.86
N ARG E 70 12.37 4.89 -29.71
CA ARG E 70 12.73 6.16 -30.34
C ARG E 70 13.21 6.00 -31.77
N ASP E 71 13.48 4.78 -32.23
CA ASP E 71 13.94 4.58 -33.60
C ASP E 71 12.85 4.95 -34.59
N GLU E 72 13.24 5.62 -35.68
CA GLU E 72 12.27 6.05 -36.68
C GLU E 72 11.78 4.88 -37.52
N LYS E 73 12.67 3.93 -37.84
CA LYS E 73 12.30 2.77 -38.63
C LYS E 73 11.73 1.69 -37.71
N THR E 74 10.45 1.41 -37.87
CA THR E 74 9.78 0.42 -37.04
C THR E 74 10.14 -0.99 -37.47
N LEU E 75 10.51 -1.82 -36.51
CA LEU E 75 10.79 -3.23 -36.75
C LEU E 75 9.98 -4.05 -35.75
N PRO E 76 9.10 -4.94 -36.20
CA PRO E 76 8.36 -5.79 -35.26
C PRO E 76 9.26 -6.80 -34.59
N GLY E 77 8.81 -7.26 -33.42
CA GLY E 77 9.52 -8.33 -32.73
C GLY E 77 9.25 -9.67 -33.37
N LYS E 78 10.31 -10.47 -33.49
CA LYS E 78 10.19 -11.79 -34.09
C LYS E 78 9.97 -12.90 -33.07
N VAL E 79 10.56 -12.79 -31.89
CA VAL E 79 10.37 -13.78 -30.83
C VAL E 79 9.19 -13.36 -29.97
N ARG E 80 8.27 -14.29 -29.75
CA ARG E 80 7.04 -14.02 -29.02
C ARG E 80 7.14 -14.59 -27.61
N PHE E 81 7.03 -13.72 -26.62
CA PHE E 81 7.10 -14.10 -25.22
C PHE E 81 5.70 -14.39 -24.67
N PHE E 82 5.66 -15.10 -23.56
CA PHE E 82 4.40 -15.41 -22.89
C PHE E 82 4.58 -15.23 -21.39
N GLU E 83 3.48 -14.95 -20.71
CA GLU E 83 3.53 -14.65 -19.29
C GLU E 83 4.04 -15.84 -18.51
N ALA E 84 4.81 -15.56 -17.45
CA ALA E 84 5.36 -16.60 -16.60
C ALA E 84 4.38 -16.88 -15.47
N ASN E 85 3.86 -18.10 -15.43
CA ASN E 85 2.93 -18.52 -14.41
C ASN E 85 3.66 -19.29 -13.31
N LEU E 86 3.11 -19.23 -12.10
CA LEU E 86 3.76 -19.84 -10.96
C LEU E 86 3.71 -21.36 -11.07
N LEU E 87 4.87 -22.00 -10.87
CA LEU E 87 4.96 -23.45 -10.87
C LEU E 87 5.00 -24.02 -9.45
N SER E 88 6.01 -23.63 -8.67
CA SER E 88 6.17 -24.13 -7.32
C SER E 88 6.61 -23.00 -6.39
N MET E 89 6.06 -22.99 -5.19
CA MET E 89 6.40 -21.97 -4.21
C MET E 89 6.95 -22.61 -2.93
N PRO E 90 7.95 -22.01 -2.30
CA PRO E 90 8.42 -22.54 -1.02
C PRO E 90 7.42 -22.30 0.10
N VAL E 91 7.23 -23.33 0.91
CA VAL E 91 6.39 -23.26 2.10
C VAL E 91 7.23 -23.72 3.29
N ARG E 92 7.00 -23.08 4.44
CA ARG E 92 7.77 -23.39 5.63
C ARG E 92 7.31 -24.70 6.25
N SER E 93 8.25 -25.46 6.78
CA SER E 93 7.96 -26.74 7.42
C SER E 93 8.83 -26.88 8.67
N ASP E 94 8.75 -28.05 9.30
CA ASP E 94 9.50 -28.33 10.52
C ASP E 94 10.62 -29.34 10.31
N LYS E 95 10.42 -30.37 9.49
CA LYS E 95 11.47 -31.34 9.26
C LYS E 95 12.55 -30.79 8.35
N VAL E 96 12.17 -29.98 7.37
CA VAL E 96 13.11 -29.39 6.42
C VAL E 96 12.90 -27.89 6.43
N PRO E 97 13.92 -27.12 6.04
CA PRO E 97 13.76 -25.64 6.07
C PRO E 97 12.59 -25.15 5.25
N PHE E 98 12.36 -25.74 4.07
CA PHE E 98 11.20 -25.38 3.28
C PHE E 98 10.86 -26.55 2.36
N LEU E 99 9.63 -26.55 1.88
CA LEU E 99 9.14 -27.53 0.93
C LEU E 99 8.74 -26.83 -0.36
N MET E 100 8.73 -27.58 -1.45
CA MET E 100 8.37 -27.07 -2.77
C MET E 100 6.92 -27.41 -3.02
N ALA E 101 6.05 -26.41 -2.97
CA ALA E 101 4.61 -26.63 -2.99
C ALA E 101 4.06 -26.48 -4.40
N ILE E 102 3.31 -27.48 -4.84
CA ILE E 102 2.55 -27.44 -6.07
C ILE E 102 1.16 -27.98 -5.78
N SER E 103 0.22 -27.65 -6.67
CA SER E 103 -1.16 -28.07 -6.50
C SER E 103 -1.63 -28.82 -7.74
N ASP E 104 -2.70 -29.60 -7.55
CA ASP E 104 -3.25 -30.39 -8.64
C ASP E 104 -3.75 -29.50 -9.77
N GLU E 105 -4.31 -28.33 -9.42
CA GLU E 105 -4.78 -27.41 -10.45
C GLU E 105 -3.62 -26.81 -11.24
N VAL E 106 -2.51 -26.49 -10.57
CA VAL E 106 -1.33 -26.00 -11.27
C VAL E 106 -0.79 -27.06 -12.22
N LEU E 107 -0.75 -28.31 -11.78
CA LEU E 107 -0.29 -29.39 -12.65
C LEU E 107 -1.22 -29.56 -13.85
N GLN E 108 -2.53 -29.49 -13.61
CA GLN E 108 -3.48 -29.61 -14.72
C GLN E 108 -3.32 -28.47 -15.71
N GLU E 109 -3.10 -27.25 -15.21
CA GLU E 109 -2.87 -26.12 -16.09
C GLU E 109 -1.60 -26.31 -16.90
N LEU E 110 -0.54 -26.84 -16.27
CA LEU E 110 0.68 -27.11 -16.99
C LEU E 110 0.46 -28.13 -18.10
N ILE E 111 -0.28 -29.20 -17.81
CA ILE E 111 -0.56 -30.22 -18.82
C ILE E 111 -1.38 -29.62 -19.96
N THR E 112 -2.41 -28.83 -19.63
CA THR E 112 -3.25 -28.22 -20.64
C THR E 112 -2.46 -27.26 -21.52
N LYS E 113 -1.60 -26.44 -20.91
CA LYS E 113 -0.77 -25.52 -21.68
C LYS E 113 0.19 -26.26 -22.59
N MET E 114 0.80 -27.34 -22.09
CA MET E 114 1.70 -28.13 -22.91
C MET E 114 0.96 -28.75 -24.09
N LYS E 115 -0.25 -29.26 -23.85
CA LYS E 115 -1.06 -29.82 -24.94
C LYS E 115 -1.39 -28.74 -25.97
N PHE E 116 -1.76 -27.55 -25.51
CA PHE E 116 -2.19 -26.49 -26.42
C PHE E 116 -1.02 -25.97 -27.25
N PHE E 117 0.13 -25.77 -26.62
CA PHE E 117 1.23 -25.06 -27.25
C PHE E 117 2.22 -25.97 -27.98
N ASN E 118 2.27 -27.26 -27.62
CA ASN E 118 3.19 -28.22 -28.24
C ASN E 118 4.65 -27.77 -28.05
N CYS E 119 5.07 -27.77 -26.79
CA CYS E 119 6.46 -27.51 -26.47
C CYS E 119 7.36 -28.57 -27.11
N GLU E 120 8.67 -28.29 -27.09
CA GLU E 120 9.62 -29.14 -27.80
C GLU E 120 9.63 -30.55 -27.24
N GLU E 121 9.65 -30.68 -25.92
CA GLU E 121 9.64 -31.99 -25.27
C GLU E 121 8.33 -32.22 -24.53
N ALA E 122 7.23 -31.79 -25.15
CA ALA E 122 5.94 -31.80 -24.47
C ALA E 122 5.40 -33.21 -24.24
N THR E 123 5.62 -34.12 -25.18
CA THR E 123 4.91 -35.41 -25.17
C THR E 123 5.21 -36.20 -23.91
N GLN E 124 6.50 -36.40 -23.62
CA GLN E 124 6.88 -37.22 -22.47
C GLN E 124 6.39 -36.61 -21.17
N TYR E 125 6.54 -35.29 -21.03
CA TYR E 125 6.11 -34.63 -19.81
C TYR E 125 4.61 -34.70 -19.65
N ILE E 126 3.85 -34.56 -20.74
CA ILE E 126 2.41 -34.68 -20.67
C ILE E 126 2.02 -36.08 -20.19
N SER E 127 2.65 -37.11 -20.77
CA SER E 127 2.32 -38.48 -20.39
C SER E 127 2.60 -38.72 -18.92
N HIS E 128 3.78 -38.31 -18.45
CA HIS E 128 4.17 -38.64 -17.08
C HIS E 128 3.43 -37.78 -16.05
N LEU E 129 3.17 -36.51 -16.38
CA LEU E 129 2.38 -35.67 -15.50
C LEU E 129 0.93 -36.15 -15.42
N SER E 130 0.37 -36.63 -16.53
CA SER E 130 -0.96 -37.20 -16.49
C SER E 130 -1.01 -38.45 -15.62
N THR E 131 0.01 -39.30 -15.74
CA THR E 131 0.09 -40.46 -14.85
C THR E 131 0.14 -40.03 -13.39
N LEU E 132 0.96 -39.03 -13.08
CA LEU E 132 1.08 -38.55 -11.70
C LEU E 132 -0.24 -38.00 -11.19
N LEU E 133 -0.93 -37.21 -12.01
CA LEU E 133 -2.20 -36.62 -11.59
C LEU E 133 -3.26 -37.69 -11.36
N ASP E 134 -3.34 -38.68 -12.26
CA ASP E 134 -4.31 -39.76 -12.08
C ASP E 134 -4.00 -40.55 -10.82
N ASN E 135 -2.73 -40.83 -10.56
CA ASN E 135 -2.37 -41.55 -9.34
C ASN E 135 -2.74 -40.75 -8.10
N ILE E 136 -2.47 -39.44 -8.11
CA ILE E 136 -2.76 -38.61 -6.95
C ILE E 136 -4.26 -38.53 -6.71
N LYS E 137 -5.05 -38.41 -7.78
CA LYS E 137 -6.50 -38.33 -7.60
C LYS E 137 -7.07 -39.68 -7.17
N THR E 138 -6.50 -40.79 -7.63
CA THR E 138 -6.93 -42.10 -7.17
C THR E 138 -6.61 -42.28 -5.69
N GLN E 139 -5.46 -41.79 -5.24
CA GLN E 139 -5.09 -41.92 -3.84
C GLN E 139 -5.96 -41.04 -2.95
N ALA E 140 -6.12 -39.76 -3.31
CA ALA E 140 -6.87 -38.84 -2.47
C ALA E 140 -8.37 -39.10 -2.55
N GLN E 141 -8.87 -39.38 -3.75
CA GLN E 141 -10.28 -39.68 -4.04
C GLN E 141 -11.23 -38.74 -3.28
N GLY E 142 -11.10 -37.45 -3.57
CA GLY E 142 -12.10 -36.47 -3.19
C GLY E 142 -11.81 -35.70 -1.91
N THR E 143 -10.76 -36.01 -1.19
CA THR E 143 -10.45 -35.33 0.05
C THR E 143 -9.29 -34.36 -0.16
N ASP E 144 -9.05 -33.54 0.86
CA ASP E 144 -7.92 -32.62 0.84
C ASP E 144 -6.65 -33.37 1.22
N PHE E 145 -5.58 -33.16 0.47
CA PHE E 145 -4.39 -33.99 0.57
C PHE E 145 -3.13 -33.12 0.59
N ALA E 146 -2.04 -33.76 0.99
CA ALA E 146 -0.70 -33.17 0.93
C ALA E 146 0.29 -34.33 0.85
N TYR E 147 0.81 -34.58 -0.34
CA TYR E 147 1.61 -35.76 -0.61
C TYR E 147 3.07 -35.38 -0.84
N VAL E 148 3.97 -36.00 -0.09
CA VAL E 148 5.41 -35.88 -0.29
C VAL E 148 5.92 -37.22 -0.80
N PHE E 149 6.91 -37.17 -1.69
CA PHE E 149 7.41 -38.36 -2.36
C PHE E 149 8.78 -38.79 -1.86
N ASP E 150 9.27 -38.17 -0.79
CA ASP E 150 10.48 -38.62 -0.11
C ASP E 150 10.08 -39.20 1.24
N PRO E 151 10.40 -40.47 1.52
CA PRO E 151 9.93 -41.06 2.80
C PRO E 151 10.42 -40.32 4.02
N LEU E 152 11.60 -39.69 3.96
CA LEU E 152 12.11 -38.94 5.09
C LEU E 152 11.26 -37.73 5.42
N LEU E 153 10.58 -37.17 4.42
CA LEU E 153 9.76 -35.98 4.61
C LEU E 153 8.37 -36.28 5.14
N GLN E 154 8.09 -37.54 5.48
CA GLN E 154 6.77 -37.89 6.00
C GLN E 154 6.52 -37.19 7.33
N GLY E 155 5.28 -36.71 7.50
CA GLY E 155 4.91 -36.03 8.72
C GLY E 155 5.31 -34.57 8.80
N ALA E 156 5.77 -33.98 7.70
CA ALA E 156 6.16 -32.58 7.71
C ALA E 156 4.93 -31.70 7.89
N ILE E 157 5.07 -30.67 8.71
CA ILE E 157 3.99 -29.74 8.98
C ILE E 157 4.12 -28.55 8.04
N ILE E 158 3.02 -28.19 7.40
CA ILE E 158 2.94 -26.93 6.65
C ILE E 158 2.46 -25.89 7.66
N GLU E 159 3.32 -24.93 7.98
CA GLU E 159 3.05 -24.06 9.12
C GLU E 159 1.83 -23.17 8.87
N GLU E 160 1.73 -22.58 7.69
CA GLU E 160 0.63 -21.67 7.41
C GLU E 160 -0.71 -22.40 7.42
N VAL E 161 -0.78 -23.55 6.77
CA VAL E 161 -1.96 -24.41 6.77
C VAL E 161 -1.58 -25.65 7.56
N SER E 162 -1.99 -25.73 8.82
CA SER E 162 -1.45 -26.71 9.75
C SER E 162 -1.95 -28.10 9.36
N ILE E 163 -1.27 -28.70 8.40
CA ILE E 163 -1.55 -30.05 7.94
C ILE E 163 -0.25 -30.81 7.79
N ARG E 164 -0.30 -32.11 8.07
CA ARG E 164 0.88 -32.97 7.97
C ARG E 164 0.90 -33.66 6.63
N ALA E 165 2.10 -33.86 6.09
CA ALA E 165 2.27 -34.44 4.77
C ALA E 165 2.36 -35.95 4.87
N THR E 166 1.51 -36.64 4.11
CA THR E 166 1.50 -38.10 4.07
C THR E 166 2.16 -38.56 2.78
N CYS E 167 2.91 -39.65 2.87
CA CYS E 167 3.63 -40.16 1.71
C CYS E 167 2.93 -41.38 1.15
N PRO E 168 2.35 -41.30 -0.05
CA PRO E 168 1.88 -42.50 -0.74
C PRO E 168 3.04 -43.16 -1.48
N SER E 169 3.41 -44.36 -1.05
CA SER E 169 4.62 -44.98 -1.56
C SER E 169 4.46 -45.49 -2.99
N HIS E 170 3.24 -45.79 -3.42
CA HIS E 170 3.03 -46.39 -4.74
C HIS E 170 2.98 -45.36 -5.87
N ILE E 171 3.11 -44.07 -5.57
CA ILE E 171 3.13 -43.03 -6.59
C ILE E 171 4.59 -42.65 -6.84
N PRO E 172 5.17 -43.02 -7.97
CA PRO E 172 6.57 -42.66 -8.24
C PRO E 172 6.71 -41.29 -8.87
N LEU E 173 7.73 -40.56 -8.43
CA LEU E 173 8.07 -39.27 -9.01
C LEU E 173 9.36 -39.44 -9.81
N GLN E 174 9.26 -39.23 -11.11
CA GLN E 174 10.42 -39.41 -11.98
C GLN E 174 11.48 -38.35 -11.68
N PRO E 175 12.76 -38.68 -11.88
CA PRO E 175 13.81 -37.68 -11.63
C PRO E 175 13.68 -36.43 -12.48
N SER E 176 13.22 -36.54 -13.72
CA SER E 176 13.07 -35.35 -14.56
C SER E 176 11.95 -34.46 -14.02
N LEU E 177 10.87 -35.07 -13.53
CA LEU E 177 9.83 -34.29 -12.87
C LEU E 177 10.33 -33.66 -11.58
N LYS E 178 11.26 -34.33 -10.88
CA LYS E 178 11.85 -33.72 -9.70
C LYS E 178 12.72 -32.52 -10.08
N LYS E 179 13.43 -32.61 -11.20
CA LYS E 179 14.21 -31.47 -11.66
C LYS E 179 13.31 -30.32 -12.07
N LEU E 180 12.16 -30.63 -12.68
CA LEU E 180 11.24 -29.57 -13.10
C LEU E 180 10.55 -28.92 -11.91
N LEU E 181 9.80 -29.71 -11.14
CA LEU E 181 8.97 -29.15 -10.08
C LEU E 181 9.80 -28.70 -8.88
N GLY E 182 10.94 -29.35 -8.62
CA GLY E 182 11.80 -28.94 -7.55
C GLY E 182 11.97 -29.98 -6.46
N ASP E 183 13.11 -29.93 -5.76
CA ASP E 183 13.38 -30.89 -4.70
C ASP E 183 12.50 -30.61 -3.49
N ARG E 184 12.22 -31.67 -2.73
CA ARG E 184 11.33 -31.61 -1.56
C ARG E 184 9.95 -31.09 -1.98
N LEU E 185 9.30 -31.88 -2.83
CA LEU E 185 8.04 -31.48 -3.42
C LEU E 185 6.87 -32.00 -2.59
N VAL E 186 5.89 -31.11 -2.37
CA VAL E 186 4.62 -31.48 -1.77
C VAL E 186 3.51 -31.06 -2.72
N ILE E 187 2.56 -31.95 -2.96
CA ILE E 187 1.44 -31.70 -3.86
C ILE E 187 0.18 -31.63 -3.02
N LEU E 188 -0.50 -30.48 -3.06
CA LEU E 188 -1.62 -30.19 -2.18
C LEU E 188 -2.89 -30.01 -2.97
N SER E 189 -4.00 -29.92 -2.25
CA SER E 189 -5.27 -29.55 -2.86
C SER E 189 -5.24 -28.08 -3.29
N HIS E 190 -6.23 -27.70 -4.08
CA HIS E 190 -6.31 -26.31 -4.54
C HIS E 190 -6.51 -25.36 -3.38
N LYS E 191 -7.32 -25.73 -2.40
CA LYS E 191 -7.63 -24.82 -1.30
C LYS E 191 -6.38 -24.52 -0.47
N TYR E 192 -5.58 -25.54 -0.17
CA TYR E 192 -4.35 -25.33 0.59
C TYR E 192 -3.40 -24.42 -0.15
N PHE E 193 -3.21 -24.65 -1.45
CA PHE E 193 -2.30 -23.83 -2.23
C PHE E 193 -2.81 -22.41 -2.37
N SER E 194 -4.14 -22.24 -2.47
CA SER E 194 -4.70 -20.90 -2.53
C SER E 194 -4.46 -20.14 -1.24
N ILE E 195 -4.61 -20.83 -0.09
CA ILE E 195 -4.31 -20.19 1.18
C ILE E 195 -2.82 -19.84 1.27
N LEU E 196 -1.96 -20.72 0.76
CA LEU E 196 -0.52 -20.49 0.86
C LEU E 196 -0.07 -19.33 -0.03
N SER E 197 -0.67 -19.20 -1.22
CA SER E 197 -0.33 -18.11 -2.13
C SER E 197 -1.25 -16.90 -1.95
N ASP E 198 -2.10 -16.91 -0.94
CA ASP E 198 -3.03 -15.82 -0.69
C ASP E 198 -2.29 -14.53 -0.38
N ASP E 199 -3.02 -13.41 -0.45
CA ASP E 199 -2.46 -12.15 -0.02
C ASP E 199 -2.21 -12.14 1.49
N ASN E 200 -3.03 -12.87 2.25
CA ASN E 200 -2.87 -12.95 3.70
C ASN E 200 -1.70 -13.81 4.14
N HIS E 201 -1.07 -14.54 3.23
CA HIS E 201 0.02 -15.45 3.60
C HIS E 201 1.30 -15.24 2.83
N LEU E 202 1.33 -14.38 1.82
CA LEU E 202 2.58 -14.12 1.12
C LEU E 202 3.45 -13.18 1.96
N PRO E 203 4.78 -13.26 1.79
CA PRO E 203 5.67 -12.43 2.61
C PRO E 203 5.46 -10.95 2.36
N VAL E 204 5.51 -10.18 3.44
CA VAL E 204 5.43 -8.72 3.38
C VAL E 204 6.64 -8.16 4.10
N LEU E 205 7.36 -7.27 3.42
CA LEU E 205 8.58 -6.69 3.96
C LEU E 205 8.39 -5.21 4.22
N SER E 206 8.76 -4.77 5.41
CA SER E 206 8.58 -3.39 5.83
C SER E 206 9.76 -2.55 5.35
N ARG E 207 9.46 -1.38 4.80
CA ARG E 207 10.49 -0.47 4.34
C ARG E 207 10.20 0.92 4.90
N ASN E 208 11.25 1.57 5.40
CA ASN E 208 11.14 2.82 6.14
C ASN E 208 12.15 3.82 5.58
N ASN E 209 11.70 5.06 5.37
CA ASN E 209 12.57 6.13 4.91
C ASN E 209 12.92 7.00 6.10
N LEU E 210 14.19 7.00 6.49
CA LEU E 210 14.65 7.71 7.68
C LEU E 210 15.19 9.07 7.27
N GLU E 211 14.65 10.12 7.89
CA GLU E 211 15.10 11.49 7.68
C GLU E 211 15.82 11.91 8.96
N ASN E 212 17.15 11.77 8.95
CA ASN E 212 17.98 12.07 10.12
C ASN E 212 17.54 11.25 11.34
N GLY E 213 17.38 9.95 11.15
CA GLY E 213 17.03 9.06 12.23
C GLY E 213 15.56 8.97 12.56
N GLN E 214 14.70 9.72 11.88
CA GLN E 214 13.27 9.68 12.12
C GLN E 214 12.53 9.28 10.85
N SER E 215 11.43 8.57 11.04
CA SER E 215 10.70 7.99 9.91
C SER E 215 9.97 9.07 9.13
N ALA E 216 10.25 9.14 7.83
CA ALA E 216 9.54 10.04 6.93
C ALA E 216 8.36 9.33 6.26
N ASN E 217 8.64 8.21 5.60
CA ASN E 217 7.60 7.40 4.98
C ASN E 217 7.73 5.96 5.45
N LEU E 218 6.61 5.26 5.48
CA LEU E 218 6.58 3.85 5.81
C LEU E 218 5.61 3.15 4.87
N TRP E 219 6.06 2.06 4.26
CA TRP E 219 5.21 1.31 3.34
C TRP E 219 5.61 -0.15 3.42
N TYR E 220 4.70 -1.01 2.97
CA TYR E 220 4.90 -2.45 3.00
C TYR E 220 4.86 -2.98 1.57
N GLU E 221 5.70 -3.98 1.30
CA GLU E 221 5.85 -4.52 -0.03
C GLU E 221 5.65 -6.03 -0.01
N GLN E 222 4.76 -6.51 -0.88
CA GLN E 222 4.59 -7.94 -1.07
C GLN E 222 5.70 -8.46 -1.96
N VAL E 223 6.20 -9.65 -1.63
CA VAL E 223 7.31 -10.26 -2.37
C VAL E 223 7.01 -11.72 -2.62
N LEU E 224 7.38 -12.19 -3.81
CA LEU E 224 7.34 -13.62 -4.10
C LEU E 224 8.55 -14.30 -3.45
N PRO E 225 8.34 -15.36 -2.68
CA PRO E 225 9.44 -15.94 -1.91
C PRO E 225 10.59 -16.42 -2.78
N ARG E 226 11.78 -16.38 -2.18
CA ARG E 226 12.99 -16.86 -2.86
C ARG E 226 12.86 -18.33 -3.22
N TYR E 227 13.44 -18.70 -4.36
CA TYR E 227 13.50 -20.05 -4.93
C TYR E 227 12.20 -20.47 -5.61
N SER E 228 11.22 -19.58 -5.69
CA SER E 228 9.99 -19.91 -6.41
C SER E 228 10.29 -20.15 -7.88
N ARG E 229 9.51 -21.04 -8.49
CA ARG E 229 9.70 -21.43 -9.89
C ARG E 229 8.51 -20.96 -10.72
N LEU E 230 8.80 -20.35 -11.85
CA LEU E 230 7.80 -19.92 -12.81
C LEU E 230 8.20 -20.40 -14.20
N TYR E 231 7.20 -20.73 -15.01
CA TYR E 231 7.41 -21.24 -16.35
C TYR E 231 6.75 -20.33 -17.38
N PHE E 232 7.38 -20.23 -18.55
CA PHE E 232 6.81 -19.46 -19.64
C PHE E 232 7.17 -20.12 -20.96
N MET E 233 6.38 -19.81 -21.98
CA MET E 233 6.58 -20.33 -23.32
C MET E 233 7.22 -19.26 -24.20
N LEU E 234 8.06 -19.70 -25.12
CA LEU E 234 8.77 -18.80 -26.04
C LEU E 234 8.59 -19.32 -27.46
N MET E 235 8.02 -18.48 -28.32
CA MET E 235 7.81 -18.82 -29.72
C MET E 235 8.87 -18.12 -30.56
N ASP E 236 9.67 -18.90 -31.27
CA ASP E 236 10.69 -18.36 -32.17
C ASP E 236 10.13 -18.11 -33.56
N GLY E 237 8.99 -17.44 -33.60
CA GLY E 237 8.27 -17.26 -34.84
C GLY E 237 9.01 -16.44 -35.88
N ASN E 238 9.51 -17.10 -36.92
CA ASN E 238 10.13 -16.46 -38.07
C ASN E 238 11.31 -15.58 -37.64
N ALA E 239 12.33 -16.23 -37.09
CA ALA E 239 13.52 -15.55 -36.64
C ALA E 239 14.77 -16.20 -37.22
N GLN E 240 15.83 -15.41 -37.35
CA GLN E 240 17.06 -15.93 -37.92
C GLN E 240 17.71 -16.94 -36.97
N SER E 241 18.24 -18.01 -37.56
CA SER E 241 18.66 -19.17 -36.77
C SER E 241 19.86 -18.87 -35.89
N GLU E 242 20.83 -18.10 -36.40
CA GLU E 242 22.04 -17.85 -35.63
C GLU E 242 21.77 -16.96 -34.42
N TYR E 243 20.94 -15.93 -34.59
CA TYR E 243 20.57 -15.09 -33.47
C TYR E 243 19.76 -15.87 -32.44
N LEU E 244 18.89 -16.77 -32.91
CA LEU E 244 18.15 -17.63 -32.01
C LEU E 244 19.07 -18.53 -31.21
N LYS E 245 20.07 -19.13 -31.87
CA LYS E 245 20.99 -20.01 -31.17
C LYS E 245 21.81 -19.25 -30.14
N LYS E 246 22.28 -18.05 -30.51
CA LYS E 246 23.03 -17.25 -29.55
C LYS E 246 22.16 -16.86 -28.37
N PHE E 247 20.91 -16.49 -28.62
CA PHE E 247 19.98 -16.13 -27.56
C PHE E 247 19.73 -17.30 -26.62
N ARG E 248 19.49 -18.50 -27.18
CA ARG E 248 19.21 -19.66 -26.35
C ARG E 248 20.44 -20.08 -25.55
N ASP E 249 21.62 -20.01 -26.16
CA ASP E 249 22.83 -20.38 -25.45
C ASP E 249 23.12 -19.41 -24.31
N THR E 250 23.01 -18.10 -24.57
CA THR E 250 23.28 -17.12 -23.51
C THR E 250 22.24 -17.21 -22.40
N LEU E 251 20.96 -17.36 -22.77
CA LEU E 251 19.89 -17.37 -21.77
C LEU E 251 20.02 -18.55 -20.81
N CYS E 252 20.37 -19.72 -21.33
CA CYS E 252 20.41 -20.93 -20.53
C CYS E 252 21.78 -21.21 -19.93
N THR E 253 22.74 -20.31 -20.10
CA THR E 253 24.03 -20.48 -19.44
C THR E 253 23.87 -20.27 -17.94
N PRO E 254 24.52 -21.11 -17.12
CA PRO E 254 24.42 -20.92 -15.65
C PRO E 254 24.99 -19.60 -15.17
N SER E 255 25.80 -18.91 -15.97
CA SER E 255 26.36 -17.63 -15.58
C SER E 255 25.38 -16.47 -15.79
N THR E 256 24.23 -16.72 -16.40
CA THR E 256 23.31 -15.66 -16.77
C THR E 256 22.27 -15.48 -15.66
N ILE E 257 22.30 -14.31 -15.02
CA ILE E 257 21.32 -13.94 -14.01
C ILE E 257 20.53 -12.75 -14.53
N ILE E 258 19.21 -12.87 -14.51
CA ILE E 258 18.31 -11.85 -15.05
C ILE E 258 17.58 -11.18 -13.90
N GLN E 259 17.45 -9.86 -13.95
CA GLN E 259 16.67 -9.11 -12.99
C GLN E 259 15.30 -8.81 -13.60
N ILE E 260 14.26 -9.32 -12.95
CA ILE E 260 12.88 -9.08 -13.38
C ILE E 260 12.13 -8.49 -12.19
N GLY E 261 11.64 -7.27 -12.34
CA GLY E 261 10.82 -6.64 -11.35
C GLY E 261 11.45 -5.38 -10.79
N ALA E 262 10.92 -4.93 -9.66
CA ALA E 262 11.33 -3.68 -9.05
C ALA E 262 12.39 -3.92 -7.99
N ASN E 263 12.90 -2.83 -7.43
CA ASN E 263 13.91 -2.88 -6.35
C ASN E 263 15.14 -3.66 -6.78
N ALA E 264 15.66 -3.32 -7.97
CA ALA E 264 16.81 -4.03 -8.52
C ALA E 264 18.05 -3.81 -7.65
N SER E 265 18.24 -2.60 -7.14
CA SER E 265 19.47 -2.28 -6.42
C SER E 265 19.54 -2.94 -5.06
N ILE E 266 18.42 -3.42 -4.52
CA ILE E 266 18.43 -4.11 -3.23
C ILE E 266 18.18 -5.59 -3.48
N GLY E 267 18.57 -6.08 -4.65
CA GLY E 267 18.58 -7.50 -4.93
C GLY E 267 17.22 -8.16 -4.96
N TYR E 268 16.25 -7.55 -5.63
CA TYR E 268 14.94 -8.13 -5.82
C TYR E 268 14.81 -8.63 -7.26
N GLY E 269 14.29 -9.84 -7.43
CA GLY E 269 13.91 -10.31 -8.75
C GLY E 269 15.02 -10.87 -9.59
N TYR E 270 16.11 -11.36 -8.99
CA TYR E 270 17.20 -11.96 -9.74
C TYR E 270 16.89 -13.43 -10.00
N CYS E 271 16.88 -13.81 -11.27
CA CYS E 271 16.42 -15.12 -11.69
C CYS E 271 17.50 -15.85 -12.48
N GLN E 272 17.29 -17.15 -12.63
CA GLN E 272 18.02 -17.97 -13.59
C GLN E 272 17.00 -18.68 -14.47
N ILE E 273 17.26 -18.70 -15.78
CA ILE E 273 16.34 -19.26 -16.76
C ILE E 273 16.93 -20.56 -17.29
N SER E 274 16.16 -21.63 -17.19
CA SER E 274 16.55 -22.94 -17.70
C SER E 274 15.48 -23.46 -18.65
N GLU E 275 15.92 -24.25 -19.61
CA GLU E 275 15.03 -24.79 -20.63
C GLU E 275 14.43 -26.11 -20.17
N LEU E 276 13.35 -26.50 -20.84
CA LEU E 276 12.74 -27.80 -20.57
C LEU E 276 13.70 -28.90 -21.04
N SER E 277 14.25 -29.64 -20.09
CA SER E 277 15.18 -30.70 -20.43
C SER E 277 14.43 -31.87 -21.07
N PRO E 278 15.11 -32.65 -21.91
CA PRO E 278 14.50 -33.89 -22.39
C PRO E 278 14.25 -34.85 -21.23
N PHE E 279 13.20 -35.64 -21.36
CA PHE E 279 12.88 -36.62 -20.33
C PHE E 279 13.80 -37.83 -20.44
N MET F 1 28.12 -7.92 -12.87
CA MET F 1 29.13 -8.97 -12.77
C MET F 1 30.08 -8.70 -11.59
N THR F 2 31.02 -9.61 -11.38
CA THR F 2 31.96 -9.56 -10.26
C THR F 2 31.21 -9.53 -8.92
N THR F 3 30.46 -10.60 -8.68
CA THR F 3 29.77 -10.77 -7.42
C THR F 3 30.75 -11.25 -6.34
N ARG F 4 30.64 -10.67 -5.15
CA ARG F 4 31.48 -11.03 -4.02
C ARG F 4 30.63 -11.31 -2.80
N MET F 5 31.14 -12.13 -1.91
CA MET F 5 30.49 -12.47 -0.65
C MET F 5 31.15 -11.72 0.48
N TYR F 6 30.35 -11.05 1.30
CA TYR F 6 30.83 -10.33 2.47
C TYR F 6 30.21 -10.92 3.73
N VAL F 7 30.99 -10.95 4.81
CA VAL F 7 30.59 -11.55 6.07
C VAL F 7 30.41 -10.44 7.10
N ILE F 8 29.31 -10.49 7.82
CA ILE F 8 28.98 -9.49 8.83
C ILE F 8 29.26 -10.08 10.20
N ASN F 9 30.28 -9.58 10.88
CA ASN F 9 30.60 -9.99 12.24
C ASN F 9 30.01 -8.94 13.18
N THR F 10 29.01 -9.34 13.95
CA THR F 10 28.32 -8.42 14.86
C THR F 10 29.17 -8.26 16.11
N LEU F 11 29.72 -7.06 16.32
CA LEU F 11 30.53 -6.80 17.49
C LEU F 11 29.68 -6.68 18.75
N SER F 12 28.43 -6.24 18.61
CA SER F 12 27.52 -6.14 19.74
C SER F 12 26.17 -6.78 19.40
N ASN F 13 25.19 -6.61 20.26
CA ASN F 13 23.87 -7.20 20.04
C ASN F 13 23.17 -6.50 18.88
N MET F 14 22.36 -7.27 18.16
CA MET F 14 21.66 -6.77 16.98
C MET F 14 20.15 -6.84 17.18
N HIS F 15 19.46 -5.75 16.89
CA HIS F 15 18.01 -5.73 16.82
C HIS F 15 17.59 -5.06 15.52
N VAL F 16 17.24 -5.86 14.53
CA VAL F 16 16.56 -5.39 13.33
C VAL F 16 15.12 -5.84 13.45
N GLY F 17 14.22 -4.91 13.71
CA GLY F 17 12.86 -5.24 14.07
C GLY F 17 11.93 -5.40 12.88
N SER F 18 10.90 -6.22 13.07
CA SER F 18 9.85 -6.41 12.08
C SER F 18 8.63 -5.59 12.41
N GLY F 19 8.72 -4.66 13.35
CA GLY F 19 7.58 -3.87 13.76
C GLY F 19 6.65 -4.65 14.67
N GLU F 20 5.49 -4.05 14.91
CA GLU F 20 4.46 -4.67 15.73
C GLU F 20 3.54 -5.59 14.93
N VAL F 21 3.97 -6.01 13.73
CA VAL F 21 3.19 -6.95 12.94
C VAL F 21 3.25 -8.36 13.47
N ASN F 22 4.17 -8.66 14.39
CA ASN F 22 4.31 -9.97 14.99
C ASN F 22 4.03 -9.88 16.48
N TYR F 23 3.21 -10.79 16.99
CA TYR F 23 2.87 -10.84 18.41
C TYR F 23 3.33 -12.16 18.99
N GLY F 24 4.34 -12.11 19.86
CA GLY F 24 4.77 -13.27 20.62
C GLY F 24 4.75 -12.94 22.10
N VAL F 25 5.35 -13.80 22.92
CA VAL F 25 5.47 -13.49 24.34
C VAL F 25 6.46 -12.36 24.57
N ILE F 26 7.28 -12.04 23.58
CA ILE F 26 8.23 -10.94 23.65
C ILE F 26 7.66 -9.76 22.87
N ASP F 27 7.81 -8.56 23.41
CA ASP F 27 7.25 -7.37 22.76
C ASP F 27 7.90 -7.13 21.40
N ASN F 28 9.23 -7.08 21.36
CA ASN F 28 9.98 -6.73 20.16
C ASN F 28 10.70 -7.96 19.62
N LEU F 29 10.32 -8.38 18.42
CA LEU F 29 10.94 -9.52 17.75
C LEU F 29 11.73 -9.05 16.54
N ILE F 30 12.74 -9.84 16.17
CA ILE F 30 13.64 -9.47 15.08
C ILE F 30 13.14 -10.02 13.76
N GLN F 31 13.70 -9.49 12.67
CA GLN F 31 13.33 -9.94 11.34
C GLN F 31 13.84 -11.34 11.08
N ARG F 32 13.04 -12.11 10.36
CA ARG F 32 13.40 -13.46 9.94
C ARG F 32 13.11 -13.62 8.46
N ASP F 33 13.95 -14.42 7.80
CA ASP F 33 13.74 -14.71 6.38
C ASP F 33 12.45 -15.50 6.21
N SER F 34 11.65 -15.11 5.22
CA SER F 34 10.34 -15.72 5.07
C SER F 34 10.39 -17.16 4.58
N VAL F 35 11.54 -17.62 4.09
CA VAL F 35 11.65 -18.99 3.58
C VAL F 35 12.20 -19.89 4.68
N THR F 36 13.41 -19.59 5.16
CA THR F 36 14.09 -20.42 6.13
C THR F 36 13.72 -20.10 7.57
N ASN F 37 13.01 -18.99 7.81
CA ASN F 37 12.65 -18.55 9.16
C ASN F 37 13.88 -18.39 10.05
N LEU F 38 14.95 -17.86 9.48
CA LEU F 38 16.16 -17.59 10.23
C LEU F 38 16.39 -16.09 10.31
N PRO F 39 17.06 -15.62 11.37
CA PRO F 39 17.32 -14.18 11.49
C PRO F 39 18.08 -13.65 10.27
N ASN F 40 17.63 -12.51 9.77
CA ASN F 40 18.20 -11.94 8.55
C ASN F 40 18.14 -10.43 8.62
N ILE F 41 19.00 -9.80 7.83
CA ILE F 41 18.98 -8.35 7.63
C ILE F 41 18.46 -8.11 6.23
N ASN F 42 17.39 -7.34 6.12
CA ASN F 42 16.85 -7.04 4.80
C ASN F 42 17.87 -6.24 4.00
N SER F 43 17.82 -6.42 2.68
CA SER F 43 18.75 -5.71 1.81
C SER F 43 18.55 -4.21 1.89
N SER F 44 17.32 -3.76 2.15
CA SER F 44 17.05 -2.34 2.31
C SER F 44 17.77 -1.79 3.53
N GLY F 45 17.70 -2.49 4.66
CA GLY F 45 18.38 -2.04 5.85
C GLY F 45 19.89 -2.02 5.67
N LEU F 46 20.44 -3.04 5.02
CA LEU F 46 21.88 -3.09 4.76
C LEU F 46 22.32 -1.93 3.88
N LYS F 47 21.59 -1.68 2.80
CA LYS F 47 21.92 -0.57 1.92
C LYS F 47 21.81 0.75 2.65
N GLY F 48 20.79 0.91 3.49
CA GLY F 48 20.65 2.14 4.25
C GLY F 48 21.79 2.36 5.22
N ALA F 49 22.21 1.30 5.91
CA ALA F 49 23.31 1.42 6.85
C ALA F 49 24.61 1.80 6.14
N ILE F 50 24.89 1.15 5.01
CA ILE F 50 26.14 1.45 4.30
C ILE F 50 26.08 2.86 3.69
N ARG F 51 24.90 3.26 3.21
CA ARG F 51 24.74 4.61 2.69
C ARG F 51 24.95 5.65 3.79
N GLU F 52 24.43 5.38 4.99
CA GLU F 52 24.64 6.29 6.11
C GLU F 52 26.12 6.38 6.45
N TYR F 53 26.84 5.26 6.39
CA TYR F 53 28.28 5.31 6.62
C TYR F 53 28.99 6.16 5.57
N PHE F 54 28.63 6.01 4.31
CA PHE F 54 29.35 6.66 3.22
C PHE F 54 28.81 8.04 2.86
N LYS F 55 27.80 8.53 3.59
CA LYS F 55 27.13 9.77 3.22
C LYS F 55 28.06 10.96 3.04
N GLU F 56 29.18 10.99 3.76
CA GLU F 56 30.09 12.12 3.66
C GLU F 56 30.65 12.25 2.25
N ASN F 57 30.96 11.12 1.61
CA ASN F 57 31.48 11.13 0.24
C ASN F 57 30.29 11.20 -0.71
N GLU F 58 30.02 12.39 -1.24
CA GLU F 58 28.82 12.60 -2.03
C GLU F 58 28.92 11.92 -3.39
N ASP F 59 30.08 12.04 -4.04
CA ASP F 59 30.26 11.42 -5.35
C ASP F 59 30.13 9.91 -5.27
N LEU F 60 30.73 9.30 -4.24
CA LEU F 60 30.68 7.85 -4.09
C LEU F 60 29.25 7.37 -3.89
N VAL F 61 28.49 8.05 -3.02
CA VAL F 61 27.12 7.64 -2.75
C VAL F 61 26.25 7.86 -3.98
N ARG F 62 26.46 8.96 -4.70
CA ARG F 62 25.65 9.23 -5.88
C ARG F 62 25.93 8.20 -6.98
N GLU F 63 27.21 7.93 -7.26
CA GLU F 63 27.55 6.96 -8.28
C GLU F 63 27.11 5.55 -7.90
N LEU F 64 27.33 5.16 -6.65
CA LEU F 64 27.13 3.77 -6.26
C LEU F 64 25.71 3.50 -5.76
N PHE F 65 25.21 4.33 -4.86
CA PHE F 65 23.92 4.08 -4.23
C PHE F 65 22.76 4.76 -4.94
N GLY F 66 23.02 5.87 -5.61
CA GLY F 66 21.98 6.60 -6.33
C GLY F 66 21.63 7.91 -5.64
N SER F 67 20.65 8.59 -6.23
CA SER F 67 20.22 9.87 -5.71
C SER F 67 19.58 9.73 -4.33
N ALA F 68 19.78 10.73 -3.49
CA ALA F 68 19.12 10.76 -2.21
C ALA F 68 17.64 11.06 -2.40
N PRO F 69 16.79 10.72 -1.42
CA PRO F 69 15.39 11.15 -1.50
C PRO F 69 15.31 12.67 -1.50
N ARG F 70 14.29 13.18 -2.17
CA ARG F 70 14.10 14.63 -2.34
C ARG F 70 15.25 15.25 -3.13
N ASP F 71 15.69 14.55 -4.17
CA ASP F 71 16.66 15.07 -5.12
C ASP F 71 15.98 15.31 -6.46
N GLU F 72 16.27 16.46 -7.06
CA GLU F 72 15.64 16.79 -8.34
C GLU F 72 16.07 15.82 -9.43
N LYS F 73 17.36 15.54 -9.53
CA LYS F 73 17.87 14.61 -10.54
C LYS F 73 17.88 13.21 -9.94
N THR F 74 16.76 12.51 -10.05
CA THR F 74 16.69 11.15 -9.57
C THR F 74 17.65 10.28 -10.37
N LEU F 75 18.32 9.35 -9.69
CA LEU F 75 19.40 8.59 -10.29
C LEU F 75 19.43 7.18 -9.68
N PRO F 76 19.44 6.15 -10.51
CA PRO F 76 19.46 4.78 -9.98
C PRO F 76 20.84 4.40 -9.45
N GLY F 77 20.84 3.38 -8.58
CA GLY F 77 22.08 2.88 -8.02
C GLY F 77 22.73 1.83 -8.90
N LYS F 78 24.06 1.81 -8.88
CA LYS F 78 24.83 0.88 -9.71
C LYS F 78 25.13 -0.44 -9.00
N VAL F 79 25.33 -0.42 -7.70
CA VAL F 79 25.64 -1.64 -6.97
C VAL F 79 24.34 -2.26 -6.50
N ARG F 80 24.35 -3.59 -6.35
CA ARG F 80 23.18 -4.34 -5.93
C ARG F 80 23.48 -5.02 -4.60
N PHE F 81 22.64 -4.76 -3.60
CA PHE F 81 22.82 -5.28 -2.26
C PHE F 81 21.86 -6.43 -2.03
N PHE F 82 22.40 -7.58 -1.65
CA PHE F 82 21.58 -8.75 -1.41
C PHE F 82 21.37 -8.98 0.08
N GLU F 83 20.31 -9.72 0.39
CA GLU F 83 19.89 -9.93 1.77
C GLU F 83 20.97 -10.62 2.58
N ALA F 84 21.12 -10.18 3.83
CA ALA F 84 22.11 -10.75 4.75
C ALA F 84 21.45 -11.89 5.52
N ASN F 85 21.93 -13.10 5.30
CA ASN F 85 21.38 -14.30 5.91
C ASN F 85 22.33 -14.84 6.97
N LEU F 86 21.76 -15.56 7.93
CA LEU F 86 22.52 -15.98 9.11
C LEU F 86 23.45 -17.13 8.75
N LEU F 87 24.75 -16.93 9.00
CA LEU F 87 25.75 -17.97 8.78
C LEU F 87 26.04 -18.75 10.05
N SER F 88 26.53 -18.09 11.10
CA SER F 88 26.89 -18.74 12.34
C SER F 88 26.31 -17.96 13.52
N MET F 89 25.89 -18.68 14.54
CA MET F 89 25.33 -18.08 15.73
C MET F 89 26.04 -18.61 16.96
N PRO F 90 26.36 -17.74 17.93
CA PRO F 90 26.96 -18.22 19.18
C PRO F 90 25.95 -18.95 20.05
N VAL F 91 26.37 -20.07 20.62
CA VAL F 91 25.56 -20.86 21.53
C VAL F 91 26.34 -21.06 22.81
N ARG F 92 25.64 -21.01 23.94
CA ARG F 92 26.27 -21.08 25.24
C ARG F 92 26.54 -22.52 25.65
N SER F 93 27.71 -22.77 26.25
CA SER F 93 28.12 -24.11 26.62
C SER F 93 28.74 -24.10 28.01
N ASP F 94 29.06 -25.29 28.50
CA ASP F 94 29.70 -25.44 29.80
C ASP F 94 31.21 -25.68 29.71
N LYS F 95 31.68 -26.27 28.61
CA LYS F 95 33.12 -26.39 28.40
C LYS F 95 33.74 -25.08 27.95
N VAL F 96 33.02 -24.29 27.17
CA VAL F 96 33.52 -23.02 26.65
C VAL F 96 32.46 -21.96 26.90
N PRO F 97 32.86 -20.68 26.89
CA PRO F 97 31.84 -19.62 27.01
C PRO F 97 30.80 -19.68 25.91
N PHE F 98 31.22 -19.71 24.66
CA PHE F 98 30.28 -19.83 23.54
C PHE F 98 30.92 -20.66 22.44
N LEU F 99 30.05 -21.24 21.61
CA LEU F 99 30.45 -21.97 20.41
C LEU F 99 29.75 -21.36 19.20
N MET F 100 30.40 -21.46 18.06
CA MET F 100 29.81 -20.97 16.81
C MET F 100 29.03 -22.10 16.17
N ALA F 101 27.73 -21.90 16.01
CA ALA F 101 26.82 -22.94 15.56
C ALA F 101 26.38 -22.68 14.11
N ILE F 102 26.44 -23.72 13.30
CA ILE F 102 25.93 -23.69 11.93
C ILE F 102 25.21 -25.01 11.69
N SER F 103 24.19 -24.96 10.85
CA SER F 103 23.41 -26.16 10.54
C SER F 103 23.76 -26.70 9.16
N ASP F 104 23.47 -27.98 8.96
CA ASP F 104 23.74 -28.61 7.67
C ASP F 104 22.88 -27.99 6.57
N GLU F 105 21.64 -27.61 6.91
CA GLU F 105 20.80 -26.93 5.93
C GLU F 105 21.35 -25.54 5.60
N VAL F 106 21.92 -24.85 6.59
CA VAL F 106 22.55 -23.56 6.32
C VAL F 106 23.75 -23.74 5.40
N LEU F 107 24.54 -24.79 5.62
CA LEU F 107 25.67 -25.06 4.75
C LEU F 107 25.21 -25.37 3.33
N GLN F 108 24.15 -26.16 3.19
CA GLN F 108 23.62 -26.47 1.86
C GLN F 108 23.12 -25.20 1.17
N GLU F 109 22.45 -24.33 1.92
CA GLU F 109 22.00 -23.05 1.39
C GLU F 109 23.16 -22.20 0.92
N LEU F 110 24.24 -22.16 1.72
CA LEU F 110 25.42 -21.38 1.35
C LEU F 110 26.04 -21.93 0.07
N ILE F 111 26.16 -23.25 -0.03
CA ILE F 111 26.73 -23.87 -1.21
C ILE F 111 25.88 -23.54 -2.44
N THR F 112 24.57 -23.66 -2.31
CA THR F 112 23.68 -23.35 -3.43
C THR F 112 23.80 -21.89 -3.85
N LYS F 113 23.87 -20.98 -2.88
CA LYS F 113 23.98 -19.57 -3.21
C LYS F 113 25.30 -19.26 -3.91
N MET F 114 26.39 -19.86 -3.45
CA MET F 114 27.68 -19.65 -4.10
C MET F 114 27.68 -20.21 -5.51
N LYS F 115 27.05 -21.37 -5.71
CA LYS F 115 26.95 -21.93 -7.05
C LYS F 115 26.13 -21.04 -7.98
N PHE F 116 25.03 -20.49 -7.46
CA PHE F 116 24.12 -19.71 -8.30
C PHE F 116 24.69 -18.33 -8.63
N PHE F 117 25.33 -17.68 -7.65
CA PHE F 117 25.76 -16.29 -7.83
C PHE F 117 27.16 -16.17 -8.40
N ASN F 118 27.97 -17.22 -8.32
CA ASN F 118 29.36 -17.21 -8.81
C ASN F 118 30.17 -16.11 -8.12
N CYS F 119 30.35 -16.30 -6.82
CA CYS F 119 31.19 -15.39 -6.04
C CYS F 119 32.64 -15.47 -6.52
N GLU F 120 33.45 -14.54 -6.03
CA GLU F 120 34.82 -14.42 -6.52
C GLU F 120 35.65 -15.66 -6.21
N GLU F 121 35.67 -16.08 -4.95
CA GLU F 121 36.48 -17.23 -4.52
C GLU F 121 35.62 -18.46 -4.26
N ALA F 122 34.55 -18.61 -5.04
CA ALA F 122 33.56 -19.64 -4.75
C ALA F 122 34.01 -21.05 -5.08
N THR F 123 35.01 -21.22 -5.94
CA THR F 123 35.33 -22.56 -6.43
C THR F 123 35.84 -23.48 -5.33
N GLN F 124 36.96 -23.12 -4.71
CA GLN F 124 37.55 -23.97 -3.67
C GLN F 124 36.64 -24.07 -2.46
N TYR F 125 35.96 -22.98 -2.11
CA TYR F 125 35.02 -23.02 -1.01
C TYR F 125 33.89 -24.00 -1.27
N ILE F 126 33.33 -23.99 -2.48
CA ILE F 126 32.29 -24.94 -2.83
C ILE F 126 32.82 -26.37 -2.74
N SER F 127 34.03 -26.60 -3.27
CA SER F 127 34.60 -27.94 -3.21
C SER F 127 34.71 -28.45 -1.77
N HIS F 128 35.33 -27.66 -0.90
CA HIS F 128 35.58 -28.13 0.45
C HIS F 128 34.31 -28.15 1.30
N LEU F 129 33.38 -27.23 1.05
CA LEU F 129 32.12 -27.24 1.80
C LEU F 129 31.26 -28.43 1.39
N SER F 130 31.23 -28.76 0.10
CA SER F 130 30.52 -29.95 -0.33
C SER F 130 31.15 -31.21 0.27
N THR F 131 32.47 -31.26 0.30
CA THR F 131 33.15 -32.40 0.93
C THR F 131 32.79 -32.51 2.40
N LEU F 132 32.80 -31.38 3.12
CA LEU F 132 32.47 -31.40 4.53
C LEU F 132 31.03 -31.84 4.77
N LEU F 133 30.09 -31.33 3.95
CA LEU F 133 28.70 -31.71 4.11
C LEU F 133 28.49 -33.19 3.82
N ASP F 134 29.16 -33.71 2.79
CA ASP F 134 29.05 -35.14 2.50
C ASP F 134 29.60 -35.99 3.64
N ASN F 135 30.75 -35.60 4.19
CA ASN F 135 31.31 -36.33 5.32
C ASN F 135 30.37 -36.28 6.53
N ILE F 136 29.77 -35.11 6.77
CA ILE F 136 28.85 -34.95 7.90
C ILE F 136 27.64 -35.86 7.71
N LYS F 137 27.09 -35.92 6.50
CA LYS F 137 25.94 -36.77 6.23
C LYS F 137 26.30 -38.24 6.33
N THR F 138 27.50 -38.61 5.88
CA THR F 138 27.97 -39.99 6.02
C THR F 138 28.07 -40.39 7.48
N GLN F 139 28.59 -39.49 8.32
CA GLN F 139 28.69 -39.79 9.75
C GLN F 139 27.33 -39.87 10.41
N ALA F 140 26.43 -38.94 10.09
CA ALA F 140 25.15 -38.88 10.78
C ALA F 140 24.27 -40.08 10.45
N GLN F 141 24.18 -40.44 9.17
CA GLN F 141 23.28 -41.50 8.71
C GLN F 141 21.83 -41.20 9.11
N GLY F 142 21.38 -40.00 8.77
CA GLY F 142 19.99 -39.63 8.99
C GLY F 142 19.56 -39.57 10.44
N THR F 143 20.37 -38.94 11.29
CA THR F 143 20.03 -38.80 12.70
C THR F 143 20.47 -37.42 13.18
N ASP F 144 19.92 -37.01 14.32
CA ASP F 144 20.31 -35.74 14.92
C ASP F 144 21.74 -35.81 15.43
N PHE F 145 22.48 -34.73 15.23
CA PHE F 145 23.91 -34.76 15.54
C PHE F 145 24.37 -33.39 16.01
N ALA F 146 25.54 -33.39 16.65
CA ALA F 146 26.20 -32.16 17.06
C ALA F 146 27.71 -32.44 17.01
N TYR F 147 28.33 -32.06 15.91
CA TYR F 147 29.71 -32.45 15.62
C TYR F 147 30.65 -31.28 15.86
N VAL F 148 31.70 -31.53 16.65
CA VAL F 148 32.75 -30.57 16.92
C VAL F 148 34.06 -31.11 16.36
N PHE F 149 34.93 -30.21 15.95
CA PHE F 149 36.18 -30.59 15.30
C PHE F 149 37.41 -30.29 16.15
N ASP F 150 37.21 -29.95 17.42
CA ASP F 150 38.28 -29.87 18.39
C ASP F 150 38.04 -30.95 19.43
N PRO F 151 38.99 -31.88 19.63
CA PRO F 151 38.72 -33.04 20.50
C PRO F 151 38.43 -32.66 21.94
N LEU F 152 38.86 -31.49 22.40
CA LEU F 152 38.60 -31.08 23.78
C LEU F 152 37.15 -30.70 24.02
N LEU F 153 36.36 -30.51 22.95
CA LEU F 153 34.96 -30.11 23.08
C LEU F 153 34.01 -31.31 23.06
N GLN F 154 34.46 -32.48 23.49
CA GLN F 154 33.61 -33.65 23.58
C GLN F 154 32.77 -33.57 24.86
N GLY F 155 31.50 -33.97 24.73
CA GLY F 155 30.60 -33.96 25.88
C GLY F 155 30.08 -32.59 26.24
N ALA F 156 30.34 -31.58 25.42
CA ALA F 156 29.87 -30.23 25.71
C ALA F 156 28.35 -30.14 25.56
N ILE F 157 27.75 -29.25 26.33
CA ILE F 157 26.33 -29.01 26.31
C ILE F 157 26.08 -27.79 25.42
N ILE F 158 25.27 -27.96 24.38
CA ILE F 158 25.01 -26.89 23.42
C ILE F 158 23.68 -26.26 23.83
N GLU F 159 23.76 -25.31 24.77
CA GLU F 159 22.65 -24.45 25.16
C GLU F 159 21.53 -25.23 25.85
N GLU F 160 21.65 -26.55 25.88
CA GLU F 160 20.58 -27.39 26.40
C GLU F 160 21.14 -28.79 26.64
N VAL F 161 20.61 -29.44 27.68
CA VAL F 161 21.14 -30.72 28.10
C VAL F 161 20.96 -31.78 27.02
N SER F 162 19.85 -31.72 26.30
CA SER F 162 19.55 -32.73 25.31
C SER F 162 20.46 -32.67 24.09
N ILE F 163 21.11 -31.54 23.85
CA ILE F 163 22.01 -31.37 22.71
C ILE F 163 23.43 -31.47 23.24
N ARG F 164 24.03 -32.65 23.12
CA ARG F 164 25.39 -32.90 23.56
C ARG F 164 26.29 -33.16 22.36
N ALA F 165 27.54 -32.74 22.46
CA ALA F 165 28.44 -32.70 21.32
C ALA F 165 29.26 -33.99 21.22
N THR F 166 29.50 -34.41 19.99
CA THR F 166 30.36 -35.55 19.67
C THR F 166 31.37 -35.12 18.62
N CYS F 167 32.48 -35.84 18.56
CA CYS F 167 33.55 -35.51 17.61
C CYS F 167 33.82 -36.67 16.67
N PRO F 168 33.47 -36.57 15.40
CA PRO F 168 33.96 -37.53 14.39
C PRO F 168 35.37 -37.16 13.98
N SER F 169 36.33 -38.03 14.31
CA SER F 169 37.74 -37.66 14.25
C SER F 169 38.20 -37.43 12.81
N HIS F 170 37.71 -38.24 11.87
CA HIS F 170 38.25 -38.26 10.52
C HIS F 170 37.62 -37.23 9.59
N ILE F 171 36.70 -36.40 10.09
CA ILE F 171 36.13 -35.31 9.30
C ILE F 171 37.03 -34.08 9.50
N PRO F 172 37.72 -33.61 8.48
CA PRO F 172 38.63 -32.47 8.66
C PRO F 172 37.94 -31.13 8.42
N LEU F 173 38.35 -30.15 9.21
CA LEU F 173 37.92 -28.77 9.04
C LEU F 173 39.10 -27.96 8.54
N GLN F 174 38.97 -27.37 7.37
CA GLN F 174 40.07 -26.62 6.78
C GLN F 174 40.25 -25.29 7.50
N PRO F 175 41.49 -24.80 7.58
CA PRO F 175 41.72 -23.52 8.27
C PRO F 175 40.95 -22.35 7.66
N SER F 176 40.80 -22.32 6.34
CA SER F 176 40.04 -21.25 5.71
C SER F 176 38.56 -21.37 6.02
N LEU F 177 38.04 -22.60 6.04
CA LEU F 177 36.65 -22.81 6.44
C LEU F 177 36.44 -22.42 7.89
N LYS F 178 37.41 -22.71 8.75
CA LYS F 178 37.32 -22.29 10.15
C LYS F 178 37.33 -20.77 10.26
N LYS F 179 38.13 -20.10 9.44
CA LYS F 179 38.16 -18.64 9.45
C LYS F 179 36.82 -18.07 8.99
N LEU F 180 36.24 -18.65 7.94
CA LEU F 180 34.96 -18.15 7.44
C LEU F 180 33.82 -18.42 8.41
N LEU F 181 33.77 -19.61 8.98
CA LEU F 181 32.64 -20.02 9.80
C LEU F 181 32.80 -19.67 11.27
N GLY F 182 34.03 -19.64 11.78
CA GLY F 182 34.26 -19.25 13.15
C GLY F 182 34.89 -20.33 14.00
N ASP F 183 35.69 -19.92 14.99
CA ASP F 183 36.34 -20.88 15.87
C ASP F 183 35.32 -21.56 16.76
N ARG F 184 35.69 -22.72 17.28
CA ARG F 184 34.82 -23.54 18.11
C ARG F 184 33.50 -23.82 17.39
N LEU F 185 33.62 -24.41 16.20
CA LEU F 185 32.49 -24.63 15.33
C LEU F 185 31.80 -25.94 15.67
N VAL F 186 30.50 -25.87 15.91
CA VAL F 186 29.66 -27.05 16.09
C VAL F 186 28.62 -27.06 14.97
N ILE F 187 28.49 -28.18 14.28
CA ILE F 187 27.56 -28.32 13.17
C ILE F 187 26.39 -29.16 13.65
N LEU F 188 25.19 -28.61 13.57
CA LEU F 188 24.00 -29.20 14.13
C LEU F 188 23.04 -29.62 13.03
N SER F 189 22.26 -30.65 13.32
CA SER F 189 21.17 -31.02 12.43
C SER F 189 20.15 -29.89 12.36
N HIS F 190 19.22 -30.01 11.42
CA HIS F 190 18.23 -28.95 11.24
C HIS F 190 17.35 -28.78 12.47
N LYS F 191 16.95 -29.89 13.09
CA LYS F 191 16.07 -29.80 14.25
C LYS F 191 16.74 -29.08 15.41
N TYR F 192 18.00 -29.43 15.70
CA TYR F 192 18.71 -28.81 16.81
C TYR F 192 18.89 -27.32 16.58
N PHE F 193 19.28 -26.93 15.37
CA PHE F 193 19.51 -25.52 15.08
C PHE F 193 18.22 -24.73 15.06
N SER F 194 17.13 -25.32 14.55
CA SER F 194 15.84 -24.65 14.58
C SER F 194 15.33 -24.51 16.00
N ILE F 195 15.68 -25.44 16.88
CA ILE F 195 15.35 -25.30 18.29
C ILE F 195 16.18 -24.17 18.91
N LEU F 196 17.45 -24.08 18.55
CA LEU F 196 18.33 -23.10 19.18
C LEU F 196 18.05 -21.67 18.71
N SER F 197 17.60 -21.51 17.47
CA SER F 197 17.37 -20.17 16.92
C SER F 197 15.90 -19.77 16.90
N ASP F 198 15.02 -20.56 17.51
CA ASP F 198 13.61 -20.22 17.52
C ASP F 198 13.35 -19.08 18.49
N ASP F 199 12.10 -18.60 18.50
CA ASP F 199 11.76 -17.44 19.31
C ASP F 199 11.95 -17.70 20.80
N ASN F 200 11.82 -18.96 21.23
CA ASN F 200 11.93 -19.29 22.64
C ASN F 200 13.38 -19.37 23.13
N HIS F 201 14.35 -19.49 22.23
CA HIS F 201 15.74 -19.68 22.62
C HIS F 201 16.64 -18.51 22.26
N LEU F 202 16.20 -17.59 21.42
CA LEU F 202 17.02 -16.43 21.10
C LEU F 202 17.13 -15.52 22.33
N PRO F 203 18.28 -14.89 22.55
CA PRO F 203 18.44 -14.07 23.76
C PRO F 203 17.46 -12.91 23.82
N VAL F 204 17.03 -12.60 25.04
CA VAL F 204 16.09 -11.52 25.30
C VAL F 204 16.76 -10.55 26.26
N LEU F 205 16.73 -9.26 25.91
CA LEU F 205 17.24 -8.20 26.76
C LEU F 205 16.07 -7.35 27.25
N SER F 206 16.09 -7.00 28.53
CA SER F 206 14.99 -6.29 29.16
C SER F 206 15.32 -4.81 29.28
N ARG F 207 14.28 -3.99 29.15
CA ARG F 207 14.41 -2.54 29.27
C ARG F 207 13.28 -2.01 30.14
N ASN F 208 13.61 -1.04 30.99
CA ASN F 208 12.67 -0.49 31.96
C ASN F 208 12.65 1.03 31.83
N ASN F 209 11.47 1.59 31.69
CA ASN F 209 11.29 3.04 31.65
C ASN F 209 10.95 3.52 33.06
N LEU F 210 11.81 4.38 33.61
CA LEU F 210 11.71 4.80 35.00
C LEU F 210 11.25 6.25 35.10
N GLU F 211 10.36 6.50 36.05
CA GLU F 211 9.88 7.85 36.36
C GLU F 211 10.18 8.12 37.83
N ASN F 212 11.24 8.89 38.09
CA ASN F 212 11.70 9.19 39.44
C ASN F 212 11.94 7.90 40.23
N GLY F 213 12.65 6.96 39.60
CA GLY F 213 12.99 5.71 40.24
C GLY F 213 11.89 4.68 40.31
N GLN F 214 10.73 4.95 39.73
CA GLN F 214 9.62 4.02 39.72
C GLN F 214 9.37 3.53 38.30
N SER F 215 8.97 2.27 38.17
CA SER F 215 8.82 1.65 36.86
C SER F 215 7.56 2.16 36.17
N ALA F 216 7.72 2.61 34.93
CA ALA F 216 6.59 3.01 34.10
C ALA F 216 6.23 1.97 33.05
N ASN F 217 7.20 1.56 32.24
CA ASN F 217 7.02 0.51 31.26
C ASN F 217 8.12 -0.54 31.44
N LEU F 218 7.78 -1.78 31.13
CA LEU F 218 8.75 -2.87 31.16
C LEU F 218 8.49 -3.74 29.93
N TRP F 219 9.40 -3.71 28.97
CA TRP F 219 9.29 -4.52 27.77
C TRP F 219 10.59 -5.25 27.54
N TYR F 220 10.51 -6.41 26.90
CA TYR F 220 11.67 -7.24 26.63
C TYR F 220 11.93 -7.30 25.14
N GLU F 221 13.21 -7.27 24.77
CA GLU F 221 13.64 -7.12 23.39
C GLU F 221 14.38 -8.36 22.94
N GLN F 222 14.00 -8.88 21.78
CA GLN F 222 14.72 -10.00 21.18
C GLN F 222 15.91 -9.48 20.40
N VAL F 223 17.08 -10.08 20.62
CA VAL F 223 18.31 -9.63 19.99
C VAL F 223 19.04 -10.83 19.40
N LEU F 224 19.87 -10.54 18.42
CA LEU F 224 20.77 -11.51 17.83
C LEU F 224 22.12 -11.42 18.55
N PRO F 225 22.63 -12.54 19.08
CA PRO F 225 23.81 -12.47 19.94
C PRO F 225 25.01 -11.87 19.23
N ARG F 226 25.86 -11.21 20.00
CA ARG F 226 27.06 -10.62 19.44
C ARG F 226 28.02 -11.71 18.95
N TYR F 227 28.85 -11.34 17.99
CA TYR F 227 29.79 -12.20 17.28
C TYR F 227 29.09 -13.16 16.31
N SER F 228 27.77 -13.04 16.16
CA SER F 228 27.08 -13.78 15.11
C SER F 228 27.55 -13.34 13.75
N ARG F 229 27.58 -14.27 12.80
CA ARG F 229 28.07 -14.00 11.47
C ARG F 229 26.94 -14.14 10.45
N LEU F 230 26.90 -13.21 9.51
CA LEU F 230 25.92 -13.20 8.43
C LEU F 230 26.64 -12.92 7.11
N TYR F 231 26.08 -13.41 6.02
CA TYR F 231 26.68 -13.23 4.71
C TYR F 231 25.70 -12.56 3.75
N PHE F 232 26.24 -11.73 2.86
CA PHE F 232 25.43 -11.09 1.85
C PHE F 232 26.25 -10.94 0.57
N MET F 233 25.54 -10.77 -0.54
CA MET F 233 26.16 -10.71 -1.86
C MET F 233 26.13 -9.29 -2.39
N LEU F 234 27.21 -8.89 -3.04
CA LEU F 234 27.34 -7.57 -3.64
C LEU F 234 27.67 -7.73 -5.12
N MET F 235 26.87 -7.10 -5.97
CA MET F 235 27.10 -7.08 -7.40
C MET F 235 27.58 -5.69 -7.81
N ASP F 236 28.69 -5.65 -8.56
CA ASP F 236 29.24 -4.36 -8.97
C ASP F 236 28.25 -3.57 -9.81
N GLY F 237 27.64 -4.23 -10.80
CA GLY F 237 26.69 -3.57 -11.67
C GLY F 237 27.27 -2.37 -12.40
N ASN F 238 28.22 -2.65 -13.30
CA ASN F 238 28.85 -1.67 -14.20
C ASN F 238 29.04 -0.30 -13.56
N ALA F 239 29.67 -0.31 -12.39
CA ALA F 239 30.00 0.91 -11.66
C ALA F 239 31.43 1.34 -11.94
N GLN F 240 31.73 2.58 -11.59
CA GLN F 240 33.05 3.13 -11.85
C GLN F 240 34.11 2.44 -11.00
N SER F 241 35.26 2.18 -11.61
CA SER F 241 36.27 1.33 -10.96
C SER F 241 36.84 1.97 -9.70
N GLU F 242 37.13 3.27 -9.74
CA GLU F 242 37.78 3.89 -8.58
C GLU F 242 36.82 4.02 -7.41
N TYR F 243 35.56 4.36 -7.69
CA TYR F 243 34.58 4.44 -6.62
C TYR F 243 34.35 3.08 -5.98
N LEU F 244 34.29 2.03 -6.80
CA LEU F 244 34.17 0.67 -6.26
C LEU F 244 35.40 0.29 -5.45
N LYS F 245 36.59 0.68 -5.91
CA LYS F 245 37.81 0.39 -5.18
C LYS F 245 37.80 1.06 -3.81
N LYS F 246 37.41 2.34 -3.78
CA LYS F 246 37.30 3.05 -2.50
C LYS F 246 36.26 2.40 -1.60
N PHE F 247 35.12 2.01 -2.18
CA PHE F 247 34.06 1.36 -1.41
C PHE F 247 34.55 0.07 -0.78
N ARG F 248 35.19 -0.78 -1.57
CA ARG F 248 35.70 -2.05 -1.06
C ARG F 248 36.78 -1.83 0.00
N ASP F 249 37.70 -0.91 -0.25
CA ASP F 249 38.78 -0.67 0.69
C ASP F 249 38.26 -0.12 2.02
N THR F 250 37.27 0.77 1.97
CA THR F 250 36.69 1.30 3.20
C THR F 250 35.89 0.24 3.95
N LEU F 251 35.08 -0.54 3.23
CA LEU F 251 34.23 -1.52 3.88
C LEU F 251 35.05 -2.63 4.54
N CYS F 252 36.17 -3.00 3.94
CA CYS F 252 36.98 -4.11 4.43
C CYS F 252 38.10 -3.68 5.35
N THR F 253 38.26 -2.39 5.60
CA THR F 253 39.26 -1.93 6.55
C THR F 253 38.89 -2.38 7.96
N PRO F 254 39.82 -2.92 8.74
CA PRO F 254 39.48 -3.36 10.10
C PRO F 254 39.01 -2.23 11.01
N SER F 255 39.34 -0.98 10.68
CA SER F 255 38.91 0.16 11.49
C SER F 255 37.48 0.58 11.23
N THR F 256 36.81 -0.03 10.26
CA THR F 256 35.47 0.39 9.86
C THR F 256 34.43 -0.44 10.61
N ILE F 257 33.54 0.24 11.32
CA ILE F 257 32.43 -0.40 12.04
C ILE F 257 31.14 0.24 11.54
N ILE F 258 30.17 -0.60 11.22
CA ILE F 258 28.90 -0.17 10.63
C ILE F 258 27.79 -0.50 11.62
N GLN F 259 26.84 0.43 11.76
CA GLN F 259 25.69 0.25 12.63
C GLN F 259 24.49 -0.20 11.79
N ILE F 260 23.98 -1.39 12.10
CA ILE F 260 22.81 -1.94 11.44
C ILE F 260 21.76 -2.24 12.51
N GLY F 261 20.55 -1.76 12.30
CA GLY F 261 19.44 -2.07 13.17
C GLY F 261 19.03 -0.91 14.04
N ALA F 262 18.42 -1.24 15.17
CA ALA F 262 17.83 -0.26 16.07
C ALA F 262 18.72 -0.05 17.29
N ASN F 263 18.31 0.89 18.14
CA ASN F 263 18.98 1.18 19.41
C ASN F 263 20.46 1.48 19.19
N ALA F 264 20.74 2.35 18.21
CA ALA F 264 22.11 2.73 17.92
C ALA F 264 22.75 3.47 19.09
N SER F 265 21.97 4.33 19.75
CA SER F 265 22.52 5.17 20.82
C SER F 265 22.98 4.38 22.03
N ILE F 266 22.43 3.19 22.26
CA ILE F 266 22.81 2.37 23.40
C ILE F 266 23.69 1.19 22.98
N GLY F 267 24.23 1.21 21.76
CA GLY F 267 25.24 0.25 21.37
C GLY F 267 24.74 -1.01 20.71
N TYR F 268 23.58 -0.98 20.08
CA TYR F 268 23.00 -2.17 19.46
C TYR F 268 23.37 -2.19 17.97
N GLY F 269 23.97 -3.29 17.53
CA GLY F 269 24.10 -3.54 16.11
C GLY F 269 25.31 -2.92 15.43
N TYR F 270 26.48 -3.01 16.06
CA TYR F 270 27.72 -2.55 15.43
C TYR F 270 28.46 -3.76 14.86
N CYS F 271 28.81 -3.66 13.59
CA CYS F 271 29.30 -4.81 12.83
C CYS F 271 30.57 -4.44 12.08
N GLN F 272 31.30 -5.49 11.69
CA GLN F 272 32.44 -5.39 10.79
C GLN F 272 32.15 -6.20 9.55
N ILE F 273 32.39 -5.60 8.38
CA ILE F 273 32.21 -6.27 7.10
C ILE F 273 33.56 -6.75 6.62
N SER F 274 33.64 -8.03 6.23
CA SER F 274 34.86 -8.62 5.72
C SER F 274 34.57 -9.31 4.40
N GLU F 275 35.60 -9.39 3.56
CA GLU F 275 35.48 -9.99 2.25
C GLU F 275 35.75 -11.49 2.34
N LEU F 276 35.30 -12.22 1.33
CA LEU F 276 35.58 -13.65 1.24
C LEU F 276 37.04 -13.84 0.88
N SER F 277 37.83 -14.33 1.84
CA SER F 277 39.24 -14.52 1.61
C SER F 277 39.47 -15.65 0.61
N PRO F 278 40.55 -15.60 -0.16
CA PRO F 278 40.92 -16.76 -0.99
C PRO F 278 41.20 -17.96 -0.11
N PHE F 279 40.77 -19.13 -0.58
CA PHE F 279 40.96 -20.36 0.18
C PHE F 279 42.44 -20.72 0.24
N MET G 1 -8.92 -5.02 -5.39
CA MET G 1 -10.34 -4.80 -5.14
C MET G 1 -10.68 -3.32 -5.35
N LYS G 2 -11.91 -3.05 -5.77
CA LYS G 2 -12.29 -1.75 -6.28
C LYS G 2 -13.13 -1.00 -5.24
N ILE G 3 -12.71 0.22 -4.93
CA ILE G 3 -13.38 1.06 -3.95
C ILE G 3 -14.40 1.94 -4.68
N SER G 4 -15.60 2.01 -4.13
CA SER G 4 -16.63 2.89 -4.68
C SER G 4 -16.46 4.31 -4.13
N LYS G 5 -17.14 5.25 -4.79
CA LYS G 5 -17.11 6.64 -4.33
C LYS G 5 -17.76 6.77 -2.96
N LYS G 6 -18.82 6.01 -2.72
CA LYS G 6 -19.55 6.12 -1.46
C LYS G 6 -18.68 5.76 -0.28
N GLN G 7 -17.83 4.74 -0.42
CA GLN G 7 -16.95 4.36 0.67
C GLN G 7 -15.91 5.45 0.95
N ILE G 8 -15.43 6.14 -0.09
CA ILE G 8 -14.50 7.24 0.13
C ILE G 8 -15.19 8.40 0.84
N GLU G 9 -16.44 8.69 0.47
CA GLU G 9 -17.19 9.72 1.17
C GLU G 9 -17.41 9.33 2.63
N TYR G 10 -17.73 8.05 2.88
CA TYR G 10 -17.87 7.58 4.25
C TYR G 10 -16.56 7.74 5.01
N ALA G 11 -15.44 7.48 4.35
CA ALA G 11 -14.14 7.64 4.99
C ALA G 11 -13.87 9.09 5.34
N ILE G 12 -14.25 10.01 4.46
CA ILE G 12 -14.08 11.43 4.76
C ILE G 12 -14.92 11.82 5.96
N GLU G 13 -16.19 11.39 5.96
CA GLU G 13 -17.09 11.72 7.06
C GLU G 13 -16.59 11.13 8.38
N ALA G 14 -16.11 9.89 8.35
CA ALA G 14 -15.64 9.23 9.56
C ALA G 14 -14.33 9.84 10.06
N LEU G 15 -13.43 10.19 9.14
CA LEU G 15 -12.18 10.81 9.52
C LEU G 15 -12.42 12.15 10.20
N ARG G 16 -13.35 12.95 9.65
CA ARG G 16 -13.68 14.21 10.30
C ARG G 16 -14.41 13.97 11.63
N ALA G 17 -15.28 12.97 11.67
CA ALA G 17 -16.13 12.76 12.84
C ALA G 17 -15.37 12.15 14.01
N ASN G 18 -14.36 11.32 13.75
CA ASN G 18 -13.63 10.66 14.82
C ASN G 18 -12.41 11.45 15.28
N ASN G 19 -12.35 12.73 14.93
CA ASN G 19 -11.32 13.65 15.43
C ASN G 19 -9.93 13.11 15.08
N ILE G 20 -9.63 13.16 13.78
CA ILE G 20 -8.31 12.84 13.27
C ILE G 20 -7.69 14.03 12.55
N ILE G 21 -8.46 14.74 11.75
CA ILE G 21 -8.02 15.98 11.12
C ILE G 21 -8.48 17.14 11.98
N THR G 22 -7.56 18.03 12.32
CA THR G 22 -7.92 19.23 13.07
C THR G 22 -8.69 20.18 12.16
N ASN G 23 -9.17 21.29 12.75
CA ASN G 23 -9.88 22.29 11.98
C ASN G 23 -8.99 22.98 10.96
N ASP G 24 -7.67 22.79 11.04
CA ASP G 24 -6.72 23.40 10.11
C ASP G 24 -6.47 22.54 8.89
N ASN G 25 -7.24 21.46 8.69
CA ASN G 25 -7.04 20.53 7.59
C ASN G 25 -5.63 19.95 7.57
N GLN G 26 -5.18 19.50 8.73
CA GLN G 26 -3.95 18.74 8.85
C GLN G 26 -4.20 17.51 9.72
N TYR G 27 -3.57 16.41 9.34
CA TYR G 27 -3.59 15.21 10.16
C TYR G 27 -2.18 14.87 10.58
N PRO G 28 -1.97 14.37 11.80
CA PRO G 28 -0.63 13.98 12.22
C PRO G 28 -0.05 12.92 11.29
N LYS G 29 1.24 13.06 10.99
CA LYS G 29 1.88 12.24 9.96
C LYS G 29 1.93 10.76 10.34
N VAL G 30 1.71 10.41 11.61
CA VAL G 30 1.83 9.04 12.04
C VAL G 30 0.67 8.17 11.56
N PHE G 31 -0.46 8.78 11.16
CA PHE G 31 -1.66 7.98 10.91
C PHE G 31 -1.61 7.21 9.59
N LYS G 32 -0.93 7.74 8.58
CA LYS G 32 -0.75 6.98 7.35
C LYS G 32 0.06 5.71 7.61
N GLY G 33 1.16 5.86 8.35
CA GLY G 33 1.92 4.71 8.77
C GLY G 33 1.12 3.77 9.64
N TYR G 34 0.23 4.31 10.48
CA TYR G 34 -0.62 3.46 11.30
C TYR G 34 -1.57 2.62 10.45
N ILE G 35 -2.14 3.21 9.39
CA ILE G 35 -3.00 2.45 8.49
C ILE G 35 -2.21 1.34 7.80
N SER G 36 -1.03 1.68 7.29
CA SER G 36 -0.20 0.66 6.64
C SER G 36 0.18 -0.44 7.61
N SER G 37 0.51 -0.05 8.85
CA SER G 37 0.87 -1.04 9.87
C SER G 37 -0.31 -1.92 10.22
N PHE G 38 -1.52 -1.36 10.26
CA PHE G 38 -2.70 -2.17 10.52
C PHE G 38 -2.92 -3.20 9.41
N GLY G 39 -2.76 -2.78 8.15
CA GLY G 39 -2.86 -3.74 7.07
C GLY G 39 -1.84 -4.86 7.18
N ALA G 40 -0.59 -4.49 7.44
CA ALA G 40 0.47 -5.50 7.56
C ALA G 40 0.22 -6.41 8.75
N ALA G 41 -0.30 -5.88 9.85
CA ALA G 41 -0.60 -6.68 11.02
C ALA G 41 -1.73 -7.66 10.73
N VAL G 42 -2.75 -7.21 10.03
CA VAL G 42 -3.84 -8.10 9.64
C VAL G 42 -3.31 -9.25 8.79
N ILE G 43 -2.36 -8.94 7.89
CA ILE G 43 -1.81 -10.00 7.05
C ILE G 43 -0.95 -10.97 7.87
N GLN G 44 -0.05 -10.43 8.71
CA GLN G 44 0.94 -11.28 9.34
C GLN G 44 0.41 -11.99 10.58
N SER G 45 -0.32 -11.28 11.43
CA SER G 45 -0.83 -11.84 12.67
C SER G 45 -2.26 -12.35 12.55
N GLY G 46 -3.12 -11.63 11.84
CA GLY G 46 -4.51 -12.01 11.72
C GLY G 46 -5.45 -10.87 12.06
N LEU G 47 -6.71 -10.99 11.64
CA LEU G 47 -7.67 -9.92 11.89
C LEU G 47 -7.84 -9.66 13.39
N ILE G 48 -8.10 -10.73 14.15
CA ILE G 48 -8.42 -10.56 15.57
C ILE G 48 -7.24 -9.99 16.36
N PRO G 49 -6.03 -10.55 16.30
CA PRO G 49 -4.92 -9.95 17.05
C PRO G 49 -4.61 -8.53 16.64
N ALA G 50 -4.70 -8.22 15.34
CA ALA G 50 -4.43 -6.86 14.89
C ALA G 50 -5.45 -5.89 15.43
N ILE G 51 -6.73 -6.27 15.40
CA ILE G 51 -7.78 -5.41 15.94
C ILE G 51 -7.56 -5.18 17.43
N ILE G 52 -7.25 -6.26 18.16
CA ILE G 52 -7.05 -6.14 19.60
C ILE G 52 -5.89 -5.20 19.90
N PHE G 53 -4.78 -5.38 19.18
CA PHE G 53 -3.59 -4.57 19.43
C PHE G 53 -3.83 -3.11 19.09
N PHE G 54 -4.55 -2.85 18.00
CA PHE G 54 -4.76 -1.47 17.56
C PHE G 54 -5.87 -0.77 18.31
N GLU G 55 -6.75 -1.51 19.00
CA GLU G 55 -7.86 -0.88 19.71
C GLU G 55 -7.50 -0.45 21.12
N ASN G 56 -6.46 -1.02 21.73
CA ASN G 56 -6.15 -0.69 23.11
C ASN G 56 -5.54 0.71 23.22
N GLU G 57 -5.82 1.34 24.36
CA GLU G 57 -5.29 2.68 24.61
C GLU G 57 -4.83 2.88 26.04
N ASP G 58 -4.95 1.87 26.90
CA ASP G 58 -4.63 2.05 28.32
C ASP G 58 -3.16 2.44 28.51
N ASN G 59 -2.27 1.82 27.76
CA ASN G 59 -0.86 2.15 27.83
C ASN G 59 -0.57 3.28 26.85
N ASP G 60 0.72 3.59 26.65
CA ASP G 60 1.11 4.59 25.66
C ASP G 60 1.25 3.92 24.29
N ALA G 61 0.14 3.36 23.82
CA ALA G 61 0.09 2.82 22.46
C ALA G 61 -0.15 3.96 21.49
N ASN G 62 0.70 4.99 21.58
CA ASN G 62 0.65 6.22 20.80
C ASN G 62 -0.61 7.03 21.05
N ALA G 63 -1.54 6.55 21.88
CA ALA G 63 -2.67 7.32 22.38
C ALA G 63 -3.60 7.80 21.27
N ASP G 64 -3.29 7.47 20.02
CA ASP G 64 -4.10 7.85 18.88
C ASP G 64 -4.45 6.69 17.97
N ARG G 65 -3.92 5.50 18.21
CA ARG G 65 -4.12 4.38 17.29
C ARG G 65 -5.54 3.85 17.32
N HIS G 66 -6.22 3.92 18.47
CA HIS G 66 -7.60 3.44 18.54
C HIS G 66 -8.54 4.27 17.68
N LYS G 67 -8.14 5.49 17.31
CA LYS G 67 -8.93 6.30 16.41
C LYS G 67 -9.07 5.64 15.03
N ILE G 68 -8.05 4.89 14.61
CA ILE G 68 -8.15 4.16 13.34
C ILE G 68 -9.26 3.13 13.40
N ILE G 69 -9.33 2.37 14.49
CA ILE G 69 -10.39 1.38 14.61
C ILE G 69 -11.75 2.06 14.74
N GLY G 70 -11.79 3.23 15.38
CA GLY G 70 -13.03 4.00 15.38
C GLY G 70 -13.49 4.39 13.99
N VAL G 71 -12.55 4.82 13.15
CA VAL G 71 -12.88 5.19 11.78
C VAL G 71 -13.33 3.96 10.99
N LEU G 72 -12.66 2.83 11.19
CA LEU G 72 -13.06 1.59 10.53
C LEU G 72 -14.48 1.19 10.95
N LYS G 73 -14.80 1.34 12.24
CA LYS G 73 -16.14 1.06 12.72
C LYS G 73 -17.16 1.96 12.05
N ASP G 74 -16.85 3.25 11.96
CA ASP G 74 -17.77 4.19 11.32
C ASP G 74 -18.01 3.82 9.86
N ILE G 75 -16.93 3.48 9.14
CA ILE G 75 -17.05 3.14 7.73
C ILE G 75 -17.87 1.87 7.55
N ILE G 76 -17.61 0.84 8.37
CA ILE G 76 -18.35 -0.41 8.23
C ILE G 76 -19.82 -0.20 8.56
N ASN G 77 -20.11 0.58 9.60
CA ASN G 77 -21.48 0.93 9.92
C ASN G 77 -22.17 1.59 8.73
N ALA G 78 -21.50 2.59 8.13
CA ALA G 78 -22.10 3.29 7.00
C ALA G 78 -22.34 2.35 5.82
N MET G 79 -21.37 1.49 5.51
CA MET G 79 -21.55 0.55 4.41
C MET G 79 -22.66 -0.46 4.68
N ARG G 80 -22.94 -0.75 5.95
CA ARG G 80 -24.01 -1.67 6.27
C ARG G 80 -25.36 -0.99 6.50
N GLN G 81 -25.40 0.35 6.53
CA GLN G 81 -26.70 1.02 6.41
C GLN G 81 -27.34 0.70 5.06
N GLN G 82 -26.54 0.77 4.00
CA GLN G 82 -27.00 0.46 2.66
C GLN G 82 -26.60 -0.96 2.29
N TYR G 83 -26.98 -1.39 1.08
CA TYR G 83 -26.71 -2.75 0.63
C TYR G 83 -27.23 -3.76 1.65
N THR G 84 -28.42 -3.46 2.19
CA THR G 84 -28.89 -4.16 3.38
C THR G 84 -29.51 -5.51 3.06
N VAL G 85 -30.59 -5.52 2.28
CA VAL G 85 -31.33 -6.76 2.08
C VAL G 85 -30.63 -7.63 1.05
N THR G 86 -30.61 -7.17 -0.20
CA THR G 86 -29.82 -7.77 -1.30
C THR G 86 -29.79 -9.30 -1.19
N ASP G 87 -30.98 -9.89 -1.19
CA ASP G 87 -31.11 -11.32 -0.89
C ASP G 87 -30.38 -12.21 -1.88
N ALA G 88 -30.05 -11.70 -3.06
CA ALA G 88 -29.36 -12.52 -4.06
C ALA G 88 -27.91 -12.81 -3.67
N THR G 89 -27.34 -12.06 -2.74
CA THR G 89 -25.94 -12.19 -2.37
C THR G 89 -25.81 -12.80 -0.98
N ILE G 90 -24.59 -13.21 -0.64
CA ILE G 90 -24.30 -13.84 0.64
C ILE G 90 -23.53 -12.85 1.51
N LEU G 91 -24.26 -12.02 2.24
CA LEU G 91 -23.71 -11.11 3.24
C LEU G 91 -24.75 -10.92 4.33
N VAL G 92 -24.29 -10.69 5.55
CA VAL G 92 -25.16 -10.40 6.69
C VAL G 92 -24.93 -8.96 7.10
N SER G 93 -26.01 -8.19 7.18
CA SER G 93 -25.95 -6.76 7.46
C SER G 93 -26.54 -6.48 8.83
N SER G 94 -25.80 -5.74 9.66
CA SER G 94 -26.26 -5.31 10.97
C SER G 94 -25.51 -4.06 11.36
N GLN G 95 -26.03 -3.38 12.37
CA GLN G 95 -25.38 -2.20 12.93
C GLN G 95 -24.57 -2.63 14.15
N ILE G 96 -23.26 -2.44 14.10
CA ILE G 96 -22.39 -2.82 15.21
C ILE G 96 -22.52 -1.75 16.29
N PRO G 97 -22.93 -2.12 17.50
CA PRO G 97 -23.30 -1.11 18.50
C PRO G 97 -22.11 -0.25 18.91
N ALA G 98 -22.43 0.98 19.32
CA ALA G 98 -21.38 1.92 19.71
C ALA G 98 -20.64 1.44 20.95
N ASN G 99 -21.36 0.87 21.92
CA ASN G 99 -20.72 0.39 23.13
C ASN G 99 -19.87 -0.86 22.89
N TYR G 100 -20.17 -1.63 21.85
CA TYR G 100 -19.39 -2.82 21.53
C TYR G 100 -18.11 -2.43 20.81
N SER G 101 -16.97 -2.79 21.38
CA SER G 101 -15.72 -2.65 20.66
C SER G 101 -15.70 -3.58 19.46
N MET G 102 -14.92 -3.22 18.45
CA MET G 102 -14.85 -4.06 17.26
C MET G 102 -14.28 -5.43 17.59
N ALA G 103 -13.26 -5.47 18.45
CA ALA G 103 -12.70 -6.75 18.87
C ALA G 103 -13.76 -7.63 19.52
N GLN G 104 -14.57 -7.04 20.39
CA GLN G 104 -15.65 -7.80 21.03
C GLN G 104 -16.64 -8.33 20.00
N TYR G 105 -16.99 -7.51 19.02
CA TYR G 105 -17.96 -7.94 18.01
C TYR G 105 -17.43 -9.10 17.19
N ILE G 106 -16.18 -9.02 16.74
CA ILE G 106 -15.63 -10.11 15.94
C ILE G 106 -15.42 -11.34 16.79
N ILE G 107 -15.11 -11.17 18.08
CA ILE G 107 -15.04 -12.32 18.98
C ILE G 107 -16.40 -13.00 19.08
N GLU G 108 -17.47 -12.21 19.19
CA GLU G 108 -18.79 -12.79 19.42
C GLU G 108 -19.35 -13.42 18.14
N HIS G 109 -19.60 -12.62 17.12
CA HIS G 109 -20.24 -13.13 15.90
C HIS G 109 -19.58 -12.54 14.65
N GLY G 110 -18.25 -12.52 14.62
CA GLY G 110 -17.55 -11.89 13.52
C GLY G 110 -17.74 -12.58 12.18
N ASN G 111 -17.64 -13.91 12.17
CA ASN G 111 -17.72 -14.75 10.96
C ASN G 111 -16.49 -14.55 10.07
N THR G 112 -15.65 -13.57 10.39
CA THR G 112 -14.26 -13.48 9.93
C THR G 112 -14.07 -13.41 8.42
N ASP G 113 -15.15 -13.41 7.64
CA ASP G 113 -15.02 -13.34 6.19
C ASP G 113 -15.66 -12.07 5.62
N GLN G 114 -16.95 -11.86 5.87
CA GLN G 114 -17.54 -10.57 5.60
C GLN G 114 -16.79 -9.47 6.34
N LEU G 115 -16.38 -9.74 7.58
CA LEU G 115 -15.62 -8.76 8.33
C LEU G 115 -14.24 -8.52 7.72
N LEU G 116 -13.58 -9.56 7.23
CA LEU G 116 -12.31 -9.37 6.55
C LEU G 116 -12.46 -8.48 5.33
N LYS G 117 -13.50 -8.74 4.53
CA LYS G 117 -13.73 -7.93 3.34
C LYS G 117 -14.02 -6.48 3.72
N GLU G 118 -14.92 -6.27 4.67
CA GLU G 118 -15.25 -4.90 5.07
C GLU G 118 -14.03 -4.19 5.64
N ILE G 119 -13.21 -4.89 6.41
CA ILE G 119 -12.04 -4.27 7.00
C ILE G 119 -11.04 -3.85 5.93
N THR G 120 -10.80 -4.72 4.95
CA THR G 120 -9.82 -4.34 3.92
C THR G 120 -10.35 -3.18 3.07
N GLU G 121 -11.63 -3.20 2.68
CA GLU G 121 -12.16 -2.08 1.91
C GLU G 121 -12.14 -0.79 2.72
N ALA G 122 -12.46 -0.88 4.02
CA ALA G 122 -12.44 0.31 4.86
C ALA G 122 -11.02 0.87 4.98
N ALA G 123 -10.02 0.00 5.13
CA ALA G 123 -8.64 0.48 5.21
C ALA G 123 -8.21 1.17 3.92
N VAL G 124 -8.54 0.58 2.77
CA VAL G 124 -8.20 1.20 1.50
C VAL G 124 -8.89 2.55 1.36
N ALA G 125 -10.16 2.61 1.75
CA ALA G 125 -10.90 3.86 1.70
C ALA G 125 -10.26 4.91 2.60
N MET G 126 -9.77 4.49 3.77
CA MET G 126 -9.09 5.42 4.67
C MET G 126 -7.85 5.99 4.03
N LYS G 127 -7.06 5.14 3.36
CA LYS G 127 -5.85 5.63 2.70
C LYS G 127 -6.21 6.65 1.62
N LEU G 128 -7.20 6.33 0.79
CA LEU G 128 -7.61 7.25 -0.25
C LEU G 128 -8.12 8.57 0.33
N ALA G 129 -8.88 8.49 1.42
CA ALA G 129 -9.40 9.71 2.05
C ALA G 129 -8.29 10.56 2.64
N LEU G 130 -7.31 9.93 3.29
CA LEU G 130 -6.20 10.68 3.85
C LEU G 130 -5.34 11.32 2.77
N ARG G 131 -5.35 10.76 1.55
CA ARG G 131 -4.65 11.41 0.46
C ARG G 131 -5.13 12.83 0.17
N MET G 132 -6.25 13.27 0.77
CA MET G 132 -6.79 14.59 0.49
C MET G 132 -6.68 15.54 1.69
N TYR G 133 -5.81 15.22 2.64
CA TYR G 133 -5.42 16.14 3.70
C TYR G 133 -3.90 16.23 3.72
N LYS G 134 -3.36 17.08 4.58
CA LYS G 134 -1.94 17.33 4.60
C LYS G 134 -1.34 16.92 5.95
N SER G 135 -0.08 16.50 5.91
CA SER G 135 0.63 16.10 7.12
C SER G 135 0.99 17.32 7.95
N GLU G 136 0.89 17.17 9.27
CA GLU G 136 1.22 18.26 10.19
C GLU G 136 2.67 18.67 10.07
N MET H 1 3.18 -17.15 14.23
CA MET H 1 2.28 -17.75 15.22
C MET H 1 0.94 -17.03 15.20
N LYS H 2 -0.08 -17.70 14.68
CA LYS H 2 -1.42 -17.14 14.58
C LYS H 2 -2.33 -17.76 15.65
N ILE H 3 -2.98 -16.91 16.43
CA ILE H 3 -3.85 -17.34 17.52
C ILE H 3 -5.29 -17.28 17.03
N SER H 4 -6.02 -18.37 17.22
CA SER H 4 -7.40 -18.44 16.78
C SER H 4 -8.33 -17.66 17.72
N LYS H 5 -9.52 -17.36 17.22
CA LYS H 5 -10.53 -16.68 18.02
C LYS H 5 -10.98 -17.54 19.20
N LYS H 6 -11.01 -18.86 19.04
CA LYS H 6 -11.42 -19.73 20.13
C LYS H 6 -10.39 -19.72 21.26
N GLN H 7 -9.11 -19.60 20.92
CA GLN H 7 -8.09 -19.49 21.96
C GLN H 7 -8.29 -18.22 22.79
N ILE H 8 -8.61 -17.10 22.13
CA ILE H 8 -8.84 -15.86 22.86
C ILE H 8 -10.09 -15.96 23.70
N GLU H 9 -11.12 -16.65 23.20
CA GLU H 9 -12.31 -16.90 24.01
C GLU H 9 -11.96 -17.72 25.25
N TYR H 10 -11.13 -18.75 25.08
CA TYR H 10 -10.71 -19.55 26.22
C TYR H 10 -9.94 -18.70 27.22
N ALA H 11 -9.07 -17.80 26.73
CA ALA H 11 -8.33 -16.92 27.61
C ALA H 11 -9.26 -16.01 28.39
N ILE H 12 -10.30 -15.48 27.74
CA ILE H 12 -11.25 -14.61 28.43
C ILE H 12 -11.98 -15.38 29.52
N GLU H 13 -12.45 -16.59 29.20
CA GLU H 13 -13.15 -17.39 30.20
C GLU H 13 -12.23 -17.75 31.36
N ALA H 14 -10.99 -18.12 31.07
CA ALA H 14 -10.05 -18.47 32.13
C ALA H 14 -9.73 -17.27 33.02
N LEU H 15 -9.58 -16.10 32.41
CA LEU H 15 -9.35 -14.88 33.20
C LEU H 15 -10.54 -14.58 34.09
N ARG H 16 -11.76 -14.76 33.57
CA ARG H 16 -12.95 -14.56 34.39
C ARG H 16 -13.02 -15.55 35.54
N ALA H 17 -12.76 -16.82 35.26
CA ALA H 17 -12.86 -17.85 36.28
C ALA H 17 -11.83 -17.66 37.38
N ASN H 18 -10.60 -17.33 37.00
CA ASN H 18 -9.52 -17.12 37.98
C ASN H 18 -9.60 -15.77 38.67
N ASN H 19 -10.70 -15.05 38.50
CA ASN H 19 -10.95 -13.79 39.20
C ASN H 19 -9.84 -12.77 38.94
N ILE H 20 -9.39 -12.69 37.69
CA ILE H 20 -8.52 -11.61 37.27
C ILE H 20 -9.32 -10.45 36.69
N ILE H 21 -10.19 -10.74 35.73
CA ILE H 21 -11.11 -9.74 35.22
C ILE H 21 -12.28 -9.65 36.18
N THR H 22 -12.47 -8.47 36.78
CA THR H 22 -13.56 -8.28 37.71
C THR H 22 -14.91 -8.32 36.97
N ASN H 23 -15.99 -8.20 37.73
CA ASN H 23 -17.32 -8.20 37.13
C ASN H 23 -17.50 -7.01 36.19
N ASP H 24 -16.95 -5.86 36.57
CA ASP H 24 -17.07 -4.64 35.77
C ASP H 24 -16.03 -4.56 34.65
N ASN H 25 -15.40 -5.68 34.29
CA ASN H 25 -14.46 -5.74 33.17
C ASN H 25 -13.28 -4.79 33.37
N GLN H 26 -12.48 -5.09 34.40
CA GLN H 26 -11.27 -4.34 34.69
C GLN H 26 -10.26 -5.27 35.35
N TYR H 27 -8.99 -5.09 35.04
CA TYR H 27 -7.95 -5.97 35.55
C TYR H 27 -6.81 -5.18 36.18
N PRO H 28 -6.15 -5.75 37.19
CA PRO H 28 -5.04 -5.03 37.84
C PRO H 28 -3.88 -4.79 36.88
N LYS H 29 -3.19 -3.68 37.10
CA LYS H 29 -2.18 -3.21 36.14
C LYS H 29 -1.02 -4.19 36.01
N VAL H 30 -0.56 -4.75 37.14
CA VAL H 30 0.67 -5.53 37.14
C VAL H 30 0.54 -6.88 36.43
N PHE H 31 -0.67 -7.27 36.01
CA PHE H 31 -0.83 -8.58 35.41
C PHE H 31 -0.22 -8.66 34.02
N LYS H 32 -0.29 -7.57 33.25
CA LYS H 32 0.37 -7.58 31.93
C LYS H 32 1.88 -7.67 32.08
N GLY H 33 2.45 -6.99 33.07
CA GLY H 33 3.87 -7.15 33.36
C GLY H 33 4.19 -8.57 33.79
N TYR H 34 3.27 -9.19 34.53
CA TYR H 34 3.48 -10.59 34.92
C TYR H 34 3.53 -11.50 33.69
N ILE H 35 2.64 -11.28 32.72
CA ILE H 35 2.64 -12.11 31.51
C ILE H 35 3.94 -11.93 30.74
N SER H 36 4.36 -10.67 30.55
CA SER H 36 5.58 -10.42 29.81
C SER H 36 6.79 -11.02 30.51
N SER H 37 6.83 -10.91 31.85
CA SER H 37 7.93 -11.50 32.61
C SER H 37 7.92 -13.02 32.51
N PHE H 38 6.73 -13.63 32.45
CA PHE H 38 6.67 -15.07 32.27
C PHE H 38 7.25 -15.48 30.92
N GLY H 39 6.90 -14.76 29.86
CA GLY H 39 7.48 -15.07 28.56
C GLY H 39 8.99 -14.91 28.56
N ALA H 40 9.49 -13.83 29.16
CA ALA H 40 10.93 -13.61 29.22
C ALA H 40 11.62 -14.69 30.04
N ALA H 41 11.02 -15.10 31.15
CA ALA H 41 11.59 -16.15 31.97
C ALA H 41 11.63 -17.48 31.24
N VAL H 42 10.58 -17.78 30.48
CA VAL H 42 10.58 -19.00 29.67
C VAL H 42 11.73 -18.96 28.68
N ILE H 43 11.95 -17.81 28.04
CA ILE H 43 13.06 -17.71 27.09
C ILE H 43 14.40 -17.83 27.81
N GLN H 44 14.50 -17.25 29.00
CA GLN H 44 15.78 -17.04 29.66
C GLN H 44 16.20 -18.21 30.55
N SER H 45 15.26 -18.83 31.26
CA SER H 45 15.58 -19.89 32.20
C SER H 45 15.07 -21.26 31.79
N GLY H 46 14.10 -21.34 30.90
CA GLY H 46 13.47 -22.59 30.56
C GLY H 46 12.05 -22.67 31.10
N LEU H 47 11.29 -23.62 30.54
CA LEU H 47 9.88 -23.72 30.89
C LEU H 47 9.67 -24.12 32.34
N ILE H 48 10.33 -25.20 32.77
CA ILE H 48 10.16 -25.67 34.15
C ILE H 48 10.62 -24.63 35.16
N PRO H 49 11.82 -24.05 35.04
CA PRO H 49 12.21 -23.00 36.01
C PRO H 49 11.28 -21.81 36.00
N ALA H 50 10.78 -21.38 34.85
CA ALA H 50 9.87 -20.25 34.79
C ALA H 50 8.56 -20.56 35.51
N ILE H 51 8.01 -21.76 35.28
CA ILE H 51 6.78 -22.14 35.96
C ILE H 51 7.01 -22.23 37.46
N ILE H 52 8.19 -22.68 37.88
CA ILE H 52 8.48 -22.71 39.31
C ILE H 52 8.59 -21.29 39.87
N PHE H 53 9.16 -20.37 39.10
CA PHE H 53 9.18 -18.97 39.51
C PHE H 53 7.76 -18.45 39.75
N PHE H 54 6.87 -18.69 38.79
CA PHE H 54 5.55 -18.08 38.83
C PHE H 54 4.53 -18.88 39.62
N GLU H 55 4.88 -20.08 40.09
CA GLU H 55 4.02 -20.84 40.97
C GLU H 55 4.32 -20.57 42.44
N ASN H 56 5.50 -20.06 42.75
CA ASN H 56 5.88 -19.77 44.11
C ASN H 56 5.13 -18.53 44.60
N GLU H 57 4.29 -18.70 45.62
CA GLU H 57 3.47 -17.63 46.15
C GLU H 57 4.09 -16.99 47.39
N ASP H 58 5.29 -17.39 47.77
CA ASP H 58 5.90 -16.93 49.01
C ASP H 58 6.42 -15.50 48.93
N ASN H 59 6.36 -14.87 47.75
CA ASN H 59 6.87 -13.52 47.61
C ASN H 59 6.14 -12.56 48.54
N ASP H 60 4.80 -12.53 48.46
CA ASP H 60 3.93 -11.73 49.31
C ASP H 60 4.25 -10.24 49.26
N ALA H 61 5.13 -9.81 48.37
CA ALA H 61 5.47 -8.42 48.19
C ALA H 61 4.92 -7.83 46.90
N ASN H 62 4.90 -8.62 45.84
CA ASN H 62 4.22 -8.26 44.61
C ASN H 62 2.72 -8.58 44.76
N ALA H 63 1.99 -8.59 43.65
CA ALA H 63 0.60 -9.01 43.68
C ALA H 63 0.57 -10.54 43.71
N ASP H 64 -0.61 -11.11 43.53
CA ASP H 64 -0.76 -12.57 43.57
C ASP H 64 -0.46 -13.12 42.18
N ARG H 65 0.81 -13.51 41.99
CA ARG H 65 1.31 -13.94 40.69
C ARG H 65 0.96 -15.39 40.35
N HIS H 66 0.46 -16.17 41.32
CA HIS H 66 0.13 -17.56 41.04
C HIS H 66 -1.13 -17.72 40.20
N LYS H 67 -1.93 -16.66 40.05
CA LYS H 67 -3.13 -16.76 39.22
C LYS H 67 -2.80 -16.96 37.75
N ILE H 68 -1.67 -16.44 37.29
CA ILE H 68 -1.33 -16.56 35.87
C ILE H 68 -1.12 -18.02 35.49
N ILE H 69 -0.55 -18.81 36.40
CA ILE H 69 -0.37 -20.24 36.12
C ILE H 69 -1.72 -20.94 36.07
N GLY H 70 -2.66 -20.54 36.92
CA GLY H 70 -4.00 -21.09 36.85
C GLY H 70 -4.69 -20.77 35.54
N VAL H 71 -4.53 -19.53 35.06
CA VAL H 71 -5.09 -19.15 33.77
C VAL H 71 -4.45 -19.96 32.65
N LEU H 72 -3.14 -20.13 32.71
CA LEU H 72 -2.45 -20.93 31.70
C LEU H 72 -2.95 -22.36 31.69
N LYS H 73 -3.11 -22.96 32.87
CA LYS H 73 -3.60 -24.33 32.95
C LYS H 73 -5.02 -24.44 32.43
N ASP H 74 -5.87 -23.47 32.75
CA ASP H 74 -7.24 -23.51 32.25
C ASP H 74 -7.28 -23.38 30.73
N ILE H 75 -6.47 -22.50 30.15
CA ILE H 75 -6.43 -22.35 28.70
C ILE H 75 -5.92 -23.64 28.06
N ILE H 76 -4.90 -24.25 28.65
CA ILE H 76 -4.35 -25.49 28.11
C ILE H 76 -5.39 -26.60 28.17
N ASN H 77 -6.12 -26.70 29.28
CA ASN H 77 -7.16 -27.71 29.41
C ASN H 77 -8.27 -27.50 28.39
N ALA H 78 -8.71 -26.26 28.21
CA ALA H 78 -9.75 -25.97 27.23
C ALA H 78 -9.28 -26.28 25.81
N MET H 79 -8.02 -25.99 25.50
CA MET H 79 -7.47 -26.32 24.20
C MET H 79 -7.41 -27.82 24.00
N ARG H 80 -6.97 -28.56 25.03
CA ARG H 80 -6.89 -30.01 24.94
C ARG H 80 -8.26 -30.66 24.81
N GLN H 81 -9.29 -30.01 25.37
CA GLN H 81 -10.64 -30.56 25.28
C GLN H 81 -11.12 -30.70 23.84
N GLN H 82 -10.57 -29.94 22.91
CA GLN H 82 -10.99 -29.96 21.52
C GLN H 82 -9.84 -30.27 20.58
N TYR H 83 -8.99 -31.23 20.98
CA TYR H 83 -7.98 -31.75 20.06
C TYR H 83 -8.61 -32.78 19.14
N THR H 84 -8.22 -32.74 17.87
CA THR H 84 -8.74 -33.69 16.91
C THR H 84 -8.21 -35.09 17.20
N VAL H 85 -8.93 -36.09 16.72
CA VAL H 85 -8.60 -37.50 17.02
C VAL H 85 -7.63 -37.94 15.93
N THR H 86 -6.35 -37.64 16.15
CA THR H 86 -5.29 -38.12 15.29
C THR H 86 -4.23 -38.79 16.15
N ASP H 87 -4.08 -38.30 17.39
CA ASP H 87 -3.28 -38.94 18.42
C ASP H 87 -1.79 -39.04 18.03
N ALA H 88 -1.32 -38.09 17.23
CA ALA H 88 0.11 -38.01 16.92
C ALA H 88 0.82 -37.06 17.87
N THR H 89 0.41 -35.79 17.86
CA THR H 89 0.91 -34.77 18.78
C THR H 89 -0.19 -34.29 19.71
N ILE H 90 -1.08 -35.19 20.12
CA ILE H 90 -2.22 -34.83 20.95
C ILE H 90 -1.82 -34.95 22.41
N LEU H 91 -1.43 -36.15 22.83
CA LEU H 91 -1.01 -36.45 24.19
C LEU H 91 -2.10 -36.17 25.23
N VAL H 92 -3.32 -35.90 24.78
CA VAL H 92 -4.43 -35.61 25.72
C VAL H 92 -5.02 -36.96 26.11
N SER H 93 -4.38 -37.61 27.08
CA SER H 93 -5.03 -38.72 27.76
C SER H 93 -6.11 -38.22 28.69
N SER H 94 -5.95 -36.99 29.18
CA SER H 94 -6.92 -36.28 29.99
C SER H 94 -6.44 -34.84 30.09
N GLN H 95 -7.18 -34.04 30.84
CA GLN H 95 -6.74 -32.69 31.14
C GLN H 95 -5.70 -32.71 32.27
N ILE H 96 -5.11 -31.56 32.51
CA ILE H 96 -4.21 -31.43 33.67
C ILE H 96 -5.06 -31.39 34.94
N PRO H 97 -4.81 -32.25 35.91
CA PRO H 97 -5.61 -32.24 37.14
C PRO H 97 -5.51 -30.89 37.85
N ALA H 98 -6.63 -30.47 38.43
CA ALA H 98 -6.72 -29.12 38.98
C ALA H 98 -5.73 -28.91 40.13
N ASN H 99 -5.61 -29.89 41.02
CA ASN H 99 -4.76 -29.73 42.20
C ASN H 99 -3.31 -30.08 41.94
N TYR H 100 -2.97 -30.53 40.74
CA TYR H 100 -1.59 -30.82 40.40
C TYR H 100 -0.81 -29.52 40.23
N SER H 101 0.47 -29.55 40.60
CA SER H 101 1.36 -28.45 40.26
C SER H 101 1.85 -28.62 38.84
N MET H 102 1.75 -27.55 38.05
CA MET H 102 2.02 -27.65 36.62
C MET H 102 3.47 -28.06 36.37
N ALA H 103 4.40 -27.60 37.21
CA ALA H 103 5.80 -27.99 37.05
C ALA H 103 5.98 -29.49 37.19
N GLN H 104 5.30 -30.10 38.17
CA GLN H 104 5.35 -31.54 38.32
C GLN H 104 4.74 -32.24 37.11
N TYR H 105 3.67 -31.68 36.55
CA TYR H 105 3.09 -32.25 35.34
C TYR H 105 4.09 -32.23 34.20
N ILE H 106 4.84 -31.14 34.06
CA ILE H 106 5.84 -31.07 32.99
C ILE H 106 6.97 -32.05 33.25
N ILE H 107 7.36 -32.22 34.51
CA ILE H 107 8.42 -33.18 34.84
C ILE H 107 7.97 -34.60 34.51
N GLU H 108 6.73 -34.94 34.85
CA GLU H 108 6.25 -36.31 34.69
C GLU H 108 6.10 -36.69 33.22
N HIS H 109 5.58 -35.79 32.40
CA HIS H 109 5.42 -36.02 30.97
C HIS H 109 6.54 -35.28 30.24
N GLY H 110 7.50 -36.04 29.72
CA GLY H 110 8.66 -35.47 29.07
C GLY H 110 8.40 -34.86 27.72
N ASN H 111 7.13 -34.65 27.38
CA ASN H 111 6.75 -33.99 26.13
C ASN H 111 6.85 -32.47 26.31
N THR H 112 8.09 -32.04 26.51
CA THR H 112 8.35 -30.61 26.71
C THR H 112 8.09 -29.82 25.44
N ASP H 113 8.20 -30.44 24.27
CA ASP H 113 7.96 -29.72 23.02
C ASP H 113 6.51 -29.29 22.91
N GLN H 114 5.58 -30.22 23.07
CA GLN H 114 4.16 -29.90 22.96
C GLN H 114 3.72 -28.97 24.08
N LEU H 115 4.15 -29.24 25.31
CA LEU H 115 3.77 -28.38 26.44
C LEU H 115 4.33 -26.97 26.26
N LEU H 116 5.54 -26.85 25.73
CA LEU H 116 6.12 -25.54 25.45
C LEU H 116 5.30 -24.81 24.41
N LYS H 117 4.89 -25.51 23.34
CA LYS H 117 4.09 -24.86 22.30
C LYS H 117 2.75 -24.38 22.86
N GLU H 118 2.06 -25.25 23.61
CA GLU H 118 0.77 -24.86 24.17
C GLU H 118 0.91 -23.73 25.17
N ILE H 119 1.97 -23.75 25.99
CA ILE H 119 2.16 -22.70 26.99
C ILE H 119 2.45 -21.37 26.30
N THR H 120 3.27 -21.38 25.26
CA THR H 120 3.54 -20.15 24.52
C THR H 120 2.27 -19.60 23.88
N GLU H 121 1.48 -20.47 23.26
CA GLU H 121 0.24 -20.02 22.63
C GLU H 121 -0.73 -19.46 23.67
N ALA H 122 -0.85 -20.15 24.82
CA ALA H 122 -1.75 -19.69 25.87
C ALA H 122 -1.30 -18.35 26.45
N ALA H 123 0.01 -18.17 26.62
CA ALA H 123 0.52 -16.90 27.14
C ALA H 123 0.24 -15.77 26.16
N VAL H 124 0.45 -16.00 24.86
CA VAL H 124 0.16 -14.97 23.88
C VAL H 124 -1.34 -14.65 23.88
N ALA H 125 -2.18 -15.69 23.95
CA ALA H 125 -3.63 -15.48 23.96
C ALA H 125 -4.06 -14.68 25.18
N MET H 126 -3.48 -14.98 26.34
CA MET H 126 -3.83 -14.24 27.56
C MET H 126 -3.37 -12.80 27.48
N LYS H 127 -2.21 -12.56 26.86
CA LYS H 127 -1.77 -11.19 26.63
C LYS H 127 -2.76 -10.43 25.76
N LEU H 128 -3.22 -11.05 24.68
CA LEU H 128 -4.21 -10.40 23.82
C LEU H 128 -5.52 -10.15 24.58
N ALA H 129 -5.97 -11.14 25.36
CA ALA H 129 -7.21 -10.99 26.10
C ALA H 129 -7.13 -9.86 27.11
N LEU H 130 -6.00 -9.73 27.80
CA LEU H 130 -5.81 -8.60 28.70
C LEU H 130 -5.78 -7.29 27.94
N ARG H 131 -5.19 -7.29 26.75
CA ARG H 131 -5.21 -6.09 25.93
C ARG H 131 -6.62 -5.68 25.53
N MET H 132 -7.54 -6.65 25.44
CA MET H 132 -8.93 -6.31 25.15
C MET H 132 -9.52 -5.40 26.23
N TYR H 133 -9.22 -5.68 27.50
CA TYR H 133 -9.90 -5.04 28.60
C TYR H 133 -9.06 -3.88 29.15
N LYS H 134 -9.62 -3.19 30.14
CA LYS H 134 -9.10 -1.91 30.61
C LYS H 134 -8.23 -2.09 31.86
N SER H 135 -7.16 -1.33 31.92
CA SER H 135 -6.29 -1.29 33.09
C SER H 135 -6.83 -0.30 34.11
N GLU H 136 -6.04 -0.01 35.13
CA GLU H 136 -6.42 0.99 36.13
C GLU H 136 -6.06 2.39 35.66
N MET I 1 34.88 -24.12 35.14
CA MET I 1 35.20 -24.68 36.46
C MET I 1 36.48 -24.09 37.07
N PRO I 2 37.57 -23.91 36.28
CA PRO I 2 38.78 -23.32 36.86
C PRO I 2 38.64 -21.82 37.07
N LYS I 3 39.73 -21.18 37.48
CA LYS I 3 39.81 -19.74 37.52
C LYS I 3 40.28 -19.23 36.16
N ASN I 4 40.48 -17.91 36.05
CA ASN I 4 40.96 -17.28 34.82
C ASN I 4 40.03 -17.56 33.63
N TYR I 5 38.83 -16.98 33.75
CA TYR I 5 37.83 -17.03 32.69
C TYR I 5 38.45 -16.75 31.32
N THR I 6 38.39 -17.75 30.45
CA THR I 6 38.93 -17.65 29.11
C THR I 6 37.97 -18.30 28.12
N LEU I 7 38.15 -17.96 26.84
CA LEU I 7 37.36 -18.59 25.80
C LEU I 7 37.69 -20.07 25.64
N GLN I 8 38.85 -20.51 26.12
CA GLN I 8 39.25 -21.89 25.96
C GLN I 8 38.55 -22.80 26.95
N ASN I 9 38.62 -22.48 28.25
CA ASN I 9 38.06 -23.34 29.30
C ASN I 9 37.39 -22.45 30.34
N ALA I 10 36.07 -22.25 30.19
CA ALA I 10 35.25 -21.57 31.17
C ALA I 10 33.77 -21.73 30.83
N SER I 11 32.95 -22.04 31.82
CA SER I 11 31.52 -22.12 31.59
C SER I 11 30.93 -20.73 31.36
N ASN I 12 29.88 -20.67 30.56
CA ASN I 12 29.17 -19.41 30.36
C ASN I 12 28.49 -19.02 31.67
N LEU I 13 28.85 -17.86 32.20
CA LEU I 13 28.34 -17.46 33.51
C LEU I 13 26.84 -17.23 33.47
N GLY I 14 26.34 -16.61 32.40
CA GLY I 14 24.90 -16.42 32.28
C GLY I 14 24.16 -17.73 32.13
N TRP I 15 24.71 -18.64 31.31
CA TRP I 15 24.10 -19.96 31.17
C TRP I 15 24.11 -20.70 32.51
N LEU I 16 25.26 -20.69 33.19
CA LEU I 16 25.34 -21.37 34.48
C LEU I 16 24.40 -20.77 35.51
N PHE I 17 24.16 -19.45 35.43
CA PHE I 17 23.35 -18.78 36.43
C PHE I 17 21.86 -18.87 36.14
N TYR I 18 21.47 -19.03 34.88
CA TYR I 18 20.05 -19.02 34.53
C TYR I 18 19.50 -20.39 34.13
N LYS I 19 20.24 -21.18 33.34
CA LYS I 19 19.72 -22.43 32.82
C LYS I 19 20.26 -23.64 33.57
N ASP I 20 21.58 -23.71 33.75
CA ASP I 20 22.17 -24.82 34.50
C ASP I 20 21.92 -24.70 36.00
N TYR I 21 21.50 -23.54 36.48
CA TYR I 21 21.18 -23.37 37.89
C TYR I 21 20.05 -24.30 38.30
N TYR I 22 19.02 -24.42 37.47
CA TYR I 22 17.82 -25.17 37.78
C TYR I 22 17.74 -26.46 36.97
N ARG I 23 18.87 -27.11 36.74
CA ARG I 23 18.88 -28.37 36.01
C ARG I 23 18.19 -29.46 36.81
N GLN I 24 17.49 -30.35 36.11
CA GLN I 24 16.75 -31.44 36.75
C GLN I 24 17.71 -32.60 36.99
N GLU I 25 18.46 -32.49 38.07
CA GLU I 25 19.29 -33.60 38.50
C GLU I 25 18.43 -34.64 39.21
N PRO I 26 18.82 -35.92 39.15
CA PRO I 26 18.11 -36.93 39.92
C PRO I 26 18.28 -36.69 41.41
N ASN I 27 17.21 -36.99 42.15
CA ASN I 27 17.19 -36.89 43.62
C ASN I 27 17.43 -35.48 44.11
N VAL I 28 16.93 -34.48 43.38
CA VAL I 28 16.89 -33.09 43.83
C VAL I 28 15.49 -32.56 43.58
N ASP I 29 14.89 -31.97 44.61
CA ASP I 29 13.50 -31.54 44.56
C ASP I 29 13.44 -30.06 44.94
N PHE I 30 13.04 -29.20 44.00
CA PHE I 30 12.74 -27.82 44.31
C PHE I 30 11.39 -27.40 43.73
N ILE I 31 10.51 -28.36 43.48
CA ILE I 31 9.16 -28.08 43.04
C ILE I 31 8.15 -28.22 44.18
N SER I 32 8.32 -29.22 45.03
CA SER I 32 7.41 -29.44 46.14
C SER I 32 7.76 -28.53 47.31
N THR I 33 6.79 -28.36 48.21
CA THR I 33 7.00 -27.49 49.37
C THR I 33 8.07 -28.06 50.29
N GLN I 34 8.09 -29.38 50.49
CA GLN I 34 9.07 -29.98 51.38
C GLN I 34 10.47 -30.00 50.77
N GLY I 35 10.57 -30.19 49.46
CA GLY I 35 11.87 -30.25 48.81
C GLY I 35 12.60 -28.93 48.77
N LYS I 36 11.87 -27.82 48.81
CA LYS I 36 12.51 -26.51 48.67
C LYS I 36 13.44 -26.20 49.85
N GLU I 37 13.07 -26.60 51.05
CA GLU I 37 13.94 -26.42 52.21
C GLU I 37 14.71 -27.69 52.56
N SER I 38 14.67 -28.71 51.72
CA SER I 38 15.49 -29.90 51.95
C SER I 38 16.97 -29.54 51.83
N ASP I 39 17.80 -30.32 52.53
CA ASP I 39 19.23 -30.02 52.54
C ASP I 39 19.90 -30.40 51.22
N THR I 40 19.34 -31.39 50.51
CA THR I 40 19.89 -31.74 49.20
C THR I 40 19.76 -30.59 48.23
N THR I 41 18.62 -29.90 48.25
CA THR I 41 18.43 -28.73 47.39
C THR I 41 19.43 -27.64 47.76
N ALA I 42 19.63 -27.41 49.06
CA ALA I 42 20.59 -26.41 49.50
C ALA I 42 22.01 -26.74 49.03
N ASP I 43 22.41 -28.02 49.15
CA ASP I 43 23.74 -28.42 48.71
C ASP I 43 23.89 -28.26 47.20
N PHE I 44 22.86 -28.64 46.45
CA PHE I 44 22.88 -28.48 45.00
C PHE I 44 23.08 -27.03 44.59
N PHE I 45 22.26 -26.14 45.15
CA PHE I 45 22.39 -24.72 44.83
C PHE I 45 23.70 -24.14 45.33
N ARG I 46 24.20 -24.64 46.47
CA ARG I 46 25.46 -24.17 47.01
C ARG I 46 26.63 -24.53 46.10
N LYS I 47 26.62 -25.74 45.55
CA LYS I 47 27.67 -26.15 44.62
C LYS I 47 27.61 -25.33 43.33
N THR I 48 26.39 -25.08 42.83
CA THR I 48 26.28 -24.21 41.66
C THR I 48 26.81 -22.81 41.95
N ASN I 49 26.50 -22.27 43.12
CA ASN I 49 27.00 -20.96 43.51
C ASN I 49 28.52 -20.96 43.59
N GLN I 50 29.10 -22.02 44.17
CA GLN I 50 30.55 -22.12 44.26
C GLN I 50 31.18 -22.10 42.89
N ARG I 51 30.58 -22.81 41.92
CA ARG I 51 31.09 -22.76 40.56
C ARG I 51 31.01 -21.36 39.98
N ILE I 52 29.90 -20.66 40.24
CA ILE I 52 29.72 -19.32 39.67
C ILE I 52 30.75 -18.36 40.23
N THR I 53 30.98 -18.40 41.55
CA THR I 53 31.81 -17.40 42.22
C THR I 53 33.29 -17.78 42.28
N ALA I 54 33.77 -18.58 41.33
CA ALA I 54 35.15 -19.05 41.37
C ALA I 54 35.98 -18.62 40.16
N TYR I 55 35.47 -17.73 39.32
CA TYR I 55 36.16 -17.32 38.10
C TYR I 55 36.90 -16.01 38.29
N GLN I 56 38.02 -15.88 37.60
CA GLN I 56 38.86 -14.70 37.61
C GLN I 56 38.99 -14.14 36.20
N LEU I 57 39.30 -12.85 36.12
CA LEU I 57 39.50 -12.18 34.84
C LEU I 57 40.86 -11.52 34.83
N ASN I 58 41.76 -12.02 33.99
CA ASN I 58 43.08 -11.42 33.82
C ASN I 58 42.97 -10.07 33.15
N SER I 59 43.87 -9.16 33.53
CA SER I 59 43.89 -7.82 32.94
C SER I 59 44.15 -7.89 31.45
N GLU I 60 44.96 -8.87 31.01
CA GLU I 60 45.32 -9.03 29.61
C GLU I 60 44.41 -10.01 28.88
N SER I 61 43.14 -10.08 29.27
CA SER I 61 42.23 -11.03 28.68
C SER I 61 42.02 -10.69 27.20
N PRO I 62 42.05 -11.68 26.30
CA PRO I 62 41.74 -11.41 24.90
C PRO I 62 40.34 -10.86 24.68
N LEU I 63 39.38 -11.24 25.54
CA LEU I 63 38.02 -10.73 25.40
C LEU I 63 37.97 -9.23 25.61
N VAL I 64 38.56 -8.75 26.70
CA VAL I 64 38.55 -7.32 26.98
C VAL I 64 39.43 -6.57 25.98
N ALA I 65 40.50 -7.20 25.50
CA ALA I 65 41.32 -6.58 24.47
C ALA I 65 40.52 -6.37 23.18
N ALA I 66 39.72 -7.37 22.80
CA ALA I 66 38.85 -7.22 21.64
C ALA I 66 37.82 -6.12 21.88
N PHE I 67 37.29 -6.04 23.11
CA PHE I 67 36.35 -4.96 23.43
C PHE I 67 37.00 -3.59 23.27
N ASN I 68 38.24 -3.45 23.75
CA ASN I 68 38.96 -2.18 23.61
C ASN I 68 39.20 -1.86 22.15
N ASN I 69 39.53 -2.88 21.34
CA ASN I 69 39.75 -2.66 19.92
C ASN I 69 38.47 -2.17 19.24
N HIS I 70 37.35 -2.81 19.52
CA HIS I 70 36.12 -2.52 18.81
C HIS I 70 35.45 -1.23 19.28
N PHE I 71 35.48 -0.95 20.58
CA PHE I 71 34.70 0.14 21.16
C PHE I 71 35.55 1.31 21.61
N GLY I 72 36.82 1.34 21.26
CA GLY I 72 37.66 2.48 21.59
C GLY I 72 38.23 2.43 23.00
N THR I 73 38.85 3.54 23.38
CA THR I 73 39.54 3.62 24.66
C THR I 73 38.52 3.53 25.80
N PRO I 74 38.77 2.67 26.79
CA PRO I 74 37.80 2.51 27.88
C PRO I 74 37.95 3.58 28.95
N LEU I 75 36.86 3.75 29.70
CA LEU I 75 36.87 4.53 30.94
C LEU I 75 36.93 3.52 32.08
N GLN I 76 38.10 3.37 32.68
CA GLN I 76 38.33 2.34 33.69
C GLN I 76 37.97 2.87 35.07
N LEU I 77 37.04 2.21 35.73
CA LEU I 77 36.64 2.53 37.10
C LEU I 77 36.57 1.26 37.90
N LYS I 78 36.75 1.39 39.21
CA LYS I 78 36.71 0.24 40.12
C LYS I 78 35.53 0.37 41.06
N THR I 79 35.23 -0.72 41.77
CA THR I 79 34.06 -0.82 42.61
C THR I 79 34.45 -0.74 44.08
N ILE I 80 33.59 -0.10 44.87
CA ILE I 80 33.79 0.05 46.31
C ILE I 80 33.19 -1.16 47.01
N TYR I 81 33.57 -1.36 48.28
CA TYR I 81 33.34 -2.62 48.97
C TYR I 81 31.93 -3.19 48.86
N PRO I 82 30.85 -2.42 49.00
CA PRO I 82 29.51 -3.05 48.91
C PRO I 82 29.32 -3.87 47.65
N GLY I 83 29.83 -3.40 46.51
CA GLY I 83 29.75 -4.14 45.28
C GLY I 83 28.93 -3.43 44.23
N LEU I 84 28.52 -4.20 43.22
CA LEU I 84 27.74 -3.68 42.10
C LEU I 84 26.67 -4.69 41.74
N ILE I 85 25.41 -4.27 41.77
CA ILE I 85 24.27 -5.13 41.44
C ILE I 85 23.55 -4.51 40.26
N THR I 86 23.32 -5.32 39.23
CA THR I 86 22.57 -4.87 38.06
C THR I 86 21.66 -6.00 37.61
N GLY I 87 20.54 -5.61 37.00
CA GLY I 87 19.55 -6.60 36.58
C GLY I 87 18.90 -7.35 37.72
N SER I 88 18.68 -6.70 38.86
CA SER I 88 18.12 -7.37 40.02
C SER I 88 16.65 -7.75 39.82
N GLY I 89 15.96 -7.13 38.87
CA GLY I 89 14.58 -7.46 38.62
C GLY I 89 14.36 -8.66 37.72
N LEU I 90 15.42 -9.21 37.13
CA LEU I 90 15.28 -10.40 36.31
C LEU I 90 14.89 -11.59 37.20
N PRO I 91 13.90 -12.38 36.81
CA PRO I 91 13.37 -13.40 37.72
C PRO I 91 14.29 -14.59 37.91
N HIS I 92 14.79 -14.75 39.14
CA HIS I 92 15.67 -15.85 39.49
C HIS I 92 15.34 -16.40 40.88
N GLN I 93 14.05 -16.54 41.19
CA GLN I 93 13.62 -16.90 42.53
C GLN I 93 12.65 -18.07 42.48
N THR I 94 13.00 -19.16 43.17
CA THR I 94 12.11 -20.31 43.30
C THR I 94 11.58 -20.50 44.71
N GLY I 95 12.08 -19.76 45.69
CA GLY I 95 11.72 -20.01 47.07
C GLY I 95 12.47 -21.16 47.72
N SER I 96 13.57 -21.61 47.11
CA SER I 96 14.36 -22.68 47.66
C SER I 96 15.47 -22.13 48.56
N LYS I 97 16.18 -23.05 49.22
CA LYS I 97 17.21 -22.68 50.17
C LYS I 97 18.57 -22.64 49.51
N GLY I 98 19.35 -21.62 49.85
CA GLY I 98 20.68 -21.49 49.30
C GLY I 98 20.75 -21.02 47.87
N GLU I 99 19.67 -20.48 47.33
CA GLU I 99 19.64 -20.00 45.96
C GLU I 99 19.78 -18.49 45.91
N PHE I 100 20.31 -18.00 44.79
CA PHE I 100 20.47 -16.57 44.56
C PHE I 100 19.10 -16.00 44.22
N LYS I 101 18.58 -15.13 45.10
CA LYS I 101 17.20 -14.67 44.94
C LYS I 101 17.06 -13.69 43.80
N LEU I 102 18.03 -12.80 43.62
CA LEU I 102 17.93 -11.72 42.65
C LEU I 102 18.63 -12.11 41.35
N GLY I 103 18.20 -11.47 40.27
CA GLY I 103 18.80 -11.70 38.97
C GLY I 103 20.09 -10.94 38.78
N PHE I 104 20.78 -11.27 37.70
CA PHE I 104 22.08 -10.67 37.42
C PHE I 104 22.25 -10.50 35.92
N GLN I 105 22.90 -9.40 35.53
CA GLN I 105 23.04 -9.04 34.12
C GLN I 105 24.32 -9.66 33.57
N PHE I 106 24.17 -10.67 32.72
CA PHE I 106 25.27 -11.32 32.04
C PHE I 106 25.14 -11.08 30.53
N ASP I 107 26.28 -11.00 29.86
CA ASP I 107 26.27 -11.00 28.40
C ASP I 107 25.91 -12.40 27.90
N TYR I 108 25.10 -12.45 26.84
CA TYR I 108 24.68 -13.76 26.32
C TYR I 108 25.85 -14.51 25.71
N THR I 109 26.61 -13.85 24.82
CA THR I 109 27.68 -14.54 24.12
C THR I 109 28.88 -14.77 25.04
N THR I 110 29.43 -13.69 25.59
CA THR I 110 30.65 -13.81 26.39
C THR I 110 30.36 -14.42 27.75
N GLY I 111 29.26 -14.02 28.39
CA GLY I 111 28.96 -14.46 29.72
C GLY I 111 29.54 -13.60 30.81
N LEU I 112 30.42 -12.67 30.47
CA LEU I 112 30.99 -11.78 31.47
C LEU I 112 29.91 -10.86 32.03
N PRO I 113 29.92 -10.60 33.34
CA PRO I 113 28.97 -9.62 33.88
C PRO I 113 29.17 -8.26 33.22
N TYR I 114 28.06 -7.60 32.93
CA TYR I 114 28.15 -6.33 32.22
C TYR I 114 27.01 -5.42 32.64
N ILE I 115 27.16 -4.14 32.32
CA ILE I 115 26.14 -3.13 32.51
C ILE I 115 25.66 -2.71 31.12
N PRO I 116 24.43 -3.02 30.74
CA PRO I 116 23.97 -2.67 29.38
C PRO I 116 24.00 -1.18 29.16
N GLY I 117 24.23 -0.80 27.90
CA GLY I 117 24.34 0.61 27.57
C GLY I 117 23.10 1.41 27.89
N SER I 118 21.94 0.75 27.87
CA SER I 118 20.71 1.43 28.25
C SER I 118 20.72 1.82 29.72
N SER I 119 21.27 0.94 30.57
CA SER I 119 21.38 1.27 32.00
C SER I 119 22.30 2.46 32.20
N ILE I 120 23.44 2.50 31.51
CA ILE I 120 24.35 3.62 31.63
C ILE I 120 23.69 4.91 31.16
N LYS I 121 23.02 4.84 30.01
CA LYS I 121 22.38 6.04 29.46
C LYS I 121 21.30 6.56 30.38
N GLY I 122 20.47 5.67 30.92
CA GLY I 122 19.42 6.11 31.83
C GLY I 122 19.95 6.64 33.13
N THR I 123 21.00 6.01 33.67
CA THR I 123 21.61 6.51 34.90
C THR I 123 22.21 7.89 34.69
N LEU I 124 22.80 8.13 33.52
CA LEU I 124 23.35 9.45 33.26
C LEU I 124 22.24 10.48 33.01
N ARG I 125 21.18 10.08 32.31
CA ARG I 125 20.10 11.02 32.02
C ARG I 125 19.26 11.34 33.24
N SER I 126 19.24 10.47 34.24
CA SER I 126 18.41 10.71 35.41
C SER I 126 18.82 11.99 36.13
N MET I 127 20.12 12.24 36.23
CA MET I 127 20.59 13.48 36.86
C MET I 127 20.41 14.70 35.97
N PHE I 128 20.17 14.50 34.69
CA PHE I 128 19.88 15.63 33.83
C PHE I 128 18.43 16.10 34.03
N PRO I 129 18.18 17.40 33.94
CA PRO I 129 16.85 17.92 34.35
C PRO I 129 15.70 17.38 33.52
N PHE I 130 15.86 17.25 32.21
CA PHE I 130 14.76 16.88 31.33
C PHE I 130 14.76 15.37 31.05
N SER I 131 14.68 14.60 32.13
CA SER I 131 14.54 13.15 32.03
C SER I 131 13.11 12.70 32.27
N LEU I 132 12.42 13.32 33.23
CA LEU I 132 11.04 12.96 33.51
C LEU I 132 10.13 13.48 32.39
N LYS I 133 9.21 12.63 31.95
CA LYS I 133 8.33 12.99 30.85
C LYS I 133 7.15 13.78 31.37
N ASP I 134 6.84 14.90 30.69
CA ASP I 134 5.69 15.73 31.02
C ASP I 134 4.44 15.06 30.47
N LYS I 135 3.92 14.11 31.23
CA LYS I 135 2.82 13.27 30.76
C LYS I 135 1.56 13.37 31.59
N GLY I 136 1.57 14.07 32.72
CA GLY I 136 0.35 14.25 33.49
C GLY I 136 0.38 13.55 34.82
N SER I 137 0.87 12.31 34.84
CA SER I 137 1.10 11.62 36.12
C SER I 137 2.28 12.20 36.87
N THR I 138 3.12 12.99 36.21
CA THR I 138 4.30 13.60 36.82
C THR I 138 4.18 15.12 36.89
N LYS I 139 2.97 15.66 36.76
CA LYS I 139 2.78 17.11 36.78
C LYS I 139 3.23 17.70 38.10
N ARG I 140 2.88 17.05 39.22
CA ARG I 140 3.19 17.59 40.53
C ARG I 140 4.69 17.68 40.77
N ILE I 141 5.43 16.62 40.43
CA ILE I 141 6.83 16.52 40.82
C ILE I 141 7.78 17.07 39.76
N LEU I 142 7.28 17.37 38.56
CA LEU I 142 8.16 17.90 37.50
C LEU I 142 8.88 19.19 37.87
N PRO I 143 8.24 20.20 38.47
CA PRO I 143 8.97 21.46 38.72
C PRO I 143 10.18 21.32 39.63
N GLU I 144 10.01 20.72 40.81
CA GLU I 144 11.11 20.58 41.75
C GLU I 144 12.20 19.68 41.17
N TYR I 145 11.79 18.59 40.52
CA TYR I 145 12.72 17.70 39.82
C TYR I 145 13.61 18.49 38.87
N ARG I 146 12.98 19.27 37.99
CA ARG I 146 13.73 20.05 37.01
C ARG I 146 14.63 21.05 37.69
N LYS I 147 14.15 21.71 38.74
CA LYS I 147 14.94 22.76 39.38
C LYS I 147 16.21 22.18 40.01
N GLU I 148 16.08 21.14 40.82
CA GLU I 148 17.24 20.59 41.50
C GLU I 148 18.22 19.97 40.52
N ARG I 149 17.72 19.25 39.52
CA ARG I 149 18.64 18.66 38.55
C ARG I 149 19.29 19.73 37.69
N MET I 150 18.59 20.82 37.37
CA MET I 150 19.18 21.92 36.64
C MET I 150 20.32 22.55 37.41
N GLU I 151 20.12 22.77 38.72
CA GLU I 151 21.18 23.35 39.54
C GLU I 151 22.41 22.43 39.57
N TYR I 152 22.19 21.13 39.81
CA TYR I 152 23.31 20.20 39.89
C TYR I 152 24.05 20.11 38.55
N ILE I 153 23.31 20.02 37.44
CA ILE I 153 23.94 19.91 36.14
C ILE I 153 24.65 21.20 35.77
N ARG I 154 24.13 22.35 36.17
CA ARG I 154 24.83 23.61 35.92
C ARG I 154 26.16 23.64 36.66
N ASP I 155 26.17 23.20 37.91
CA ASP I 155 27.42 23.12 38.66
C ASP I 155 28.42 22.23 37.94
N LEU I 156 27.97 21.04 37.50
CA LEU I 156 28.87 20.11 36.84
C LEU I 156 29.40 20.66 35.52
N ILE I 157 28.53 21.27 34.71
CA ILE I 157 28.95 21.80 33.42
C ILE I 157 29.95 22.93 33.61
N ILE I 158 29.67 23.85 34.54
CA ILE I 158 30.59 24.94 34.79
C ILE I 158 31.94 24.40 35.26
N GLU I 159 31.92 23.41 36.16
CA GLU I 159 33.17 22.85 36.67
C GLU I 159 33.99 22.19 35.56
N VAL I 160 33.34 21.44 34.69
CA VAL I 160 34.10 20.59 33.77
C VAL I 160 34.47 21.30 32.46
N THR I 161 33.69 22.28 32.03
CA THR I 161 33.95 22.97 30.78
C THR I 161 34.62 24.32 31.05
N ASN I 162 34.81 25.10 29.99
CA ASN I 162 35.27 26.47 30.11
C ASN I 162 34.14 27.48 29.98
N ILE I 163 32.90 27.01 30.01
CA ILE I 163 31.73 27.90 29.92
C ILE I 163 31.55 28.57 31.27
N ASN I 164 31.51 29.91 31.27
CA ASN I 164 31.39 30.64 32.53
C ASN I 164 29.97 30.61 33.07
N GLU I 165 28.97 30.68 32.19
CA GLU I 165 27.59 30.74 32.62
C GLU I 165 26.68 30.19 31.53
N ILE I 166 25.82 29.25 31.90
CA ILE I 166 24.94 28.57 30.96
C ILE I 166 23.50 28.71 31.44
N SER I 167 22.57 28.84 30.51
CA SER I 167 21.18 29.10 30.82
C SER I 167 20.37 27.80 30.86
N ASP I 168 19.15 27.90 31.39
CA ASP I 168 18.27 26.74 31.47
C ASP I 168 17.92 26.22 30.09
N THR I 169 17.67 27.13 29.14
CA THR I 169 17.36 26.70 27.78
C THR I 169 18.55 26.02 27.12
N GLU I 170 19.76 26.54 27.37
CA GLU I 170 20.96 25.90 26.84
C GLU I 170 21.18 24.53 27.49
N ILE I 171 20.82 24.39 28.77
CA ILE I 171 20.92 23.09 29.43
C ILE I 171 19.94 22.11 28.79
N GLN I 172 18.72 22.56 28.52
CA GLN I 172 17.74 21.71 27.84
C GLN I 172 18.25 21.27 26.48
N ALA I 173 18.78 22.23 25.70
CA ALA I 173 19.28 21.91 24.37
C ALA I 173 20.45 20.93 24.44
N LEU I 174 21.37 21.14 25.38
CA LEU I 174 22.51 20.25 25.52
C LEU I 174 22.07 18.84 25.88
N GLU I 175 21.13 18.72 26.82
CA GLU I 175 20.67 17.40 27.21
C GLU I 175 19.99 16.68 26.05
N TYR I 176 19.14 17.40 25.32
CA TYR I 176 18.44 16.76 24.21
C TYR I 176 19.39 16.39 23.09
N ALA I 177 20.41 17.21 22.84
CA ALA I 177 21.39 16.87 21.82
C ALA I 177 22.22 15.67 22.23
N ILE I 178 22.60 15.60 23.51
CA ILE I 178 23.45 14.50 23.97
C ILE I 178 22.69 13.18 23.93
N PHE I 179 21.45 13.16 24.43
CA PHE I 179 20.72 11.91 24.58
C PHE I 179 19.75 11.64 23.43
N THR I 180 18.84 12.56 23.17
CA THR I 180 17.87 12.35 22.10
C THR I 180 18.43 12.68 20.73
N ASN I 181 19.51 13.45 20.67
CA ASN I 181 20.11 13.90 19.40
C ASN I 181 19.10 14.67 18.56
N SER I 182 18.34 15.55 19.20
CA SER I 182 17.35 16.36 18.51
C SER I 182 17.05 17.59 19.38
N THR I 183 16.18 18.45 18.87
CA THR I 183 15.74 19.61 19.61
C THR I 183 14.68 19.21 20.64
N PRO I 184 14.47 20.03 21.66
CA PRO I 184 13.46 19.68 22.68
C PRO I 184 12.06 19.48 22.12
N SER I 185 11.76 20.01 20.93
CA SER I 185 10.46 19.81 20.30
C SER I 185 10.41 18.54 19.47
N GLY I 186 11.49 17.76 19.41
CA GLY I 186 11.55 16.57 18.61
C GLY I 186 12.11 16.76 17.22
N LYS I 187 12.36 17.99 16.80
CA LYS I 187 12.86 18.24 15.45
C LYS I 187 14.28 17.73 15.32
N THR I 188 14.55 17.02 14.23
CA THR I 188 15.86 16.44 14.01
C THR I 188 16.86 17.50 13.60
N ILE I 189 18.05 17.45 14.18
CA ILE I 189 19.15 18.32 13.80
C ILE I 189 19.97 17.61 12.73
N GLU I 190 20.47 18.38 11.76
CA GLU I 190 21.19 17.79 10.64
C GLU I 190 22.58 17.36 11.07
N PHE I 191 22.66 16.27 11.81
CA PHE I 191 23.94 15.80 12.34
C PHE I 191 24.61 14.86 11.35
N SER I 192 25.93 14.78 11.48
CA SER I 192 26.74 13.91 10.63
C SER I 192 26.78 12.51 11.25
N LEU I 193 27.58 11.63 10.66
CA LEU I 193 27.65 10.26 11.14
C LEU I 193 28.37 10.18 12.49
N GLU I 194 29.50 10.87 12.62
CA GLU I 194 30.30 10.78 13.83
C GLU I 194 29.80 11.70 14.93
N GLU I 195 28.80 12.53 14.67
CA GLU I 195 28.24 13.42 15.69
C GLU I 195 27.03 12.79 16.38
N LYS I 196 27.28 11.64 16.99
CA LYS I 196 26.26 10.94 17.75
C LYS I 196 26.87 10.36 19.01
N ASP I 197 26.15 10.45 20.11
CA ASP I 197 26.63 9.96 21.40
C ASP I 197 26.13 8.53 21.58
N VAL I 198 27.05 7.58 21.60
CA VAL I 198 26.75 6.16 21.72
C VAL I 198 27.21 5.68 23.08
N PHE I 199 26.30 5.07 23.83
CA PHE I 199 26.61 4.52 25.14
C PHE I 199 26.72 3.00 25.01
N TYR I 200 27.95 2.52 24.82
CA TYR I 200 28.17 1.09 24.69
C TYR I 200 27.92 0.39 26.03
N ASP I 201 28.08 -0.92 26.03
CA ASP I 201 27.97 -1.69 27.26
C ASP I 201 29.24 -1.56 28.09
N ALA I 202 29.08 -1.61 29.40
CA ALA I 202 30.19 -1.61 30.32
C ALA I 202 30.51 -3.05 30.71
N PHE I 203 31.77 -3.43 30.56
CA PHE I 203 32.19 -4.80 30.79
C PHE I 203 33.19 -4.86 31.94
N VAL I 204 33.15 -5.97 32.68
CA VAL I 204 34.18 -6.25 33.67
C VAL I 204 35.50 -6.45 32.94
N ALA I 205 36.55 -5.77 33.41
CA ALA I 205 37.83 -5.81 32.74
C ALA I 205 38.94 -6.45 33.55
N ASP I 206 38.89 -6.35 34.88
CA ASP I 206 40.01 -6.81 35.69
C ASP I 206 39.53 -7.06 37.11
N SER I 207 39.59 -8.31 37.55
CA SER I 207 39.56 -8.66 38.96
C SER I 207 40.99 -9.04 39.32
N LYS I 208 41.67 -8.16 40.05
CA LYS I 208 43.13 -8.20 40.13
C LYS I 208 43.65 -9.51 40.73
N ASP I 209 43.36 -9.75 42.00
CA ASP I 209 43.86 -10.94 42.67
C ASP I 209 42.72 -11.73 43.31
N GLY I 210 41.50 -11.55 42.84
CA GLY I 210 40.36 -12.27 43.36
C GLY I 210 39.36 -12.54 42.26
N VAL I 211 38.26 -13.20 42.63
CA VAL I 211 37.19 -13.49 41.70
C VAL I 211 36.43 -12.21 41.40
N MET I 212 35.62 -12.23 40.34
CA MET I 212 34.83 -11.06 39.99
C MET I 212 33.40 -11.12 40.52
N LEU I 213 32.94 -12.29 40.94
CA LEU I 213 31.59 -12.44 41.48
C LEU I 213 31.66 -12.93 42.92
N SER I 214 30.75 -12.44 43.75
CA SER I 214 30.67 -12.83 45.14
C SER I 214 29.21 -12.80 45.58
N ASP I 215 28.94 -13.44 46.71
CA ASP I 215 27.59 -13.51 47.26
C ASP I 215 27.49 -12.63 48.50
N ASP I 216 26.40 -11.88 48.59
CA ASP I 216 26.17 -10.98 49.71
C ASP I 216 24.81 -11.28 50.32
N TYR I 217 24.63 -10.83 51.55
CA TYR I 217 23.40 -11.05 52.31
C TYR I 217 22.75 -9.72 52.63
N ILE I 218 21.48 -9.59 52.30
CA ILE I 218 20.63 -8.51 52.79
C ILE I 218 19.57 -9.17 53.67
N THR I 219 19.49 -8.74 54.92
CA THR I 219 18.64 -9.38 55.92
C THR I 219 17.61 -8.38 56.39
N PRO I 220 16.44 -8.34 55.78
CA PRO I 220 15.37 -7.47 56.27
C PRO I 220 14.82 -7.94 57.60
N HIS I 221 15.13 -7.22 58.68
CA HIS I 221 14.47 -7.47 59.95
C HIS I 221 13.03 -7.00 59.83
N GLY I 222 12.10 -7.84 60.29
CA GLY I 222 10.70 -7.58 60.06
C GLY I 222 10.21 -6.35 60.79
N GLU I 223 8.96 -5.98 60.47
CA GLU I 223 8.28 -4.96 61.25
C GLU I 223 8.13 -5.42 62.69
N ASN I 224 7.77 -6.67 62.89
CA ASN I 224 7.75 -7.24 64.23
C ASN I 224 9.18 -7.52 64.67
N PRO I 225 9.66 -6.90 65.75
CA PRO I 225 11.03 -7.16 66.21
C PRO I 225 11.20 -8.47 66.95
N LEU I 226 10.13 -9.26 67.12
CA LEU I 226 10.21 -10.51 67.85
C LEU I 226 10.34 -11.74 66.94
N LYS I 227 9.93 -11.63 65.68
CA LYS I 227 10.07 -12.73 64.75
C LYS I 227 11.44 -12.67 64.07
N ASP I 228 11.95 -13.84 63.69
CA ASP I 228 13.27 -13.92 63.10
C ASP I 228 13.30 -13.24 61.73
N PRO I 229 14.42 -12.65 61.36
CA PRO I 229 14.53 -12.00 60.04
C PRO I 229 14.66 -13.04 58.94
N LYS I 230 14.52 -12.56 57.71
CA LYS I 230 14.59 -13.41 56.52
C LYS I 230 15.78 -13.00 55.67
N PRO I 231 16.89 -13.74 55.70
CA PRO I 231 18.03 -13.38 54.87
C PRO I 231 17.74 -13.52 53.39
N ILE I 232 18.36 -12.64 52.60
CA ILE I 232 18.27 -12.68 51.14
C ILE I 232 19.67 -12.83 50.59
N LEU I 233 19.84 -13.76 49.66
CA LEU I 233 21.13 -14.03 49.03
C LEU I 233 21.09 -13.60 47.58
N PHE I 234 22.17 -12.94 47.14
CA PHE I 234 22.25 -12.48 45.76
C PHE I 234 23.70 -12.46 45.33
N LEU I 235 23.91 -12.16 44.05
CA LEU I 235 25.23 -12.16 43.43
C LEU I 235 25.66 -10.73 43.18
N LYS I 236 26.87 -10.39 43.63
CA LYS I 236 27.39 -9.05 43.48
C LYS I 236 28.75 -9.10 42.77
N ILE I 237 29.07 -8.02 42.08
CA ILE I 237 30.41 -7.84 41.55
C ILE I 237 31.32 -7.42 42.70
N ARG I 238 32.46 -8.08 42.81
CA ARG I 238 33.29 -7.96 44.00
C ARG I 238 33.93 -6.57 44.09
N PRO I 239 34.36 -6.17 45.29
CA PRO I 239 35.13 -4.94 45.42
C PRO I 239 36.44 -5.00 44.63
N ASP I 240 36.91 -3.82 44.22
CA ASP I 240 38.17 -3.67 43.51
C ASP I 240 38.19 -4.47 42.22
N VAL I 241 37.11 -4.36 41.45
CA VAL I 241 36.99 -4.96 40.13
C VAL I 241 36.89 -3.83 39.12
N THR I 242 37.72 -3.89 38.08
CA THR I 242 37.78 -2.83 37.08
C THR I 242 36.63 -2.97 36.10
N ILE I 243 35.83 -1.92 35.99
CA ILE I 243 34.73 -1.85 35.03
C ILE I 243 35.16 -0.90 33.92
N ASN I 244 35.04 -1.35 32.68
CA ASN I 244 35.39 -0.54 31.52
C ASN I 244 34.13 0.05 30.92
N PHE I 245 34.03 1.37 30.93
CA PHE I 245 32.90 2.08 30.34
C PHE I 245 33.33 2.60 28.97
N TYR I 246 32.64 2.16 27.93
CA TYR I 246 32.96 2.53 26.55
C TYR I 246 31.92 3.52 26.05
N PHE I 247 32.39 4.65 25.54
CA PHE I 247 31.53 5.69 24.99
C PHE I 247 32.03 6.09 23.61
N LYS I 248 31.12 6.66 22.82
CA LYS I 248 31.47 7.30 21.55
C LYS I 248 30.78 8.66 21.57
N LEU I 249 31.52 9.67 22.03
CA LEU I 249 30.97 11.00 22.22
C LEU I 249 31.51 11.94 21.16
N CYS I 250 30.81 13.05 20.96
CA CYS I 250 31.14 14.05 19.95
C CYS I 250 31.33 15.41 20.62
N THR I 251 31.51 16.44 19.79
CA THR I 251 31.60 17.82 20.24
C THR I 251 30.26 18.50 20.02
N THR I 252 29.71 19.09 21.08
CA THR I 252 28.41 19.75 21.02
C THR I 252 28.62 21.25 20.86
N HIS I 253 28.08 21.81 19.79
CA HIS I 253 28.18 23.24 19.51
C HIS I 253 26.86 23.90 19.84
N LEU I 254 26.91 24.93 20.69
CA LEU I 254 25.74 25.68 21.10
C LEU I 254 25.86 27.12 20.61
N TYR I 255 24.86 27.58 19.87
CA TYR I 255 24.83 28.96 19.39
C TYR I 255 23.43 29.52 19.61
N LYS I 256 23.35 30.58 20.41
CA LYS I 256 22.07 31.25 20.71
C LYS I 256 21.05 30.26 21.26
N GLU I 257 21.47 29.50 22.27
CA GLU I 257 20.62 28.53 22.95
C GLU I 257 20.08 27.47 22.00
N LYS I 258 20.79 27.22 20.91
CA LYS I 258 20.42 26.21 19.94
C LYS I 258 21.59 25.30 19.66
N VAL I 259 21.29 24.05 19.29
CA VAL I 259 22.31 23.05 18.99
C VAL I 259 22.46 22.94 17.48
N CYS I 260 23.69 23.10 17.02
CA CYS I 260 23.98 23.08 15.59
C CYS I 260 25.10 22.08 15.30
N SER I 261 25.13 21.59 14.06
CA SER I 261 26.12 20.62 13.65
C SER I 261 27.46 21.31 13.39
N SER I 262 28.45 20.52 13.00
CA SER I 262 29.77 21.09 12.69
C SER I 262 29.70 22.02 11.48
N LYS I 263 28.96 21.64 10.44
CA LYS I 263 28.87 22.46 9.24
C LYS I 263 28.12 23.75 9.49
N GLN I 264 27.03 23.67 10.27
CA GLN I 264 26.26 24.88 10.56
C GLN I 264 27.09 25.88 11.35
N ILE I 265 27.87 25.42 12.33
CA ILE I 265 28.77 26.32 13.03
C ILE I 265 29.91 26.79 12.13
N GLU I 266 30.35 25.96 11.19
CA GLU I 266 31.41 26.39 10.28
C GLU I 266 30.92 27.56 9.43
N GLU I 267 29.66 27.51 8.98
CA GLU I 267 29.10 28.62 8.21
C GLU I 267 28.75 29.81 9.11
N ILE I 268 28.30 29.55 10.34
CA ILE I 268 27.89 30.63 11.24
C ILE I 268 29.09 31.45 11.69
N LYS I 269 30.23 30.79 11.92
CA LYS I 269 31.42 31.50 12.37
C LYS I 269 31.90 32.51 11.32
N LYS I 270 31.77 32.16 10.04
CA LYS I 270 32.23 33.05 8.98
C LYS I 270 31.34 34.26 8.79
N GLN I 271 30.07 34.18 9.19
CA GLN I 271 29.16 35.31 9.01
C GLN I 271 29.57 36.48 9.89
N ASN I 272 29.39 37.69 9.36
CA ASN I 272 29.79 38.88 10.11
C ASN I 272 28.73 39.28 11.13
N ASP I 273 28.29 38.30 11.91
CA ASP I 273 27.43 38.55 13.06
C ASP I 273 27.80 37.62 14.21
N PHE I 274 28.87 36.84 14.05
CA PHE I 274 29.20 35.76 14.97
C PHE I 274 29.57 36.34 16.34
N SER I 275 28.67 36.18 17.30
CA SER I 275 28.93 36.61 18.67
C SER I 275 29.70 35.51 19.40
N SER I 276 30.87 35.84 19.92
CA SER I 276 31.64 34.86 20.68
C SER I 276 30.97 34.54 22.00
N SER I 277 30.26 35.51 22.59
CA SER I 277 29.55 35.24 23.83
C SER I 277 28.41 34.26 23.63
N ASP I 278 27.74 34.31 22.47
CA ASP I 278 26.63 33.43 22.18
C ASP I 278 27.06 32.11 21.55
N TYR I 279 28.32 31.71 21.74
CA TYR I 279 28.85 30.46 21.21
C TYR I 279 29.48 29.66 22.33
N LYS I 280 29.01 28.43 22.51
CA LYS I 280 29.53 27.53 23.52
C LYS I 280 29.76 26.16 22.91
N MET I 281 30.88 25.52 23.25
CA MET I 281 31.19 24.20 22.73
C MET I 281 31.70 23.32 23.86
N ILE I 282 31.32 22.05 23.80
CA ILE I 282 31.75 21.04 24.77
C ILE I 282 32.41 19.92 23.99
N THR I 283 33.72 19.73 24.21
CA THR I 283 34.44 18.70 23.49
C THR I 283 34.06 17.32 24.01
N ALA I 284 34.52 16.29 23.29
CA ALA I 284 34.24 14.93 23.69
C ALA I 284 34.87 14.61 25.05
N HIS I 285 36.09 15.12 25.28
CA HIS I 285 36.75 14.86 26.55
C HIS I 285 36.01 15.51 27.71
N GLN I 286 35.52 16.74 27.51
CA GLN I 286 34.77 17.41 28.56
C GLN I 286 33.45 16.67 28.85
N LYS I 287 32.78 16.18 27.82
CA LYS I 287 31.58 15.40 28.01
C LYS I 287 31.87 14.10 28.75
N ARG I 288 32.98 13.45 28.41
CA ARG I 288 33.37 12.22 29.10
C ARG I 288 33.68 12.49 30.57
N ASN I 289 34.36 13.60 30.85
CA ASN I 289 34.63 13.95 32.24
C ASN I 289 33.34 14.27 32.99
N LEU I 290 32.37 14.89 32.30
CA LEU I 290 31.06 15.13 32.92
C LEU I 290 30.38 13.81 33.28
N PHE I 291 30.40 12.85 32.36
CA PHE I 291 29.81 11.54 32.64
C PHE I 291 30.55 10.83 33.77
N GLU I 292 31.88 10.96 33.79
CA GLU I 292 32.69 10.36 34.84
C GLU I 292 32.34 10.94 36.20
N LYS I 293 32.15 12.26 36.28
CA LYS I 293 31.78 12.87 37.54
C LYS I 293 30.37 12.47 37.97
N ILE I 294 29.45 12.33 37.01
CA ILE I 294 28.10 11.86 37.34
C ILE I 294 28.18 10.46 37.94
N LEU I 295 28.95 9.58 37.31
CA LEU I 295 29.09 8.21 37.81
C LEU I 295 29.73 8.19 39.18
N LEU I 296 30.78 8.99 39.39
CA LEU I 296 31.45 9.03 40.69
C LEU I 296 30.57 9.67 41.76
N CYS I 297 29.57 10.45 41.37
CA CYS I 297 28.66 11.04 42.36
C CYS I 297 27.54 10.07 42.73
N ILE I 298 26.86 9.52 41.75
CA ILE I 298 25.64 8.76 42.01
C ILE I 298 25.82 7.25 41.87
N GLY I 299 26.79 6.78 41.12
CA GLY I 299 26.96 5.34 40.94
C GLY I 299 25.95 4.76 39.98
N ILE I 300 26.07 3.45 39.77
CA ILE I 300 25.25 2.76 38.78
C ILE I 300 24.83 1.39 39.32
N GLY I 301 23.63 0.97 38.95
CA GLY I 301 23.14 -0.35 39.27
C GLY I 301 21.92 -0.30 40.19
N ALA I 302 21.80 -1.33 41.02
CA ALA I 302 20.69 -1.46 41.95
C ALA I 302 21.17 -1.28 43.38
N LYS I 303 20.23 -0.99 44.27
CA LYS I 303 20.51 -0.78 45.69
C LYS I 303 21.56 0.31 45.88
N THR I 304 21.48 1.34 45.04
CA THR I 304 22.49 2.39 45.07
C THR I 304 22.30 3.31 46.27
N ASN I 305 21.07 3.48 46.74
CA ASN I 305 20.82 4.32 47.90
C ASN I 305 21.45 3.76 49.17
N ILE I 306 21.79 2.48 49.17
CA ILE I 306 22.41 1.84 50.33
C ILE I 306 23.87 1.47 50.05
N GLY I 307 24.50 2.11 49.08
CA GLY I 307 25.93 2.01 48.89
C GLY I 307 26.41 1.08 47.80
N TYR I 308 25.51 0.37 47.13
CA TYR I 308 25.93 -0.57 46.09
C TYR I 308 26.14 0.16 44.77
N GLY I 309 27.08 -0.34 43.98
CA GLY I 309 27.35 0.25 42.68
C GLY I 309 28.10 1.56 42.72
N GLN I 310 28.85 1.83 43.78
CA GLN I 310 29.61 3.07 43.89
C GLN I 310 31.00 2.88 43.31
N LEU I 311 31.39 3.80 42.43
CA LEU I 311 32.61 3.65 41.64
C LEU I 311 33.66 4.64 42.09
N LYS I 312 34.93 4.24 41.95
CA LYS I 312 36.07 5.07 42.29
C LYS I 312 37.01 5.14 41.09
N LYS I 313 37.70 6.26 40.95
CA LYS I 313 38.62 6.43 39.85
C LYS I 313 39.85 5.55 40.04
N LEU I 314 40.18 4.78 39.01
CA LEU I 314 41.26 3.80 39.08
C LEU I 314 42.59 4.44 39.46
MN MN K . -27.49 33.84 -37.35
#